data_8YEC
#
_entry.id   8YEC
#
_cell.length_a   130.425
_cell.length_b   135.131
_cell.length_c   151.131
_cell.angle_alpha   90.00
_cell.angle_beta   90.06
_cell.angle_gamma   90.00
#
_symmetry.space_group_name_H-M   'P 1 21 1'
#
loop_
_entity.id
_entity.type
_entity.pdbx_description
1 polymer 'Ketose 3-epimerase'
2 non-polymer D-psicose
3 non-polymer D-fructose
4 non-polymer 'MAGNESIUM ION'
5 non-polymer 'SODIUM ION'
6 non-polymer DI(HYDROXYETHYL)ETHER
7 water water
#
_entity_poly.entity_id   1
_entity_poly.type   'polypeptide(L)'
_entity_poly.pdbx_seq_one_letter_code
;LEVLFQGPMKIGCHGLVWTGHFDAEGIRYSVQKTREAGFDLVEFPLMDPFSFDVQTAKSALAEHGLAASASLGLSDATDV
SSEDPAVVKAGEELLNRAVDVLAELGATDFCGVIYSAMKKYMEPATAAGLANSKAAVGRVADRASDLGINVSLEVVNRYE
TNVLNTGRQALAYLEELNRPNLGIHLDTYHMNIEESDMFSPILDTAEALRYVHIGESHRGYLGTGSVDFDTFFKALGRIG
YDGPVVFESFSSSVVAPDLSRMLGIWRNLWADNEELGAHANAFIRDKLTAIKTIELH
;
_entity_poly.pdbx_strand_id   E,F,A,B,C,D,G,H,I,J,K,L,M,N,O,P
#
# COMPACT_ATOMS: atom_id res chain seq x y z
N VAL A 3 -46.55 32.94 -2.35
CA VAL A 3 -47.69 32.86 -3.31
C VAL A 3 -47.47 31.67 -4.25
N LEU A 4 -48.55 30.94 -4.56
CA LEU A 4 -48.49 29.82 -5.47
C LEU A 4 -48.25 30.32 -6.89
N PHE A 5 -47.35 29.64 -7.61
CA PHE A 5 -47.18 29.87 -9.05
C PHE A 5 -48.25 29.08 -9.80
N GLN A 6 -49.01 29.77 -10.66
CA GLN A 6 -50.23 29.21 -11.22
C GLN A 6 -50.05 28.71 -12.66
N GLY A 7 -48.96 29.12 -13.34
CA GLY A 7 -48.71 28.71 -14.72
C GLY A 7 -48.35 27.23 -14.85
N PRO A 8 -48.37 26.68 -16.09
CA PRO A 8 -48.22 25.23 -16.28
C PRO A 8 -46.78 24.75 -16.18
N MET A 9 -45.80 25.54 -16.67
CA MET A 9 -44.42 25.11 -16.62
C MET A 9 -43.83 25.48 -15.26
N LYS A 10 -43.88 24.51 -14.35
CA LYS A 10 -43.38 24.68 -13.01
C LYS A 10 -41.99 24.06 -12.95
N ILE A 11 -41.08 24.74 -12.24
CA ILE A 11 -39.75 24.23 -12.02
C ILE A 11 -39.72 23.55 -10.67
N GLY A 12 -39.41 22.25 -10.67
CA GLY A 12 -39.62 21.43 -9.50
C GLY A 12 -38.35 20.76 -8.98
N CYS A 13 -38.43 20.25 -7.75
CA CYS A 13 -37.33 19.51 -7.14
C CYS A 13 -37.83 18.13 -6.73
N HIS A 14 -36.99 17.12 -6.90
CA HIS A 14 -37.26 15.79 -6.38
C HIS A 14 -36.94 15.78 -4.89
N GLY A 15 -37.80 15.12 -4.11
CA GLY A 15 -37.73 15.17 -2.66
C GLY A 15 -36.40 14.68 -2.08
N LEU A 16 -35.70 13.80 -2.83
CA LEU A 16 -34.48 13.12 -2.39
C LEU A 16 -33.24 14.00 -2.44
N VAL A 17 -33.37 15.25 -2.89
CA VAL A 17 -32.34 16.23 -2.61
C VAL A 17 -32.30 16.50 -1.11
N TRP A 18 -33.49 16.46 -0.48
CA TRP A 18 -33.69 16.94 0.89
C TRP A 18 -33.74 15.81 1.91
N THR A 19 -34.56 14.79 1.66
CA THR A 19 -34.70 13.72 2.63
C THR A 19 -35.01 12.39 1.94
N GLY A 20 -34.64 11.30 2.64
CA GLY A 20 -35.04 9.96 2.24
C GLY A 20 -36.31 9.46 2.92
N HIS A 21 -36.76 10.16 3.97
CA HIS A 21 -37.89 9.72 4.78
C HIS A 21 -39.03 10.73 4.68
N PHE A 22 -40.21 10.25 4.30
CA PHE A 22 -41.36 11.12 4.10
C PHE A 22 -42.44 10.83 5.15
N ASP A 23 -42.00 10.74 6.39
CA ASP A 23 -42.86 10.97 7.53
C ASP A 23 -43.21 12.47 7.59
N ALA A 24 -43.90 12.89 8.66
CA ALA A 24 -44.41 14.25 8.72
C ALA A 24 -43.27 15.27 8.73
N GLU A 25 -42.17 14.98 9.42
CA GLU A 25 -41.07 15.92 9.44
C GLU A 25 -40.43 15.98 8.05
N GLY A 26 -40.21 14.81 7.44
CA GLY A 26 -39.59 14.74 6.12
C GLY A 26 -40.42 15.46 5.04
N ILE A 27 -41.74 15.36 5.13
CA ILE A 27 -42.60 16.09 4.22
C ILE A 27 -42.43 17.59 4.45
N ARG A 28 -42.40 18.02 5.72
CA ARG A 28 -42.32 19.43 6.02
C ARG A 28 -40.93 19.96 5.64
N TYR A 29 -39.89 19.21 5.99
CA TYR A 29 -38.53 19.62 5.68
C TYR A 29 -38.35 19.83 4.18
N SER A 30 -38.88 18.91 3.35
CA SER A 30 -38.66 18.96 1.92
C SER A 30 -39.51 20.05 1.27
N VAL A 31 -40.76 20.25 1.72
CA VAL A 31 -41.59 21.28 1.13
C VAL A 31 -40.96 22.65 1.38
N GLN A 32 -40.46 22.86 2.59
CA GLN A 32 -39.85 24.12 2.96
C GLN A 32 -38.55 24.34 2.18
N LYS A 33 -37.61 23.40 2.29
CA LYS A 33 -36.32 23.52 1.60
C LYS A 33 -36.52 23.70 0.10
N THR A 34 -37.59 23.13 -0.47
CA THR A 34 -37.84 23.23 -1.89
C THR A 34 -38.19 24.66 -2.26
N ARG A 35 -39.07 25.31 -1.50
CA ARG A 35 -39.37 26.70 -1.79
C ARG A 35 -38.19 27.60 -1.42
N GLU A 36 -37.45 27.26 -0.37
CA GLU A 36 -36.31 28.07 0.01
C GLU A 36 -35.28 28.11 -1.11
N ALA A 37 -35.26 27.07 -1.96
CA ALA A 37 -34.32 27.00 -3.07
C ALA A 37 -34.80 27.79 -4.29
N GLY A 38 -36.11 28.03 -4.41
CA GLY A 38 -36.65 28.82 -5.50
C GLY A 38 -37.57 28.03 -6.42
N PHE A 39 -37.86 26.77 -6.10
CA PHE A 39 -38.66 25.94 -6.98
C PHE A 39 -40.15 26.29 -6.82
N ASP A 40 -40.93 25.98 -7.87
CA ASP A 40 -42.38 26.09 -7.86
C ASP A 40 -43.07 24.81 -7.39
N LEU A 41 -42.37 23.66 -7.38
CA LEU A 41 -43.03 22.39 -7.16
C LEU A 41 -42.09 21.41 -6.50
N VAL A 42 -42.65 20.53 -5.66
CA VAL A 42 -41.91 19.41 -5.12
C VAL A 42 -42.51 18.15 -5.72
N GLU A 43 -41.64 17.17 -6.00
CA GLU A 43 -42.08 15.85 -6.43
C GLU A 43 -41.80 14.87 -5.30
N PHE A 44 -42.86 14.21 -4.81
CA PHE A 44 -42.78 13.24 -3.74
C PHE A 44 -42.51 11.84 -4.30
N PRO A 45 -41.48 11.13 -3.82
CA PRO A 45 -41.34 9.71 -4.13
C PRO A 45 -42.25 8.82 -3.30
N LEU A 46 -43.47 8.57 -3.80
CA LEU A 46 -44.42 7.67 -3.12
C LEU A 46 -44.01 6.21 -3.37
N MET A 47 -42.91 5.81 -2.77
CA MET A 47 -42.54 4.40 -2.81
C MET A 47 -43.56 3.60 -1.99
N ASP A 48 -44.06 4.20 -0.89
CA ASP A 48 -45.21 3.69 -0.16
C ASP A 48 -46.24 4.81 -0.06
N PRO A 49 -47.31 4.77 -0.88
CA PRO A 49 -48.42 5.72 -0.75
C PRO A 49 -49.49 5.37 0.27
N PHE A 50 -49.49 4.15 0.80
CA PHE A 50 -50.48 3.76 1.78
C PHE A 50 -50.26 4.48 3.11
N SER A 51 -48.98 4.72 3.46
CA SER A 51 -48.63 5.34 4.72
C SER A 51 -48.10 6.76 4.52
N PHE A 52 -48.54 7.43 3.45
CA PHE A 52 -48.10 8.80 3.20
C PHE A 52 -49.05 9.76 3.90
N ASP A 53 -48.49 10.63 4.74
CA ASP A 53 -49.29 11.57 5.52
C ASP A 53 -49.86 12.67 4.63
N VAL A 54 -51.07 12.47 4.12
CA VAL A 54 -51.67 13.40 3.19
C VAL A 54 -51.96 14.75 3.85
N GLN A 55 -52.41 14.73 5.10
CA GLN A 55 -52.76 15.97 5.79
C GLN A 55 -51.54 16.86 5.98
N THR A 56 -50.45 16.29 6.50
CA THR A 56 -49.22 17.04 6.66
C THR A 56 -48.79 17.67 5.33
N ALA A 57 -48.95 16.93 4.23
CA ALA A 57 -48.54 17.42 2.91
C ALA A 57 -49.42 18.59 2.48
N LYS A 58 -50.74 18.43 2.58
CA LYS A 58 -51.65 19.53 2.29
C LYS A 58 -51.25 20.78 3.08
N SER A 59 -51.02 20.61 4.38
CA SER A 59 -50.74 21.74 5.27
C SER A 59 -49.48 22.48 4.81
N ALA A 60 -48.41 21.71 4.50
CA ALA A 60 -47.12 22.30 4.16
C ALA A 60 -47.14 22.94 2.77
N LEU A 61 -47.89 22.36 1.83
CA LEU A 61 -47.98 22.93 0.50
C LEU A 61 -48.73 24.25 0.51
N ALA A 62 -49.80 24.34 1.32
CA ALA A 62 -50.57 25.58 1.42
C ALA A 62 -49.75 26.67 2.11
N GLU A 63 -49.10 26.32 3.20
CA GLU A 63 -48.30 27.25 3.99
C GLU A 63 -47.25 27.94 3.11
N HIS A 64 -46.47 27.14 2.38
CA HIS A 64 -45.40 27.66 1.54
C HIS A 64 -45.88 28.04 0.14
N GLY A 65 -47.15 27.78 -0.20
CA GLY A 65 -47.66 28.10 -1.54
C GLY A 65 -46.90 27.37 -2.65
N LEU A 66 -46.85 26.03 -2.54
CA LEU A 66 -46.05 25.19 -3.43
C LEU A 66 -46.95 24.13 -4.04
N ALA A 67 -46.68 23.77 -5.30
CA ALA A 67 -47.42 22.69 -5.95
C ALA A 67 -46.69 21.35 -5.74
N ALA A 68 -47.39 20.26 -6.05
CA ALA A 68 -46.80 18.95 -5.85
C ALA A 68 -47.15 18.02 -7.01
N SER A 69 -46.24 17.06 -7.21
CA SER A 69 -46.49 15.91 -8.03
C SER A 69 -45.82 14.73 -7.34
N ALA A 70 -46.00 13.55 -7.92
CA ALA A 70 -45.46 12.33 -7.34
C ALA A 70 -44.88 11.43 -8.44
N SER A 71 -43.72 10.84 -8.14
CA SER A 71 -43.15 9.79 -8.96
C SER A 71 -43.04 8.53 -8.11
N LEU A 72 -42.54 7.46 -8.72
CA LEU A 72 -42.60 6.14 -8.12
C LEU A 72 -41.89 5.14 -9.03
N GLY A 73 -41.34 4.10 -8.42
CA GLY A 73 -40.84 2.94 -9.14
C GLY A 73 -41.29 1.65 -8.47
N LEU A 74 -41.81 0.70 -9.24
CA LEU A 74 -42.29 -0.54 -8.64
C LEU A 74 -41.12 -1.45 -8.27
N SER A 75 -41.47 -2.63 -7.74
CA SER A 75 -40.48 -3.66 -7.42
C SER A 75 -41.08 -5.03 -7.72
N ASP A 76 -40.39 -6.09 -7.31
CA ASP A 76 -40.75 -7.44 -7.66
C ASP A 76 -42.17 -7.79 -7.22
N ALA A 77 -42.49 -7.50 -5.96
CA ALA A 77 -43.81 -7.82 -5.41
C ALA A 77 -44.91 -6.97 -6.08
N THR A 78 -44.53 -5.82 -6.67
CA THR A 78 -45.49 -4.93 -7.30
C THR A 78 -45.32 -4.87 -8.82
N ASP A 79 -44.49 -5.76 -9.38
CA ASP A 79 -44.19 -5.75 -10.81
C ASP A 79 -45.46 -6.00 -11.64
N VAL A 80 -45.87 -4.99 -12.40
CA VAL A 80 -47.02 -5.11 -13.29
C VAL A 80 -46.64 -5.77 -14.60
N SER A 81 -45.34 -5.91 -14.87
CA SER A 81 -44.88 -6.66 -16.03
C SER A 81 -44.65 -8.15 -15.69
N SER A 82 -45.02 -8.57 -14.47
CA SER A 82 -44.95 -9.97 -14.06
C SER A 82 -46.07 -10.77 -14.71
N GLU A 83 -45.82 -12.05 -14.96
CA GLU A 83 -46.76 -12.92 -15.66
C GLU A 83 -47.93 -13.38 -14.78
N ASP A 84 -47.84 -13.12 -13.47
CA ASP A 84 -48.74 -13.62 -12.44
C ASP A 84 -49.77 -12.55 -12.02
N PRO A 85 -50.96 -12.48 -12.67
CA PRO A 85 -52.09 -11.65 -12.20
C PRO A 85 -52.18 -11.31 -10.71
N ALA A 86 -51.62 -12.13 -9.80
CA ALA A 86 -51.59 -11.73 -8.39
C ALA A 86 -50.53 -10.64 -8.15
N VAL A 87 -49.34 -10.80 -8.73
CA VAL A 87 -48.30 -9.79 -8.65
C VAL A 87 -48.79 -8.51 -9.33
N VAL A 88 -49.32 -8.67 -10.55
CA VAL A 88 -49.85 -7.55 -11.32
C VAL A 88 -50.82 -6.75 -10.47
N LYS A 89 -51.77 -7.43 -9.85
CA LYS A 89 -52.84 -6.74 -9.15
C LYS A 89 -52.35 -6.11 -7.84
N ALA A 90 -51.18 -6.54 -7.35
CA ALA A 90 -50.58 -5.92 -6.17
C ALA A 90 -50.04 -4.53 -6.53
N GLY A 91 -49.23 -4.47 -7.60
CA GLY A 91 -48.81 -3.20 -8.15
C GLY A 91 -49.99 -2.30 -8.52
N GLU A 92 -50.98 -2.85 -9.23
CA GLU A 92 -52.11 -2.04 -9.68
C GLU A 92 -52.79 -1.37 -8.50
N GLU A 93 -52.82 -2.03 -7.34
CA GLU A 93 -53.38 -1.43 -6.14
C GLU A 93 -52.42 -0.38 -5.59
N LEU A 94 -51.10 -0.61 -5.75
CA LEU A 94 -50.08 0.38 -5.40
C LEU A 94 -50.25 1.65 -6.23
N LEU A 95 -50.37 1.50 -7.55
CA LEU A 95 -50.52 2.66 -8.42
C LEU A 95 -51.78 3.43 -8.06
N ASN A 96 -52.88 2.72 -7.83
CA ASN A 96 -54.17 3.35 -7.59
C ASN A 96 -54.13 4.24 -6.36
N ARG A 97 -53.48 3.75 -5.29
CA ARG A 97 -53.37 4.55 -4.08
C ARG A 97 -52.59 5.83 -4.35
N ALA A 98 -51.55 5.75 -5.18
CA ALA A 98 -50.74 6.93 -5.51
C ALA A 98 -51.59 7.97 -6.24
N VAL A 99 -52.41 7.52 -7.20
CA VAL A 99 -53.30 8.40 -7.92
C VAL A 99 -54.31 9.06 -6.98
N ASP A 100 -54.78 8.31 -5.98
CA ASP A 100 -55.73 8.87 -5.02
C ASP A 100 -55.04 9.90 -4.11
N VAL A 101 -53.83 9.59 -3.63
CA VAL A 101 -53.07 10.51 -2.81
C VAL A 101 -52.87 11.84 -3.53
N LEU A 102 -52.63 11.78 -4.85
CA LEU A 102 -52.39 12.99 -5.63
C LEU A 102 -53.67 13.82 -5.72
N ALA A 103 -54.81 13.16 -5.97
CA ALA A 103 -56.08 13.86 -6.08
C ALA A 103 -56.41 14.58 -4.77
N GLU A 104 -56.13 13.94 -3.62
CA GLU A 104 -56.35 14.58 -2.33
C GLU A 104 -55.48 15.83 -2.20
N LEU A 105 -54.25 15.77 -2.73
CA LEU A 105 -53.34 16.91 -2.67
C LEU A 105 -53.74 18.00 -3.67
N GLY A 106 -54.62 17.71 -4.62
CA GLY A 106 -54.91 18.63 -5.70
C GLY A 106 -53.80 18.67 -6.76
N ALA A 107 -52.99 17.62 -6.82
CA ALA A 107 -51.91 17.51 -7.79
C ALA A 107 -52.44 17.14 -9.17
N THR A 108 -51.59 17.30 -10.19
CA THR A 108 -51.94 17.06 -11.58
C THR A 108 -51.17 15.88 -12.17
N ASP A 109 -49.97 15.58 -11.67
CA ASP A 109 -49.01 14.78 -12.40
C ASP A 109 -48.56 13.59 -11.57
N PHE A 110 -48.74 12.39 -12.14
CA PHE A 110 -48.18 11.16 -11.60
C PHE A 110 -47.24 10.60 -12.66
N CYS A 111 -46.05 10.18 -12.25
CA CYS A 111 -45.08 9.68 -13.22
C CYS A 111 -44.14 8.67 -12.56
N GLY A 112 -43.27 8.10 -13.40
CA GLY A 112 -42.19 7.23 -12.94
C GLY A 112 -42.25 5.86 -13.62
N VAL A 113 -41.43 4.94 -13.10
CA VAL A 113 -41.41 3.58 -13.61
C VAL A 113 -42.60 2.83 -13.02
N ILE A 114 -43.77 2.98 -13.67
CA ILE A 114 -45.01 2.40 -13.19
C ILE A 114 -45.50 1.30 -14.15
N TYR A 115 -44.64 0.86 -15.09
CA TYR A 115 -45.05 -0.10 -16.10
C TYR A 115 -44.31 -1.41 -15.91
N SER A 116 -43.45 -1.45 -14.88
CA SER A 116 -42.66 -2.62 -14.57
C SER A 116 -41.98 -2.35 -13.23
N ALA A 117 -41.27 -3.34 -12.72
CA ALA A 117 -40.42 -3.07 -11.58
C ALA A 117 -39.27 -2.17 -12.03
N MET A 118 -38.72 -1.42 -11.07
CA MET A 118 -37.57 -0.58 -11.31
C MET A 118 -36.38 -1.32 -10.69
N LYS A 119 -35.74 -2.15 -11.53
CA LYS A 119 -34.70 -3.06 -11.07
C LYS A 119 -33.87 -3.51 -12.27
N LYS A 120 -32.81 -4.28 -11.99
CA LYS A 120 -31.97 -4.88 -13.01
C LYS A 120 -32.55 -6.25 -13.37
N TYR A 121 -33.42 -6.30 -14.39
CA TYR A 121 -33.93 -7.58 -14.88
C TYR A 121 -32.79 -8.44 -15.41
N MET A 122 -33.04 -9.74 -15.49
CA MET A 122 -32.06 -10.70 -16.01
C MET A 122 -32.56 -11.36 -17.30
N GLU A 123 -33.85 -11.20 -17.62
CA GLU A 123 -34.42 -11.76 -18.83
C GLU A 123 -35.19 -10.66 -19.55
N PRO A 124 -35.10 -10.58 -20.89
CA PRO A 124 -35.93 -9.64 -21.64
C PRO A 124 -37.41 -9.75 -21.29
N ALA A 125 -38.20 -8.72 -21.62
CA ALA A 125 -39.62 -8.74 -21.28
C ALA A 125 -40.31 -9.86 -22.07
N THR A 126 -41.42 -10.35 -21.51
CA THR A 126 -42.23 -11.32 -22.23
C THR A 126 -43.45 -10.62 -22.81
N ALA A 127 -43.96 -11.17 -23.91
CA ALA A 127 -45.15 -10.65 -24.55
C ALA A 127 -46.34 -10.67 -23.58
N ALA A 128 -46.39 -11.66 -22.67
CA ALA A 128 -47.49 -11.77 -21.74
C ALA A 128 -47.42 -10.67 -20.67
N GLY A 129 -46.24 -10.51 -20.06
CA GLY A 129 -46.04 -9.44 -19.10
C GLY A 129 -46.27 -8.06 -19.71
N LEU A 130 -45.74 -7.85 -20.91
CA LEU A 130 -45.99 -6.62 -21.66
C LEU A 130 -47.49 -6.34 -21.77
N ALA A 131 -48.27 -7.37 -22.08
CA ALA A 131 -49.72 -7.23 -22.16
C ALA A 131 -50.31 -6.91 -20.79
N ASN A 132 -49.73 -7.44 -19.71
CA ASN A 132 -50.20 -7.16 -18.36
C ASN A 132 -49.94 -5.70 -17.97
N SER A 133 -48.74 -5.21 -18.27
CA SER A 133 -48.35 -3.83 -17.97
C SER A 133 -49.29 -2.87 -18.69
N LYS A 134 -49.48 -3.07 -20.00
CA LYS A 134 -50.33 -2.19 -20.78
C LYS A 134 -51.75 -2.16 -20.22
N ALA A 135 -52.30 -3.33 -19.90
CA ALA A 135 -53.68 -3.43 -19.43
C ALA A 135 -53.86 -2.72 -18.09
N ALA A 136 -52.92 -2.92 -17.16
CA ALA A 136 -53.02 -2.30 -15.85
C ALA A 136 -52.78 -0.79 -15.95
N VAL A 137 -51.73 -0.38 -16.67
CA VAL A 137 -51.46 1.04 -16.85
C VAL A 137 -52.67 1.71 -17.47
N GLY A 138 -53.36 1.00 -18.37
CA GLY A 138 -54.57 1.49 -19.00
C GLY A 138 -55.71 1.68 -18.02
N ARG A 139 -55.73 0.86 -16.96
CA ARG A 139 -56.77 1.02 -15.95
C ARG A 139 -56.44 2.18 -15.01
N VAL A 140 -55.17 2.30 -14.62
CA VAL A 140 -54.76 3.39 -13.74
C VAL A 140 -54.97 4.74 -14.44
N ALA A 141 -54.66 4.82 -15.74
CA ALA A 141 -54.87 6.05 -16.48
C ALA A 141 -56.35 6.42 -16.51
N ASP A 142 -57.23 5.42 -16.68
CA ASP A 142 -58.66 5.63 -16.68
C ASP A 142 -59.12 6.23 -15.34
N ARG A 143 -58.67 5.61 -14.23
CA ARG A 143 -58.99 6.08 -12.89
C ARG A 143 -58.50 7.51 -12.67
N ALA A 144 -57.29 7.81 -13.17
CA ALA A 144 -56.70 9.13 -13.02
C ALA A 144 -57.49 10.17 -13.80
N SER A 145 -58.03 9.78 -14.96
CA SER A 145 -58.69 10.73 -15.83
C SER A 145 -59.92 11.36 -15.16
N ASP A 146 -60.67 10.57 -14.38
CA ASP A 146 -61.84 11.07 -13.67
C ASP A 146 -61.44 12.12 -12.62
N LEU A 147 -60.20 12.04 -12.12
CA LEU A 147 -59.75 12.84 -11.00
C LEU A 147 -58.95 14.06 -11.47
N GLY A 148 -58.78 14.24 -12.79
CA GLY A 148 -58.03 15.37 -13.32
C GLY A 148 -56.51 15.20 -13.18
N ILE A 149 -56.03 13.95 -13.29
CA ILE A 149 -54.63 13.61 -13.11
C ILE A 149 -54.09 13.11 -14.44
N ASN A 150 -52.88 13.56 -14.81
CA ASN A 150 -52.15 12.98 -15.92
C ASN A 150 -51.18 11.94 -15.41
N VAL A 151 -50.91 10.95 -16.26
CA VAL A 151 -49.97 9.89 -15.96
C VAL A 151 -48.92 9.88 -17.05
N SER A 152 -47.65 9.82 -16.64
CA SER A 152 -46.56 9.89 -17.59
C SER A 152 -45.61 8.73 -17.32
N LEU A 153 -45.32 7.95 -18.35
CA LEU A 153 -44.43 6.81 -18.18
C LEU A 153 -43.00 7.25 -18.41
N GLU A 154 -42.14 7.00 -17.42
CA GLU A 154 -40.77 7.47 -17.48
C GLU A 154 -39.89 6.44 -18.16
N VAL A 155 -39.29 6.85 -19.27
CA VAL A 155 -38.29 6.06 -19.95
C VAL A 155 -37.00 6.06 -19.12
N VAL A 156 -36.48 4.86 -18.81
CA VAL A 156 -35.27 4.74 -18.02
C VAL A 156 -34.34 3.70 -18.63
N ASN A 157 -33.11 3.66 -18.13
CA ASN A 157 -32.05 2.90 -18.80
C ASN A 157 -32.22 1.41 -18.58
N ARG A 158 -31.46 0.65 -19.36
CA ARG A 158 -31.55 -0.80 -19.46
C ARG A 158 -31.39 -1.47 -18.09
N TYR A 159 -30.71 -0.81 -17.15
CA TYR A 159 -30.48 -1.42 -15.85
C TYR A 159 -31.64 -1.19 -14.89
N GLU A 160 -32.64 -0.41 -15.29
CA GLU A 160 -33.73 -0.09 -14.41
C GLU A 160 -35.08 -0.57 -14.95
N THR A 161 -35.15 -0.92 -16.24
CA THR A 161 -36.31 -1.61 -16.79
C THR A 161 -35.86 -2.32 -18.05
N ASN A 162 -36.62 -3.35 -18.43
CA ASN A 162 -36.43 -4.02 -19.71
C ASN A 162 -37.64 -3.78 -20.63
N VAL A 163 -38.49 -2.81 -20.28
CA VAL A 163 -39.66 -2.45 -21.07
C VAL A 163 -39.38 -1.19 -21.90
N LEU A 164 -39.44 0.02 -21.29
CA LEU A 164 -39.34 1.29 -22.01
C LEU A 164 -37.96 1.93 -21.81
N ASN A 165 -37.03 1.68 -22.74
CA ASN A 165 -35.69 2.24 -22.62
C ASN A 165 -35.45 3.41 -23.58
N THR A 166 -36.40 3.69 -24.49
CA THR A 166 -36.26 4.82 -25.40
C THR A 166 -37.62 5.47 -25.61
N GLY A 167 -37.59 6.75 -25.95
CA GLY A 167 -38.83 7.47 -26.21
C GLY A 167 -39.65 6.82 -27.32
N ARG A 168 -38.98 6.15 -28.27
CA ARG A 168 -39.66 5.44 -29.34
C ARG A 168 -40.50 4.28 -28.81
N GLN A 169 -39.92 3.49 -27.90
CA GLN A 169 -40.68 2.42 -27.29
C GLN A 169 -41.89 3.00 -26.57
N ALA A 170 -41.69 4.06 -25.79
CA ALA A 170 -42.78 4.66 -25.04
C ALA A 170 -43.88 5.15 -25.99
N LEU A 171 -43.50 5.79 -27.10
CA LEU A 171 -44.47 6.22 -28.09
C LEU A 171 -45.35 5.06 -28.56
N ALA A 172 -44.72 3.94 -28.95
CA ALA A 172 -45.44 2.78 -29.43
C ALA A 172 -46.37 2.21 -28.34
N TYR A 173 -45.91 2.20 -27.09
CA TYR A 173 -46.69 1.70 -25.96
C TYR A 173 -47.95 2.54 -25.77
N LEU A 174 -47.82 3.87 -25.87
CA LEU A 174 -48.97 4.76 -25.73
C LEU A 174 -49.97 4.57 -26.89
N GLU A 175 -49.48 4.35 -28.11
CA GLU A 175 -50.38 4.33 -29.27
C GLU A 175 -51.40 3.21 -29.10
N GLU A 176 -50.93 2.06 -28.60
CA GLU A 176 -51.79 0.93 -28.28
C GLU A 176 -52.89 1.31 -27.29
N LEU A 177 -52.52 1.97 -26.17
CA LEU A 177 -53.51 2.29 -25.15
C LEU A 177 -54.39 3.47 -25.54
N ASN A 178 -53.88 4.40 -26.35
CA ASN A 178 -54.59 5.59 -26.81
C ASN A 178 -55.48 6.17 -25.71
N ARG A 179 -54.87 6.57 -24.60
CA ARG A 179 -55.64 7.28 -23.58
C ARG A 179 -55.26 8.75 -23.61
N PRO A 180 -56.24 9.67 -23.50
CA PRO A 180 -55.95 11.09 -23.63
C PRO A 180 -55.11 11.73 -22.53
N ASN A 181 -54.96 11.07 -21.37
CA ASN A 181 -54.23 11.67 -20.26
C ASN A 181 -52.91 10.94 -20.00
N LEU A 182 -52.56 9.97 -20.86
CA LEU A 182 -51.33 9.21 -20.70
C LEU A 182 -50.27 9.82 -21.61
N GLY A 183 -49.09 10.07 -21.04
CA GLY A 183 -48.02 10.77 -21.73
C GLY A 183 -46.65 10.21 -21.37
N ILE A 184 -45.62 10.82 -21.95
CA ILE A 184 -44.25 10.35 -21.81
C ILE A 184 -43.48 11.27 -20.86
N HIS A 185 -42.54 10.66 -20.14
CA HIS A 185 -41.68 11.35 -19.20
C HIS A 185 -40.23 11.01 -19.55
N LEU A 186 -39.44 12.00 -19.96
CA LEU A 186 -38.03 11.79 -20.27
C LEU A 186 -37.14 12.32 -19.16
N ASP A 187 -35.91 11.80 -19.13
CA ASP A 187 -34.92 12.09 -18.09
C ASP A 187 -33.55 12.19 -18.74
N THR A 188 -32.87 13.32 -18.55
CA THR A 188 -31.62 13.55 -19.25
C THR A 188 -30.55 12.54 -18.81
N TYR A 189 -30.65 12.05 -17.58
CA TYR A 189 -29.71 11.05 -17.10
C TYR A 189 -29.86 9.78 -17.93
N HIS A 190 -31.11 9.33 -18.10
CA HIS A 190 -31.40 8.11 -18.83
C HIS A 190 -31.20 8.31 -20.33
N MET A 191 -31.63 9.46 -20.84
CA MET A 191 -31.46 9.74 -22.25
C MET A 191 -29.98 9.68 -22.61
N ASN A 192 -29.10 10.10 -21.70
CA ASN A 192 -27.67 10.17 -21.97
C ASN A 192 -27.05 8.79 -22.17
N ILE A 193 -27.74 7.72 -21.75
CA ILE A 193 -27.32 6.35 -21.99
C ILE A 193 -27.97 5.81 -23.27
N GLU A 194 -29.30 5.77 -23.31
CA GLU A 194 -29.99 4.97 -24.30
C GLU A 194 -30.19 5.66 -25.64
N GLU A 195 -30.30 6.99 -25.68
CA GLU A 195 -30.79 7.66 -26.88
C GLU A 195 -29.64 7.92 -27.87
N SER A 196 -30.01 8.29 -29.11
CA SER A 196 -29.03 8.57 -30.16
C SER A 196 -28.44 9.97 -30.05
N ASP A 197 -29.20 10.89 -29.42
CA ASP A 197 -28.85 12.30 -29.27
C ASP A 197 -29.93 12.95 -28.42
N MET A 198 -29.70 14.20 -27.97
CA MET A 198 -30.59 14.79 -26.98
C MET A 198 -31.74 15.59 -27.60
N PHE A 199 -31.83 15.70 -28.94
CA PHE A 199 -32.93 16.47 -29.51
C PHE A 199 -33.98 15.61 -30.22
N SER A 200 -33.55 14.53 -30.88
CA SER A 200 -34.47 13.62 -31.56
C SER A 200 -35.55 13.08 -30.62
N PRO A 201 -35.23 12.58 -29.41
CA PRO A 201 -36.29 12.13 -28.51
C PRO A 201 -37.34 13.20 -28.25
N ILE A 202 -36.89 14.44 -28.00
CA ILE A 202 -37.79 15.57 -27.80
C ILE A 202 -38.67 15.74 -29.04
N LEU A 203 -38.06 15.78 -30.24
CA LEU A 203 -38.84 16.08 -31.44
C LEU A 203 -39.80 14.94 -31.77
N ASP A 204 -39.36 13.69 -31.66
CA ASP A 204 -40.24 12.57 -31.95
C ASP A 204 -41.42 12.52 -30.97
N THR A 205 -41.17 12.91 -29.72
CA THR A 205 -42.14 12.75 -28.66
C THR A 205 -43.11 13.94 -28.58
N ALA A 206 -42.72 15.09 -29.14
CA ALA A 206 -43.44 16.36 -29.09
C ALA A 206 -44.81 16.32 -28.42
N GLU A 207 -45.76 15.60 -29.01
CA GLU A 207 -47.15 15.65 -28.59
C GLU A 207 -47.34 15.02 -27.20
N ALA A 208 -46.58 13.96 -26.93
CA ALA A 208 -46.80 13.11 -25.75
C ALA A 208 -45.91 13.50 -24.58
N LEU A 209 -44.92 14.37 -24.79
CA LEU A 209 -44.01 14.74 -23.71
C LEU A 209 -44.75 15.63 -22.71
N ARG A 210 -44.93 15.11 -21.50
CA ARG A 210 -45.68 15.83 -20.48
C ARG A 210 -44.87 16.05 -19.21
N TYR A 211 -43.69 15.42 -19.08
CA TYR A 211 -42.93 15.52 -17.85
C TYR A 211 -41.45 15.32 -18.17
N VAL A 212 -40.60 16.13 -17.52
CA VAL A 212 -39.16 16.12 -17.78
C VAL A 212 -38.40 16.12 -16.46
N HIS A 213 -37.36 15.28 -16.39
CA HIS A 213 -36.42 15.25 -15.28
C HIS A 213 -35.06 15.76 -15.75
N ILE A 214 -34.45 16.63 -14.94
CA ILE A 214 -33.15 17.21 -15.23
C ILE A 214 -32.12 16.58 -14.30
N GLY A 215 -31.23 15.75 -14.86
CA GLY A 215 -30.24 15.05 -14.07
C GLY A 215 -28.89 14.99 -14.77
N GLU A 216 -27.81 15.19 -14.03
CA GLU A 216 -26.48 15.08 -14.62
C GLU A 216 -26.18 13.60 -14.85
N SER A 217 -25.12 13.32 -15.61
CA SER A 217 -24.83 11.97 -16.07
C SER A 217 -24.55 11.01 -14.92
N HIS A 218 -23.94 11.51 -13.85
CA HIS A 218 -23.66 10.73 -12.66
C HIS A 218 -24.68 11.02 -11.55
N ARG A 219 -25.67 11.88 -11.84
CA ARG A 219 -26.75 12.25 -10.93
C ARG A 219 -26.32 13.28 -9.88
N GLY A 220 -25.14 13.91 -10.04
CA GLY A 220 -24.70 14.93 -9.08
C GLY A 220 -25.10 16.37 -9.44
N TYR A 221 -24.14 17.29 -9.22
CA TYR A 221 -24.32 18.68 -9.60
C TYR A 221 -24.55 18.83 -11.10
N LEU A 222 -25.53 19.66 -11.48
CA LEU A 222 -25.74 19.99 -12.88
C LEU A 222 -24.51 20.70 -13.45
N GLY A 223 -24.08 20.24 -14.64
CA GLY A 223 -22.94 20.81 -15.33
C GLY A 223 -21.59 20.31 -14.81
N THR A 224 -21.57 19.21 -14.05
CA THR A 224 -20.31 18.57 -13.65
C THR A 224 -20.20 17.15 -14.23
N GLY A 225 -21.07 16.82 -15.20
CA GLY A 225 -21.01 15.51 -15.84
C GLY A 225 -20.97 15.63 -17.36
N SER A 226 -21.57 14.62 -18.02
CA SER A 226 -21.46 14.43 -19.44
C SER A 226 -22.79 14.60 -20.19
N VAL A 227 -23.84 15.08 -19.53
CA VAL A 227 -25.11 15.30 -20.21
C VAL A 227 -25.05 16.58 -21.05
N ASP A 228 -25.66 16.55 -22.24
CA ASP A 228 -25.72 17.68 -23.15
C ASP A 228 -27.00 18.46 -22.88
N PHE A 229 -26.95 19.37 -21.90
CA PHE A 229 -28.15 20.11 -21.54
C PHE A 229 -28.52 21.15 -22.60
N ASP A 230 -27.52 21.70 -23.30
CA ASP A 230 -27.77 22.70 -24.34
C ASP A 230 -28.77 22.21 -25.37
N THR A 231 -28.45 21.06 -26.00
CA THR A 231 -29.26 20.52 -27.08
C THR A 231 -30.65 20.13 -26.56
N PHE A 232 -30.69 19.54 -25.37
CA PHE A 232 -31.95 19.15 -24.76
C PHE A 232 -32.87 20.36 -24.61
N PHE A 233 -32.34 21.44 -24.02
CA PHE A 233 -33.17 22.59 -23.72
C PHE A 233 -33.51 23.35 -25.00
N LYS A 234 -32.56 23.42 -25.94
CA LYS A 234 -32.87 24.03 -27.22
C LYS A 234 -34.03 23.29 -27.87
N ALA A 235 -33.96 21.95 -27.87
CA ALA A 235 -35.01 21.13 -28.45
C ALA A 235 -36.32 21.30 -27.68
N LEU A 236 -36.29 21.43 -26.35
CA LEU A 236 -37.52 21.71 -25.58
C LEU A 236 -38.14 23.03 -26.06
N GLY A 237 -37.30 24.02 -26.36
CA GLY A 237 -37.79 25.33 -26.79
C GLY A 237 -38.34 25.27 -28.21
N ARG A 238 -37.81 24.36 -29.02
CA ARG A 238 -38.28 24.24 -30.38
C ARG A 238 -39.67 23.61 -30.44
N ILE A 239 -40.04 22.75 -29.49
CA ILE A 239 -41.39 22.19 -29.46
C ILE A 239 -42.31 22.99 -28.54
N GLY A 240 -41.81 24.06 -27.93
CA GLY A 240 -42.63 24.88 -27.05
C GLY A 240 -43.17 24.10 -25.86
N TYR A 241 -42.34 23.19 -25.34
CA TYR A 241 -42.72 22.41 -24.17
C TYR A 241 -43.06 23.34 -23.00
N ASP A 242 -44.16 23.07 -22.30
CA ASP A 242 -44.46 23.84 -21.10
C ASP A 242 -45.04 22.98 -19.99
N GLY A 243 -44.67 21.70 -19.95
CA GLY A 243 -44.95 20.87 -18.80
C GLY A 243 -43.90 21.07 -17.74
N PRO A 244 -43.91 20.25 -16.68
CA PRO A 244 -42.95 20.41 -15.59
C PRO A 244 -41.52 20.09 -16.00
N VAL A 245 -40.57 20.69 -15.27
CA VAL A 245 -39.15 20.47 -15.44
C VAL A 245 -38.59 20.36 -14.04
N VAL A 246 -38.15 19.16 -13.66
CA VAL A 246 -37.87 18.85 -12.27
C VAL A 246 -36.44 18.37 -12.13
N PHE A 247 -35.69 19.04 -11.26
CA PHE A 247 -34.35 18.62 -10.86
C PHE A 247 -34.39 17.29 -10.11
N GLU A 248 -33.33 16.48 -10.28
CA GLU A 248 -33.21 15.18 -9.65
C GLU A 248 -31.74 14.88 -9.44
N SER A 249 -31.41 14.52 -8.19
CA SER A 249 -30.03 14.27 -7.77
C SER A 249 -30.07 13.32 -6.58
N PHE A 250 -29.05 12.46 -6.50
CA PHE A 250 -28.93 11.52 -5.39
C PHE A 250 -27.47 11.49 -4.93
N SER A 251 -27.28 11.48 -3.61
CA SER A 251 -25.95 11.28 -3.05
C SER A 251 -26.06 10.38 -1.83
N SER A 252 -24.95 9.73 -1.48
CA SER A 252 -24.93 8.87 -0.31
C SER A 252 -25.19 9.65 0.98
N SER A 253 -25.05 10.99 0.95
CA SER A 253 -25.39 11.85 2.08
C SER A 253 -26.84 11.65 2.54
N VAL A 254 -27.76 11.58 1.58
CA VAL A 254 -29.17 11.49 1.89
C VAL A 254 -29.65 10.14 1.38
N VAL A 255 -29.96 9.22 2.30
CA VAL A 255 -30.29 7.87 1.90
C VAL A 255 -31.79 7.61 2.10
N ALA A 256 -32.38 6.92 1.11
CA ALA A 256 -33.62 6.21 1.31
C ALA A 256 -33.31 4.72 1.52
N PRO A 257 -33.99 4.04 2.46
CA PRO A 257 -33.72 2.61 2.66
C PRO A 257 -33.99 1.77 1.41
N ASP A 258 -34.94 2.21 0.58
CA ASP A 258 -35.31 1.48 -0.63
C ASP A 258 -34.65 2.07 -1.88
N LEU A 259 -34.93 3.35 -2.15
CA LEU A 259 -34.62 3.95 -3.44
C LEU A 259 -33.11 4.07 -3.64
N SER A 260 -32.38 4.45 -2.58
CA SER A 260 -30.93 4.63 -2.70
C SER A 260 -30.25 3.33 -3.17
N ARG A 261 -30.77 2.18 -2.75
CA ARG A 261 -30.18 0.91 -3.10
C ARG A 261 -30.65 0.44 -4.49
N MET A 262 -31.91 0.72 -4.84
CA MET A 262 -32.41 0.39 -6.16
C MET A 262 -31.68 1.18 -7.26
N LEU A 263 -31.32 2.44 -6.96
CA LEU A 263 -30.72 3.33 -7.96
C LEU A 263 -29.20 3.31 -7.96
N GLY A 264 -28.59 2.61 -7.00
CA GLY A 264 -27.16 2.38 -7.04
C GLY A 264 -26.36 3.61 -6.62
N ILE A 265 -26.74 4.21 -5.50
CA ILE A 265 -26.09 5.40 -4.99
C ILE A 265 -25.02 4.97 -4.00
N TRP A 266 -23.90 4.53 -4.55
CA TRP A 266 -22.74 4.08 -3.80
C TRP A 266 -21.82 5.22 -3.37
N ARG A 267 -21.97 6.42 -3.96
CA ARG A 267 -20.95 7.45 -3.89
C ARG A 267 -21.51 8.74 -3.30
N ASN A 268 -20.61 9.51 -2.67
CA ASN A 268 -20.93 10.84 -2.20
C ASN A 268 -20.64 11.86 -3.31
N LEU A 269 -21.68 12.55 -3.79
CA LEU A 269 -21.53 13.52 -4.88
C LEU A 269 -21.76 14.96 -4.42
N TRP A 270 -22.35 15.14 -3.23
CA TRP A 270 -22.55 16.44 -2.62
C TRP A 270 -22.91 16.23 -1.16
N ALA A 271 -22.54 17.19 -0.30
CA ALA A 271 -22.99 17.23 1.09
C ALA A 271 -23.98 18.38 1.31
N ASP A 272 -23.68 19.56 0.73
CA ASP A 272 -24.43 20.79 0.95
C ASP A 272 -25.60 20.87 -0.02
N ASN A 273 -26.79 20.45 0.44
CA ASN A 273 -27.91 20.34 -0.47
C ASN A 273 -28.64 21.67 -0.66
N GLU A 274 -28.46 22.63 0.25
CA GLU A 274 -29.02 23.95 0.04
C GLU A 274 -28.37 24.59 -1.19
N GLU A 275 -27.03 24.48 -1.28
CA GLU A 275 -26.29 25.00 -2.42
C GLU A 275 -26.65 24.22 -3.69
N LEU A 276 -26.77 22.88 -3.58
CA LEU A 276 -27.14 22.06 -4.73
C LEU A 276 -28.47 22.52 -5.31
N GLY A 277 -29.52 22.57 -4.48
CA GLY A 277 -30.84 22.89 -4.96
C GLY A 277 -30.92 24.32 -5.53
N ALA A 278 -30.20 25.24 -4.90
CA ALA A 278 -30.19 26.63 -5.33
C ALA A 278 -29.44 26.75 -6.66
N HIS A 279 -28.30 26.07 -6.78
CA HIS A 279 -27.61 25.98 -8.05
C HIS A 279 -28.54 25.44 -9.14
N ALA A 280 -29.26 24.35 -8.83
CA ALA A 280 -30.03 23.66 -9.86
C ALA A 280 -31.24 24.49 -10.29
N ASN A 281 -31.87 25.21 -9.36
CA ASN A 281 -32.99 26.08 -9.70
C ASN A 281 -32.54 27.16 -10.69
N ALA A 282 -31.42 27.82 -10.37
CA ALA A 282 -30.88 28.85 -11.24
C ALA A 282 -30.51 28.24 -12.59
N PHE A 283 -29.84 27.08 -12.57
CA PHE A 283 -29.42 26.40 -13.79
C PHE A 283 -30.59 26.17 -14.74
N ILE A 284 -31.66 25.55 -14.24
CA ILE A 284 -32.84 25.30 -15.05
C ILE A 284 -33.47 26.61 -15.54
N ARG A 285 -33.70 27.55 -14.64
CA ARG A 285 -34.39 28.77 -15.01
C ARG A 285 -33.54 29.64 -15.95
N ASP A 286 -32.24 29.72 -15.73
CA ASP A 286 -31.40 30.50 -16.62
C ASP A 286 -31.32 29.84 -18.01
N LYS A 287 -31.25 28.50 -18.03
CA LYS A 287 -31.32 27.77 -19.29
C LYS A 287 -32.61 28.12 -20.06
N LEU A 288 -33.76 28.08 -19.37
CA LEU A 288 -35.03 28.35 -20.04
C LEU A 288 -35.09 29.80 -20.55
N THR A 289 -34.54 30.71 -19.76
CA THR A 289 -34.47 32.12 -20.13
C THR A 289 -33.63 32.34 -21.40
N ALA A 290 -32.48 31.66 -21.48
CA ALA A 290 -31.60 31.79 -22.64
C ALA A 290 -32.24 31.21 -23.91
N ILE A 291 -32.85 30.03 -23.81
CA ILE A 291 -33.44 29.39 -24.98
C ILE A 291 -34.54 30.24 -25.60
N LYS A 292 -35.30 30.95 -24.76
CA LYS A 292 -36.38 31.82 -25.24
C LYS A 292 -35.87 32.90 -26.20
N THR A 293 -34.62 33.33 -26.00
CA THR A 293 -34.02 34.37 -26.83
C THR A 293 -33.61 33.86 -28.22
N ILE A 294 -33.62 32.54 -28.45
CA ILE A 294 -33.12 32.02 -29.72
C ILE A 294 -34.13 32.25 -30.86
N GLU A 295 -35.43 32.17 -30.60
CA GLU A 295 -36.40 32.43 -31.65
C GLU A 295 -36.37 33.87 -32.18
N LEU A 296 -35.62 34.77 -31.52
CA LEU A 296 -35.60 36.19 -31.85
C LEU A 296 -34.35 36.60 -32.61
N HIS A 297 -33.32 35.74 -32.63
CA HIS A 297 -32.05 36.13 -33.22
C HIS A 297 -31.68 35.18 -34.38
N MET B 9 0.60 -0.38 -29.82
CA MET B 9 -0.85 -0.05 -29.78
C MET B 9 -1.63 -0.92 -30.77
N LYS B 10 -2.30 -1.95 -30.26
CA LYS B 10 -3.12 -2.80 -31.10
C LYS B 10 -4.58 -2.33 -31.02
N ILE B 11 -5.25 -2.36 -32.18
CA ILE B 11 -6.66 -2.02 -32.28
C ILE B 11 -7.47 -3.30 -32.40
N GLY B 12 -8.43 -3.45 -31.48
CA GLY B 12 -9.09 -4.73 -31.30
C GLY B 12 -10.60 -4.63 -31.28
N CYS B 13 -11.21 -5.82 -31.36
CA CYS B 13 -12.65 -5.99 -31.38
C CYS B 13 -13.03 -7.04 -30.35
N HIS B 14 -14.07 -6.75 -29.58
CA HIS B 14 -14.52 -7.65 -28.55
C HIS B 14 -15.30 -8.79 -29.21
N GLY B 15 -15.07 -10.02 -28.76
CA GLY B 15 -15.54 -11.19 -29.47
C GLY B 15 -17.07 -11.27 -29.59
N LEU B 16 -17.81 -10.46 -28.80
CA LEU B 16 -19.28 -10.50 -28.88
C LEU B 16 -19.87 -9.63 -29.99
N VAL B 17 -19.02 -8.98 -30.78
CA VAL B 17 -19.48 -8.44 -32.04
C VAL B 17 -19.94 -9.61 -32.93
N TRP B 18 -19.31 -10.78 -32.77
CA TRP B 18 -19.36 -11.86 -33.75
C TRP B 18 -20.15 -13.09 -33.29
N THR B 19 -19.89 -13.59 -32.09
CA THR B 19 -20.63 -14.73 -31.56
C THR B 19 -20.77 -14.59 -30.05
N GLY B 20 -21.62 -15.44 -29.48
CA GLY B 20 -21.81 -15.51 -28.04
C GLY B 20 -21.37 -16.85 -27.47
N HIS B 21 -20.93 -17.77 -28.34
CA HIS B 21 -20.50 -19.10 -27.94
C HIS B 21 -19.08 -19.33 -28.43
N PHE B 22 -18.17 -19.63 -27.51
CA PHE B 22 -16.77 -19.78 -27.87
C PHE B 22 -16.35 -21.25 -27.78
N ASP B 23 -17.18 -22.09 -28.42
CA ASP B 23 -16.78 -23.40 -28.89
C ASP B 23 -15.84 -23.23 -30.08
N ALA B 24 -15.38 -24.35 -30.62
CA ALA B 24 -14.38 -24.31 -31.68
C ALA B 24 -14.88 -23.44 -32.83
N GLU B 25 -16.15 -23.64 -33.24
CA GLU B 25 -16.68 -22.88 -34.36
C GLU B 25 -16.71 -21.39 -34.02
N GLY B 26 -17.11 -21.05 -32.79
CA GLY B 26 -17.24 -19.66 -32.41
C GLY B 26 -15.87 -18.97 -32.28
N ILE B 27 -14.87 -19.69 -31.79
CA ILE B 27 -13.52 -19.14 -31.76
C ILE B 27 -13.04 -18.87 -33.18
N ARG B 28 -13.21 -19.83 -34.08
CA ARG B 28 -12.69 -19.67 -35.43
C ARG B 28 -13.41 -18.53 -36.15
N TYR B 29 -14.76 -18.50 -36.06
CA TYR B 29 -15.59 -17.47 -36.65
C TYR B 29 -15.14 -16.06 -36.22
N SER B 30 -15.12 -15.82 -34.90
CA SER B 30 -14.80 -14.51 -34.35
C SER B 30 -13.40 -14.05 -34.80
N VAL B 31 -12.42 -14.94 -34.75
CA VAL B 31 -11.04 -14.59 -35.12
C VAL B 31 -11.00 -14.16 -36.58
N GLN B 32 -11.65 -14.93 -37.45
CA GLN B 32 -11.66 -14.65 -38.87
C GLN B 32 -12.39 -13.33 -39.16
N LYS B 33 -13.64 -13.21 -38.68
CA LYS B 33 -14.42 -12.00 -38.92
C LYS B 33 -13.72 -10.77 -38.34
N THR B 34 -13.01 -10.93 -37.22
CA THR B 34 -12.23 -9.84 -36.66
C THR B 34 -11.16 -9.37 -37.67
N ARG B 35 -10.42 -10.32 -38.24
CA ARG B 35 -9.38 -10.01 -39.21
C ARG B 35 -9.99 -9.31 -40.43
N GLU B 36 -11.17 -9.76 -40.85
CA GLU B 36 -11.80 -9.26 -42.07
C GLU B 36 -12.28 -7.83 -41.87
N ALA B 37 -12.64 -7.46 -40.63
CA ALA B 37 -13.11 -6.11 -40.35
C ALA B 37 -11.96 -5.11 -40.22
N GLY B 38 -10.71 -5.56 -40.18
CA GLY B 38 -9.56 -4.66 -40.20
C GLY B 38 -8.83 -4.53 -38.86
N PHE B 39 -9.21 -5.31 -37.84
CA PHE B 39 -8.62 -5.21 -36.51
C PHE B 39 -7.29 -5.97 -36.42
N ASP B 40 -6.52 -5.65 -35.36
CA ASP B 40 -5.27 -6.32 -35.07
C ASP B 40 -5.42 -7.39 -33.99
N LEU B 41 -6.48 -7.28 -33.18
CA LEU B 41 -6.58 -8.01 -31.94
C LEU B 41 -8.04 -8.40 -31.76
N VAL B 42 -8.26 -9.61 -31.25
CA VAL B 42 -9.55 -10.03 -30.76
C VAL B 42 -9.44 -10.16 -29.23
N GLU B 43 -10.50 -9.77 -28.53
CA GLU B 43 -10.55 -9.85 -27.08
C GLU B 43 -11.55 -10.96 -26.74
N PHE B 44 -11.06 -12.04 -26.14
CA PHE B 44 -11.89 -13.19 -25.89
C PHE B 44 -12.60 -13.02 -24.55
N PRO B 45 -13.94 -13.03 -24.51
CA PRO B 45 -14.63 -13.12 -23.22
C PRO B 45 -14.48 -14.51 -22.59
N LEU B 46 -13.57 -14.67 -21.62
CA LEU B 46 -13.42 -15.95 -20.93
C LEU B 46 -14.40 -16.05 -19.77
N MET B 47 -15.68 -15.98 -20.06
CA MET B 47 -16.69 -16.17 -19.02
C MET B 47 -16.48 -17.53 -18.35
N ASP B 48 -16.14 -18.56 -19.14
CA ASP B 48 -15.75 -19.85 -18.61
C ASP B 48 -14.39 -20.24 -19.21
N PRO B 49 -13.27 -19.92 -18.52
CA PRO B 49 -11.95 -20.27 -19.05
C PRO B 49 -11.55 -21.73 -18.85
N PHE B 50 -12.38 -22.48 -18.11
CA PHE B 50 -12.10 -23.89 -17.87
C PHE B 50 -12.43 -24.74 -19.08
N SER B 51 -13.39 -24.26 -19.89
CA SER B 51 -13.85 -24.98 -21.07
C SER B 51 -13.52 -24.23 -22.36
N PHE B 52 -12.52 -23.33 -22.33
CA PHE B 52 -12.15 -22.57 -23.51
C PHE B 52 -11.08 -23.34 -24.30
N ASP B 53 -11.38 -23.63 -25.55
CA ASP B 53 -10.57 -24.48 -26.39
C ASP B 53 -9.33 -23.71 -26.88
N VAL B 54 -8.27 -23.71 -26.05
CA VAL B 54 -7.07 -22.94 -26.32
C VAL B 54 -6.43 -23.38 -27.63
N GLN B 55 -6.46 -24.68 -27.92
CA GLN B 55 -5.79 -25.18 -29.11
C GLN B 55 -6.43 -24.62 -30.38
N THR B 56 -7.76 -24.63 -30.42
CA THR B 56 -8.49 -24.05 -31.54
C THR B 56 -8.15 -22.56 -31.68
N ALA B 57 -7.94 -21.87 -30.55
CA ALA B 57 -7.68 -20.43 -30.56
C ALA B 57 -6.27 -20.14 -31.06
N LYS B 58 -5.25 -20.81 -30.50
CA LYS B 58 -3.89 -20.61 -30.96
C LYS B 58 -3.76 -20.89 -32.45
N SER B 59 -4.48 -21.89 -32.94
CA SER B 59 -4.47 -22.21 -34.36
C SER B 59 -5.08 -21.09 -35.20
N ALA B 60 -6.27 -20.61 -34.80
CA ALA B 60 -6.96 -19.55 -35.53
C ALA B 60 -6.16 -18.25 -35.51
N LEU B 61 -5.57 -17.89 -34.36
CA LEU B 61 -4.81 -16.66 -34.29
C LEU B 61 -3.58 -16.74 -35.20
N ALA B 62 -2.89 -17.87 -35.22
CA ALA B 62 -1.73 -18.01 -36.08
C ALA B 62 -2.12 -17.89 -37.55
N GLU B 63 -3.22 -18.53 -37.93
CA GLU B 63 -3.63 -18.58 -39.33
C GLU B 63 -3.86 -17.17 -39.88
N HIS B 64 -4.56 -16.34 -39.09
CA HIS B 64 -4.92 -14.99 -39.46
C HIS B 64 -3.90 -13.95 -38.96
N GLY B 65 -2.80 -14.39 -38.33
CA GLY B 65 -1.73 -13.49 -37.88
C GLY B 65 -2.24 -12.40 -36.94
N LEU B 66 -3.05 -12.82 -35.96
CA LEU B 66 -3.84 -11.94 -35.13
C LEU B 66 -3.47 -12.14 -33.66
N ALA B 67 -3.56 -11.06 -32.87
CA ALA B 67 -3.24 -11.06 -31.45
C ALA B 67 -4.51 -11.21 -30.63
N ALA B 68 -4.35 -11.65 -29.38
CA ALA B 68 -5.48 -11.98 -28.52
C ALA B 68 -5.31 -11.34 -27.15
N SER B 69 -6.43 -11.02 -26.53
CA SER B 69 -6.48 -10.66 -25.14
C SER B 69 -7.76 -11.26 -24.56
N ALA B 70 -7.91 -11.13 -23.25
CA ALA B 70 -9.05 -11.75 -22.60
C ALA B 70 -9.64 -10.78 -21.59
N SER B 71 -10.97 -10.74 -21.55
CA SER B 71 -11.71 -10.05 -20.51
C SER B 71 -12.72 -11.01 -19.92
N LEU B 72 -13.30 -10.60 -18.81
CA LEU B 72 -14.02 -11.51 -17.93
C LEU B 72 -14.78 -10.67 -16.92
N GLY B 73 -15.93 -11.19 -16.51
CA GLY B 73 -16.68 -10.62 -15.43
C GLY B 73 -17.13 -11.71 -14.46
N LEU B 74 -16.83 -11.55 -13.17
CA LEU B 74 -17.19 -12.55 -12.19
C LEU B 74 -18.68 -12.45 -11.85
N SER B 75 -19.20 -13.45 -11.11
CA SER B 75 -20.59 -13.43 -10.68
C SER B 75 -20.69 -13.79 -9.20
N ASP B 76 -21.93 -13.98 -8.72
CA ASP B 76 -22.19 -14.25 -7.31
C ASP B 76 -21.35 -15.40 -6.76
N ALA B 77 -21.17 -16.44 -7.59
CA ALA B 77 -20.44 -17.64 -7.18
C ALA B 77 -18.93 -17.44 -7.22
N THR B 78 -18.45 -16.31 -7.77
CA THR B 78 -17.01 -16.11 -7.92
C THR B 78 -16.60 -14.69 -7.52
N ASP B 79 -17.43 -14.06 -6.67
CA ASP B 79 -17.25 -12.69 -6.23
C ASP B 79 -16.08 -12.59 -5.25
N VAL B 80 -14.93 -12.06 -5.69
CA VAL B 80 -13.79 -11.87 -4.80
C VAL B 80 -14.00 -10.73 -3.80
N SER B 81 -15.00 -9.88 -4.01
CA SER B 81 -15.34 -8.88 -3.01
C SER B 81 -16.29 -9.45 -1.96
N SER B 82 -16.56 -10.76 -2.02
CA SER B 82 -17.37 -11.44 -1.02
C SER B 82 -16.61 -11.59 0.31
N GLU B 83 -17.37 -11.62 1.42
CA GLU B 83 -16.79 -11.88 2.73
C GLU B 83 -16.77 -13.39 3.02
N ASP B 84 -17.26 -14.21 2.08
CA ASP B 84 -17.25 -15.66 2.19
C ASP B 84 -15.97 -16.17 1.53
N PRO B 85 -14.99 -16.69 2.29
CA PRO B 85 -13.69 -17.01 1.70
C PRO B 85 -13.74 -18.12 0.66
N ALA B 86 -14.82 -18.91 0.67
CA ALA B 86 -15.00 -19.95 -0.34
C ALA B 86 -15.31 -19.31 -1.70
N VAL B 87 -16.17 -18.29 -1.68
CA VAL B 87 -16.53 -17.56 -2.89
C VAL B 87 -15.33 -16.78 -3.41
N VAL B 88 -14.57 -16.14 -2.52
CA VAL B 88 -13.38 -15.43 -2.95
C VAL B 88 -12.37 -16.39 -3.56
N LYS B 89 -12.30 -17.61 -3.03
CA LYS B 89 -11.35 -18.60 -3.55
C LYS B 89 -11.81 -19.17 -4.89
N ALA B 90 -13.12 -19.27 -5.13
CA ALA B 90 -13.63 -19.68 -6.44
C ALA B 90 -13.22 -18.66 -7.51
N GLY B 91 -13.49 -17.39 -7.25
CA GLY B 91 -13.14 -16.34 -8.20
C GLY B 91 -11.64 -16.29 -8.48
N GLU B 92 -10.83 -16.41 -7.44
CA GLU B 92 -9.38 -16.36 -7.62
C GLU B 92 -8.88 -17.55 -8.43
N GLU B 93 -9.59 -18.68 -8.35
CA GLU B 93 -9.20 -19.87 -9.10
C GLU B 93 -9.58 -19.70 -10.57
N LEU B 94 -10.73 -19.08 -10.84
CA LEU B 94 -11.16 -18.71 -12.19
C LEU B 94 -10.19 -17.70 -12.81
N LEU B 95 -9.88 -16.62 -12.06
CA LEU B 95 -9.02 -15.57 -12.57
C LEU B 95 -7.65 -16.14 -12.93
N ASN B 96 -7.19 -17.08 -12.12
CA ASN B 96 -5.89 -17.71 -12.31
C ASN B 96 -5.90 -18.60 -13.56
N ARG B 97 -7.01 -19.31 -13.80
CA ARG B 97 -7.13 -20.12 -15.00
C ARG B 97 -7.11 -19.25 -16.26
N ALA B 98 -7.81 -18.11 -16.22
CA ALA B 98 -7.81 -17.18 -17.35
C ALA B 98 -6.40 -16.65 -17.62
N VAL B 99 -5.67 -16.30 -16.56
CA VAL B 99 -4.29 -15.90 -16.74
C VAL B 99 -3.49 -17.03 -17.41
N ASP B 100 -3.75 -18.28 -17.00
CA ASP B 100 -3.11 -19.42 -17.61
C ASP B 100 -3.47 -19.53 -19.10
N VAL B 101 -4.76 -19.34 -19.42
CA VAL B 101 -5.22 -19.37 -20.80
C VAL B 101 -4.47 -18.35 -21.63
N LEU B 102 -4.24 -17.15 -21.07
CA LEU B 102 -3.55 -16.11 -21.80
C LEU B 102 -2.08 -16.44 -21.99
N ALA B 103 -1.45 -17.07 -20.99
CA ALA B 103 -0.06 -17.49 -21.10
C ALA B 103 0.09 -18.56 -22.19
N GLU B 104 -0.81 -19.55 -22.20
CA GLU B 104 -0.81 -20.55 -23.27
C GLU B 104 -0.92 -19.85 -24.63
N LEU B 105 -1.78 -18.83 -24.72
CA LEU B 105 -1.99 -18.12 -25.97
C LEU B 105 -0.79 -17.25 -26.37
N GLY B 106 0.11 -16.96 -25.42
CA GLY B 106 1.23 -16.06 -25.67
C GLY B 106 0.83 -14.58 -25.62
N ALA B 107 -0.32 -14.29 -24.99
CA ALA B 107 -0.87 -12.93 -24.95
C ALA B 107 -0.45 -12.22 -23.68
N THR B 108 -0.55 -10.89 -23.67
CA THR B 108 0.06 -10.08 -22.63
C THR B 108 -0.94 -9.34 -21.75
N ASP B 109 -2.25 -9.42 -22.03
CA ASP B 109 -3.20 -8.52 -21.39
C ASP B 109 -4.45 -9.24 -20.92
N PHE B 110 -4.75 -9.05 -19.62
CA PHE B 110 -5.94 -9.55 -18.97
C PHE B 110 -6.61 -8.37 -18.28
N CYS B 111 -7.94 -8.28 -18.40
CA CYS B 111 -8.66 -7.11 -17.92
C CYS B 111 -10.12 -7.46 -17.70
N GLY B 112 -10.88 -6.48 -17.19
CA GLY B 112 -12.28 -6.68 -16.91
C GLY B 112 -12.63 -6.50 -15.44
N VAL B 113 -13.85 -6.95 -15.12
CA VAL B 113 -14.40 -6.80 -13.79
C VAL B 113 -13.94 -8.01 -12.98
N ILE B 114 -12.69 -7.94 -12.53
CA ILE B 114 -12.02 -9.03 -11.84
C ILE B 114 -11.83 -8.70 -10.36
N TYR B 115 -12.47 -7.64 -9.90
CA TYR B 115 -12.30 -7.15 -8.52
C TYR B 115 -13.61 -7.27 -7.74
N SER B 116 -14.70 -7.65 -8.43
CA SER B 116 -15.99 -7.91 -7.79
C SER B 116 -16.82 -8.74 -8.77
N ALA B 117 -18.04 -9.09 -8.35
CA ALA B 117 -19.03 -9.58 -9.29
C ALA B 117 -19.37 -8.46 -10.26
N MET B 118 -19.69 -8.83 -11.51
CA MET B 118 -20.18 -7.86 -12.46
C MET B 118 -21.70 -7.95 -12.46
N LYS B 119 -22.32 -7.24 -11.52
CA LYS B 119 -23.76 -7.27 -11.38
C LYS B 119 -24.25 -5.96 -10.75
N LYS B 120 -25.57 -5.89 -10.57
CA LYS B 120 -26.21 -4.81 -9.82
C LYS B 120 -26.37 -5.25 -8.36
N TYR B 121 -25.35 -4.95 -7.56
CA TYR B 121 -25.42 -5.15 -6.11
C TYR B 121 -26.62 -4.40 -5.55
N MET B 122 -27.06 -4.78 -4.35
CA MET B 122 -28.15 -4.07 -3.71
C MET B 122 -27.67 -3.37 -2.43
N GLU B 123 -26.38 -3.56 -2.08
CA GLU B 123 -25.78 -2.92 -0.92
C GLU B 123 -24.43 -2.32 -1.36
N PRO B 124 -23.88 -1.36 -0.58
CA PRO B 124 -22.50 -0.95 -0.77
C PRO B 124 -21.46 -2.05 -0.55
N ALA B 125 -20.28 -1.84 -1.14
CA ALA B 125 -19.09 -2.61 -0.79
C ALA B 125 -18.80 -2.49 0.71
N THR B 126 -18.39 -3.60 1.31
CA THR B 126 -17.97 -3.62 2.71
C THR B 126 -16.45 -3.56 2.80
N ALA B 127 -15.96 -3.01 3.92
CA ALA B 127 -14.52 -2.84 4.10
C ALA B 127 -13.82 -4.18 4.00
N ALA B 128 -14.39 -5.22 4.62
CA ALA B 128 -13.80 -6.54 4.62
C ALA B 128 -13.80 -7.12 3.20
N GLY B 129 -14.94 -7.02 2.51
CA GLY B 129 -15.02 -7.44 1.12
C GLY B 129 -13.93 -6.80 0.25
N LEU B 130 -13.72 -5.49 0.46
CA LEU B 130 -12.70 -4.77 -0.30
C LEU B 130 -11.30 -5.37 -0.02
N ALA B 131 -11.02 -5.70 1.24
CA ALA B 131 -9.74 -6.30 1.56
C ALA B 131 -9.59 -7.64 0.83
N ASN B 132 -10.67 -8.43 0.81
CA ASN B 132 -10.63 -9.73 0.16
C ASN B 132 -10.34 -9.57 -1.32
N SER B 133 -11.00 -8.60 -1.95
CA SER B 133 -10.74 -8.25 -3.34
C SER B 133 -9.28 -7.86 -3.56
N LYS B 134 -8.79 -6.92 -2.76
CA LYS B 134 -7.46 -6.37 -2.97
C LYS B 134 -6.40 -7.46 -2.80
N ALA B 135 -6.56 -8.30 -1.77
CA ALA B 135 -5.67 -9.44 -1.57
C ALA B 135 -5.73 -10.37 -2.79
N ALA B 136 -6.95 -10.75 -3.19
CA ALA B 136 -7.14 -11.65 -4.33
C ALA B 136 -6.46 -11.09 -5.58
N VAL B 137 -6.79 -9.83 -5.92
CA VAL B 137 -6.26 -9.18 -7.11
C VAL B 137 -4.73 -9.12 -7.05
N GLY B 138 -4.20 -8.86 -5.86
CA GLY B 138 -2.76 -8.81 -5.67
C GLY B 138 -2.10 -10.15 -5.96
N ARG B 139 -2.72 -11.25 -5.51
CA ARG B 139 -2.16 -12.57 -5.77
C ARG B 139 -2.26 -12.92 -7.24
N VAL B 140 -3.39 -12.59 -7.88
CA VAL B 140 -3.53 -12.83 -9.30
C VAL B 140 -2.47 -12.04 -10.05
N ALA B 141 -2.24 -10.79 -9.63
CA ALA B 141 -1.28 -9.92 -10.31
C ALA B 141 0.13 -10.49 -10.22
N ASP B 142 0.51 -11.00 -9.04
CA ASP B 142 1.83 -11.58 -8.82
C ASP B 142 2.01 -12.84 -9.66
N ARG B 143 1.02 -13.73 -9.63
CA ARG B 143 1.04 -14.90 -10.47
C ARG B 143 1.17 -14.51 -11.94
N ALA B 144 0.36 -13.53 -12.37
CA ALA B 144 0.42 -13.05 -13.74
C ALA B 144 1.76 -12.37 -14.07
N SER B 145 2.45 -11.85 -13.05
CA SER B 145 3.73 -11.17 -13.26
C SER B 145 4.81 -12.14 -13.76
N ASP B 146 4.89 -13.34 -13.15
CA ASP B 146 5.89 -14.31 -13.56
C ASP B 146 5.62 -14.87 -14.96
N LEU B 147 4.37 -14.77 -15.43
CA LEU B 147 4.00 -15.31 -16.75
C LEU B 147 4.06 -14.23 -17.85
N GLY B 148 4.37 -12.98 -17.49
CA GLY B 148 4.53 -11.91 -18.47
C GLY B 148 3.21 -11.26 -18.87
N ILE B 149 2.26 -11.20 -17.94
CA ILE B 149 0.89 -10.77 -18.23
C ILE B 149 0.58 -9.53 -17.41
N ASN B 150 0.02 -8.51 -18.07
CA ASN B 150 -0.49 -7.33 -17.39
C ASN B 150 -1.94 -7.56 -17.00
N VAL B 151 -2.33 -7.04 -15.83
CA VAL B 151 -3.69 -7.11 -15.35
C VAL B 151 -4.22 -5.70 -15.15
N SER B 152 -5.38 -5.41 -15.77
CA SER B 152 -5.99 -4.09 -15.75
C SER B 152 -7.40 -4.18 -15.18
N LEU B 153 -7.72 -3.33 -14.19
CA LEU B 153 -9.02 -3.36 -13.56
C LEU B 153 -9.97 -2.42 -14.31
N GLU B 154 -11.08 -2.96 -14.80
CA GLU B 154 -11.97 -2.14 -15.61
C GLU B 154 -12.94 -1.38 -14.70
N VAL B 155 -12.89 -0.05 -14.82
CA VAL B 155 -13.84 0.81 -14.14
C VAL B 155 -15.17 0.76 -14.88
N VAL B 156 -16.22 0.41 -14.17
CA VAL B 156 -17.54 0.25 -14.77
C VAL B 156 -18.53 0.97 -13.88
N ASN B 157 -19.79 1.02 -14.32
CA ASN B 157 -20.74 1.95 -13.77
C ASN B 157 -21.43 1.35 -12.55
N ARG B 158 -22.18 2.19 -11.83
CA ARG B 158 -22.85 1.82 -10.59
C ARG B 158 -23.73 0.58 -10.72
N TYR B 159 -24.13 0.20 -11.93
CA TYR B 159 -25.04 -0.90 -12.10
C TYR B 159 -24.32 -2.23 -12.32
N GLU B 160 -23.00 -2.18 -12.51
CA GLU B 160 -22.23 -3.38 -12.78
C GLU B 160 -21.16 -3.66 -11.72
N THR B 161 -21.02 -2.77 -10.73
CA THR B 161 -20.16 -2.99 -9.57
C THR B 161 -20.49 -1.91 -8.55
N ASN B 162 -20.17 -2.19 -7.29
CA ASN B 162 -20.26 -1.18 -6.24
C ASN B 162 -18.87 -0.84 -5.68
N VAL B 163 -17.80 -1.22 -6.42
CA VAL B 163 -16.44 -1.10 -5.94
C VAL B 163 -15.66 -0.02 -6.70
N LEU B 164 -15.59 -0.13 -8.02
CA LEU B 164 -14.76 0.76 -8.81
C LEU B 164 -15.63 1.43 -9.87
N ASN B 165 -16.14 2.61 -9.52
CA ASN B 165 -16.99 3.37 -10.43
C ASN B 165 -16.26 4.54 -11.11
N THR B 166 -15.12 5.00 -10.58
CA THR B 166 -14.40 6.11 -11.18
C THR B 166 -12.92 5.80 -11.30
N GLY B 167 -12.28 6.44 -12.27
CA GLY B 167 -10.84 6.32 -12.43
C GLY B 167 -10.07 6.62 -11.13
N ARG B 168 -10.60 7.53 -10.30
CA ARG B 168 -9.92 7.90 -9.07
C ARG B 168 -9.96 6.72 -8.08
N GLN B 169 -11.13 6.09 -7.92
CA GLN B 169 -11.23 4.92 -7.05
C GLN B 169 -10.26 3.82 -7.48
N ALA B 170 -10.15 3.60 -8.80
CA ALA B 170 -9.20 2.64 -9.34
C ALA B 170 -7.76 3.01 -8.95
N LEU B 171 -7.42 4.30 -9.05
CA LEU B 171 -6.07 4.74 -8.70
C LEU B 171 -5.76 4.48 -7.22
N ALA B 172 -6.74 4.72 -6.35
CA ALA B 172 -6.54 4.49 -4.93
C ALA B 172 -6.39 2.99 -4.67
N TYR B 173 -7.20 2.17 -5.35
CA TYR B 173 -7.14 0.72 -5.25
C TYR B 173 -5.73 0.22 -5.60
N LEU B 174 -5.21 0.67 -6.74
CA LEU B 174 -3.88 0.28 -7.19
C LEU B 174 -2.81 0.72 -6.19
N GLU B 175 -2.94 1.94 -5.66
CA GLU B 175 -1.89 2.55 -4.84
C GLU B 175 -1.63 1.71 -3.61
N GLU B 176 -2.66 1.04 -3.09
CA GLU B 176 -2.50 0.17 -1.94
C GLU B 176 -1.72 -1.10 -2.31
N LEU B 177 -2.01 -1.69 -3.47
CA LEU B 177 -1.38 -2.96 -3.84
C LEU B 177 0.03 -2.73 -4.37
N ASN B 178 0.26 -1.58 -5.04
CA ASN B 178 1.55 -1.21 -5.61
C ASN B 178 2.22 -2.42 -6.29
N ARG B 179 1.51 -3.02 -7.26
CA ARG B 179 2.02 -4.11 -8.06
C ARG B 179 2.41 -3.56 -9.43
N PRO B 180 3.62 -3.87 -9.94
CA PRO B 180 4.12 -3.16 -11.13
C PRO B 180 3.39 -3.48 -12.44
N ASN B 181 2.66 -4.60 -12.51
CA ASN B 181 2.00 -4.98 -13.76
C ASN B 181 0.49 -4.77 -13.70
N LEU B 182 0.00 -4.15 -12.61
CA LEU B 182 -1.44 -3.95 -12.41
C LEU B 182 -1.82 -2.54 -12.85
N GLY B 183 -2.79 -2.44 -13.77
CA GLY B 183 -3.17 -1.18 -14.38
C GLY B 183 -4.67 -0.92 -14.31
N ILE B 184 -5.07 0.22 -14.88
CA ILE B 184 -6.48 0.61 -14.97
C ILE B 184 -6.96 0.44 -16.41
N HIS B 185 -8.26 0.13 -16.52
CA HIS B 185 -8.93 -0.07 -17.80
C HIS B 185 -10.17 0.80 -17.81
N LEU B 186 -10.20 1.74 -18.77
CA LEU B 186 -11.30 2.68 -18.91
C LEU B 186 -12.14 2.30 -20.12
N ASP B 187 -13.45 2.49 -19.99
CA ASP B 187 -14.40 2.21 -21.05
C ASP B 187 -15.26 3.44 -21.27
N THR B 188 -15.15 4.04 -22.47
CA THR B 188 -15.89 5.25 -22.79
C THR B 188 -17.39 5.11 -22.49
N TYR B 189 -17.94 3.90 -22.62
CA TYR B 189 -19.31 3.67 -22.20
C TYR B 189 -19.49 4.01 -20.74
N HIS B 190 -18.57 3.54 -19.88
CA HIS B 190 -18.76 3.69 -18.45
C HIS B 190 -18.41 5.11 -18.00
N MET B 191 -17.39 5.69 -18.64
CA MET B 191 -16.98 7.06 -18.36
C MET B 191 -18.17 8.00 -18.55
N ASN B 192 -18.90 7.80 -19.65
CA ASN B 192 -19.98 8.69 -20.02
C ASN B 192 -21.12 8.67 -19.02
N ILE B 193 -21.10 7.75 -18.04
CA ILE B 193 -22.09 7.78 -16.99
C ILE B 193 -21.51 8.32 -15.68
N GLU B 194 -20.30 7.90 -15.30
CA GLU B 194 -19.85 8.10 -13.93
C GLU B 194 -18.90 9.29 -13.78
N GLU B 195 -18.10 9.58 -14.80
CA GLU B 195 -17.04 10.58 -14.65
C GLU B 195 -17.56 12.01 -14.88
N SER B 196 -16.75 13.00 -14.51
CA SER B 196 -17.13 14.40 -14.63
C SER B 196 -16.81 14.98 -16.01
N ASP B 197 -16.06 14.25 -16.83
CA ASP B 197 -15.64 14.71 -18.14
C ASP B 197 -14.75 13.63 -18.73
N MET B 198 -14.50 13.69 -20.03
CA MET B 198 -13.82 12.58 -20.65
C MET B 198 -12.32 12.83 -20.71
N PHE B 199 -11.81 13.93 -20.13
CA PHE B 199 -10.37 14.14 -20.23
C PHE B 199 -9.65 14.06 -18.89
N SER B 200 -10.28 14.49 -17.80
CA SER B 200 -9.60 14.45 -16.51
C SER B 200 -9.23 13.03 -16.11
N PRO B 201 -10.11 12.00 -16.22
CA PRO B 201 -9.75 10.65 -15.80
C PRO B 201 -8.53 10.11 -16.54
N ILE B 202 -8.39 10.46 -17.82
CA ILE B 202 -7.23 10.02 -18.58
C ILE B 202 -5.98 10.74 -18.09
N LEU B 203 -6.07 12.04 -17.86
CA LEU B 203 -4.95 12.77 -17.30
C LEU B 203 -4.62 12.23 -15.90
N ASP B 204 -5.66 11.92 -15.11
CA ASP B 204 -5.46 11.54 -13.72
C ASP B 204 -4.73 10.20 -13.62
N THR B 205 -5.10 9.22 -14.48
CA THR B 205 -4.59 7.86 -14.43
C THR B 205 -3.40 7.65 -15.38
N ALA B 206 -2.92 8.73 -15.98
CA ALA B 206 -1.95 8.71 -17.08
C ALA B 206 -1.06 7.47 -17.07
N GLU B 207 -0.16 7.36 -16.08
CA GLU B 207 0.80 6.27 -16.04
C GLU B 207 0.12 4.91 -15.87
N ALA B 208 -0.99 4.88 -15.14
CA ALA B 208 -1.67 3.64 -14.80
C ALA B 208 -2.59 3.13 -15.91
N LEU B 209 -2.84 3.91 -16.96
CA LEU B 209 -3.82 3.47 -17.96
C LEU B 209 -3.16 2.47 -18.91
N ARG B 210 -3.68 1.24 -18.96
CA ARG B 210 -3.05 0.18 -19.76
C ARG B 210 -4.02 -0.52 -20.73
N TYR B 211 -5.31 -0.22 -20.68
CA TYR B 211 -6.28 -0.83 -21.57
C TYR B 211 -7.48 0.11 -21.72
N VAL B 212 -8.01 0.21 -22.95
CA VAL B 212 -9.08 1.14 -23.28
C VAL B 212 -10.18 0.42 -24.05
N HIS B 213 -11.44 0.68 -23.69
CA HIS B 213 -12.61 0.19 -24.41
C HIS B 213 -13.32 1.34 -25.10
N ILE B 214 -13.64 1.15 -26.40
CA ILE B 214 -14.37 2.16 -27.15
C ILE B 214 -15.81 1.69 -27.31
N GLY B 215 -16.73 2.41 -26.67
CA GLY B 215 -18.12 2.00 -26.65
C GLY B 215 -19.06 3.21 -26.69
N GLU B 216 -20.09 3.11 -27.53
CA GLU B 216 -21.05 4.21 -27.64
C GLU B 216 -21.94 4.18 -26.40
N SER B 217 -22.64 5.30 -26.16
CA SER B 217 -23.41 5.45 -24.93
C SER B 217 -24.46 4.36 -24.81
N HIS B 218 -25.01 3.89 -25.94
CA HIS B 218 -25.96 2.80 -25.90
C HIS B 218 -25.31 1.47 -26.30
N ARG B 219 -24.01 1.52 -26.63
CA ARG B 219 -23.17 0.36 -26.93
C ARG B 219 -23.34 -0.14 -28.38
N GLY B 220 -23.92 0.69 -29.26
CA GLY B 220 -24.13 0.34 -30.67
C GLY B 220 -23.06 0.96 -31.58
N TYR B 221 -23.50 1.46 -32.74
CA TYR B 221 -22.58 2.04 -33.70
C TYR B 221 -21.82 3.19 -33.06
N LEU B 222 -20.54 3.33 -33.43
CA LEU B 222 -19.77 4.41 -32.89
C LEU B 222 -20.22 5.73 -33.49
N GLY B 223 -20.36 6.75 -32.63
CA GLY B 223 -20.79 8.07 -33.08
C GLY B 223 -22.27 8.13 -33.47
N THR B 224 -23.12 7.34 -32.79
CA THR B 224 -24.55 7.43 -32.96
C THR B 224 -25.22 7.60 -31.61
N GLY B 225 -24.50 8.19 -30.67
CA GLY B 225 -25.01 8.33 -29.32
C GLY B 225 -24.38 9.53 -28.65
N SER B 226 -24.27 9.46 -27.31
CA SER B 226 -23.96 10.61 -26.47
C SER B 226 -22.51 10.64 -25.98
N VAL B 227 -21.60 9.83 -26.51
CA VAL B 227 -20.26 9.74 -25.95
C VAL B 227 -19.32 10.72 -26.63
N ASP B 228 -18.57 11.48 -25.83
CA ASP B 228 -17.64 12.48 -26.33
C ASP B 228 -16.32 11.78 -26.66
N PHE B 229 -16.23 11.25 -27.87
CA PHE B 229 -15.02 10.57 -28.32
C PHE B 229 -13.91 11.58 -28.65
N ASP B 230 -14.25 12.78 -29.09
CA ASP B 230 -13.24 13.75 -29.48
C ASP B 230 -12.37 14.10 -28.27
N THR B 231 -13.02 14.53 -27.18
CA THR B 231 -12.30 14.87 -25.96
C THR B 231 -11.47 13.67 -25.48
N PHE B 232 -12.07 12.48 -25.53
CA PHE B 232 -11.40 11.28 -25.07
C PHE B 232 -10.11 11.05 -25.83
N PHE B 233 -10.19 10.98 -27.17
CA PHE B 233 -9.03 10.65 -27.99
C PHE B 233 -7.97 11.75 -27.92
N LYS B 234 -8.36 13.00 -27.76
CA LYS B 234 -7.37 14.07 -27.59
C LYS B 234 -6.62 13.90 -26.26
N ALA B 235 -7.34 13.59 -25.18
CA ALA B 235 -6.68 13.29 -23.90
C ALA B 235 -5.70 12.13 -24.05
N LEU B 236 -6.17 11.01 -24.65
CA LEU B 236 -5.33 9.82 -24.85
C LEU B 236 -4.04 10.22 -25.57
N GLY B 237 -4.17 11.10 -26.57
CA GLY B 237 -3.01 11.58 -27.31
C GLY B 237 -2.06 12.40 -26.44
N ARG B 238 -2.62 13.11 -25.45
CA ARG B 238 -1.82 14.06 -24.69
C ARG B 238 -0.89 13.33 -23.71
N ILE B 239 -1.38 12.24 -23.10
CA ILE B 239 -0.55 11.41 -22.22
C ILE B 239 0.26 10.36 -22.99
N GLY B 240 0.21 10.35 -24.32
CA GLY B 240 1.00 9.42 -25.12
C GLY B 240 0.64 7.96 -24.94
N TYR B 241 -0.66 7.68 -24.80
CA TYR B 241 -1.10 6.32 -24.54
C TYR B 241 -0.80 5.43 -25.74
N ASP B 242 -0.25 4.23 -25.45
CA ASP B 242 0.16 3.29 -26.47
C ASP B 242 -0.25 1.86 -26.08
N GLY B 243 -1.35 1.73 -25.34
CA GLY B 243 -1.91 0.42 -25.06
C GLY B 243 -2.95 0.02 -26.08
N PRO B 244 -3.61 -1.13 -25.86
CA PRO B 244 -4.75 -1.53 -26.69
C PRO B 244 -5.93 -0.57 -26.70
N VAL B 245 -6.62 -0.53 -27.84
CA VAL B 245 -7.85 0.21 -28.02
C VAL B 245 -8.84 -0.71 -28.71
N VAL B 246 -9.91 -1.06 -28.00
CA VAL B 246 -10.69 -2.24 -28.35
C VAL B 246 -12.15 -1.86 -28.46
N PHE B 247 -12.71 -2.12 -29.63
CA PHE B 247 -14.11 -1.81 -29.87
C PHE B 247 -14.98 -2.77 -29.07
N GLU B 248 -16.14 -2.29 -28.63
CA GLU B 248 -17.05 -3.13 -27.86
C GLU B 248 -18.49 -2.72 -28.15
N SER B 249 -19.35 -3.72 -28.38
CA SER B 249 -20.72 -3.44 -28.77
C SER B 249 -21.61 -4.66 -28.57
N PHE B 250 -22.87 -4.43 -28.22
CA PHE B 250 -23.78 -5.51 -27.87
C PHE B 250 -25.15 -5.26 -28.50
N SER B 251 -25.73 -6.32 -29.07
CA SER B 251 -27.02 -6.22 -29.71
C SER B 251 -27.80 -7.52 -29.50
N SER B 252 -29.13 -7.38 -29.53
CA SER B 252 -30.05 -8.51 -29.50
C SER B 252 -29.67 -9.59 -30.50
N SER B 253 -28.93 -9.22 -31.56
CA SER B 253 -28.70 -10.11 -32.68
C SER B 253 -27.58 -11.10 -32.42
N VAL B 254 -26.71 -10.83 -31.43
CA VAL B 254 -25.65 -11.75 -31.07
C VAL B 254 -25.67 -11.90 -29.55
N VAL B 255 -26.18 -13.04 -29.07
CA VAL B 255 -26.49 -13.27 -27.67
C VAL B 255 -25.48 -14.22 -27.07
N ALA B 256 -25.05 -13.94 -25.83
CA ALA B 256 -24.33 -14.90 -25.00
C ALA B 256 -25.23 -15.35 -23.85
N PRO B 257 -25.16 -16.63 -23.43
CA PRO B 257 -26.03 -17.13 -22.36
C PRO B 257 -25.82 -16.44 -21.02
N ASP B 258 -24.58 -16.08 -20.72
CA ASP B 258 -24.24 -15.39 -19.49
C ASP B 258 -24.24 -13.87 -19.72
N LEU B 259 -23.29 -13.41 -20.54
CA LEU B 259 -22.94 -12.01 -20.59
C LEU B 259 -24.14 -11.16 -21.04
N SER B 260 -24.92 -11.62 -22.01
CA SER B 260 -25.99 -10.80 -22.56
C SER B 260 -27.07 -10.45 -21.52
N ARG B 261 -27.26 -11.30 -20.52
CA ARG B 261 -28.24 -11.01 -19.49
C ARG B 261 -27.64 -10.15 -18.38
N MET B 262 -26.34 -10.33 -18.10
CA MET B 262 -25.63 -9.53 -17.11
C MET B 262 -25.48 -8.07 -17.53
N LEU B 263 -25.38 -7.79 -18.85
CA LEU B 263 -25.17 -6.44 -19.33
C LEU B 263 -26.48 -5.76 -19.73
N GLY B 264 -27.61 -6.47 -19.60
CA GLY B 264 -28.93 -5.87 -19.78
C GLY B 264 -29.23 -5.50 -21.24
N ILE B 265 -28.79 -6.36 -22.18
CA ILE B 265 -28.97 -6.10 -23.61
C ILE B 265 -30.37 -6.50 -24.05
N TRP B 266 -31.32 -5.57 -23.94
CA TRP B 266 -32.70 -5.86 -24.29
C TRP B 266 -33.07 -5.45 -25.71
N ARG B 267 -32.14 -4.80 -26.44
CA ARG B 267 -32.50 -4.06 -27.65
C ARG B 267 -31.60 -4.44 -28.81
N ASN B 268 -32.19 -4.45 -30.00
CA ASN B 268 -31.45 -4.62 -31.23
C ASN B 268 -30.85 -3.26 -31.60
N LEU B 269 -29.51 -3.18 -31.59
CA LEU B 269 -28.83 -1.96 -32.02
C LEU B 269 -28.04 -2.15 -33.32
N TRP B 270 -28.02 -3.39 -33.85
CA TRP B 270 -27.51 -3.69 -35.17
C TRP B 270 -27.90 -5.12 -35.55
N ALA B 271 -27.93 -5.39 -36.86
CA ALA B 271 -28.15 -6.73 -37.39
C ALA B 271 -26.92 -7.19 -38.19
N ASP B 272 -26.32 -6.31 -39.00
CA ASP B 272 -25.18 -6.65 -39.82
C ASP B 272 -23.90 -6.34 -39.05
N ASN B 273 -23.31 -7.37 -38.46
CA ASN B 273 -22.14 -7.15 -37.63
C ASN B 273 -20.89 -6.92 -38.48
N GLU B 274 -20.81 -7.50 -39.68
CA GLU B 274 -19.65 -7.24 -40.54
C GLU B 274 -19.54 -5.76 -40.92
N GLU B 275 -20.68 -5.07 -41.11
CA GLU B 275 -20.68 -3.62 -41.33
C GLU B 275 -20.32 -2.89 -40.04
N LEU B 276 -20.91 -3.31 -38.91
CA LEU B 276 -20.62 -2.67 -37.63
C LEU B 276 -19.13 -2.70 -37.33
N GLY B 277 -18.49 -3.85 -37.53
CA GLY B 277 -17.08 -4.00 -37.20
C GLY B 277 -16.15 -3.24 -38.13
N ALA B 278 -16.44 -3.27 -39.44
CA ALA B 278 -15.60 -2.53 -40.40
C ALA B 278 -15.68 -1.03 -40.11
N HIS B 279 -16.92 -0.54 -39.89
CA HIS B 279 -17.14 0.86 -39.54
C HIS B 279 -16.38 1.24 -38.27
N ALA B 280 -16.48 0.43 -37.21
CA ALA B 280 -15.84 0.71 -35.94
C ALA B 280 -14.32 0.73 -36.06
N ASN B 281 -13.77 -0.29 -36.73
CA ASN B 281 -12.33 -0.29 -37.00
C ASN B 281 -11.90 1.00 -37.70
N ALA B 282 -12.70 1.45 -38.67
CA ALA B 282 -12.41 2.70 -39.35
C ALA B 282 -12.53 3.87 -38.36
N PHE B 283 -13.59 3.85 -37.53
CA PHE B 283 -13.84 4.95 -36.62
C PHE B 283 -12.64 5.17 -35.68
N ILE B 284 -12.18 4.09 -35.03
CA ILE B 284 -11.07 4.19 -34.09
C ILE B 284 -9.78 4.60 -34.79
N ARG B 285 -9.45 3.94 -35.91
CA ARG B 285 -8.18 4.20 -36.59
C ARG B 285 -8.11 5.66 -37.04
N ASP B 286 -9.21 6.21 -37.52
CA ASP B 286 -9.18 7.55 -38.07
C ASP B 286 -9.24 8.57 -36.94
N LYS B 287 -9.82 8.19 -35.81
CA LYS B 287 -9.66 9.00 -34.61
C LYS B 287 -8.18 9.11 -34.23
N LEU B 288 -7.44 7.99 -34.25
CA LEU B 288 -6.04 8.05 -33.85
C LEU B 288 -5.21 8.86 -34.84
N THR B 289 -5.48 8.72 -36.13
CA THR B 289 -4.76 9.43 -37.18
C THR B 289 -4.94 10.95 -37.04
N ALA B 290 -6.17 11.40 -36.81
CA ALA B 290 -6.43 12.82 -36.67
C ALA B 290 -5.70 13.41 -35.45
N ILE B 291 -5.63 12.63 -34.37
CA ILE B 291 -5.07 13.15 -33.13
C ILE B 291 -3.55 13.26 -33.23
N LYS B 292 -2.92 12.34 -33.96
CA LYS B 292 -1.49 12.44 -34.20
C LYS B 292 -1.13 13.80 -34.81
N THR B 293 -2.05 14.41 -35.57
CA THR B 293 -1.73 15.64 -36.28
C THR B 293 -1.82 16.86 -35.37
N ILE B 294 -2.48 16.76 -34.21
CA ILE B 294 -2.38 17.81 -33.21
C ILE B 294 -1.00 17.72 -32.54
N GLU B 295 -0.58 16.48 -32.23
CA GLU B 295 0.70 16.17 -31.60
C GLU B 295 1.85 16.95 -32.28
N LEU B 296 2.02 16.71 -33.60
CA LEU B 296 3.12 17.27 -34.37
C LEU B 296 2.67 18.56 -35.06
N HIS B 297 3.50 19.60 -34.97
CA HIS B 297 3.18 20.93 -35.49
C HIS B 297 1.77 21.38 -35.09
N GLU C 2 -41.44 -32.98 9.55
CA GLU C 2 -42.28 -34.15 9.92
C GLU C 2 -43.20 -33.80 11.09
N VAL C 3 -42.97 -34.42 12.27
CA VAL C 3 -43.97 -34.43 13.34
C VAL C 3 -43.77 -33.23 14.27
N LEU C 4 -44.87 -32.54 14.58
CA LEU C 4 -44.88 -31.42 15.52
C LEU C 4 -44.49 -31.91 16.91
N PHE C 5 -43.52 -31.21 17.52
CA PHE C 5 -43.25 -31.38 18.94
C PHE C 5 -44.37 -30.73 19.74
N GLN C 6 -44.86 -31.43 20.76
CA GLN C 6 -46.13 -31.09 21.35
C GLN C 6 -45.98 -30.53 22.77
N GLY C 7 -44.85 -30.85 23.44
CA GLY C 7 -44.59 -30.38 24.79
C GLY C 7 -44.32 -28.86 24.86
N PRO C 8 -44.27 -28.30 26.08
CA PRO C 8 -44.17 -26.85 26.23
C PRO C 8 -42.76 -26.25 26.14
N MET C 9 -41.72 -27.00 26.52
CA MET C 9 -40.36 -26.49 26.46
C MET C 9 -39.82 -26.66 25.05
N LYS C 10 -40.16 -25.72 24.18
CA LYS C 10 -39.73 -25.79 22.80
C LYS C 10 -38.38 -25.12 22.63
N ILE C 11 -37.50 -25.78 21.88
CA ILE C 11 -36.23 -25.18 21.52
C ILE C 11 -36.41 -24.51 20.17
N GLY C 12 -36.27 -23.18 20.16
CA GLY C 12 -36.64 -22.39 19.00
C GLY C 12 -35.45 -21.66 18.38
N CYS C 13 -35.73 -20.99 17.27
CA CYS C 13 -34.73 -20.18 16.58
C CYS C 13 -35.39 -18.89 16.16
N HIS C 14 -34.64 -17.79 16.28
CA HIS C 14 -35.07 -16.49 15.77
C HIS C 14 -34.89 -16.46 14.26
N GLY C 15 -35.88 -15.90 13.56
CA GLY C 15 -35.92 -15.95 12.11
C GLY C 15 -34.73 -15.27 11.43
N LEU C 16 -34.03 -14.36 12.12
CA LEU C 16 -32.92 -13.62 11.52
C LEU C 16 -31.63 -14.40 11.45
N VAL C 17 -31.66 -15.68 11.81
CA VAL C 17 -30.54 -16.54 11.49
C VAL C 17 -30.60 -16.86 10.00
N TRP C 18 -31.82 -16.93 9.48
CA TRP C 18 -32.08 -17.41 8.13
C TRP C 18 -32.25 -16.27 7.12
N THR C 19 -33.04 -15.27 7.46
CA THR C 19 -33.33 -14.19 6.52
C THR C 19 -33.82 -12.95 7.27
N GLY C 20 -33.81 -11.84 6.53
CA GLY C 20 -34.29 -10.56 7.01
C GLY C 20 -35.52 -10.06 6.27
N HIS C 21 -36.03 -10.84 5.31
CA HIS C 21 -37.27 -10.49 4.62
C HIS C 21 -38.28 -11.61 4.83
N PHE C 22 -39.46 -11.25 5.36
CA PHE C 22 -40.49 -12.22 5.67
C PHE C 22 -41.71 -12.07 4.77
N ASP C 23 -41.42 -11.89 3.48
CA ASP C 23 -42.35 -12.20 2.39
C ASP C 23 -42.56 -13.71 2.33
N ALA C 24 -43.19 -14.19 1.25
CA ALA C 24 -43.64 -15.58 1.19
C ALA C 24 -42.47 -16.54 1.06
N GLU C 25 -41.43 -16.18 0.32
CA GLU C 25 -40.26 -17.03 0.21
C GLU C 25 -39.50 -17.03 1.54
N GLY C 26 -39.42 -15.87 2.20
CA GLY C 26 -38.65 -15.77 3.43
C GLY C 26 -39.26 -16.60 4.55
N ILE C 27 -40.57 -16.48 4.73
CA ILE C 27 -41.29 -17.31 5.68
C ILE C 27 -40.98 -18.78 5.40
N ARG C 28 -41.11 -19.19 4.14
CA ARG C 28 -40.88 -20.58 3.80
C ARG C 28 -39.45 -20.99 4.11
N TYR C 29 -38.48 -20.21 3.65
CA TYR C 29 -37.07 -20.53 3.84
C TYR C 29 -36.75 -20.68 5.33
N SER C 30 -37.23 -19.75 6.16
CA SER C 30 -36.88 -19.75 7.57
C SER C 30 -37.53 -20.95 8.30
N VAL C 31 -38.79 -21.27 7.95
CA VAL C 31 -39.46 -22.41 8.58
C VAL C 31 -38.68 -23.68 8.28
N GLN C 32 -38.36 -23.90 7.00
CA GLN C 32 -37.66 -25.11 6.59
C GLN C 32 -36.29 -25.23 7.27
N LYS C 33 -35.44 -24.21 7.13
CA LYS C 33 -34.11 -24.23 7.74
C LYS C 33 -34.20 -24.46 9.25
N THR C 34 -35.18 -23.85 9.89
CA THR C 34 -35.32 -24.03 11.33
C THR C 34 -35.57 -25.50 11.64
N ARG C 35 -36.44 -26.15 10.86
CA ARG C 35 -36.75 -27.56 11.09
C ARG C 35 -35.52 -28.39 10.78
N GLU C 36 -34.78 -27.99 9.74
CA GLU C 36 -33.61 -28.72 9.29
C GLU C 36 -32.50 -28.70 10.35
N ALA C 37 -32.38 -27.60 11.11
CA ALA C 37 -31.33 -27.52 12.12
C ALA C 37 -31.70 -28.33 13.36
N GLY C 38 -32.99 -28.60 13.58
CA GLY C 38 -33.40 -29.45 14.69
C GLY C 38 -34.25 -28.75 15.74
N PHE C 39 -34.62 -27.48 15.52
CA PHE C 39 -35.44 -26.73 16.46
C PHE C 39 -36.89 -27.20 16.42
N ASP C 40 -37.63 -26.94 17.51
CA ASP C 40 -39.05 -27.20 17.58
C ASP C 40 -39.89 -25.99 17.14
N LEU C 41 -39.31 -24.78 17.13
CA LEU C 41 -40.12 -23.57 16.97
C LEU C 41 -39.31 -22.53 16.20
N VAL C 42 -40.02 -21.71 15.42
CA VAL C 42 -39.44 -20.53 14.81
C VAL C 42 -40.13 -19.32 15.41
N GLU C 43 -39.36 -18.27 15.67
CA GLU C 43 -39.90 -17.02 16.15
C GLU C 43 -39.78 -16.02 15.02
N PHE C 44 -40.92 -15.41 14.63
CA PHE C 44 -40.93 -14.44 13.55
C PHE C 44 -40.73 -13.04 14.10
N PRO C 45 -39.90 -12.20 13.46
CA PRO C 45 -39.86 -10.78 13.78
C PRO C 45 -40.94 -10.00 13.05
N LEU C 46 -42.08 -9.79 13.74
CA LEU C 46 -43.23 -9.06 13.20
C LEU C 46 -43.01 -7.56 13.32
N MET C 47 -41.95 -7.06 12.69
CA MET C 47 -41.71 -5.64 12.76
C MET C 47 -42.84 -4.88 12.06
N ASP C 48 -43.46 -5.52 11.06
CA ASP C 48 -44.69 -5.03 10.45
C ASP C 48 -45.73 -6.15 10.46
N PRO C 49 -46.60 -6.21 11.47
CA PRO C 49 -47.64 -7.23 11.47
C PRO C 49 -48.74 -6.99 10.44
N PHE C 50 -48.87 -5.76 9.92
CA PHE C 50 -49.94 -5.48 8.98
C PHE C 50 -49.76 -6.26 7.67
N SER C 51 -48.51 -6.39 7.19
CA SER C 51 -48.26 -6.98 5.89
C SER C 51 -47.66 -8.38 5.99
N PHE C 52 -47.94 -9.13 7.07
CA PHE C 52 -47.35 -10.45 7.27
C PHE C 52 -48.23 -11.51 6.62
N ASP C 53 -47.63 -12.39 5.83
CA ASP C 53 -48.40 -13.35 5.06
C ASP C 53 -48.82 -14.53 5.95
N VAL C 54 -49.95 -14.38 6.62
CA VAL C 54 -50.41 -15.39 7.57
C VAL C 54 -50.62 -16.73 6.85
N GLN C 55 -51.15 -16.71 5.63
CA GLN C 55 -51.49 -17.95 4.95
C GLN C 55 -50.24 -18.75 4.62
N THR C 56 -49.22 -18.10 4.04
CA THR C 56 -47.96 -18.78 3.76
C THR C 56 -47.37 -19.36 5.03
N ALA C 57 -47.35 -18.55 6.10
CA ALA C 57 -46.84 -19.02 7.39
C ALA C 57 -47.56 -20.29 7.83
N LYS C 58 -48.90 -20.21 7.95
CA LYS C 58 -49.70 -21.36 8.33
C LYS C 58 -49.26 -22.60 7.56
N SER C 59 -49.14 -22.44 6.24
CA SER C 59 -48.86 -23.55 5.35
C SER C 59 -47.48 -24.15 5.61
N ALA C 60 -46.46 -23.29 5.74
CA ALA C 60 -45.11 -23.76 6.01
C ALA C 60 -45.05 -24.47 7.36
N LEU C 61 -45.68 -23.89 8.38
CA LEU C 61 -45.68 -24.50 9.70
C LEU C 61 -46.28 -25.91 9.65
N ALA C 62 -47.35 -26.10 8.88
CA ALA C 62 -47.97 -27.42 8.78
C ALA C 62 -47.03 -28.42 8.11
N GLU C 63 -46.44 -28.00 6.98
CA GLU C 63 -45.61 -28.87 6.16
C GLU C 63 -44.46 -29.45 6.97
N HIS C 64 -43.70 -28.57 7.65
CA HIS C 64 -42.51 -28.96 8.37
C HIS C 64 -42.78 -29.25 9.84
N GLY C 65 -44.05 -29.14 10.29
CA GLY C 65 -44.44 -29.59 11.61
C GLY C 65 -43.75 -28.80 12.71
N LEU C 66 -43.98 -27.49 12.70
CA LEU C 66 -43.22 -26.57 13.54
C LEU C 66 -44.17 -25.61 14.23
N ALA C 67 -43.84 -25.25 15.47
CA ALA C 67 -44.59 -24.24 16.19
C ALA C 67 -44.00 -22.86 15.89
N ALA C 68 -44.71 -21.82 16.33
CA ALA C 68 -44.33 -20.46 16.05
C ALA C 68 -44.62 -19.57 17.25
N SER C 69 -43.79 -18.54 17.37
CA SER C 69 -44.04 -17.41 18.24
C SER C 69 -43.65 -16.19 17.43
N ALA C 70 -43.86 -15.00 17.99
CA ALA C 70 -43.47 -13.77 17.34
C ALA C 70 -42.93 -12.77 18.37
N SER C 71 -41.94 -11.99 17.94
CA SER C 71 -41.43 -10.88 18.71
C SER C 71 -41.42 -9.64 17.84
N LEU C 72 -40.99 -8.54 18.45
CA LEU C 72 -41.25 -7.22 17.89
C LEU C 72 -40.56 -6.21 18.77
N GLY C 73 -40.20 -5.09 18.16
CA GLY C 73 -39.77 -3.90 18.88
C GLY C 73 -40.43 -2.68 18.28
N LEU C 74 -40.99 -1.81 19.13
CA LEU C 74 -41.64 -0.61 18.63
C LEU C 74 -40.59 0.38 18.16
N SER C 75 -41.08 1.49 17.62
CA SER C 75 -40.24 2.55 17.11
C SER C 75 -40.80 3.89 17.58
N ASP C 76 -40.24 4.97 17.03
CA ASP C 76 -40.62 6.34 17.41
C ASP C 76 -42.10 6.60 17.18
N ALA C 77 -42.60 6.21 16.01
CA ALA C 77 -44.00 6.43 15.67
C ALA C 77 -44.93 5.46 16.40
N THR C 78 -44.39 4.46 17.13
CA THR C 78 -45.21 3.48 17.83
C THR C 78 -44.84 3.36 19.31
N ASP C 79 -44.15 4.38 19.85
CA ASP C 79 -43.65 4.33 21.22
C ASP C 79 -44.83 4.48 22.19
N VAL C 80 -45.23 3.38 22.87
CA VAL C 80 -46.32 3.42 23.84
C VAL C 80 -45.86 4.01 25.17
N SER C 81 -44.57 4.36 25.29
CA SER C 81 -44.09 5.12 26.43
C SER C 81 -43.99 6.61 26.11
N SER C 82 -44.33 7.01 24.88
CA SER C 82 -44.45 8.42 24.53
C SER C 82 -45.53 9.09 25.37
N GLU C 83 -45.43 10.42 25.49
CA GLU C 83 -46.45 11.19 26.18
C GLU C 83 -47.56 11.65 25.22
N ASP C 84 -47.26 11.62 23.91
CA ASP C 84 -48.18 11.99 22.84
C ASP C 84 -49.22 10.87 22.70
N PRO C 85 -50.50 11.10 23.07
CA PRO C 85 -51.46 10.00 23.05
C PRO C 85 -51.66 9.39 21.67
N ALA C 86 -51.43 10.17 20.60
CA ALA C 86 -51.60 9.64 19.25
C ALA C 86 -50.48 8.68 18.89
N VAL C 87 -49.26 8.93 19.40
CA VAL C 87 -48.16 8.00 19.18
C VAL C 87 -48.40 6.71 19.96
N VAL C 88 -48.82 6.83 21.22
CA VAL C 88 -49.19 5.66 22.01
C VAL C 88 -50.20 4.81 21.25
N LYS C 89 -51.27 5.44 20.78
CA LYS C 89 -52.38 4.72 20.18
C LYS C 89 -51.96 4.06 18.87
N ALA C 90 -50.88 4.55 18.24
CA ALA C 90 -50.35 3.91 17.04
C ALA C 90 -49.54 2.66 17.39
N GLY C 91 -48.84 2.69 18.52
CA GLY C 91 -48.18 1.49 19.02
C GLY C 91 -49.19 0.44 19.47
N GLU C 92 -50.22 0.86 20.22
CA GLU C 92 -51.23 -0.08 20.71
C GLU C 92 -51.91 -0.80 19.54
N GLU C 93 -52.22 -0.06 18.48
CA GLU C 93 -52.83 -0.69 17.32
C GLU C 93 -51.85 -1.64 16.62
N LEU C 94 -50.55 -1.32 16.64
CA LEU C 94 -49.50 -2.21 16.11
C LEU C 94 -49.43 -3.50 16.93
N LEU C 95 -49.43 -3.39 18.27
CA LEU C 95 -49.36 -4.56 19.13
C LEU C 95 -50.60 -5.44 18.94
N ASN C 96 -51.77 -4.82 18.89
CA ASN C 96 -53.03 -5.54 18.75
C ASN C 96 -53.05 -6.41 17.49
N ARG C 97 -52.51 -5.90 16.38
CA ARG C 97 -52.47 -6.65 15.14
C ARG C 97 -51.48 -7.82 15.26
N ALA C 98 -50.35 -7.60 15.94
CA ALA C 98 -49.40 -8.69 16.14
C ALA C 98 -50.07 -9.85 16.90
N VAL C 99 -50.85 -9.50 17.93
CA VAL C 99 -51.57 -10.49 18.71
C VAL C 99 -52.53 -11.26 17.81
N ASP C 100 -53.21 -10.55 16.91
CA ASP C 100 -54.18 -11.17 16.02
C ASP C 100 -53.52 -12.12 15.01
N VAL C 101 -52.36 -11.74 14.49
CA VAL C 101 -51.60 -12.60 13.60
C VAL C 101 -51.23 -13.88 14.33
N LEU C 102 -50.81 -13.76 15.58
CA LEU C 102 -50.44 -14.93 16.35
C LEU C 102 -51.66 -15.82 16.61
N ALA C 103 -52.81 -15.20 16.95
CA ALA C 103 -54.04 -15.97 17.12
C ALA C 103 -54.32 -16.79 15.85
N GLU C 104 -54.23 -16.14 14.68
CA GLU C 104 -54.44 -16.83 13.41
C GLU C 104 -53.45 -17.98 13.23
N LEU C 105 -52.21 -17.79 13.69
CA LEU C 105 -51.21 -18.84 13.56
C LEU C 105 -51.46 -20.00 14.53
N GLY C 106 -52.29 -19.82 15.56
CA GLY C 106 -52.41 -20.83 16.61
C GLY C 106 -51.24 -20.78 17.59
N ALA C 107 -50.50 -19.69 17.58
CA ALA C 107 -49.33 -19.50 18.42
C ALA C 107 -49.73 -19.10 19.84
N THR C 108 -48.82 -19.32 20.79
CA THR C 108 -49.08 -19.06 22.20
C THR C 108 -48.35 -17.82 22.71
N ASP C 109 -47.23 -17.43 22.07
CA ASP C 109 -46.30 -16.49 22.70
C ASP C 109 -46.05 -15.27 21.83
N PHE C 110 -46.29 -14.09 22.42
CA PHE C 110 -45.89 -12.80 21.90
C PHE C 110 -44.89 -12.19 22.87
N CYS C 111 -43.73 -11.71 22.37
CA CYS C 111 -42.73 -11.13 23.25
C CYS C 111 -41.97 -10.00 22.56
N GLY C 112 -41.18 -9.29 23.35
CA GLY C 112 -40.21 -8.34 22.84
C GLY C 112 -40.31 -6.98 23.52
N VAL C 113 -39.74 -5.98 22.85
CA VAL C 113 -39.72 -4.62 23.36
C VAL C 113 -41.02 -3.95 22.95
N ILE C 114 -42.08 -4.26 23.70
CA ILE C 114 -43.41 -3.77 23.35
C ILE C 114 -43.92 -2.75 24.38
N TYR C 115 -43.05 -2.32 25.30
CA TYR C 115 -43.48 -1.39 26.34
C TYR C 115 -42.88 0.00 26.07
N SER C 116 -42.10 0.12 24.99
CA SER C 116 -41.43 1.35 24.61
C SER C 116 -40.90 1.18 23.18
N ALA C 117 -40.29 2.23 22.64
CA ALA C 117 -39.52 2.04 21.42
C ALA C 117 -38.28 1.21 21.74
N MET C 118 -37.83 0.44 20.75
CA MET C 118 -36.56 -0.26 20.85
C MET C 118 -35.51 0.60 20.15
N LYS C 119 -34.91 1.52 20.91
CA LYS C 119 -33.97 2.50 20.38
C LYS C 119 -33.05 2.99 21.49
N LYS C 120 -32.03 3.78 21.14
CA LYS C 120 -31.22 4.47 22.13
C LYS C 120 -31.91 5.78 22.47
N TYR C 121 -32.64 5.82 23.61
CA TYR C 121 -33.24 7.05 24.11
C TYR C 121 -32.13 8.04 24.49
N MET C 122 -32.49 9.32 24.62
CA MET C 122 -31.56 10.36 25.06
C MET C 122 -31.97 10.95 26.40
N GLU C 123 -33.09 10.49 26.98
CA GLU C 123 -33.57 10.98 28.25
C GLU C 123 -34.13 9.82 29.05
N PRO C 124 -34.12 9.87 30.40
CA PRO C 124 -34.85 8.89 31.19
C PRO C 124 -36.33 8.84 30.85
N ALA C 125 -36.96 7.70 31.13
CA ALA C 125 -38.40 7.61 30.99
C ALA C 125 -39.08 8.65 31.86
N THR C 126 -40.32 8.99 31.51
CA THR C 126 -41.10 9.92 32.30
C THR C 126 -42.23 9.18 33.02
N ALA C 127 -42.63 9.72 34.16
CA ALA C 127 -43.72 9.14 34.93
C ALA C 127 -44.97 9.06 34.05
N ALA C 128 -45.26 10.13 33.31
CA ALA C 128 -46.46 10.17 32.47
C ALA C 128 -46.42 9.06 31.41
N GLY C 129 -45.29 8.96 30.71
CA GLY C 129 -45.15 7.99 29.63
C GLY C 129 -45.11 6.54 30.14
N LEU C 130 -44.37 6.29 31.23
CA LEU C 130 -44.44 5.00 31.89
C LEU C 130 -45.89 4.58 32.10
N ALA C 131 -46.73 5.51 32.56
CA ALA C 131 -48.14 5.24 32.82
C ALA C 131 -48.89 4.91 31.54
N ASN C 132 -48.62 5.65 30.44
CA ASN C 132 -49.16 5.28 29.13
C ASN C 132 -48.75 3.86 28.74
N SER C 133 -47.52 3.48 29.11
CA SER C 133 -46.97 2.19 28.73
C SER C 133 -47.74 1.07 29.43
N LYS C 134 -47.82 1.15 30.76
CA LYS C 134 -48.50 0.12 31.53
C LYS C 134 -49.95 -0.01 31.08
N ALA C 135 -50.64 1.11 30.88
CA ALA C 135 -52.05 1.09 30.50
C ALA C 135 -52.23 0.39 29.15
N ALA C 136 -51.46 0.82 28.13
CA ALA C 136 -51.51 0.21 26.80
C ALA C 136 -51.21 -1.28 26.88
N VAL C 137 -50.11 -1.63 27.53
CA VAL C 137 -49.71 -3.02 27.61
C VAL C 137 -50.79 -3.83 28.33
N GLY C 138 -51.38 -3.25 29.38
CA GLY C 138 -52.48 -3.88 30.09
C GLY C 138 -53.65 -4.22 29.17
N ARG C 139 -53.98 -3.28 28.26
CA ARG C 139 -55.08 -3.52 27.33
C ARG C 139 -54.73 -4.64 26.34
N VAL C 140 -53.53 -4.60 25.78
CA VAL C 140 -53.12 -5.62 24.82
C VAL C 140 -53.09 -7.00 25.49
N ALA C 141 -52.63 -7.06 26.74
CA ALA C 141 -52.57 -8.33 27.45
C ALA C 141 -53.98 -8.89 27.65
N ASP C 142 -54.94 -7.99 27.89
CA ASP C 142 -56.34 -8.37 28.03
C ASP C 142 -56.87 -8.95 26.72
N ARG C 143 -56.67 -8.22 25.62
CA ARG C 143 -57.13 -8.65 24.31
C ARG C 143 -56.51 -10.01 23.94
N ALA C 144 -55.26 -10.24 24.36
CA ALA C 144 -54.56 -11.48 24.04
C ALA C 144 -55.04 -12.63 24.92
N SER C 145 -55.52 -12.35 26.14
CA SER C 145 -55.91 -13.43 27.04
C SER C 145 -57.13 -14.19 26.50
N ASP C 146 -58.06 -13.46 25.87
CA ASP C 146 -59.24 -14.06 25.28
C ASP C 146 -58.86 -15.05 24.18
N LEU C 147 -57.74 -14.76 23.49
CA LEU C 147 -57.28 -15.57 22.37
C LEU C 147 -56.25 -16.61 22.79
N GLY C 148 -55.99 -16.75 24.10
CA GLY C 148 -55.09 -17.79 24.58
C GLY C 148 -53.60 -17.48 24.42
N ILE C 149 -53.27 -16.19 24.26
CA ILE C 149 -51.91 -15.76 23.99
C ILE C 149 -51.30 -15.19 25.27
N ASN C 150 -50.05 -15.58 25.52
CA ASN C 150 -49.25 -14.97 26.58
C ASN C 150 -48.39 -13.86 26.01
N VAL C 151 -48.22 -12.81 26.81
CA VAL C 151 -47.38 -11.68 26.44
C VAL C 151 -46.22 -11.60 27.43
N SER C 152 -44.99 -11.58 26.90
CA SER C 152 -43.80 -11.51 27.73
C SER C 152 -43.02 -10.26 27.37
N LEU C 153 -42.78 -9.40 28.35
CA LEU C 153 -42.00 -8.19 28.14
C LEU C 153 -40.51 -8.53 28.21
N GLU C 154 -39.78 -8.25 27.13
CA GLU C 154 -38.36 -8.56 27.12
C GLU C 154 -37.58 -7.45 27.80
N VAL C 155 -36.87 -7.82 28.87
CA VAL C 155 -35.83 -6.98 29.45
C VAL C 155 -34.66 -6.88 28.48
N VAL C 156 -34.32 -5.65 28.07
CA VAL C 156 -33.19 -5.40 27.19
C VAL C 156 -32.33 -4.29 27.80
N ASN C 157 -31.18 -4.04 27.18
CA ASN C 157 -30.15 -3.22 27.81
C ASN C 157 -30.44 -1.73 27.62
N ARG C 158 -29.65 -0.92 28.33
CA ARG C 158 -29.82 0.53 28.41
C ARG C 158 -29.83 1.21 27.05
N TYR C 159 -29.28 0.56 26.00
CA TYR C 159 -29.19 1.23 24.72
C TYR C 159 -30.38 0.90 23.83
N GLU C 160 -31.25 -0.02 24.29
CA GLU C 160 -32.41 -0.41 23.50
C GLU C 160 -33.71 -0.02 24.17
N THR C 161 -33.69 0.29 25.47
CA THR C 161 -34.83 0.92 26.14
C THR C 161 -34.33 1.68 27.35
N ASN C 162 -35.15 2.64 27.83
CA ASN C 162 -34.93 3.32 29.09
C ASN C 162 -35.97 2.92 30.13
N VAL C 163 -36.77 1.87 29.85
CA VAL C 163 -37.87 1.45 30.72
C VAL C 163 -37.50 0.22 31.54
N LEU C 164 -37.34 -0.94 30.89
CA LEU C 164 -37.11 -2.21 31.60
C LEU C 164 -35.70 -2.73 31.28
N ASN C 165 -34.73 -2.42 32.13
CA ASN C 165 -33.37 -2.86 31.89
C ASN C 165 -32.97 -4.05 32.76
N THR C 166 -33.76 -4.39 33.78
CA THR C 166 -33.46 -5.53 34.64
C THR C 166 -34.74 -6.30 34.96
N GLY C 167 -34.56 -7.57 35.30
CA GLY C 167 -35.69 -8.41 35.69
C GLY C 167 -36.46 -7.83 36.89
N ARG C 168 -35.75 -7.17 37.80
CA ARG C 168 -36.39 -6.55 38.95
C ARG C 168 -37.33 -5.43 38.48
N GLN C 169 -36.89 -4.63 37.50
CA GLN C 169 -37.78 -3.60 36.98
C GLN C 169 -39.03 -4.25 36.37
N ALA C 170 -38.84 -5.35 35.64
CA ALA C 170 -39.95 -5.99 34.96
C ALA C 170 -40.95 -6.56 35.98
N LEU C 171 -40.44 -7.15 37.06
CA LEU C 171 -41.31 -7.65 38.11
C LEU C 171 -42.23 -6.57 38.64
N ALA C 172 -41.68 -5.38 38.88
CA ALA C 172 -42.45 -4.28 39.45
C ALA C 172 -43.47 -3.77 38.44
N TYR C 173 -43.12 -3.77 37.16
CA TYR C 173 -44.03 -3.34 36.10
C TYR C 173 -45.21 -4.32 36.00
N LEU C 174 -44.93 -5.62 36.11
CA LEU C 174 -46.00 -6.61 36.09
C LEU C 174 -46.89 -6.50 37.34
N GLU C 175 -46.28 -6.30 38.51
CA GLU C 175 -47.05 -6.30 39.75
C GLU C 175 -48.17 -5.26 39.67
N GLU C 176 -47.90 -4.12 39.03
CA GLU C 176 -48.90 -3.07 38.88
C GLU C 176 -50.05 -3.55 37.98
N LEU C 177 -49.73 -4.13 36.82
CA LEU C 177 -50.77 -4.55 35.88
C LEU C 177 -51.51 -5.80 36.34
N ASN C 178 -50.87 -6.63 37.18
CA ASN C 178 -51.44 -7.85 37.73
C ASN C 178 -52.31 -8.62 36.73
N ARG C 179 -51.80 -8.87 35.52
CA ARG C 179 -52.54 -9.65 34.53
C ARG C 179 -52.00 -11.08 34.49
N PRO C 180 -52.86 -12.10 34.32
CA PRO C 180 -52.44 -13.48 34.53
C PRO C 180 -51.65 -14.06 33.36
N ASN C 181 -51.64 -13.38 32.21
CA ASN C 181 -50.91 -13.85 31.05
C ASN C 181 -49.77 -12.89 30.69
N LEU C 182 -49.47 -11.93 31.57
CA LEU C 182 -48.32 -11.07 31.36
C LEU C 182 -47.12 -11.69 32.03
N GLY C 183 -46.04 -11.85 31.26
CA GLY C 183 -44.85 -12.53 31.76
C GLY C 183 -43.58 -11.77 31.42
N ILE C 184 -42.47 -12.33 31.87
CA ILE C 184 -41.15 -11.75 31.68
C ILE C 184 -40.34 -12.63 30.75
N HIS C 185 -39.60 -11.95 29.87
CA HIS C 185 -38.75 -12.55 28.86
C HIS C 185 -37.32 -12.05 29.10
N LEU C 186 -36.41 -12.97 29.41
CA LEU C 186 -34.99 -12.62 29.61
C LEU C 186 -34.15 -13.07 28.42
N ASP C 187 -33.09 -12.29 28.16
CA ASP C 187 -32.13 -12.55 27.10
C ASP C 187 -30.74 -12.59 27.73
N THR C 188 -30.01 -13.68 27.51
CA THR C 188 -28.67 -13.82 28.08
C THR C 188 -27.75 -12.71 27.57
N TYR C 189 -27.99 -12.28 26.33
CA TYR C 189 -27.21 -11.18 25.77
C TYR C 189 -27.42 -9.92 26.61
N HIS C 190 -28.66 -9.62 26.98
CA HIS C 190 -28.95 -8.41 27.73
C HIS C 190 -28.61 -8.58 29.21
N MET C 191 -28.73 -9.79 29.73
CA MET C 191 -28.48 -9.98 31.15
C MET C 191 -27.00 -9.75 31.42
N ASN C 192 -26.15 -10.16 30.48
CA ASN C 192 -24.69 -10.10 30.61
C ASN C 192 -24.18 -8.66 30.71
N ILE C 193 -25.00 -7.67 30.33
CA ILE C 193 -24.70 -6.26 30.55
C ILE C 193 -25.30 -5.77 31.86
N GLU C 194 -26.62 -5.90 32.02
CA GLU C 194 -27.33 -5.13 33.04
C GLU C 194 -27.43 -5.80 34.41
N GLU C 195 -27.37 -7.13 34.48
CA GLU C 195 -27.70 -7.84 35.72
C GLU C 195 -26.48 -8.02 36.60
N SER C 196 -26.71 -8.40 37.87
CA SER C 196 -25.64 -8.61 38.83
C SER C 196 -24.96 -9.98 38.65
N ASP C 197 -25.67 -10.94 38.02
CA ASP C 197 -25.19 -12.30 37.83
C ASP C 197 -26.26 -13.05 37.05
N MET C 198 -25.93 -14.26 36.60
CA MET C 198 -26.84 -14.96 35.73
C MET C 198 -27.83 -15.86 36.48
N PHE C 199 -27.77 -15.99 37.81
CA PHE C 199 -28.76 -16.83 38.49
C PHE C 199 -29.82 -16.04 39.27
N SER C 200 -29.45 -14.97 39.98
CA SER C 200 -30.41 -14.13 40.71
C SER C 200 -31.63 -13.73 39.87
N PRO C 201 -31.49 -13.23 38.62
CA PRO C 201 -32.66 -12.85 37.84
C PRO C 201 -33.62 -14.01 37.55
N ILE C 202 -33.07 -15.20 37.28
CA ILE C 202 -33.88 -16.40 37.12
C ILE C 202 -34.66 -16.68 38.41
N LEU C 203 -33.96 -16.69 39.55
CA LEU C 203 -34.58 -17.05 40.81
C LEU C 203 -35.59 -15.98 41.24
N ASP C 204 -35.27 -14.69 41.04
CA ASP C 204 -36.19 -13.62 41.40
C ASP C 204 -37.45 -13.68 40.53
N THR C 205 -37.29 -14.10 39.29
CA THR C 205 -38.38 -14.04 38.32
C THR C 205 -39.22 -15.31 38.32
N ALA C 206 -38.68 -16.42 38.87
CA ALA C 206 -39.32 -17.74 38.94
C ALA C 206 -40.75 -17.80 38.39
N GLU C 207 -41.73 -17.19 39.08
CA GLU C 207 -43.13 -17.25 38.69
C GLU C 207 -43.29 -16.74 37.25
N ALA C 208 -42.84 -15.50 37.03
CA ALA C 208 -43.16 -14.70 35.86
C ALA C 208 -42.35 -15.09 34.63
N LEU C 209 -41.25 -15.84 34.76
CA LEU C 209 -40.41 -16.12 33.60
C LEU C 209 -41.15 -17.06 32.65
N ARG C 210 -41.47 -16.55 31.45
CA ARG C 210 -42.25 -17.31 30.47
C ARG C 210 -41.54 -17.44 29.13
N TYR C 211 -40.35 -16.86 28.94
CA TYR C 211 -39.70 -16.86 27.64
C TYR C 211 -38.23 -16.49 27.79
N VAL C 212 -37.36 -17.20 27.06
CA VAL C 212 -35.94 -17.06 27.22
C VAL C 212 -35.28 -16.97 25.85
N HIS C 213 -34.37 -16.01 25.72
CA HIS C 213 -33.53 -15.89 24.54
C HIS C 213 -32.11 -16.32 24.88
N ILE C 214 -31.52 -17.21 24.06
CA ILE C 214 -30.15 -17.67 24.23
C ILE C 214 -29.27 -17.01 23.17
N GLY C 215 -28.46 -16.06 23.60
CA GLY C 215 -27.55 -15.36 22.70
C GLY C 215 -26.20 -15.13 23.33
N GLU C 216 -25.14 -15.20 22.52
CA GLU C 216 -23.80 -14.90 23.00
C GLU C 216 -23.67 -13.39 23.21
N SER C 217 -22.66 -12.99 23.98
CA SER C 217 -22.46 -11.61 24.38
C SER C 217 -22.36 -10.64 23.20
N HIS C 218 -21.78 -11.10 22.09
CA HIS C 218 -21.65 -10.28 20.90
C HIS C 218 -22.71 -10.63 19.86
N ARG C 219 -23.52 -11.66 20.17
CA ARG C 219 -24.69 -12.08 19.38
C ARG C 219 -24.27 -13.05 18.24
N GLY C 220 -23.07 -13.63 18.31
CA GLY C 220 -22.61 -14.60 17.33
C GLY C 220 -22.77 -16.05 17.77
N TYR C 221 -21.76 -16.87 17.43
CA TYR C 221 -21.75 -18.27 17.81
C TYR C 221 -21.79 -18.45 19.32
N LEU C 222 -22.62 -19.39 19.79
CA LEU C 222 -22.68 -19.74 21.20
C LEU C 222 -21.34 -20.33 21.66
N GLY C 223 -20.84 -19.81 22.79
CA GLY C 223 -19.59 -20.27 23.38
C GLY C 223 -18.33 -19.66 22.75
N THR C 224 -18.48 -18.52 22.06
CA THR C 224 -17.35 -17.79 21.53
C THR C 224 -17.28 -16.38 22.13
N GLY C 225 -17.96 -16.14 23.26
CA GLY C 225 -17.96 -14.84 23.90
C GLY C 225 -17.97 -14.94 25.42
N SER C 226 -18.51 -13.92 26.10
CA SER C 226 -18.32 -13.72 27.52
C SER C 226 -19.58 -14.07 28.35
N VAL C 227 -20.62 -14.69 27.77
CA VAL C 227 -21.81 -15.01 28.55
C VAL C 227 -21.56 -16.26 29.41
N ASP C 228 -22.17 -16.28 30.61
CA ASP C 228 -22.05 -17.39 31.54
C ASP C 228 -23.28 -18.28 31.40
N PHE C 229 -23.20 -19.22 30.45
CA PHE C 229 -24.33 -20.07 30.12
C PHE C 229 -24.52 -21.17 31.18
N ASP C 230 -23.43 -21.66 31.76
CA ASP C 230 -23.48 -22.69 32.79
C ASP C 230 -24.40 -22.26 33.94
N THR C 231 -24.16 -21.07 34.52
CA THR C 231 -24.94 -20.56 35.64
C THR C 231 -26.40 -20.30 35.25
N PHE C 232 -26.60 -19.68 34.10
CA PHE C 232 -27.94 -19.44 33.62
C PHE C 232 -28.72 -20.75 33.52
N PHE C 233 -28.18 -21.73 32.79
CA PHE C 233 -28.93 -22.95 32.59
C PHE C 233 -29.12 -23.71 33.90
N LYS C 234 -28.11 -23.73 34.77
CA LYS C 234 -28.26 -24.32 36.07
C LYS C 234 -29.44 -23.69 36.81
N ALA C 235 -29.50 -22.35 36.80
CA ALA C 235 -30.58 -21.63 37.46
C ALA C 235 -31.94 -21.96 36.84
N LEU C 236 -32.05 -22.02 35.51
CA LEU C 236 -33.27 -22.47 34.86
C LEU C 236 -33.66 -23.86 35.35
N GLY C 237 -32.68 -24.75 35.49
CA GLY C 237 -32.94 -26.10 35.98
C GLY C 237 -33.46 -26.09 37.41
N ARG C 238 -32.96 -25.15 38.20
CA ARG C 238 -33.32 -25.06 39.60
C ARG C 238 -34.79 -24.65 39.78
N ILE C 239 -35.30 -23.76 38.93
CA ILE C 239 -36.68 -23.30 39.06
C ILE C 239 -37.64 -24.17 38.22
N GLY C 240 -37.13 -25.24 37.61
CA GLY C 240 -37.96 -26.12 36.81
C GLY C 240 -38.63 -25.42 35.62
N TYR C 241 -37.90 -24.47 35.01
CA TYR C 241 -38.42 -23.75 33.85
C TYR C 241 -38.75 -24.71 32.72
N ASP C 242 -39.88 -24.49 32.03
CA ASP C 242 -40.17 -25.25 30.83
C ASP C 242 -40.98 -24.45 29.80
N GLY C 243 -40.74 -23.14 29.73
CA GLY C 243 -41.21 -22.36 28.61
C GLY C 243 -40.23 -22.48 27.46
N PRO C 244 -40.41 -21.69 26.40
CA PRO C 244 -39.52 -21.75 25.26
C PRO C 244 -38.09 -21.29 25.56
N VAL C 245 -37.12 -21.91 24.88
CA VAL C 245 -35.74 -21.47 24.88
C VAL C 245 -35.33 -21.26 23.42
N VAL C 246 -35.03 -20.01 23.06
CA VAL C 246 -34.90 -19.63 21.67
C VAL C 246 -33.52 -19.05 21.40
N PHE C 247 -32.81 -19.63 20.43
CA PHE C 247 -31.53 -19.10 19.97
C PHE C 247 -31.72 -17.79 19.18
N GLU C 248 -30.80 -16.84 19.38
CA GLU C 248 -30.86 -15.56 18.71
C GLU C 248 -29.45 -15.13 18.31
N SER C 249 -29.28 -14.72 17.04
CA SER C 249 -27.96 -14.39 16.51
C SER C 249 -28.09 -13.41 15.35
N PHE C 250 -27.21 -12.41 15.33
CA PHE C 250 -27.19 -11.47 14.23
C PHE C 250 -25.79 -11.32 13.66
N SER C 251 -25.71 -11.31 12.33
CA SER C 251 -24.48 -11.02 11.61
C SER C 251 -24.81 -10.18 10.39
N SER C 252 -23.81 -9.43 9.90
CA SER C 252 -24.04 -8.56 8.75
C SER C 252 -24.35 -9.39 7.50
N SER C 253 -24.05 -10.71 7.50
CA SER C 253 -24.37 -11.60 6.39
C SER C 253 -25.85 -11.56 6.05
N VAL C 254 -26.69 -11.51 7.08
CA VAL C 254 -28.13 -11.51 6.92
C VAL C 254 -28.62 -10.19 7.47
N VAL C 255 -28.98 -9.29 6.55
CA VAL C 255 -29.45 -7.96 6.91
C VAL C 255 -30.97 -7.91 6.77
N ALA C 256 -31.60 -7.36 7.81
CA ALA C 256 -32.94 -6.79 7.79
C ALA C 256 -32.85 -5.28 7.63
N PRO C 257 -33.75 -4.64 6.86
CA PRO C 257 -33.66 -3.20 6.64
C PRO C 257 -33.90 -2.35 7.89
N ASP C 258 -34.73 -2.83 8.81
CA ASP C 258 -34.98 -2.15 10.07
C ASP C 258 -34.12 -2.74 11.19
N LEU C 259 -34.31 -4.03 11.47
CA LEU C 259 -33.78 -4.62 12.70
C LEU C 259 -32.25 -4.58 12.73
N SER C 260 -31.60 -4.75 11.57
CA SER C 260 -30.15 -4.87 11.57
C SER C 260 -29.49 -3.56 12.00
N ARG C 261 -30.13 -2.43 11.71
CA ARG C 261 -29.60 -1.13 12.04
C ARG C 261 -30.04 -0.70 13.44
N MET C 262 -31.23 -1.10 13.90
CA MET C 262 -31.68 -0.79 15.25
C MET C 262 -30.82 -1.52 16.30
N LEU C 263 -30.40 -2.75 15.99
CA LEU C 263 -29.60 -3.54 16.94
C LEU C 263 -28.10 -3.34 16.74
N GLY C 264 -27.70 -2.47 15.80
CA GLY C 264 -26.30 -2.18 15.58
C GLY C 264 -25.49 -3.41 15.18
N ILE C 265 -25.87 -4.02 14.05
CA ILE C 265 -25.17 -5.18 13.51
C ILE C 265 -24.14 -4.68 12.50
N TRP C 266 -23.02 -4.19 13.02
CA TRP C 266 -21.95 -3.66 12.19
C TRP C 266 -21.01 -4.74 11.67
N ARG C 267 -20.99 -5.94 12.28
CA ARG C 267 -19.93 -6.91 12.05
C ARG C 267 -20.45 -8.25 11.49
N ASN C 268 -19.61 -8.87 10.66
CA ASN C 268 -19.83 -10.22 10.17
C ASN C 268 -19.32 -11.22 11.21
N LEU C 269 -20.26 -11.90 11.90
CA LEU C 269 -19.91 -12.84 12.95
C LEU C 269 -20.04 -14.29 12.49
N TRP C 270 -20.75 -14.53 11.38
CA TRP C 270 -20.87 -15.85 10.78
C TRP C 270 -21.32 -15.71 9.33
N ALA C 271 -21.06 -16.75 8.53
CA ALA C 271 -21.56 -16.85 7.15
C ALA C 271 -22.40 -18.12 6.93
N ASP C 272 -21.91 -19.28 7.40
CA ASP C 272 -22.61 -20.55 7.26
C ASP C 272 -23.65 -20.66 8.38
N ASN C 273 -24.85 -20.15 8.12
CA ASN C 273 -25.91 -20.17 9.12
C ASN C 273 -26.49 -21.56 9.31
N GLU C 274 -26.26 -22.49 8.38
CA GLU C 274 -26.70 -23.87 8.59
C GLU C 274 -25.90 -24.52 9.72
N GLU C 275 -24.60 -24.25 9.77
CA GLU C 275 -23.75 -24.77 10.84
C GLU C 275 -24.07 -24.03 12.15
N LEU C 276 -24.25 -22.71 12.08
CA LEU C 276 -24.63 -21.93 13.27
C LEU C 276 -25.87 -22.52 13.94
N GLY C 277 -26.99 -22.59 13.22
CA GLY C 277 -28.25 -23.06 13.78
C GLY C 277 -28.14 -24.48 14.35
N ALA C 278 -27.44 -25.35 13.63
CA ALA C 278 -27.26 -26.74 14.05
C ALA C 278 -26.39 -26.80 15.30
N HIS C 279 -25.32 -25.99 15.33
CA HIS C 279 -24.49 -25.85 16.53
C HIS C 279 -25.31 -25.31 17.69
N ALA C 280 -26.16 -24.32 17.43
CA ALA C 280 -26.89 -23.70 18.53
C ALA C 280 -28.00 -24.62 19.05
N ASN C 281 -28.64 -25.38 18.17
CA ASN C 281 -29.68 -26.32 18.59
C ASN C 281 -29.10 -27.38 19.51
N ALA C 282 -27.90 -27.87 19.17
CA ALA C 282 -27.25 -28.91 19.95
C ALA C 282 -26.76 -28.34 21.28
N PHE C 283 -26.05 -27.20 21.20
CA PHE C 283 -25.55 -26.51 22.39
C PHE C 283 -26.64 -26.40 23.45
N ILE C 284 -27.83 -25.92 23.04
CA ILE C 284 -28.93 -25.70 23.97
C ILE C 284 -29.46 -27.01 24.53
N ARG C 285 -29.83 -27.94 23.63
CA ARG C 285 -30.35 -29.23 24.05
C ARG C 285 -29.32 -30.01 24.89
N ASP C 286 -28.03 -29.97 24.51
CA ASP C 286 -27.02 -30.66 25.30
C ASP C 286 -26.86 -30.01 26.67
N LYS C 287 -26.94 -28.68 26.74
CA LYS C 287 -26.93 -28.00 28.01
C LYS C 287 -28.12 -28.47 28.86
N LEU C 288 -29.32 -28.54 28.27
CA LEU C 288 -30.52 -28.89 29.05
C LEU C 288 -30.41 -30.34 29.54
N THR C 289 -29.87 -31.22 28.70
CA THR C 289 -29.67 -32.61 29.07
C THR C 289 -28.72 -32.74 30.26
N ALA C 290 -27.59 -32.04 30.22
CA ALA C 290 -26.62 -32.12 31.29
C ALA C 290 -27.19 -31.58 32.61
N ILE C 291 -27.97 -30.50 32.55
CA ILE C 291 -28.47 -29.87 33.77
C ILE C 291 -29.44 -30.80 34.51
N LYS C 292 -30.31 -31.47 33.75
CA LYS C 292 -31.26 -32.44 34.30
C LYS C 292 -30.59 -33.46 35.22
N THR C 293 -29.32 -33.79 34.95
CA THR C 293 -28.59 -34.80 35.72
C THR C 293 -28.08 -34.24 37.06
N ILE C 294 -28.16 -32.92 37.29
CA ILE C 294 -27.56 -32.35 38.48
C ILE C 294 -28.39 -32.70 39.73
N GLU C 295 -29.71 -32.80 39.60
CA GLU C 295 -30.52 -33.09 40.77
C GLU C 295 -30.37 -34.53 41.25
N LEU C 296 -29.60 -35.35 40.53
CA LEU C 296 -29.45 -36.76 40.86
C LEU C 296 -28.11 -37.04 41.55
N HIS C 297 -27.12 -36.16 41.42
CA HIS C 297 -25.79 -36.43 41.96
C HIS C 297 -25.48 -35.51 43.16
N MET D 9 2.86 2.96 36.02
CA MET D 9 1.45 2.46 36.10
C MET D 9 0.70 3.23 37.17
N LYS D 10 -0.08 4.22 36.74
CA LYS D 10 -0.91 4.99 37.64
C LYS D 10 -2.30 4.37 37.71
N ILE D 11 -2.84 4.35 38.93
CA ILE D 11 -4.19 3.87 39.16
C ILE D 11 -5.09 5.09 39.34
N GLY D 12 -6.02 5.23 38.40
CA GLY D 12 -6.81 6.44 38.26
C GLY D 12 -8.30 6.24 38.49
N CYS D 13 -9.00 7.37 38.57
CA CYS D 13 -10.44 7.40 38.71
C CYS D 13 -10.99 8.38 37.69
N HIS D 14 -12.01 7.95 36.97
CA HIS D 14 -12.73 8.85 36.08
C HIS D 14 -13.51 9.87 36.90
N GLY D 15 -13.59 11.09 36.40
CA GLY D 15 -14.12 12.20 37.19
C GLY D 15 -15.63 12.14 37.40
N LEU D 16 -16.36 11.35 36.61
CA LEU D 16 -17.80 11.23 36.82
C LEU D 16 -18.21 10.31 37.96
N VAL D 17 -17.25 9.75 38.70
CA VAL D 17 -17.57 9.17 40.00
C VAL D 17 -18.03 10.31 40.92
N TRP D 18 -17.55 11.52 40.65
CA TRP D 18 -17.57 12.59 41.64
C TRP D 18 -18.54 13.72 41.28
N THR D 19 -18.52 14.17 40.02
CA THR D 19 -19.32 15.30 39.59
C THR D 19 -19.51 15.21 38.09
N GLY D 20 -20.54 15.89 37.57
CA GLY D 20 -20.79 15.93 36.15
C GLY D 20 -20.46 17.30 35.55
N HIS D 21 -20.04 18.24 36.40
CA HIS D 21 -19.81 19.61 36.02
C HIS D 21 -18.38 19.97 36.35
N PHE D 22 -17.58 20.34 35.35
CA PHE D 22 -16.19 20.64 35.64
C PHE D 22 -15.95 22.15 35.55
N ASP D 23 -16.77 22.87 36.31
CA ASP D 23 -16.48 24.22 36.76
C ASP D 23 -15.43 24.16 37.87
N ALA D 24 -15.01 25.34 38.34
CA ALA D 24 -13.92 25.43 39.31
C ALA D 24 -14.21 24.59 40.55
N GLU D 25 -15.46 24.60 41.02
CA GLU D 25 -15.81 23.80 42.18
C GLU D 25 -15.67 22.31 41.86
N GLY D 26 -16.18 21.90 40.70
CA GLY D 26 -16.17 20.49 40.32
C GLY D 26 -14.76 19.96 40.05
N ILE D 27 -13.87 20.80 39.53
CA ILE D 27 -12.49 20.41 39.36
C ILE D 27 -11.85 20.18 40.72
N ARG D 28 -12.06 21.10 41.65
CA ARG D 28 -11.45 20.97 42.97
C ARG D 28 -12.04 19.77 43.71
N TYR D 29 -13.37 19.59 43.64
CA TYR D 29 -14.05 18.49 44.31
C TYR D 29 -13.58 17.12 43.80
N SER D 30 -13.53 16.96 42.47
CA SER D 30 -13.16 15.66 41.91
C SER D 30 -11.70 15.32 42.22
N VAL D 31 -10.82 16.33 42.15
CA VAL D 31 -9.40 16.10 42.44
C VAL D 31 -9.21 15.70 43.89
N GLN D 32 -9.88 16.41 44.81
CA GLN D 32 -9.77 16.12 46.22
C GLN D 32 -10.32 14.72 46.53
N LYS D 33 -11.52 14.42 46.05
CA LYS D 33 -12.16 13.16 46.36
C LYS D 33 -11.36 11.98 45.81
N THR D 34 -10.81 12.14 44.59
CA THR D 34 -9.95 11.13 43.99
C THR D 34 -8.79 10.79 44.91
N ARG D 35 -8.10 11.82 45.42
CA ARG D 35 -6.94 11.59 46.27
C ARG D 35 -7.38 10.91 47.57
N GLU D 36 -8.54 11.33 48.11
CA GLU D 36 -9.08 10.75 49.33
C GLU D 36 -9.43 9.28 49.13
N ALA D 37 -9.82 8.87 47.93
CA ALA D 37 -10.21 7.48 47.70
C ALA D 37 -9.00 6.57 47.54
N GLY D 38 -7.79 7.12 47.30
CA GLY D 38 -6.59 6.30 47.21
C GLY D 38 -5.96 6.29 45.81
N PHE D 39 -6.56 6.98 44.83
CA PHE D 39 -6.04 6.95 43.48
C PHE D 39 -4.80 7.83 43.33
N ASP D 40 -4.04 7.60 42.25
CA ASP D 40 -2.90 8.42 41.89
C ASP D 40 -3.24 9.40 40.77
N LEU D 41 -4.39 9.22 40.10
CA LEU D 41 -4.66 9.92 38.86
C LEU D 41 -6.16 10.16 38.76
N VAL D 42 -6.50 11.32 38.21
CA VAL D 42 -7.87 11.61 37.83
C VAL D 42 -7.88 11.84 36.33
N GLU D 43 -8.90 11.30 35.67
CA GLU D 43 -9.08 11.45 34.24
C GLU D 43 -10.25 12.40 34.05
N PHE D 44 -9.98 13.52 33.36
CA PHE D 44 -10.96 14.58 33.21
C PHE D 44 -11.74 14.35 31.93
N PRO D 45 -13.07 14.23 32.02
CA PRO D 45 -13.89 14.28 30.80
C PRO D 45 -13.91 15.68 30.19
N LEU D 46 -13.06 15.93 29.18
CA LEU D 46 -13.08 17.22 28.49
C LEU D 46 -14.16 17.24 27.42
N MET D 47 -15.42 17.10 27.81
CA MET D 47 -16.52 17.20 26.87
C MET D 47 -16.55 18.60 26.23
N ASP D 48 -16.08 19.62 26.97
CA ASP D 48 -15.86 20.94 26.42
C ASP D 48 -14.51 21.44 26.88
N PRO D 49 -13.43 21.19 26.10
CA PRO D 49 -12.11 21.70 26.45
C PRO D 49 -11.94 23.20 26.27
N PHE D 50 -12.89 23.87 25.62
CA PHE D 50 -12.76 25.29 25.38
C PHE D 50 -13.06 26.07 26.65
N SER D 51 -13.87 25.48 27.55
CA SER D 51 -14.33 26.15 28.76
C SER D 51 -13.81 25.45 30.01
N PHE D 52 -12.73 24.68 29.91
CA PHE D 52 -12.19 23.94 31.06
C PHE D 52 -11.14 24.81 31.76
N ASP D 53 -11.38 25.10 33.04
CA ASP D 53 -10.50 25.99 33.78
C ASP D 53 -9.17 25.28 34.10
N VAL D 54 -8.17 25.49 33.24
CA VAL D 54 -6.91 24.77 33.32
C VAL D 54 -6.14 25.16 34.59
N GLN D 55 -6.11 26.45 34.91
CA GLN D 55 -5.29 26.93 36.02
C GLN D 55 -5.80 26.36 37.35
N THR D 56 -7.12 26.32 37.53
CA THR D 56 -7.72 25.69 38.70
C THR D 56 -7.27 24.23 38.81
N ALA D 57 -7.26 23.53 37.67
CA ALA D 57 -6.91 22.12 37.66
C ALA D 57 -5.44 21.94 38.03
N LYS D 58 -4.53 22.65 37.37
CA LYS D 58 -3.12 22.49 37.70
C LYS D 58 -2.86 22.85 39.16
N SER D 59 -3.63 23.81 39.69
CA SER D 59 -3.51 24.17 41.10
C SER D 59 -3.95 23.01 42.00
N ALA D 60 -5.16 22.48 41.74
CA ALA D 60 -5.73 21.40 42.54
C ALA D 60 -4.86 20.14 42.47
N LEU D 61 -4.39 19.79 41.27
CA LEU D 61 -3.54 18.61 41.12
C LEU D 61 -2.26 18.78 41.94
N ALA D 62 -1.61 19.93 41.83
CA ALA D 62 -0.41 20.19 42.62
C ALA D 62 -0.71 20.04 44.11
N GLU D 63 -1.76 20.72 44.58
CA GLU D 63 -2.11 20.73 45.98
C GLU D 63 -2.15 19.31 46.54
N HIS D 64 -2.82 18.41 45.82
CA HIS D 64 -3.07 17.05 46.26
C HIS D 64 -2.07 16.03 45.69
N GLY D 65 -1.08 16.46 44.90
CA GLY D 65 -0.03 15.54 44.48
C GLY D 65 -0.57 14.44 43.57
N LEU D 66 -1.32 14.85 42.56
CA LEU D 66 -2.09 13.96 41.73
C LEU D 66 -1.77 14.24 40.26
N ALA D 67 -1.72 13.17 39.45
CA ALA D 67 -1.58 13.30 38.01
C ALA D 67 -2.95 13.38 37.35
N ALA D 68 -2.95 13.87 36.11
CA ALA D 68 -4.17 14.05 35.36
C ALA D 68 -4.03 13.37 34.00
N SER D 69 -5.16 12.90 33.48
CA SER D 69 -5.30 12.58 32.07
C SER D 69 -6.68 13.08 31.64
N ALA D 70 -7.02 12.87 30.37
CA ALA D 70 -8.26 13.42 29.86
C ALA D 70 -8.82 12.54 28.74
N SER D 71 -10.13 12.25 28.85
CA SER D 71 -10.88 11.54 27.84
C SER D 71 -12.02 12.41 27.35
N LEU D 72 -12.67 11.95 26.28
CA LEU D 72 -13.61 12.77 25.54
C LEU D 72 -14.33 11.84 24.57
N GLY D 73 -15.53 12.24 24.19
CA GLY D 73 -16.25 11.55 23.14
C GLY D 73 -16.94 12.57 22.26
N LEU D 74 -16.76 12.45 20.94
CA LEU D 74 -17.29 13.45 20.03
C LEU D 74 -18.79 13.21 19.84
N SER D 75 -19.43 14.16 19.17
CA SER D 75 -20.85 14.10 18.90
C SER D 75 -21.09 14.41 17.43
N ASP D 76 -22.37 14.48 17.05
CA ASP D 76 -22.76 14.68 15.66
C ASP D 76 -22.04 15.87 15.03
N ALA D 77 -21.93 16.99 15.75
CA ALA D 77 -21.35 18.21 15.21
C ALA D 77 -19.83 18.11 15.03
N THR D 78 -19.19 17.12 15.68
CA THR D 78 -17.73 17.01 15.75
C THR D 78 -17.25 15.65 15.27
N ASP D 79 -18.10 14.98 14.49
CA ASP D 79 -17.84 13.61 14.08
C ASP D 79 -16.73 13.61 13.01
N VAL D 80 -15.52 13.15 13.38
CA VAL D 80 -14.41 13.09 12.43
C VAL D 80 -14.57 11.95 11.42
N SER D 81 -15.62 11.14 11.59
CA SER D 81 -15.99 10.10 10.63
C SER D 81 -17.13 10.55 9.72
N SER D 82 -17.37 11.87 9.69
CA SER D 82 -18.32 12.49 8.76
C SER D 82 -17.72 12.53 7.36
N GLU D 83 -18.60 12.48 6.36
CA GLU D 83 -18.20 12.74 4.98
C GLU D 83 -18.21 14.26 4.72
N ASP D 84 -18.74 15.03 5.67
CA ASP D 84 -18.91 16.46 5.54
C ASP D 84 -17.66 17.15 6.11
N PRO D 85 -16.79 17.76 5.28
CA PRO D 85 -15.47 18.17 5.75
C PRO D 85 -15.53 19.29 6.79
N ALA D 86 -16.64 20.05 6.81
CA ALA D 86 -16.85 21.06 7.82
C ALA D 86 -16.96 20.41 9.20
N VAL D 87 -17.75 19.33 9.26
CA VAL D 87 -17.97 18.61 10.50
C VAL D 87 -16.68 17.92 10.96
N VAL D 88 -15.95 17.31 10.02
CA VAL D 88 -14.69 16.69 10.36
C VAL D 88 -13.74 17.72 10.97
N LYS D 89 -13.76 18.96 10.45
CA LYS D 89 -12.83 20.00 10.91
C LYS D 89 -13.26 20.57 12.26
N ALA D 90 -14.57 20.66 12.52
CA ALA D 90 -15.05 21.00 13.86
C ALA D 90 -14.47 20.05 14.91
N GLY D 91 -14.52 18.74 14.64
CA GLY D 91 -14.08 17.76 15.61
C GLY D 91 -12.56 17.78 15.81
N GLU D 92 -11.83 17.89 14.71
CA GLU D 92 -10.39 18.02 14.77
C GLU D 92 -10.00 19.25 15.59
N GLU D 93 -10.78 20.32 15.50
CA GLU D 93 -10.46 21.49 16.29
C GLU D 93 -10.75 21.21 17.77
N LEU D 94 -11.79 20.41 18.08
CA LEU D 94 -12.05 20.04 19.47
C LEU D 94 -10.92 19.15 20.01
N LEU D 95 -10.49 18.15 19.21
CA LEU D 95 -9.42 17.26 19.64
C LEU D 95 -8.12 18.05 19.88
N ASN D 96 -7.84 19.01 19.00
CA ASN D 96 -6.63 19.81 19.10
C ASN D 96 -6.63 20.64 20.40
N ARG D 97 -7.76 21.26 20.74
CA ARG D 97 -7.85 22.02 21.97
C ARG D 97 -7.70 21.13 23.21
N ALA D 98 -8.22 19.90 23.16
CA ALA D 98 -8.08 18.99 24.29
C ALA D 98 -6.63 18.55 24.46
N VAL D 99 -5.92 18.33 23.35
CA VAL D 99 -4.48 18.11 23.41
C VAL D 99 -3.80 19.33 24.01
N ASP D 100 -4.26 20.53 23.65
CA ASP D 100 -3.68 21.75 24.21
C ASP D 100 -3.86 21.80 25.73
N VAL D 101 -5.06 21.48 26.21
CA VAL D 101 -5.30 21.48 27.65
C VAL D 101 -4.34 20.52 28.34
N LEU D 102 -4.12 19.35 27.74
CA LEU D 102 -3.25 18.36 28.36
C LEU D 102 -1.80 18.82 28.37
N ALA D 103 -1.37 19.57 27.35
CA ALA D 103 -0.02 20.14 27.34
C ALA D 103 0.11 21.18 28.46
N GLU D 104 -0.82 22.14 28.52
CA GLU D 104 -0.85 23.11 29.61
C GLU D 104 -0.76 22.42 30.97
N LEU D 105 -1.50 21.30 31.16
CA LEU D 105 -1.52 20.58 32.43
C LEU D 105 -0.22 19.84 32.72
N GLY D 106 0.67 19.70 31.74
CA GLY D 106 1.87 18.89 31.93
C GLY D 106 1.57 17.38 31.94
N ALA D 107 0.43 16.98 31.37
CA ALA D 107 -0.02 15.59 31.37
C ALA D 107 0.37 14.90 30.06
N THR D 108 0.21 13.57 30.02
CA THR D 108 0.85 12.76 28.98
C THR D 108 -0.14 11.91 28.18
N ASP D 109 -1.36 11.70 28.69
CA ASP D 109 -2.27 10.75 28.06
C ASP D 109 -3.57 11.42 27.64
N PHE D 110 -3.99 11.12 26.41
CA PHE D 110 -5.28 11.50 25.85
C PHE D 110 -5.91 10.25 25.25
N CYS D 111 -7.21 10.03 25.51
CA CYS D 111 -7.90 8.84 25.02
C CYS D 111 -9.40 9.08 24.91
N GLY D 112 -10.11 8.04 24.49
CA GLY D 112 -11.56 8.12 24.34
C GLY D 112 -12.00 7.87 22.89
N VAL D 113 -13.29 8.18 22.65
CA VAL D 113 -13.89 7.95 21.36
C VAL D 113 -13.63 9.17 20.50
N ILE D 114 -12.42 9.24 19.95
CA ILE D 114 -11.96 10.41 19.20
C ILE D 114 -11.80 10.08 17.71
N TYR D 115 -12.24 8.90 17.28
CA TYR D 115 -12.23 8.53 15.87
C TYR D 115 -13.63 8.57 15.26
N SER D 116 -14.65 8.96 16.05
CA SER D 116 -16.02 9.01 15.59
C SER D 116 -16.89 9.71 16.63
N ALA D 117 -18.15 9.95 16.29
CA ALA D 117 -19.12 10.37 17.27
C ALA D 117 -19.33 9.21 18.26
N MET D 118 -19.51 9.55 19.53
CA MET D 118 -19.86 8.56 20.52
C MET D 118 -21.38 8.50 20.62
N LYS D 119 -21.98 7.59 19.86
CA LYS D 119 -23.42 7.55 19.74
C LYS D 119 -23.85 6.22 19.11
N LYS D 120 -25.17 6.05 19.00
CA LYS D 120 -25.75 4.91 18.31
C LYS D 120 -26.04 5.33 16.87
N TYR D 121 -25.06 5.07 16.00
CA TYR D 121 -25.24 5.25 14.58
C TYR D 121 -26.41 4.39 14.11
N MET D 122 -27.08 4.86 13.06
CA MET D 122 -28.18 4.12 12.45
C MET D 122 -27.73 3.53 11.11
N GLU D 123 -26.42 3.59 10.81
CA GLU D 123 -25.90 3.10 9.54
C GLU D 123 -24.49 2.56 9.77
N PRO D 124 -24.00 1.65 8.92
CA PRO D 124 -22.58 1.33 8.91
C PRO D 124 -21.72 2.54 8.58
N ALA D 125 -20.48 2.52 9.11
CA ALA D 125 -19.43 3.41 8.66
C ALA D 125 -19.27 3.27 7.16
N THR D 126 -19.04 4.41 6.49
CA THR D 126 -18.73 4.49 5.07
C THR D 126 -17.21 4.53 4.84
N ALA D 127 -16.77 4.17 3.63
CA ALA D 127 -15.35 4.10 3.33
C ALA D 127 -14.75 5.51 3.35
N ALA D 128 -15.53 6.49 2.84
CA ALA D 128 -15.09 7.87 2.82
C ALA D 128 -14.94 8.40 4.25
N GLY D 129 -15.97 8.20 5.08
CA GLY D 129 -15.96 8.63 6.48
C GLY D 129 -14.84 8.00 7.32
N LEU D 130 -14.43 6.77 6.99
CA LEU D 130 -13.31 6.13 7.65
C LEU D 130 -12.00 6.81 7.29
N ALA D 131 -11.80 7.08 6.00
CA ALA D 131 -10.62 7.79 5.53
C ALA D 131 -10.47 9.14 6.25
N ASN D 132 -11.57 9.92 6.28
CA ASN D 132 -11.57 11.19 6.98
C ASN D 132 -11.17 11.00 8.43
N SER D 133 -11.74 9.98 9.07
CA SER D 133 -11.42 9.65 10.45
C SER D 133 -9.92 9.38 10.63
N LYS D 134 -9.38 8.52 9.77
CA LYS D 134 -7.98 8.13 9.88
C LYS D 134 -7.09 9.35 9.68
N ALA D 135 -7.41 10.19 8.70
CA ALA D 135 -6.62 11.37 8.41
C ALA D 135 -6.66 12.35 9.58
N ALA D 136 -7.88 12.69 10.01
CA ALA D 136 -8.09 13.58 11.15
C ALA D 136 -7.26 13.09 12.34
N VAL D 137 -7.42 11.81 12.68
CA VAL D 137 -6.78 11.26 13.87
C VAL D 137 -5.26 11.30 13.73
N GLY D 138 -4.76 11.02 12.53
CA GLY D 138 -3.35 11.12 12.25
C GLY D 138 -2.79 12.52 12.51
N ARG D 139 -3.54 13.56 12.09
CA ARG D 139 -3.07 14.92 12.30
C ARG D 139 -3.06 15.27 13.78
N VAL D 140 -4.13 14.90 14.49
CA VAL D 140 -4.16 15.12 15.93
C VAL D 140 -2.97 14.41 16.57
N ALA D 141 -2.68 13.18 16.11
CA ALA D 141 -1.63 12.37 16.71
C ALA D 141 -0.25 13.01 16.52
N ASP D 142 -0.01 13.55 15.33
CA ASP D 142 1.23 14.27 15.05
C ASP D 142 1.34 15.53 15.90
N ARG D 143 0.28 16.35 15.93
CA ARG D 143 0.28 17.55 16.73
C ARG D 143 0.51 17.23 18.21
N ALA D 144 0.01 16.06 18.66
CA ALA D 144 0.20 15.66 20.05
C ALA D 144 1.58 15.07 20.27
N SER D 145 2.22 14.54 19.21
CA SER D 145 3.57 14.01 19.32
C SER D 145 4.57 15.12 19.66
N ASP D 146 4.46 16.25 18.95
CA ASP D 146 5.32 17.40 19.21
C ASP D 146 5.13 17.92 20.62
N LEU D 147 3.96 17.65 21.21
CA LEU D 147 3.64 18.10 22.56
C LEU D 147 3.88 17.01 23.60
N GLY D 148 4.50 15.89 23.23
CA GLY D 148 4.79 14.83 24.20
C GLY D 148 3.55 14.18 24.80
N ILE D 149 2.46 14.13 24.04
CA ILE D 149 1.22 13.52 24.49
C ILE D 149 1.00 12.24 23.71
N ASN D 150 0.63 11.17 24.42
CA ASN D 150 0.18 9.93 23.80
C ASN D 150 -1.32 9.97 23.58
N VAL D 151 -1.73 9.45 22.42
CA VAL D 151 -3.13 9.41 22.02
C VAL D 151 -3.56 7.96 21.86
N SER D 152 -4.60 7.56 22.61
CA SER D 152 -5.10 6.18 22.64
C SER D 152 -6.56 6.13 22.16
N LEU D 153 -6.83 5.27 21.18
CA LEU D 153 -8.19 5.13 20.68
C LEU D 153 -8.94 4.11 21.52
N GLU D 154 -10.10 4.49 22.07
CA GLU D 154 -10.84 3.59 22.93
C GLU D 154 -11.80 2.76 22.08
N VAL D 155 -11.67 1.43 22.21
CA VAL D 155 -12.58 0.49 21.62
C VAL D 155 -13.85 0.42 22.47
N VAL D 156 -15.01 0.61 21.82
CA VAL D 156 -16.29 0.67 22.51
C VAL D 156 -17.30 -0.15 21.72
N ASN D 157 -18.46 -0.40 22.32
CA ASN D 157 -19.40 -1.36 21.78
C ASN D 157 -20.29 -0.77 20.68
N ARG D 158 -20.95 -1.65 19.94
CA ARG D 158 -21.76 -1.31 18.77
C ARG D 158 -22.69 -0.13 18.98
N TYR D 159 -23.16 0.07 20.22
CA TYR D 159 -24.13 1.11 20.53
C TYR D 159 -23.50 2.50 20.64
N GLU D 160 -22.15 2.58 20.70
CA GLU D 160 -21.48 3.84 20.94
C GLU D 160 -20.53 4.25 19.82
N THR D 161 -20.23 3.33 18.88
CA THR D 161 -19.54 3.66 17.64
C THR D 161 -19.98 2.64 16.62
N ASN D 162 -19.76 2.94 15.35
CA ASN D 162 -19.84 1.89 14.34
C ASN D 162 -18.49 1.65 13.68
N VAL D 163 -17.39 2.11 14.32
CA VAL D 163 -16.05 2.11 13.73
C VAL D 163 -15.14 1.11 14.45
N LEU D 164 -14.74 1.39 15.70
CA LEU D 164 -13.83 0.54 16.43
C LEU D 164 -14.58 -0.23 17.53
N ASN D 165 -15.02 -1.45 17.20
CA ASN D 165 -15.75 -2.29 18.13
C ASN D 165 -14.89 -3.40 18.76
N THR D 166 -13.79 -3.82 18.12
CA THR D 166 -12.91 -4.84 18.65
C THR D 166 -11.45 -4.40 18.62
N GLY D 167 -10.65 -4.95 19.55
CA GLY D 167 -9.22 -4.69 19.56
C GLY D 167 -8.55 -4.98 18.21
N ARG D 168 -9.04 -5.99 17.49
CA ARG D 168 -8.54 -6.31 16.17
C ARG D 168 -8.77 -5.13 15.22
N GLN D 169 -9.99 -4.60 15.16
CA GLN D 169 -10.25 -3.45 14.30
C GLN D 169 -9.33 -2.27 14.67
N ALA D 170 -9.15 -2.03 15.97
CA ALA D 170 -8.25 -0.99 16.46
C ALA D 170 -6.82 -1.23 15.96
N LEU D 171 -6.37 -2.49 16.00
CA LEU D 171 -5.02 -2.81 15.54
C LEU D 171 -4.85 -2.49 14.05
N ALA D 172 -5.82 -2.86 13.24
CA ALA D 172 -5.75 -2.56 11.81
C ALA D 172 -5.84 -1.06 11.55
N TYR D 173 -6.60 -0.33 12.37
CA TYR D 173 -6.68 1.12 12.25
C TYR D 173 -5.27 1.72 12.47
N LEU D 174 -4.63 1.35 13.58
CA LEU D 174 -3.32 1.88 13.92
C LEU D 174 -2.28 1.53 12.86
N GLU D 175 -2.37 0.34 12.27
CA GLU D 175 -1.36 -0.12 11.33
C GLU D 175 -1.33 0.75 10.08
N GLU D 176 -2.49 1.28 9.67
CA GLU D 176 -2.57 2.17 8.52
C GLU D 176 -1.88 3.49 8.83
N LEU D 177 -2.09 4.03 10.04
CA LEU D 177 -1.60 5.36 10.36
C LEU D 177 -0.12 5.36 10.74
N ASN D 178 0.35 4.28 11.38
CA ASN D 178 1.74 4.09 11.74
C ASN D 178 2.32 5.35 12.41
N ARG D 179 1.72 5.75 13.54
CA ARG D 179 2.22 6.86 14.34
C ARG D 179 2.83 6.30 15.61
N PRO D 180 4.03 6.75 16.01
CA PRO D 180 4.70 6.13 17.16
C PRO D 180 4.01 6.35 18.51
N ASN D 181 3.12 7.34 18.62
CA ASN D 181 2.48 7.66 19.90
C ASN D 181 0.98 7.33 19.91
N LEU D 182 0.49 6.68 18.83
CA LEU D 182 -0.91 6.31 18.72
C LEU D 182 -1.11 4.89 19.25
N GLY D 183 -1.94 4.76 20.29
CA GLY D 183 -2.14 3.50 20.99
C GLY D 183 -3.62 3.09 21.06
N ILE D 184 -3.85 1.87 21.60
CA ILE D 184 -5.20 1.35 21.80
C ILE D 184 -5.58 1.45 23.27
N HIS D 185 -6.86 1.76 23.48
CA HIS D 185 -7.45 1.90 24.80
C HIS D 185 -8.59 0.89 24.96
N LEU D 186 -8.45 -0.03 25.92
CA LEU D 186 -9.44 -1.06 26.18
C LEU D 186 -10.19 -0.80 27.48
N ASP D 187 -11.48 -1.15 27.48
CA ASP D 187 -12.39 -0.95 28.60
C ASP D 187 -13.17 -2.24 28.87
N THR D 188 -12.99 -2.80 30.07
CA THR D 188 -13.57 -4.10 30.38
C THR D 188 -15.08 -4.12 30.15
N TYR D 189 -15.75 -2.98 30.38
CA TYR D 189 -17.18 -2.90 30.08
C TYR D 189 -17.44 -3.20 28.61
N HIS D 190 -16.61 -2.68 27.71
CA HIS D 190 -16.87 -2.85 26.29
C HIS D 190 -16.39 -4.21 25.78
N MET D 191 -15.27 -4.70 26.32
CA MET D 191 -14.76 -6.01 25.94
C MET D 191 -15.78 -7.10 26.27
N ASN D 192 -16.48 -6.95 27.42
CA ASN D 192 -17.44 -7.92 27.92
C ASN D 192 -18.66 -8.03 27.01
N ILE D 193 -18.80 -7.12 26.04
CA ILE D 193 -19.86 -7.24 25.05
C ILE D 193 -19.31 -7.82 23.75
N GLU D 194 -18.25 -7.20 23.20
CA GLU D 194 -17.89 -7.39 21.80
C GLU D 194 -16.81 -8.45 21.58
N GLU D 195 -15.96 -8.68 22.57
CA GLU D 195 -14.78 -9.53 22.39
C GLU D 195 -15.15 -11.00 22.60
N SER D 196 -14.28 -11.88 22.11
CA SER D 196 -14.52 -13.31 22.20
C SER D 196 -14.09 -13.89 23.56
N ASP D 197 -13.23 -13.17 24.28
CA ASP D 197 -12.77 -13.57 25.59
C ASP D 197 -11.97 -12.41 26.19
N MET D 198 -11.56 -12.55 27.44
CA MET D 198 -11.02 -11.39 28.13
C MET D 198 -9.51 -11.36 28.02
N PHE D 199 -8.88 -12.36 27.37
CA PHE D 199 -7.42 -12.39 27.37
C PHE D 199 -6.84 -12.19 25.98
N SER D 200 -7.54 -12.63 24.95
CA SER D 200 -6.93 -12.60 23.63
C SER D 200 -6.81 -11.17 23.12
N PRO D 201 -7.76 -10.23 23.35
CA PRO D 201 -7.55 -8.86 22.91
C PRO D 201 -6.30 -8.23 23.50
N ILE D 202 -5.94 -8.59 24.75
CA ILE D 202 -4.75 -8.03 25.39
C ILE D 202 -3.49 -8.61 24.77
N LEU D 203 -3.47 -9.92 24.52
CA LEU D 203 -2.31 -10.54 23.92
C LEU D 203 -2.16 -10.05 22.48
N ASP D 204 -3.27 -9.90 21.77
CA ASP D 204 -3.22 -9.44 20.39
C ASP D 204 -2.71 -8.01 20.32
N THR D 205 -3.11 -7.15 21.26
CA THR D 205 -2.81 -5.71 21.23
C THR D 205 -1.53 -5.37 22.00
N ALA D 206 -0.88 -6.39 22.58
CA ALA D 206 0.18 -6.22 23.58
C ALA D 206 0.96 -4.92 23.42
N GLU D 207 1.65 -4.74 22.29
CA GLU D 207 2.58 -3.63 22.19
C GLU D 207 1.84 -2.30 22.03
N ALA D 208 0.62 -2.34 21.46
CA ALA D 208 -0.13 -1.12 21.20
C ALA D 208 -0.98 -0.67 22.39
N LEU D 209 -1.17 -1.52 23.40
CA LEU D 209 -2.09 -1.18 24.49
C LEU D 209 -1.44 -0.15 25.41
N ARG D 210 -2.04 1.04 25.53
CA ARG D 210 -1.46 2.14 26.28
C ARG D 210 -2.40 2.75 27.33
N TYR D 211 -3.64 2.27 27.43
CA TYR D 211 -4.59 2.80 28.41
C TYR D 211 -5.68 1.78 28.68
N VAL D 212 -6.07 1.64 29.96
CA VAL D 212 -7.03 0.62 30.36
C VAL D 212 -8.12 1.22 31.27
N HIS D 213 -9.39 0.94 30.93
CA HIS D 213 -10.52 1.29 31.77
C HIS D 213 -11.06 0.06 32.51
N ILE D 214 -11.18 0.16 33.84
CA ILE D 214 -11.80 -0.87 34.66
C ILE D 214 -13.24 -0.47 34.94
N GLY D 215 -14.19 -1.20 34.36
CA GLY D 215 -15.62 -0.95 34.54
C GLY D 215 -16.41 -2.26 34.55
N GLU D 216 -17.39 -2.33 35.44
CA GLU D 216 -18.20 -3.53 35.59
C GLU D 216 -19.19 -3.63 34.44
N SER D 217 -19.85 -4.79 34.29
CA SER D 217 -20.74 -5.04 33.16
C SER D 217 -21.82 -3.97 33.08
N HIS D 218 -22.37 -3.57 34.23
CA HIS D 218 -23.44 -2.57 34.27
C HIS D 218 -22.91 -1.19 34.65
N ARG D 219 -21.59 -1.08 34.86
CA ARG D 219 -20.85 0.16 35.16
C ARG D 219 -21.00 0.61 36.62
N GLY D 220 -21.43 -0.27 37.54
CA GLY D 220 -21.54 0.04 38.97
C GLY D 220 -20.34 -0.47 39.78
N TYR D 221 -20.60 -0.93 41.01
CA TYR D 221 -19.56 -1.48 41.85
C TYR D 221 -18.84 -2.62 41.14
N LEU D 222 -17.51 -2.67 41.33
CA LEU D 222 -16.71 -3.72 40.75
C LEU D 222 -16.99 -5.05 41.44
N GLY D 223 -17.09 -6.12 40.65
CA GLY D 223 -17.36 -7.45 41.18
C GLY D 223 -18.81 -7.65 41.61
N THR D 224 -19.74 -6.93 40.96
CA THR D 224 -21.18 -7.10 41.18
C THR D 224 -21.92 -7.23 39.85
N GLY D 225 -21.21 -7.63 38.79
CA GLY D 225 -21.78 -7.81 37.47
C GLY D 225 -21.14 -9.04 36.81
N SER D 226 -21.02 -9.02 35.48
CA SER D 226 -20.62 -10.18 34.72
C SER D 226 -19.23 -10.06 34.09
N VAL D 227 -18.39 -9.10 34.53
CA VAL D 227 -17.10 -8.95 33.88
C VAL D 227 -16.09 -9.92 34.49
N ASP D 228 -15.31 -10.57 33.62
CA ASP D 228 -14.26 -11.48 34.05
C ASP D 228 -12.99 -10.67 34.29
N PHE D 229 -12.82 -10.18 35.53
CA PHE D 229 -11.65 -9.39 35.86
C PHE D 229 -10.41 -10.25 36.07
N ASP D 230 -10.57 -11.49 36.58
CA ASP D 230 -9.43 -12.37 36.82
C ASP D 230 -8.65 -12.64 35.53
N THR D 231 -9.33 -13.16 34.50
CA THR D 231 -8.70 -13.36 33.21
C THR D 231 -8.10 -12.07 32.67
N PHE D 232 -8.84 -10.96 32.73
CA PHE D 232 -8.34 -9.72 32.18
C PHE D 232 -7.03 -9.33 32.85
N PHE D 233 -6.98 -9.37 34.18
CA PHE D 233 -5.80 -8.90 34.88
C PHE D 233 -4.63 -9.85 34.69
N LYS D 234 -4.90 -11.15 34.70
CA LYS D 234 -3.83 -12.11 34.47
C LYS D 234 -3.18 -11.85 33.12
N ALA D 235 -3.99 -11.63 32.09
CA ALA D 235 -3.46 -11.32 30.76
C ALA D 235 -2.68 -10.01 30.76
N LEU D 236 -3.15 -9.00 31.50
CA LEU D 236 -2.41 -7.74 31.63
C LEU D 236 -1.02 -8.08 32.19
N GLY D 237 -0.97 -8.91 33.22
CA GLY D 237 0.29 -9.30 33.82
C GLY D 237 1.19 -10.05 32.84
N ARG D 238 0.60 -10.83 31.95
CA ARG D 238 1.38 -11.69 31.07
C ARG D 238 2.19 -10.83 30.09
N ILE D 239 1.60 -9.76 29.57
CA ILE D 239 2.29 -8.89 28.63
C ILE D 239 3.07 -7.78 29.34
N GLY D 240 3.16 -7.83 30.68
CA GLY D 240 3.87 -6.82 31.44
C GLY D 240 3.38 -5.40 31.16
N TYR D 241 2.06 -5.21 31.15
CA TYR D 241 1.48 -3.90 30.95
C TYR D 241 1.78 -3.00 32.15
N ASP D 242 2.07 -1.73 31.87
CA ASP D 242 2.44 -0.79 32.92
C ASP D 242 1.94 0.63 32.64
N GLY D 243 1.02 0.78 31.68
CA GLY D 243 0.30 2.03 31.54
C GLY D 243 -0.73 2.25 32.65
N PRO D 244 -1.60 3.27 32.47
CA PRO D 244 -2.60 3.58 33.48
C PRO D 244 -3.75 2.56 33.50
N VAL D 245 -4.31 2.39 34.70
CA VAL D 245 -5.47 1.55 34.97
C VAL D 245 -6.48 2.41 35.73
N VAL D 246 -7.54 2.82 35.03
CA VAL D 246 -8.44 3.86 35.53
C VAL D 246 -9.82 3.26 35.80
N PHE D 247 -10.33 3.49 37.02
CA PHE D 247 -11.69 3.09 37.37
C PHE D 247 -12.71 3.95 36.64
N GLU D 248 -13.80 3.33 36.19
CA GLU D 248 -14.87 4.08 35.56
C GLU D 248 -16.22 3.55 36.02
N SER D 249 -17.20 4.44 36.22
CA SER D 249 -18.47 4.09 36.82
C SER D 249 -19.48 5.21 36.65
N PHE D 250 -20.72 4.87 36.31
CA PHE D 250 -21.75 5.88 36.09
C PHE D 250 -23.04 5.51 36.81
N SER D 251 -23.64 6.48 37.49
CA SER D 251 -24.88 6.27 38.22
C SER D 251 -25.81 7.46 38.07
N SER D 252 -27.11 7.22 38.26
CA SER D 252 -28.14 8.25 38.33
C SER D 252 -27.77 9.35 39.32
N SER D 253 -27.01 9.00 40.38
CA SER D 253 -26.77 9.92 41.47
C SER D 253 -25.78 11.04 41.10
N VAL D 254 -24.98 10.85 40.05
CA VAL D 254 -24.10 11.89 39.55
C VAL D 254 -24.33 12.01 38.05
N VAL D 255 -24.90 13.15 37.64
CA VAL D 255 -25.35 13.34 36.27
C VAL D 255 -24.50 14.42 35.60
N ALA D 256 -24.00 14.10 34.41
CA ALA D 256 -23.47 15.10 33.50
C ALA D 256 -24.52 15.39 32.44
N PRO D 257 -24.79 16.66 32.08
CA PRO D 257 -25.82 16.96 31.09
C PRO D 257 -25.59 16.30 29.73
N ASP D 258 -24.36 16.39 29.21
CA ASP D 258 -24.03 15.77 27.93
C ASP D 258 -23.91 14.25 28.10
N LEU D 259 -22.92 13.85 28.90
CA LEU D 259 -22.38 12.51 28.85
C LEU D 259 -23.40 11.49 29.35
N SER D 260 -24.01 11.78 30.51
CA SER D 260 -24.95 10.86 31.11
C SER D 260 -26.06 10.45 30.14
N ARG D 261 -26.47 11.35 29.25
CA ARG D 261 -27.50 10.99 28.29
C ARG D 261 -26.92 10.17 27.12
N MET D 262 -25.68 10.45 26.71
CA MET D 262 -25.03 9.70 25.64
C MET D 262 -24.70 8.26 26.08
N LEU D 263 -24.46 8.01 27.37
CA LEU D 263 -24.06 6.67 27.79
C LEU D 263 -25.27 5.85 28.28
N GLY D 264 -26.45 6.45 28.37
CA GLY D 264 -27.65 5.69 28.72
C GLY D 264 -27.69 5.31 30.20
N ILE D 265 -27.32 6.25 31.06
CA ILE D 265 -27.33 6.00 32.49
C ILE D 265 -28.73 6.27 33.01
N TRP D 266 -29.61 5.29 32.83
CA TRP D 266 -30.98 5.44 33.28
C TRP D 266 -31.15 5.07 34.74
N ARG D 267 -30.20 4.31 35.31
CA ARG D 267 -30.43 3.59 36.56
C ARG D 267 -29.53 4.11 37.69
N ASN D 268 -30.00 3.92 38.91
CA ASN D 268 -29.19 4.16 40.09
C ASN D 268 -28.38 2.90 40.41
N LEU D 269 -27.06 2.99 40.28
CA LEU D 269 -26.19 1.88 40.66
C LEU D 269 -25.38 2.16 41.92
N TRP D 270 -25.40 3.40 42.41
CA TRP D 270 -24.79 3.71 43.69
C TRP D 270 -25.25 5.10 44.11
N ALA D 271 -25.18 5.35 45.42
CA ALA D 271 -25.51 6.65 45.99
C ALA D 271 -24.29 7.30 46.66
N ASP D 272 -23.47 6.49 47.32
CA ASP D 272 -22.34 6.96 48.11
C ASP D 272 -21.07 6.76 47.31
N ASN D 273 -20.61 7.81 46.62
CA ASN D 273 -19.47 7.65 45.73
C ASN D 273 -18.17 7.56 46.52
N GLU D 274 -18.10 8.04 47.76
CA GLU D 274 -16.88 7.89 48.54
C GLU D 274 -16.61 6.42 48.87
N GLU D 275 -17.68 5.64 49.13
CA GLU D 275 -17.55 4.20 49.38
C GLU D 275 -17.20 3.48 48.08
N LEU D 276 -17.87 3.87 46.99
CA LEU D 276 -17.64 3.25 45.69
C LEU D 276 -16.18 3.41 45.27
N GLY D 277 -15.63 4.62 45.39
CA GLY D 277 -14.30 4.92 44.89
C GLY D 277 -13.19 4.28 45.74
N ALA D 278 -13.40 4.26 47.08
CA ALA D 278 -12.48 3.61 47.98
C ALA D 278 -12.45 2.11 47.67
N HIS D 279 -13.65 1.52 47.54
CA HIS D 279 -13.78 0.11 47.17
C HIS D 279 -13.04 -0.20 45.87
N ALA D 280 -13.26 0.63 44.83
CA ALA D 280 -12.69 0.39 43.52
C ALA D 280 -11.17 0.56 43.55
N ASN D 281 -10.67 1.57 44.22
CA ASN D 281 -9.23 1.72 44.33
C ASN D 281 -8.60 0.47 44.93
N ALA D 282 -9.20 -0.07 45.99
CA ALA D 282 -8.67 -1.30 46.59
C ALA D 282 -8.84 -2.50 45.65
N PHE D 283 -10.02 -2.61 45.01
CA PHE D 283 -10.28 -3.71 44.12
C PHE D 283 -9.19 -3.82 43.06
N ILE D 284 -8.81 -2.68 42.48
CA ILE D 284 -7.83 -2.68 41.39
C ILE D 284 -6.44 -2.97 41.93
N ARG D 285 -6.02 -2.26 42.98
CA ARG D 285 -4.67 -2.41 43.52
C ARG D 285 -4.44 -3.87 43.96
N ASP D 286 -5.45 -4.49 44.53
CA ASP D 286 -5.27 -5.84 45.06
C ASP D 286 -5.29 -6.87 43.93
N LYS D 287 -6.01 -6.59 42.85
CA LYS D 287 -5.89 -7.35 41.62
C LYS D 287 -4.46 -7.31 41.09
N LEU D 288 -3.87 -6.10 41.00
CA LEU D 288 -2.53 -5.99 40.45
C LEU D 288 -1.52 -6.67 41.36
N THR D 289 -1.73 -6.57 42.68
CA THR D 289 -0.87 -7.20 43.67
C THR D 289 -0.86 -8.71 43.51
N ALA D 290 -2.05 -9.32 43.44
CA ALA D 290 -2.15 -10.77 43.39
C ALA D 290 -1.52 -11.31 42.10
N ILE D 291 -1.58 -10.53 41.00
CA ILE D 291 -1.09 -10.99 39.72
C ILE D 291 0.44 -11.02 39.71
N LYS D 292 1.07 -10.07 40.40
CA LYS D 292 2.51 -10.09 40.56
C LYS D 292 2.98 -11.40 41.18
N THR D 293 2.21 -11.96 42.12
CA THR D 293 2.63 -13.18 42.79
C THR D 293 2.59 -14.39 41.86
N ILE D 294 1.71 -14.38 40.84
CA ILE D 294 1.69 -15.45 39.84
C ILE D 294 3.03 -15.49 39.10
N GLU D 295 3.59 -14.31 38.83
CA GLU D 295 4.79 -14.18 37.99
C GLU D 295 5.96 -15.02 38.51
N LEU D 296 6.16 -15.00 39.83
CA LEU D 296 7.29 -15.68 40.47
C LEU D 296 6.96 -17.09 41.01
N LEU E 1 -4.34 -4.62 71.16
CA LEU E 1 -4.55 -4.02 69.81
C LEU E 1 -6.05 -3.80 69.59
N GLU E 2 -6.67 -3.00 70.47
CA GLU E 2 -8.05 -2.53 70.35
C GLU E 2 -9.10 -3.63 70.54
N VAL E 3 -10.35 -3.33 70.19
CA VAL E 3 -11.53 -3.91 70.83
C VAL E 3 -12.01 -5.15 70.06
N LEU E 4 -12.57 -6.08 70.83
CA LEU E 4 -13.15 -7.29 70.29
C LEU E 4 -14.39 -6.96 69.47
N PHE E 5 -14.41 -7.44 68.22
CA PHE E 5 -15.59 -7.31 67.39
C PHE E 5 -16.66 -8.23 67.95
N GLN E 6 -17.85 -7.70 68.22
CA GLN E 6 -18.86 -8.46 68.94
C GLN E 6 -19.81 -9.21 67.99
N GLY E 7 -20.05 -8.66 66.79
CA GLY E 7 -21.00 -9.22 65.84
C GLY E 7 -20.69 -10.68 65.44
N PRO E 8 -21.64 -11.39 64.79
CA PRO E 8 -21.50 -12.82 64.52
C PRO E 8 -20.73 -13.16 63.24
N MET E 9 -20.67 -12.21 62.28
CA MET E 9 -19.98 -12.47 61.03
C MET E 9 -18.54 -12.01 61.14
N LYS E 10 -17.72 -12.86 61.77
CA LYS E 10 -16.32 -12.55 61.98
C LYS E 10 -15.54 -12.98 60.76
N ILE E 11 -14.74 -12.07 60.24
CA ILE E 11 -13.79 -12.36 59.18
C ILE E 11 -12.53 -12.91 59.84
N GLY E 12 -12.18 -14.16 59.52
CA GLY E 12 -11.17 -14.88 60.28
C GLY E 12 -10.02 -15.34 59.40
N CYS E 13 -8.97 -15.82 60.06
CA CYS E 13 -7.76 -16.28 59.40
C CYS E 13 -7.28 -17.57 60.07
N HIS E 14 -6.92 -18.57 59.27
CA HIS E 14 -6.45 -19.86 59.77
C HIS E 14 -5.00 -19.75 60.23
N GLY E 15 -4.67 -20.49 61.30
CA GLY E 15 -3.40 -20.33 61.99
C GLY E 15 -2.16 -20.64 61.13
N LEU E 16 -2.30 -21.55 60.15
CA LEU E 16 -1.18 -21.94 59.31
C LEU E 16 -0.84 -20.92 58.23
N VAL E 17 -1.46 -19.75 58.21
CA VAL E 17 -0.90 -18.66 57.44
C VAL E 17 0.38 -18.17 58.11
N TRP E 18 0.46 -18.38 59.43
CA TRP E 18 1.42 -17.68 60.28
C TRP E 18 2.50 -18.62 60.79
N THR E 19 2.12 -19.82 61.25
CA THR E 19 3.06 -20.72 61.86
C THR E 19 2.47 -22.11 61.82
N GLY E 20 3.33 -23.12 61.99
CA GLY E 20 2.91 -24.51 61.99
C GLY E 20 3.01 -25.16 63.36
N HIS E 21 3.55 -24.41 64.33
CA HIS E 21 3.77 -24.88 65.70
C HIS E 21 3.02 -23.95 66.65
N PHE E 22 2.14 -24.52 67.48
CA PHE E 22 1.28 -23.74 68.35
C PHE E 22 1.62 -23.97 69.82
N ASP E 23 2.93 -23.89 70.09
CA ASP E 23 3.46 -23.66 71.43
C ASP E 23 3.06 -22.25 71.87
N ALA E 24 3.59 -21.80 73.01
CA ALA E 24 3.30 -20.44 73.46
C ALA E 24 3.70 -19.42 72.40
N GLU E 25 4.89 -19.60 71.82
CA GLU E 25 5.46 -18.60 70.92
C GLU E 25 4.61 -18.46 69.66
N GLY E 26 4.17 -19.60 69.11
CA GLY E 26 3.36 -19.59 67.90
C GLY E 26 1.97 -18.99 68.12
N ILE E 27 1.33 -19.34 69.25
CA ILE E 27 0.02 -18.80 69.60
C ILE E 27 0.09 -17.28 69.64
N ARG E 28 1.09 -16.74 70.37
CA ARG E 28 1.26 -15.30 70.44
C ARG E 28 1.52 -14.72 69.06
N TYR E 29 2.42 -15.36 68.29
CA TYR E 29 2.75 -14.86 66.97
C TYR E 29 1.53 -14.85 66.06
N SER E 30 0.71 -15.91 66.10
CA SER E 30 -0.41 -16.05 65.18
C SER E 30 -1.56 -15.09 65.55
N VAL E 31 -1.80 -14.89 66.85
CA VAL E 31 -2.83 -13.97 67.28
C VAL E 31 -2.46 -12.52 66.95
N GLN E 32 -1.20 -12.16 67.16
CA GLN E 32 -0.72 -10.83 66.81
C GLN E 32 -0.85 -10.59 65.31
N LYS E 33 -0.24 -11.46 64.52
CA LYS E 33 -0.24 -11.30 63.08
C LYS E 33 -1.67 -11.28 62.52
N THR E 34 -2.56 -12.11 63.07
CA THR E 34 -3.94 -12.10 62.65
C THR E 34 -4.55 -10.72 62.87
N ARG E 35 -4.35 -10.15 64.07
CA ARG E 35 -4.90 -8.83 64.33
C ARG E 35 -4.26 -7.82 63.38
N GLU E 36 -2.95 -7.93 63.15
CA GLU E 36 -2.24 -6.92 62.37
C GLU E 36 -2.80 -6.85 60.96
N ALA E 37 -3.21 -8.00 60.41
CA ALA E 37 -3.67 -8.04 59.02
C ALA E 37 -5.11 -7.54 58.89
N GLY E 38 -5.88 -7.50 60.00
CA GLY E 38 -7.19 -6.88 60.00
C GLY E 38 -8.35 -7.82 60.31
N PHE E 39 -8.04 -9.06 60.72
CA PHE E 39 -9.08 -10.05 60.96
C PHE E 39 -9.73 -9.86 62.33
N ASP E 40 -10.91 -10.45 62.50
CA ASP E 40 -11.64 -10.43 63.76
C ASP E 40 -11.38 -11.69 64.58
N LEU E 41 -10.87 -12.75 63.93
CA LEU E 41 -10.85 -14.08 64.49
C LEU E 41 -9.60 -14.81 64.00
N VAL E 42 -9.17 -15.78 64.80
CA VAL E 42 -8.11 -16.71 64.41
C VAL E 42 -8.66 -18.11 64.61
N GLU E 43 -8.43 -18.97 63.63
CA GLU E 43 -8.80 -20.37 63.72
C GLU E 43 -7.55 -21.16 64.08
N PHE E 44 -7.55 -21.73 65.28
CA PHE E 44 -6.44 -22.54 65.74
C PHE E 44 -6.56 -23.96 65.20
N PRO E 45 -5.52 -24.53 64.59
CA PRO E 45 -5.55 -25.95 64.24
C PRO E 45 -5.15 -26.79 65.45
N LEU E 46 -6.14 -27.26 66.19
CA LEU E 46 -5.93 -28.15 67.31
C LEU E 46 -5.68 -29.58 66.82
N MET E 47 -4.60 -29.78 66.08
CA MET E 47 -4.20 -31.13 65.71
C MET E 47 -3.84 -31.93 66.97
N ASP E 48 -3.22 -31.27 67.97
CA ASP E 48 -3.00 -31.87 69.28
C ASP E 48 -3.63 -31.01 70.37
N PRO E 49 -4.89 -31.29 70.75
CA PRO E 49 -5.54 -30.50 71.81
C PRO E 49 -4.97 -30.74 73.21
N PHE E 50 -4.30 -31.89 73.42
CA PHE E 50 -3.81 -32.25 74.75
C PHE E 50 -2.61 -31.40 75.18
N SER E 51 -1.88 -30.83 74.23
CA SER E 51 -0.72 -29.99 74.55
C SER E 51 -0.96 -28.55 74.10
N PHE E 52 -2.21 -28.13 74.00
CA PHE E 52 -2.49 -26.76 73.60
C PHE E 52 -2.51 -25.89 74.85
N ASP E 53 -1.77 -24.77 74.79
CA ASP E 53 -1.53 -23.90 75.92
C ASP E 53 -2.67 -22.87 76.03
N VAL E 54 -3.71 -23.21 76.80
CA VAL E 54 -4.93 -22.42 76.82
C VAL E 54 -4.68 -21.07 77.49
N GLN E 55 -3.84 -21.03 78.53
CA GLN E 55 -3.60 -19.79 79.26
C GLN E 55 -2.98 -18.76 78.31
N THR E 56 -1.96 -19.18 77.55
CA THR E 56 -1.30 -18.27 76.65
C THR E 56 -2.27 -17.75 75.57
N ALA E 57 -3.16 -18.63 75.09
CA ALA E 57 -4.17 -18.25 74.11
C ALA E 57 -5.11 -17.18 74.68
N LYS E 58 -5.72 -17.48 75.84
CA LYS E 58 -6.62 -16.53 76.48
C LYS E 58 -5.94 -15.16 76.63
N SER E 59 -4.64 -15.17 76.93
CA SER E 59 -3.88 -13.95 77.12
C SER E 59 -3.73 -13.16 75.81
N ALA E 60 -3.35 -13.85 74.74
CA ALA E 60 -3.08 -13.17 73.47
C ALA E 60 -4.38 -12.66 72.83
N LEU E 61 -5.48 -13.42 73.02
CA LEU E 61 -6.77 -13.05 72.46
C LEU E 61 -7.30 -11.79 73.14
N ALA E 62 -7.23 -11.75 74.48
CA ALA E 62 -7.66 -10.60 75.24
C ALA E 62 -6.81 -9.38 74.90
N GLU E 63 -5.48 -9.57 74.82
CA GLU E 63 -4.56 -8.49 74.50
C GLU E 63 -4.89 -7.83 73.16
N HIS E 64 -5.22 -8.63 72.15
CA HIS E 64 -5.35 -8.14 70.78
C HIS E 64 -6.81 -7.98 70.34
N GLY E 65 -7.76 -8.10 71.26
CA GLY E 65 -9.18 -8.01 70.92
C GLY E 65 -9.58 -8.94 69.79
N LEU E 66 -9.35 -10.25 69.95
CA LEU E 66 -9.53 -11.20 68.86
C LEU E 66 -10.40 -12.36 69.29
N ALA E 67 -11.31 -12.78 68.41
CA ALA E 67 -12.11 -13.96 68.66
C ALA E 67 -11.32 -15.21 68.27
N ALA E 68 -11.82 -16.38 68.65
CA ALA E 68 -11.13 -17.62 68.31
C ALA E 68 -12.11 -18.75 68.03
N SER E 69 -11.64 -19.66 67.18
CA SER E 69 -12.30 -20.93 66.93
C SER E 69 -11.21 -21.95 66.70
N ALA E 70 -11.60 -23.23 66.56
CA ALA E 70 -10.60 -24.26 66.34
C ALA E 70 -11.10 -25.23 65.29
N SER E 71 -10.16 -25.73 64.48
CA SER E 71 -10.43 -26.77 63.52
C SER E 71 -9.41 -27.88 63.69
N LEU E 72 -9.71 -29.01 63.05
CA LEU E 72 -9.02 -30.26 63.37
C LEU E 72 -9.40 -31.28 62.31
N GLY E 73 -8.48 -32.21 62.08
CA GLY E 73 -8.74 -33.35 61.22
C GLY E 73 -8.18 -34.62 61.84
N LEU E 74 -9.03 -35.65 61.96
CA LEU E 74 -8.63 -36.90 62.59
C LEU E 74 -7.59 -37.62 61.74
N SER E 75 -7.04 -38.70 62.30
CA SER E 75 -6.02 -39.50 61.63
C SER E 75 -6.35 -40.99 61.79
N ASP E 76 -5.43 -41.86 61.36
CA ASP E 76 -5.65 -43.29 61.42
C ASP E 76 -6.00 -43.72 62.85
N ALA E 77 -5.16 -43.30 63.80
CA ALA E 77 -5.29 -43.69 65.20
C ALA E 77 -6.61 -43.22 65.82
N THR E 78 -7.26 -42.22 65.21
CA THR E 78 -8.38 -41.53 65.82
C THR E 78 -9.62 -41.52 64.95
N ASP E 79 -9.70 -42.47 64.00
CA ASP E 79 -10.72 -42.43 62.96
C ASP E 79 -12.04 -42.90 63.53
N VAL E 80 -12.96 -41.97 63.81
CA VAL E 80 -14.26 -42.34 64.36
C VAL E 80 -15.13 -43.12 63.37
N SER E 81 -14.73 -43.20 62.09
CA SER E 81 -15.43 -44.00 61.09
C SER E 81 -14.79 -45.38 60.92
N SER E 82 -13.81 -45.72 61.78
CA SER E 82 -13.27 -47.06 61.86
C SER E 82 -14.32 -48.05 62.35
N GLU E 83 -14.08 -49.34 62.13
CA GLU E 83 -14.98 -50.37 62.64
C GLU E 83 -14.52 -50.93 64.00
N ASP E 84 -13.21 -50.74 64.31
CA ASP E 84 -12.58 -51.08 65.59
C ASP E 84 -12.93 -50.05 66.67
N PRO E 85 -13.71 -50.43 67.72
CA PRO E 85 -14.20 -49.45 68.69
C PRO E 85 -13.13 -48.76 69.53
N ALA E 86 -11.92 -49.32 69.60
CA ALA E 86 -10.81 -48.65 70.28
C ALA E 86 -10.39 -47.41 69.51
N VAL E 87 -10.39 -47.49 68.18
CA VAL E 87 -10.01 -46.36 67.35
C VAL E 87 -11.09 -45.29 67.44
N VAL E 88 -12.37 -45.69 67.38
CA VAL E 88 -13.46 -44.74 67.52
C VAL E 88 -13.34 -43.98 68.84
N LYS E 89 -12.99 -44.69 69.92
CA LYS E 89 -12.93 -44.07 71.24
C LYS E 89 -11.79 -43.06 71.30
N ALA E 90 -10.63 -43.40 70.75
CA ALA E 90 -9.48 -42.51 70.84
C ALA E 90 -9.75 -41.22 70.09
N GLY E 91 -10.57 -41.29 69.04
CA GLY E 91 -11.01 -40.12 68.30
C GLY E 91 -12.08 -39.35 69.05
N GLU E 92 -13.05 -40.07 69.65
CA GLU E 92 -14.08 -39.43 70.45
C GLU E 92 -13.47 -38.63 71.61
N GLU E 93 -12.42 -39.15 72.24
CA GLU E 93 -11.81 -38.48 73.38
C GLU E 93 -10.81 -37.40 72.94
N LEU E 94 -10.27 -37.48 71.72
CA LEU E 94 -9.53 -36.37 71.11
C LEU E 94 -10.49 -35.21 70.84
N LEU E 95 -11.67 -35.51 70.26
CA LEU E 95 -12.69 -34.51 69.96
C LEU E 95 -13.18 -33.81 71.22
N ASN E 96 -13.44 -34.60 72.27
CA ASN E 96 -13.95 -34.10 73.53
C ASN E 96 -12.99 -33.09 74.15
N ARG E 97 -11.70 -33.40 74.11
CA ARG E 97 -10.69 -32.50 74.65
C ARG E 97 -10.60 -31.21 73.84
N ALA E 98 -10.81 -31.30 72.52
CA ALA E 98 -10.76 -30.11 71.69
C ALA E 98 -12.00 -29.23 71.92
N VAL E 99 -13.15 -29.86 72.21
CA VAL E 99 -14.32 -29.10 72.64
C VAL E 99 -14.01 -28.37 73.96
N ASP E 100 -13.36 -29.07 74.89
CA ASP E 100 -13.04 -28.49 76.19
C ASP E 100 -12.13 -27.27 76.04
N VAL E 101 -11.14 -27.35 75.16
CA VAL E 101 -10.25 -26.21 74.93
C VAL E 101 -11.05 -25.01 74.43
N LEU E 102 -12.02 -25.23 73.55
CA LEU E 102 -12.83 -24.11 73.09
C LEU E 102 -13.67 -23.54 74.23
N ALA E 103 -14.25 -24.41 75.07
CA ALA E 103 -14.98 -23.93 76.23
C ALA E 103 -14.08 -23.03 77.11
N GLU E 104 -12.88 -23.52 77.43
CA GLU E 104 -11.92 -22.72 78.19
C GLU E 104 -11.58 -21.40 77.50
N LEU E 105 -11.55 -21.37 76.16
CA LEU E 105 -11.30 -20.13 75.46
C LEU E 105 -12.55 -19.25 75.40
N GLY E 106 -13.71 -19.79 75.76
CA GLY E 106 -14.97 -19.07 75.58
C GLY E 106 -15.30 -18.86 74.11
N ALA E 107 -14.93 -19.82 73.27
CA ALA E 107 -15.24 -19.75 71.86
C ALA E 107 -16.61 -20.37 71.62
N THR E 108 -17.07 -20.29 70.38
CA THR E 108 -18.38 -20.82 70.04
C THR E 108 -18.31 -21.87 68.94
N ASP E 109 -17.16 -22.06 68.29
CA ASP E 109 -17.13 -22.76 67.02
C ASP E 109 -16.04 -23.83 66.97
N PHE E 110 -16.49 -25.08 66.75
CA PHE E 110 -15.63 -26.22 66.49
C PHE E 110 -15.96 -26.79 65.13
N CYS E 111 -14.94 -26.96 64.28
CA CYS E 111 -15.23 -27.42 62.93
C CYS E 111 -14.06 -28.25 62.43
N GLY E 112 -14.32 -28.97 61.34
CA GLY E 112 -13.24 -29.64 60.64
C GLY E 112 -13.70 -31.01 60.19
N VAL E 113 -12.72 -31.86 59.88
CA VAL E 113 -12.98 -33.21 59.43
C VAL E 113 -12.97 -34.13 60.65
N ILE E 114 -14.16 -34.24 61.27
CA ILE E 114 -14.34 -34.86 62.57
C ILE E 114 -15.31 -36.05 62.51
N TYR E 115 -15.63 -36.50 61.28
CA TYR E 115 -16.52 -37.63 61.06
C TYR E 115 -15.72 -38.80 60.46
N SER E 116 -14.40 -38.62 60.34
CA SER E 116 -13.52 -39.64 59.80
C SER E 116 -12.09 -39.14 59.89
N ALA E 117 -11.13 -39.94 59.42
CA ALA E 117 -9.77 -39.43 59.29
C ALA E 117 -9.72 -38.52 58.07
N MET E 118 -8.77 -37.61 58.10
CA MET E 118 -8.51 -36.71 57.00
C MET E 118 -7.33 -37.29 56.23
N LYS E 119 -7.65 -38.19 55.29
CA LYS E 119 -6.60 -38.84 54.51
C LYS E 119 -7.17 -39.31 53.17
N LYS E 120 -6.31 -39.90 52.35
CA LYS E 120 -6.72 -40.58 51.14
C LYS E 120 -7.06 -42.02 51.49
N TYR E 121 -8.36 -42.30 51.63
CA TYR E 121 -8.85 -43.65 51.81
C TYR E 121 -8.60 -44.46 50.54
N MET E 122 -8.48 -45.78 50.71
CA MET E 122 -8.22 -46.68 49.62
C MET E 122 -9.42 -47.60 49.38
N GLU E 123 -10.53 -47.36 50.11
CA GLU E 123 -11.72 -48.19 50.06
C GLU E 123 -12.91 -47.26 50.30
N PRO E 124 -14.10 -47.55 49.76
CA PRO E 124 -15.30 -46.81 50.14
C PRO E 124 -15.63 -47.01 51.62
N ALA E 125 -16.39 -46.07 52.16
CA ALA E 125 -16.83 -46.15 53.55
C ALA E 125 -17.78 -47.32 53.73
N THR E 126 -17.63 -48.00 54.88
CA THR E 126 -18.47 -49.15 55.21
C THR E 126 -19.68 -48.73 56.05
N ALA E 127 -20.78 -49.47 55.91
CA ALA E 127 -22.00 -49.17 56.64
C ALA E 127 -21.74 -49.13 58.15
N ALA E 128 -20.87 -50.01 58.64
CA ALA E 128 -20.59 -50.10 60.07
C ALA E 128 -19.85 -48.87 60.56
N GLY E 129 -18.84 -48.44 59.80
CA GLY E 129 -18.05 -47.27 60.13
C GLY E 129 -18.87 -45.99 60.12
N LEU E 130 -19.80 -45.87 59.16
CA LEU E 130 -20.68 -44.71 59.12
C LEU E 130 -21.57 -44.66 60.36
N ALA E 131 -22.08 -45.83 60.79
CA ALA E 131 -22.86 -45.93 62.01
C ALA E 131 -22.03 -45.42 63.20
N ASN E 132 -20.79 -45.90 63.31
CA ASN E 132 -19.88 -45.45 64.37
C ASN E 132 -19.68 -43.93 64.32
N SER E 133 -19.18 -43.43 63.17
CA SER E 133 -19.00 -41.99 62.96
C SER E 133 -20.23 -41.21 63.41
N LYS E 134 -21.42 -41.59 62.91
CA LYS E 134 -22.63 -40.85 63.23
C LYS E 134 -22.88 -40.83 64.73
N ALA E 135 -22.88 -42.00 65.38
CA ALA E 135 -23.14 -42.08 66.81
C ALA E 135 -22.11 -41.27 67.60
N ALA E 136 -20.82 -41.39 67.23
CA ALA E 136 -19.76 -40.71 67.96
C ALA E 136 -19.89 -39.18 67.81
N VAL E 137 -20.13 -38.70 66.58
CA VAL E 137 -20.30 -37.26 66.34
C VAL E 137 -21.50 -36.74 67.12
N GLY E 138 -22.58 -37.54 67.17
CA GLY E 138 -23.73 -37.20 67.97
C GLY E 138 -23.37 -36.94 69.44
N ARG E 139 -22.55 -37.81 70.02
CA ARG E 139 -22.16 -37.61 71.41
C ARG E 139 -21.27 -36.40 71.56
N VAL E 140 -20.37 -36.17 70.62
CA VAL E 140 -19.53 -34.98 70.69
C VAL E 140 -20.42 -33.74 70.61
N ALA E 141 -21.38 -33.78 69.69
CA ALA E 141 -22.31 -32.67 69.53
C ALA E 141 -23.05 -32.40 70.85
N ASP E 142 -23.51 -33.46 71.51
CA ASP E 142 -24.28 -33.31 72.74
C ASP E 142 -23.42 -32.68 73.84
N ARG E 143 -22.26 -33.26 74.08
CA ARG E 143 -21.31 -32.73 75.05
C ARG E 143 -20.99 -31.25 74.78
N ALA E 144 -20.86 -30.86 73.50
CA ALA E 144 -20.57 -29.48 73.13
C ALA E 144 -21.82 -28.60 73.26
N SER E 145 -23.00 -29.15 72.97
CA SER E 145 -24.27 -28.49 73.20
C SER E 145 -24.32 -27.80 74.56
N ASP E 146 -24.03 -28.56 75.62
CA ASP E 146 -24.16 -28.04 76.97
C ASP E 146 -23.08 -27.03 77.32
N LEU E 147 -22.01 -26.94 76.51
CA LEU E 147 -20.93 -26.01 76.79
C LEU E 147 -21.05 -24.73 75.95
N GLY E 148 -22.13 -24.58 75.17
CA GLY E 148 -22.32 -23.39 74.33
C GLY E 148 -21.45 -23.40 73.07
N ILE E 149 -21.26 -24.59 72.50
CA ILE E 149 -20.36 -24.77 71.36
C ILE E 149 -21.14 -25.39 70.20
N ASN E 150 -21.03 -24.76 69.03
CA ASN E 150 -21.53 -25.35 67.80
C ASN E 150 -20.46 -26.24 67.18
N VAL E 151 -20.92 -27.36 66.62
CA VAL E 151 -20.07 -28.27 65.88
C VAL E 151 -20.50 -28.22 64.42
N SER E 152 -19.54 -27.93 63.53
CA SER E 152 -19.79 -27.91 62.11
C SER E 152 -18.92 -28.94 61.39
N LEU E 153 -19.53 -29.78 60.55
CA LEU E 153 -18.81 -30.79 59.79
C LEU E 153 -18.32 -30.18 58.47
N GLU E 154 -17.00 -30.23 58.24
CA GLU E 154 -16.44 -29.69 57.01
C GLU E 154 -16.54 -30.72 55.89
N VAL E 155 -17.10 -30.28 54.75
CA VAL E 155 -17.21 -31.10 53.55
C VAL E 155 -15.93 -30.91 52.74
N VAL E 156 -15.16 -31.98 52.55
CA VAL E 156 -13.87 -31.91 51.89
C VAL E 156 -13.85 -32.86 50.70
N ASN E 157 -12.80 -32.77 49.87
CA ASN E 157 -12.78 -33.48 48.60
C ASN E 157 -12.54 -34.97 48.82
N ARG E 158 -12.55 -35.71 47.70
CA ARG E 158 -12.47 -37.17 47.69
C ARG E 158 -11.14 -37.68 48.24
N TYR E 159 -10.07 -36.89 48.13
CA TYR E 159 -8.75 -37.33 48.58
C TYR E 159 -8.54 -37.10 50.07
N GLU E 160 -9.52 -36.51 50.78
CA GLU E 160 -9.38 -36.21 52.21
C GLU E 160 -10.43 -36.87 53.10
N THR E 161 -11.47 -37.45 52.49
CA THR E 161 -12.42 -38.30 53.18
C THR E 161 -13.18 -39.08 52.13
N ASN E 162 -13.81 -40.16 52.56
CA ASN E 162 -14.76 -40.89 51.71
C ASN E 162 -16.17 -40.85 52.30
N VAL E 163 -16.45 -39.89 53.19
CA VAL E 163 -17.75 -39.82 53.86
C VAL E 163 -18.57 -38.63 53.34
N LEU E 164 -18.06 -37.39 53.54
CA LEU E 164 -18.80 -36.16 53.26
C LEU E 164 -18.10 -35.35 52.16
N ASN E 165 -18.45 -35.60 50.90
CA ASN E 165 -17.76 -34.94 49.79
C ASN E 165 -18.59 -33.80 49.19
N THR E 166 -19.89 -33.78 49.46
CA THR E 166 -20.76 -32.74 48.93
C THR E 166 -21.69 -32.24 50.03
N GLY E 167 -22.28 -31.09 49.80
CA GLY E 167 -23.22 -30.54 50.74
C GLY E 167 -24.41 -31.46 50.97
N ARG E 168 -24.88 -32.11 49.90
CA ARG E 168 -26.08 -32.93 50.05
C ARG E 168 -25.78 -34.12 50.96
N GLN E 169 -24.59 -34.71 50.83
CA GLN E 169 -24.24 -35.80 51.72
C GLN E 169 -24.23 -35.31 53.17
N ALA E 170 -23.81 -34.06 53.39
CA ALA E 170 -23.73 -33.50 54.73
C ALA E 170 -25.14 -33.30 55.30
N LEU E 171 -26.06 -32.81 54.47
CA LEU E 171 -27.44 -32.67 54.91
C LEU E 171 -28.00 -34.02 55.35
N ALA E 172 -27.73 -35.09 54.58
CA ALA E 172 -28.26 -36.41 54.88
C ALA E 172 -27.65 -36.96 56.17
N TYR E 173 -26.38 -36.66 56.43
CA TYR E 173 -25.72 -37.01 57.68
C TYR E 173 -26.40 -36.28 58.84
N LEU E 174 -26.64 -34.97 58.69
CA LEU E 174 -27.26 -34.15 59.72
C LEU E 174 -28.69 -34.60 60.03
N GLU E 175 -29.47 -34.97 59.00
CA GLU E 175 -30.86 -35.32 59.20
C GLU E 175 -30.99 -36.59 60.05
N GLU E 176 -30.01 -37.50 59.98
CA GLU E 176 -30.06 -38.70 60.79
C GLU E 176 -29.67 -38.41 62.24
N LEU E 177 -28.79 -37.43 62.47
CA LEU E 177 -28.34 -37.12 63.82
C LEU E 177 -29.29 -36.16 64.55
N ASN E 178 -29.83 -35.19 63.82
CA ASN E 178 -30.87 -34.29 64.33
C ASN E 178 -30.43 -33.58 65.60
N ARG E 179 -29.24 -32.98 65.60
CA ARG E 179 -28.78 -32.22 66.74
C ARG E 179 -28.89 -30.72 66.45
N PRO E 180 -29.49 -29.91 67.34
CA PRO E 180 -29.68 -28.49 67.02
C PRO E 180 -28.38 -27.67 66.96
N ASN E 181 -27.28 -28.17 67.52
CA ASN E 181 -26.02 -27.43 67.51
C ASN E 181 -25.07 -27.92 66.41
N LEU E 182 -25.53 -28.87 65.58
CA LEU E 182 -24.71 -29.47 64.54
C LEU E 182 -24.97 -28.77 63.21
N GLY E 183 -23.91 -28.19 62.64
CA GLY E 183 -24.02 -27.42 61.42
C GLY E 183 -23.10 -27.94 60.31
N ILE E 184 -23.16 -27.28 59.15
CA ILE E 184 -22.36 -27.63 58.00
C ILE E 184 -21.31 -26.54 57.77
N HIS E 185 -20.12 -26.99 57.33
CA HIS E 185 -18.98 -26.16 57.08
C HIS E 185 -18.55 -26.37 55.62
N LEU E 186 -18.59 -25.30 54.82
CA LEU E 186 -18.22 -25.36 53.41
C LEU E 186 -16.91 -24.63 53.19
N ASP E 187 -16.15 -25.12 52.22
CA ASP E 187 -14.83 -24.59 51.91
C ASP E 187 -14.77 -24.43 50.39
N THR E 188 -14.48 -23.22 49.92
CA THR E 188 -14.55 -22.95 48.48
C THR E 188 -13.57 -23.83 47.72
N TYR E 189 -12.46 -24.19 48.36
CA TYR E 189 -11.42 -25.02 47.76
C TYR E 189 -11.97 -26.40 47.42
N HIS E 190 -12.59 -27.04 48.41
CA HIS E 190 -13.18 -28.35 48.23
C HIS E 190 -14.42 -28.30 47.34
N MET E 191 -15.23 -27.22 47.45
CA MET E 191 -16.40 -27.08 46.59
C MET E 191 -15.96 -26.99 45.13
N ASN E 192 -14.79 -26.37 44.89
CA ASN E 192 -14.31 -26.17 43.53
C ASN E 192 -14.00 -27.52 42.86
N ILE E 193 -13.93 -28.61 43.64
CA ILE E 193 -13.72 -29.92 43.04
C ILE E 193 -15.07 -30.64 42.93
N GLU E 194 -15.78 -30.81 44.05
CA GLU E 194 -16.84 -31.80 44.13
C GLU E 194 -18.23 -31.27 43.75
N GLU E 195 -18.51 -29.99 43.95
CA GLU E 195 -19.88 -29.51 43.83
C GLU E 195 -20.19 -29.17 42.37
N SER E 196 -21.48 -29.08 42.08
CA SER E 196 -21.95 -28.82 40.73
C SER E 196 -21.73 -27.36 40.30
N ASP E 197 -21.75 -26.43 41.27
CA ASP E 197 -21.64 -25.00 41.02
C ASP E 197 -21.41 -24.33 42.38
N MET E 198 -21.18 -23.03 42.39
CA MET E 198 -20.81 -22.38 43.64
C MET E 198 -22.03 -21.79 44.35
N PHE E 199 -23.22 -21.80 43.74
CA PHE E 199 -24.38 -21.22 44.43
C PHE E 199 -25.34 -22.28 44.99
N SER E 200 -25.56 -23.37 44.25
CA SER E 200 -26.49 -24.41 44.68
C SER E 200 -26.15 -24.97 46.06
N PRO E 201 -24.87 -25.27 46.42
CA PRO E 201 -24.60 -25.81 47.75
C PRO E 201 -24.93 -24.83 48.85
N ILE E 202 -24.79 -23.52 48.60
CA ILE E 202 -25.22 -22.52 49.56
C ILE E 202 -26.75 -22.54 49.68
N LEU E 203 -27.46 -22.46 48.55
CA LEU E 203 -28.90 -22.39 48.61
C LEU E 203 -29.49 -23.64 49.28
N ASP E 204 -28.97 -24.82 48.93
CA ASP E 204 -29.44 -26.07 49.52
C ASP E 204 -29.14 -26.15 51.02
N THR E 205 -27.99 -25.62 51.46
CA THR E 205 -27.54 -25.79 52.83
C THR E 205 -28.07 -24.69 53.77
N ALA E 206 -28.55 -23.58 53.22
CA ALA E 206 -29.04 -22.40 53.93
C ALA E 206 -29.11 -22.54 55.45
N GLU E 207 -30.11 -23.27 55.96
CA GLU E 207 -30.35 -23.33 57.40
C GLU E 207 -29.12 -23.85 58.14
N ALA E 208 -28.54 -24.95 57.64
CA ALA E 208 -27.48 -25.68 58.34
C ALA E 208 -26.08 -25.07 58.15
N LEU E 209 -25.91 -24.11 57.23
CA LEU E 209 -24.59 -23.57 56.96
C LEU E 209 -24.15 -22.64 58.09
N ARG E 210 -23.11 -23.02 58.84
CA ARG E 210 -22.68 -22.21 59.99
C ARG E 210 -21.19 -21.86 60.00
N TYR E 211 -20.42 -22.29 59.00
CA TYR E 211 -19.01 -21.95 58.96
C TYR E 211 -18.53 -22.03 57.50
N VAL E 212 -17.66 -21.08 57.11
CA VAL E 212 -17.21 -21.00 55.73
C VAL E 212 -15.71 -20.76 55.70
N HIS E 213 -15.04 -21.47 54.78
CA HIS E 213 -13.63 -21.27 54.51
C HIS E 213 -13.43 -20.67 53.13
N ILE E 214 -12.61 -19.63 53.04
CA ILE E 214 -12.26 -18.96 51.79
C ILE E 214 -10.84 -19.39 51.42
N GLY E 215 -10.74 -20.32 50.47
CA GLY E 215 -9.47 -20.82 49.97
C GLY E 215 -9.45 -20.82 48.45
N GLU E 216 -8.33 -20.38 47.86
CA GLU E 216 -8.13 -20.44 46.42
C GLU E 216 -8.02 -21.90 45.98
N SER E 217 -8.17 -22.15 44.66
CA SER E 217 -8.21 -23.49 44.12
C SER E 217 -6.93 -24.26 44.42
N HIS E 218 -5.79 -23.55 44.50
CA HIS E 218 -4.50 -24.16 44.77
C HIS E 218 -4.01 -23.88 46.19
N ARG E 219 -4.78 -23.06 46.92
CA ARG E 219 -4.60 -22.81 48.35
C ARG E 219 -3.60 -21.68 48.57
N GLY E 220 -3.31 -20.88 47.54
CA GLY E 220 -2.43 -19.72 47.67
C GLY E 220 -3.22 -18.41 47.78
N TYR E 221 -2.69 -17.37 47.14
CA TYR E 221 -3.31 -16.05 47.12
C TYR E 221 -4.71 -16.09 46.52
N LEU E 222 -5.65 -15.37 47.15
CA LEU E 222 -7.00 -15.28 46.63
C LEU E 222 -6.98 -14.47 45.34
N GLY E 223 -7.74 -14.93 44.36
CA GLY E 223 -7.89 -14.25 43.09
C GLY E 223 -6.90 -14.70 42.05
N THR E 224 -6.04 -15.67 42.37
CA THR E 224 -4.98 -16.12 41.47
C THR E 224 -5.18 -17.58 41.06
N GLY E 225 -6.41 -18.06 41.13
CA GLY E 225 -6.68 -19.45 40.79
C GLY E 225 -7.99 -19.58 40.02
N SER E 226 -8.69 -20.70 40.25
CA SER E 226 -9.85 -21.08 39.47
C SER E 226 -11.15 -21.04 40.30
N VAL E 227 -11.13 -20.50 41.51
CA VAL E 227 -12.32 -20.59 42.32
C VAL E 227 -13.26 -19.46 41.93
N ASP E 228 -14.54 -19.79 41.79
CA ASP E 228 -15.54 -18.82 41.35
C ASP E 228 -16.07 -18.12 42.59
N PHE E 229 -15.31 -17.12 43.03
CA PHE E 229 -15.60 -16.42 44.28
C PHE E 229 -16.84 -15.54 44.17
N ASP E 230 -17.02 -14.91 43.02
CA ASP E 230 -18.16 -14.03 42.76
C ASP E 230 -19.48 -14.75 43.06
N THR E 231 -19.74 -15.85 42.36
CA THR E 231 -20.93 -16.62 42.58
C THR E 231 -21.05 -17.04 44.05
N PHE E 232 -19.92 -17.41 44.67
CA PHE E 232 -19.97 -17.91 46.03
C PHE E 232 -20.45 -16.80 46.97
N PHE E 233 -19.87 -15.62 46.87
CA PHE E 233 -20.22 -14.54 47.78
C PHE E 233 -21.64 -14.02 47.51
N LYS E 234 -22.06 -13.98 46.24
CA LYS E 234 -23.42 -13.57 45.94
C LYS E 234 -24.44 -14.56 46.52
N ALA E 235 -24.15 -15.85 46.48
CA ALA E 235 -25.03 -16.85 47.07
C ALA E 235 -25.09 -16.70 48.59
N LEU E 236 -23.93 -16.53 49.24
CA LEU E 236 -23.90 -16.16 50.65
C LEU E 236 -24.78 -14.94 50.90
N GLY E 237 -24.70 -13.94 50.01
CA GLY E 237 -25.53 -12.76 50.14
C GLY E 237 -27.01 -13.11 50.08
N ARG E 238 -27.36 -14.00 49.16
CA ARG E 238 -28.76 -14.29 48.90
C ARG E 238 -29.41 -15.05 50.06
N ILE E 239 -28.67 -15.93 50.76
CA ILE E 239 -29.25 -16.65 51.88
C ILE E 239 -29.15 -15.83 53.16
N GLY E 240 -28.58 -14.61 53.10
CA GLY E 240 -28.39 -13.82 54.30
C GLY E 240 -27.43 -14.45 55.32
N TYR E 241 -26.37 -15.14 54.84
CA TYR E 241 -25.43 -15.79 55.73
C TYR E 241 -24.67 -14.75 56.55
N ASP E 242 -24.50 -15.02 57.86
CA ASP E 242 -23.73 -14.16 58.73
C ASP E 242 -23.02 -14.97 59.82
N GLY E 243 -22.55 -16.17 59.47
CA GLY E 243 -21.58 -16.87 60.30
C GLY E 243 -20.15 -16.40 60.02
N PRO E 244 -19.15 -17.14 60.52
CA PRO E 244 -17.74 -16.82 60.22
C PRO E 244 -17.31 -17.06 58.78
N VAL E 245 -16.39 -16.19 58.32
CA VAL E 245 -15.80 -16.30 56.99
C VAL E 245 -14.27 -16.26 57.15
N VAL E 246 -13.61 -17.41 56.95
CA VAL E 246 -12.24 -17.61 57.41
C VAL E 246 -11.27 -17.92 56.27
N PHE E 247 -10.23 -17.09 56.13
CA PHE E 247 -9.18 -17.33 55.15
C PHE E 247 -8.33 -18.56 55.50
N GLU E 248 -7.93 -19.31 54.46
CA GLU E 248 -7.13 -20.51 54.60
C GLU E 248 -6.14 -20.61 53.43
N SER E 249 -4.86 -20.76 53.75
CA SER E 249 -3.81 -20.78 52.75
C SER E 249 -2.62 -21.61 53.25
N PHE E 250 -2.03 -22.41 52.37
CA PHE E 250 -0.94 -23.26 52.76
C PHE E 250 0.17 -23.18 51.73
N SER E 251 1.40 -22.97 52.25
CA SER E 251 2.62 -22.88 51.47
C SER E 251 3.73 -23.65 52.17
N SER E 252 4.63 -24.24 51.38
CA SER E 252 5.79 -24.96 51.90
C SER E 252 6.70 -24.07 52.75
N SER E 253 6.57 -22.73 52.64
CA SER E 253 7.34 -21.82 53.49
C SER E 253 6.95 -21.92 54.96
N VAL E 254 5.71 -22.34 55.27
CA VAL E 254 5.26 -22.46 56.64
C VAL E 254 4.75 -23.88 56.82
N VAL E 255 5.58 -24.71 57.45
CA VAL E 255 5.32 -26.15 57.51
C VAL E 255 4.88 -26.53 58.92
N ALA E 256 3.72 -27.18 58.99
CA ALA E 256 3.31 -27.91 60.19
C ALA E 256 3.73 -29.37 60.03
N PRO E 257 4.33 -29.99 61.07
CA PRO E 257 4.88 -31.34 60.93
C PRO E 257 3.88 -32.35 60.35
N ASP E 258 2.65 -32.39 60.87
CA ASP E 258 1.68 -33.37 60.42
C ASP E 258 0.80 -32.80 59.31
N LEU E 259 0.24 -31.60 59.53
CA LEU E 259 -0.82 -31.07 58.69
C LEU E 259 -0.31 -30.86 57.26
N SER E 260 0.86 -30.20 57.11
CA SER E 260 1.37 -29.85 55.80
C SER E 260 1.59 -31.09 54.92
N ARG E 261 1.94 -32.22 55.54
CA ARG E 261 2.07 -33.47 54.81
C ARG E 261 0.69 -34.03 54.48
N MET E 262 -0.23 -34.00 55.44
CA MET E 262 -1.56 -34.57 55.23
C MET E 262 -2.29 -33.83 54.11
N LEU E 263 -1.94 -32.57 53.86
CA LEU E 263 -2.69 -31.76 52.91
C LEU E 263 -2.00 -31.69 51.54
N GLY E 264 -0.84 -32.35 51.41
CA GLY E 264 -0.10 -32.35 50.15
C GLY E 264 0.44 -30.96 49.79
N ILE E 265 1.00 -30.26 50.78
CA ILE E 265 1.54 -28.94 50.54
C ILE E 265 2.97 -29.11 50.01
N TRP E 266 3.06 -29.51 48.74
CA TRP E 266 4.35 -29.73 48.12
C TRP E 266 4.97 -28.44 47.60
N ARG E 267 4.18 -27.39 47.34
CA ARG E 267 4.68 -26.23 46.58
C ARG E 267 4.78 -24.98 47.45
N ASN E 268 5.53 -24.01 46.93
CA ASN E 268 5.74 -22.73 47.57
C ASN E 268 4.88 -21.67 46.89
N LEU E 269 3.75 -21.33 47.52
CA LEU E 269 2.77 -20.45 46.89
C LEU E 269 2.91 -19.01 47.37
N TRP E 270 3.55 -18.82 48.53
CA TRP E 270 3.80 -17.47 49.02
C TRP E 270 4.92 -17.50 50.04
N ALA E 271 5.60 -16.37 50.20
CA ALA E 271 6.69 -16.27 51.15
C ALA E 271 6.39 -15.22 52.21
N ASP E 272 5.93 -14.04 51.77
CA ASP E 272 5.60 -12.93 52.65
C ASP E 272 4.16 -13.08 53.13
N ASN E 273 3.99 -13.70 54.30
CA ASN E 273 2.64 -13.99 54.77
C ASN E 273 1.99 -12.77 55.40
N GLU E 274 2.77 -11.75 55.81
CA GLU E 274 2.18 -10.49 56.24
C GLU E 274 1.34 -9.88 55.10
N GLU E 275 1.91 -9.86 53.88
CA GLU E 275 1.20 -9.31 52.74
C GLU E 275 0.03 -10.22 52.31
N LEU E 276 0.20 -11.54 52.48
CA LEU E 276 -0.85 -12.47 52.09
C LEU E 276 -2.10 -12.23 52.93
N GLY E 277 -1.98 -12.34 54.26
CA GLY E 277 -3.13 -12.20 55.14
C GLY E 277 -3.83 -10.86 54.98
N ALA E 278 -3.06 -9.80 54.78
CA ALA E 278 -3.65 -8.48 54.61
C ALA E 278 -4.43 -8.40 53.31
N HIS E 279 -3.91 -9.02 52.25
CA HIS E 279 -4.59 -9.06 50.96
C HIS E 279 -5.84 -9.95 51.02
N ALA E 280 -5.78 -11.06 51.79
CA ALA E 280 -6.93 -11.92 51.97
C ALA E 280 -7.99 -11.20 52.83
N ASN E 281 -7.54 -10.49 53.86
CA ASN E 281 -8.46 -9.74 54.71
C ASN E 281 -9.25 -8.73 53.88
N ALA E 282 -8.53 -7.94 53.07
CA ALA E 282 -9.18 -6.94 52.22
C ALA E 282 -10.06 -7.60 51.16
N PHE E 283 -9.61 -8.76 50.62
CA PHE E 283 -10.37 -9.48 49.61
C PHE E 283 -11.76 -9.84 50.15
N ILE E 284 -11.79 -10.47 51.33
CA ILE E 284 -13.05 -10.94 51.89
C ILE E 284 -13.96 -9.77 52.25
N ARG E 285 -13.42 -8.76 52.95
CA ARG E 285 -14.24 -7.65 53.42
C ARG E 285 -14.82 -6.86 52.24
N ASP E 286 -14.01 -6.62 51.21
CA ASP E 286 -14.46 -5.84 50.06
C ASP E 286 -15.50 -6.61 49.25
N LYS E 287 -15.34 -7.93 49.17
CA LYS E 287 -16.32 -8.78 48.54
C LYS E 287 -17.67 -8.64 49.24
N LEU E 288 -17.68 -8.79 50.57
CA LEU E 288 -18.91 -8.69 51.33
C LEU E 288 -19.53 -7.31 51.20
N THR E 289 -18.70 -6.27 51.16
CA THR E 289 -19.20 -4.92 50.98
C THR E 289 -19.94 -4.81 49.64
N ALA E 290 -19.28 -5.24 48.55
CA ALA E 290 -19.83 -5.10 47.22
C ALA E 290 -21.13 -5.90 47.07
N ILE E 291 -21.16 -7.11 47.65
CA ILE E 291 -22.31 -8.00 47.54
C ILE E 291 -23.50 -7.41 48.29
N LYS E 292 -23.25 -6.61 49.33
CA LYS E 292 -24.32 -5.96 50.08
C LYS E 292 -25.05 -4.91 49.24
N THR E 293 -24.37 -4.33 48.25
CA THR E 293 -25.03 -3.35 47.40
C THR E 293 -26.00 -4.01 46.43
N ILE E 294 -25.82 -5.32 46.19
CA ILE E 294 -26.55 -5.98 45.11
C ILE E 294 -28.06 -6.03 45.41
N GLU E 295 -28.48 -6.28 46.65
CA GLU E 295 -29.90 -6.36 46.92
C GLU E 295 -30.60 -5.04 46.60
N LEU E 296 -29.86 -3.91 46.67
CA LEU E 296 -30.43 -2.57 46.58
C LEU E 296 -30.58 -2.08 45.14
N HIS E 297 -30.04 -2.80 44.15
CA HIS E 297 -30.12 -2.39 42.75
C HIS E 297 -30.80 -3.46 41.89
N MET F 9 -5.88 -34.57 14.87
CA MET F 9 -6.60 -34.36 16.16
C MET F 9 -7.71 -35.39 16.35
N LYS F 10 -7.43 -36.46 17.10
CA LYS F 10 -8.46 -37.46 17.35
C LYS F 10 -9.18 -37.15 18.65
N ILE F 11 -10.50 -37.39 18.64
CA ILE F 11 -11.35 -37.14 19.79
C ILE F 11 -11.64 -38.47 20.46
N GLY F 12 -11.13 -38.62 21.68
CA GLY F 12 -11.01 -39.90 22.35
C GLY F 12 -11.84 -40.06 23.62
N CYS F 13 -12.09 -41.31 23.98
CA CYS F 13 -12.82 -41.64 25.19
C CYS F 13 -11.96 -42.57 26.02
N HIS F 14 -11.80 -42.26 27.31
CA HIS F 14 -11.06 -43.09 28.24
C HIS F 14 -11.86 -44.35 28.54
N GLY F 15 -11.18 -45.49 28.61
CA GLY F 15 -11.85 -46.78 28.69
C GLY F 15 -12.73 -47.00 29.93
N LEU F 16 -12.46 -46.27 31.04
CA LEU F 16 -13.23 -46.49 32.25
C LEU F 16 -14.60 -45.85 32.24
N VAL F 17 -14.97 -45.24 31.11
CA VAL F 17 -16.35 -44.84 30.89
C VAL F 17 -17.19 -46.10 30.70
N TRP F 18 -16.56 -47.15 30.19
CA TRP F 18 -17.25 -48.35 29.69
C TRP F 18 -17.06 -49.57 30.58
N THR F 19 -15.83 -49.81 31.03
CA THR F 19 -15.59 -50.93 31.90
C THR F 19 -14.33 -50.66 32.72
N GLY F 20 -14.19 -51.45 33.79
CA GLY F 20 -13.00 -51.46 34.62
C GLY F 20 -12.10 -52.66 34.38
N HIS F 21 -12.52 -53.60 33.51
CA HIS F 21 -11.81 -54.87 33.31
C HIS F 21 -11.45 -55.01 31.84
N PHE F 22 -10.15 -54.99 31.57
CA PHE F 22 -9.68 -55.03 30.20
C PHE F 22 -9.16 -56.41 29.85
N ASP F 23 -10.01 -57.40 30.12
CA ASP F 23 -9.94 -58.71 29.52
C ASP F 23 -10.56 -58.63 28.12
N ALA F 24 -10.67 -59.78 27.46
CA ALA F 24 -11.09 -59.83 26.06
C ALA F 24 -12.48 -59.21 25.87
N GLU F 25 -13.46 -59.55 26.71
CA GLU F 25 -14.77 -58.96 26.54
C GLU F 25 -14.71 -57.45 26.83
N GLY F 26 -13.91 -57.06 27.82
CA GLY F 26 -13.84 -55.66 28.22
C GLY F 26 -13.21 -54.77 27.15
N ILE F 27 -12.17 -55.29 26.50
CA ILE F 27 -11.55 -54.61 25.36
C ILE F 27 -12.58 -54.47 24.24
N ARG F 28 -13.27 -55.55 23.93
CA ARG F 28 -14.25 -55.50 22.87
C ARG F 28 -15.35 -54.50 23.24
N TYR F 29 -15.81 -54.53 24.49
CA TYR F 29 -16.96 -53.74 24.88
C TYR F 29 -16.66 -52.25 24.80
N SER F 30 -15.48 -51.85 25.30
CA SER F 30 -15.09 -50.46 25.33
C SER F 30 -14.90 -49.92 23.91
N VAL F 31 -14.33 -50.74 23.03
CA VAL F 31 -14.09 -50.29 21.66
C VAL F 31 -15.41 -50.06 20.93
N GLN F 32 -16.35 -51.00 21.07
CA GLN F 32 -17.66 -50.88 20.42
C GLN F 32 -18.41 -49.65 20.93
N LYS F 33 -18.45 -49.47 22.26
CA LYS F 33 -19.26 -48.42 22.86
C LYS F 33 -18.69 -47.03 22.55
N THR F 34 -17.35 -46.93 22.51
CA THR F 34 -16.66 -45.69 22.19
C THR F 34 -17.07 -45.19 20.80
N ARG F 35 -17.10 -46.08 19.81
CA ARG F 35 -17.41 -45.73 18.43
C ARG F 35 -18.90 -45.43 18.30
N GLU F 36 -19.77 -46.18 18.99
CA GLU F 36 -21.20 -45.88 18.97
C GLU F 36 -21.45 -44.49 19.54
N ALA F 37 -20.61 -44.03 20.48
CA ALA F 37 -20.80 -42.71 21.03
C ALA F 37 -20.20 -41.63 20.13
N GLY F 38 -19.49 -42.01 19.06
CA GLY F 38 -19.03 -41.04 18.07
C GLY F 38 -17.56 -40.65 18.18
N PHE F 39 -16.78 -41.28 19.07
CA PHE F 39 -15.38 -40.92 19.23
C PHE F 39 -14.54 -41.48 18.09
N ASP F 40 -13.30 -40.97 17.94
CA ASP F 40 -12.35 -41.50 16.97
C ASP F 40 -11.33 -42.44 17.62
N LEU F 41 -11.23 -42.43 18.96
CA LEU F 41 -10.10 -43.06 19.63
C LEU F 41 -10.54 -43.56 21.01
N VAL F 42 -9.90 -44.63 21.47
CA VAL F 42 -10.13 -45.13 22.81
C VAL F 42 -8.79 -45.19 23.53
N GLU F 43 -8.78 -44.73 24.78
CA GLU F 43 -7.56 -44.70 25.56
C GLU F 43 -7.63 -45.85 26.55
N PHE F 44 -6.77 -46.85 26.36
CA PHE F 44 -6.80 -48.01 27.22
C PHE F 44 -6.06 -47.70 28.49
N PRO F 45 -6.67 -47.96 29.66
CA PRO F 45 -5.92 -47.95 30.89
C PRO F 45 -5.08 -49.23 31.00
N LEU F 46 -3.76 -49.09 30.78
CA LEU F 46 -2.85 -50.22 30.86
C LEU F 46 -2.30 -50.38 32.27
N MET F 47 -3.17 -50.65 33.22
CA MET F 47 -2.70 -50.84 34.58
C MET F 47 -1.86 -52.12 34.68
N ASP F 48 -2.24 -53.18 33.94
CA ASP F 48 -1.45 -54.40 33.83
C ASP F 48 -1.15 -54.69 32.36
N PRO F 49 -0.08 -54.12 31.78
CA PRO F 49 0.20 -54.37 30.36
C PRO F 49 0.60 -55.81 30.06
N PHE F 50 1.15 -56.54 31.04
CA PHE F 50 1.63 -57.90 30.79
C PHE F 50 0.47 -58.77 30.31
N SER F 51 -0.70 -58.63 30.94
CA SER F 51 -1.85 -59.50 30.68
C SER F 51 -2.87 -58.87 29.73
N PHE F 52 -2.50 -57.78 29.06
CA PHE F 52 -3.42 -57.10 28.15
C PHE F 52 -3.47 -57.86 26.81
N ASP F 53 -4.68 -58.31 26.42
CA ASP F 53 -4.85 -59.05 25.17
C ASP F 53 -4.68 -58.14 23.95
N VAL F 54 -3.43 -57.99 23.47
CA VAL F 54 -3.16 -57.15 22.33
C VAL F 54 -3.92 -57.64 21.10
N GLN F 55 -3.99 -58.96 20.91
CA GLN F 55 -4.59 -59.50 19.70
C GLN F 55 -6.07 -59.13 19.62
N THR F 56 -6.80 -59.28 20.72
CA THR F 56 -8.23 -58.99 20.76
C THR F 56 -8.49 -57.50 20.48
N ALA F 57 -7.58 -56.64 20.96
CA ALA F 57 -7.71 -55.20 20.79
C ALA F 57 -7.53 -54.82 19.33
N LYS F 58 -6.39 -55.22 18.76
CA LYS F 58 -6.14 -54.99 17.35
C LYS F 58 -7.34 -55.39 16.52
N SER F 59 -7.93 -56.54 16.87
CA SER F 59 -9.12 -57.07 16.22
C SER F 59 -10.33 -56.14 16.42
N ALA F 60 -10.55 -55.68 17.66
CA ALA F 60 -11.68 -54.80 17.94
C ALA F 60 -11.45 -53.42 17.28
N LEU F 61 -10.21 -52.93 17.33
CA LEU F 61 -9.91 -51.64 16.74
C LEU F 61 -10.19 -51.65 15.23
N ALA F 62 -9.68 -52.68 14.54
CA ALA F 62 -9.83 -52.76 13.09
C ALA F 62 -11.31 -52.93 12.71
N GLU F 63 -12.01 -53.84 13.39
CA GLU F 63 -13.42 -54.06 13.13
C GLU F 63 -14.20 -52.75 13.13
N HIS F 64 -14.07 -51.95 14.20
CA HIS F 64 -14.87 -50.73 14.37
C HIS F 64 -14.17 -49.48 13.82
N GLY F 65 -13.02 -49.63 13.15
CA GLY F 65 -12.36 -48.51 12.49
C GLY F 65 -12.06 -47.39 13.47
N LEU F 66 -11.30 -47.72 14.52
CA LEU F 66 -11.08 -46.84 15.65
C LEU F 66 -9.60 -46.84 15.97
N ALA F 67 -9.06 -45.71 16.42
CA ALA F 67 -7.67 -45.65 16.82
C ALA F 67 -7.54 -45.89 18.33
N ALA F 68 -6.30 -45.93 18.82
CA ALA F 68 -6.04 -46.23 20.22
C ALA F 68 -4.80 -45.51 20.75
N SER F 69 -4.86 -45.17 22.04
CA SER F 69 -3.69 -44.78 22.83
C SER F 69 -3.78 -45.50 24.17
N ALA F 70 -2.82 -45.23 25.06
CA ALA F 70 -2.79 -45.90 26.34
C ALA F 70 -2.29 -44.97 27.43
N SER F 71 -2.90 -45.10 28.61
CA SER F 71 -2.44 -44.37 29.77
C SER F 71 -2.33 -45.36 30.93
N LEU F 72 -1.79 -44.87 32.04
CA LEU F 72 -1.25 -45.72 33.08
C LEU F 72 -0.80 -44.86 34.24
N GLY F 73 -0.78 -45.44 35.43
CA GLY F 73 -0.31 -44.77 36.60
C GLY F 73 0.41 -45.79 37.48
N LEU F 74 1.66 -45.50 37.82
CA LEU F 74 2.42 -46.41 38.67
C LEU F 74 1.79 -46.48 40.06
N SER F 75 2.26 -47.44 40.85
CA SER F 75 1.83 -47.60 42.22
C SER F 75 3.05 -47.73 43.13
N ASP F 76 2.83 -48.04 44.41
CA ASP F 76 3.93 -48.19 45.35
C ASP F 76 5.01 -49.11 44.81
N ALA F 77 4.59 -50.25 44.26
CA ALA F 77 5.51 -51.30 43.85
C ALA F 77 6.34 -50.91 42.63
N THR F 78 5.92 -49.86 41.90
CA THR F 78 6.52 -49.54 40.60
C THR F 78 6.93 -48.07 40.54
N ASP F 79 7.29 -47.50 41.69
CA ASP F 79 7.51 -46.06 41.83
C ASP F 79 8.92 -45.71 41.35
N VAL F 80 9.04 -45.23 40.11
CA VAL F 80 10.33 -44.83 39.56
C VAL F 80 10.89 -43.61 40.26
N SER F 81 10.08 -42.91 41.06
CA SER F 81 10.57 -41.81 41.88
C SER F 81 11.04 -42.30 43.25
N SER F 82 11.03 -43.62 43.49
CA SER F 82 11.52 -44.22 44.73
C SER F 82 13.04 -44.07 44.84
N GLU F 83 13.53 -44.19 46.07
CA GLU F 83 14.98 -44.28 46.26
C GLU F 83 15.42 -45.75 46.25
N ASP F 84 14.46 -46.68 46.20
CA ASP F 84 14.73 -48.10 46.15
C ASP F 84 14.88 -48.55 44.69
N PRO F 85 16.09 -48.90 44.22
CA PRO F 85 16.27 -49.22 42.80
C PRO F 85 15.56 -50.48 42.34
N ALA F 86 15.14 -51.35 43.27
CA ALA F 86 14.30 -52.50 42.91
C ALA F 86 12.92 -52.03 42.46
N VAL F 87 12.36 -51.08 43.21
CA VAL F 87 11.06 -50.53 42.88
C VAL F 87 11.17 -49.76 41.56
N VAL F 88 12.20 -48.92 41.44
CA VAL F 88 12.41 -48.14 40.24
C VAL F 88 12.53 -49.06 39.02
N LYS F 89 13.19 -50.22 39.20
CA LYS F 89 13.41 -51.15 38.11
C LYS F 89 12.10 -51.82 37.72
N ALA F 90 11.33 -52.29 38.70
CA ALA F 90 10.01 -52.85 38.43
C ALA F 90 9.15 -51.85 37.66
N GLY F 91 9.19 -50.57 38.05
CA GLY F 91 8.46 -49.52 37.35
C GLY F 91 8.91 -49.35 35.90
N GLU F 92 10.24 -49.33 35.69
CA GLU F 92 10.78 -49.20 34.35
C GLU F 92 10.36 -50.37 33.46
N GLU F 93 10.20 -51.57 34.03
CA GLU F 93 9.83 -52.72 33.23
C GLU F 93 8.35 -52.70 32.89
N LEU F 94 7.53 -52.11 33.76
CA LEU F 94 6.12 -51.99 33.45
C LEU F 94 5.95 -50.95 32.33
N LEU F 95 6.65 -49.80 32.43
CA LEU F 95 6.56 -48.77 31.41
C LEU F 95 7.03 -49.28 30.06
N ASN F 96 8.12 -50.03 30.03
CA ASN F 96 8.63 -50.60 28.80
C ASN F 96 7.62 -51.54 28.12
N ARG F 97 6.92 -52.37 28.92
CA ARG F 97 5.94 -53.30 28.36
C ARG F 97 4.73 -52.55 27.78
N ALA F 98 4.32 -51.47 28.45
CA ALA F 98 3.23 -50.63 27.96
C ALA F 98 3.61 -49.96 26.64
N VAL F 99 4.86 -49.49 26.53
CA VAL F 99 5.36 -48.99 25.26
C VAL F 99 5.29 -50.10 24.21
N ASP F 100 5.65 -51.33 24.61
CA ASP F 100 5.65 -52.45 23.69
C ASP F 100 4.24 -52.74 23.19
N VAL F 101 3.27 -52.70 24.12
CA VAL F 101 1.87 -52.95 23.79
C VAL F 101 1.40 -51.96 22.73
N LEU F 102 1.83 -50.71 22.85
CA LEU F 102 1.40 -49.69 21.91
C LEU F 102 2.06 -49.89 20.55
N ALA F 103 3.29 -50.39 20.52
CA ALA F 103 3.95 -50.66 19.24
C ALA F 103 3.17 -51.71 18.45
N GLU F 104 2.71 -52.77 19.13
CA GLU F 104 1.98 -53.84 18.44
C GLU F 104 0.60 -53.37 17.99
N LEU F 105 -0.05 -52.55 18.81
CA LEU F 105 -1.33 -51.97 18.45
C LEU F 105 -1.24 -51.07 17.23
N GLY F 106 -0.02 -50.60 16.89
CA GLY F 106 0.14 -49.60 15.85
C GLY F 106 -0.26 -48.19 16.33
N ALA F 107 -0.30 -48.00 17.65
CA ALA F 107 -0.56 -46.71 18.26
C ALA F 107 0.74 -45.91 18.33
N THR F 108 0.58 -44.62 18.69
CA THR F 108 1.68 -43.67 18.70
C THR F 108 1.79 -42.88 20.01
N ASP F 109 0.78 -42.95 20.88
CA ASP F 109 0.69 -42.06 22.02
C ASP F 109 0.59 -42.87 23.32
N PHE F 110 1.52 -42.59 24.26
CA PHE F 110 1.54 -43.16 25.61
C PHE F 110 1.63 -42.03 26.62
N CYS F 111 0.71 -42.00 27.58
CA CYS F 111 0.60 -40.87 28.49
C CYS F 111 0.30 -41.38 29.89
N GLY F 112 0.52 -40.53 30.90
CA GLY F 112 0.00 -40.80 32.22
C GLY F 112 0.96 -40.39 33.34
N VAL F 113 0.72 -40.96 34.51
CA VAL F 113 1.54 -40.69 35.67
C VAL F 113 2.61 -41.78 35.68
N ILE F 114 3.69 -41.50 34.93
CA ILE F 114 4.75 -42.48 34.71
C ILE F 114 6.09 -41.99 35.27
N TYR F 115 6.10 -40.87 36.00
CA TYR F 115 7.29 -40.29 36.59
C TYR F 115 7.30 -40.51 38.09
N SER F 116 6.23 -41.07 38.64
CA SER F 116 6.10 -41.30 40.07
C SER F 116 4.99 -42.32 40.27
N ALA F 117 4.80 -42.78 41.51
CA ALA F 117 3.56 -43.47 41.83
C ALA F 117 2.38 -42.51 41.69
N MET F 118 1.22 -43.05 41.32
CA MET F 118 -0.03 -42.31 41.33
C MET F 118 -0.72 -42.58 42.66
N LYS F 119 -0.48 -41.71 43.65
CA LYS F 119 -0.96 -41.94 44.99
C LYS F 119 -0.81 -40.66 45.80
N LYS F 120 -1.32 -40.71 47.04
CA LYS F 120 -1.18 -39.63 48.00
C LYS F 120 0.11 -39.83 48.78
N TYR F 121 1.14 -39.06 48.43
CA TYR F 121 2.39 -39.08 49.15
C TYR F 121 2.21 -38.41 50.51
N MET F 122 2.94 -38.92 51.49
CA MET F 122 2.95 -38.37 52.84
C MET F 122 4.24 -37.60 53.09
N GLU F 123 5.12 -37.48 52.07
CA GLU F 123 6.38 -36.76 52.19
C GLU F 123 6.64 -36.06 50.87
N PRO F 124 7.31 -34.89 50.87
CA PRO F 124 7.81 -34.29 49.63
C PRO F 124 8.77 -35.21 48.87
N ALA F 125 8.93 -34.93 47.58
CA ALA F 125 9.87 -35.67 46.75
C ALA F 125 11.28 -35.49 47.30
N THR F 126 12.12 -36.51 47.07
CA THR F 126 13.53 -36.43 47.40
C THR F 126 14.33 -36.17 46.13
N ALA F 127 15.51 -35.55 46.29
CA ALA F 127 16.38 -35.24 45.16
C ALA F 127 16.88 -36.51 44.47
N ALA F 128 17.26 -37.52 45.27
CA ALA F 128 17.62 -38.81 44.74
C ALA F 128 16.48 -39.41 43.92
N GLY F 129 15.25 -39.39 44.49
CA GLY F 129 14.08 -39.91 43.81
C GLY F 129 13.76 -39.15 42.53
N LEU F 130 13.92 -37.82 42.55
CA LEU F 130 13.68 -37.05 41.34
C LEU F 130 14.67 -37.47 40.26
N ALA F 131 15.95 -37.71 40.63
CA ALA F 131 16.95 -38.15 39.66
C ALA F 131 16.63 -39.55 39.11
N ASN F 132 16.21 -40.48 39.98
CA ASN F 132 15.78 -41.79 39.52
C ASN F 132 14.64 -41.69 38.51
N SER F 133 13.66 -40.79 38.77
CA SER F 133 12.50 -40.64 37.91
C SER F 133 12.90 -40.14 36.52
N LYS F 134 13.71 -39.06 36.50
CA LYS F 134 14.13 -38.48 35.23
C LYS F 134 14.91 -39.49 34.39
N ALA F 135 15.68 -40.36 35.03
CA ALA F 135 16.49 -41.33 34.31
C ALA F 135 15.64 -42.45 33.71
N ALA F 136 14.75 -43.03 34.53
CA ALA F 136 13.85 -44.06 34.04
C ALA F 136 12.96 -43.50 32.92
N VAL F 137 12.34 -42.34 33.14
CA VAL F 137 11.51 -41.74 32.11
C VAL F 137 12.33 -41.52 30.84
N GLY F 138 13.59 -41.09 31.00
CA GLY F 138 14.47 -40.88 29.85
C GLY F 138 14.68 -42.14 29.01
N ARG F 139 14.95 -43.27 29.71
CA ARG F 139 15.18 -44.54 29.04
C ARG F 139 13.91 -45.03 28.34
N VAL F 140 12.75 -44.92 29.00
CA VAL F 140 11.49 -45.28 28.40
C VAL F 140 11.23 -44.46 27.14
N ALA F 141 11.53 -43.15 27.19
CA ALA F 141 11.35 -42.28 26.04
C ALA F 141 12.28 -42.67 24.88
N ASP F 142 13.53 -43.05 25.20
CA ASP F 142 14.47 -43.53 24.20
C ASP F 142 13.94 -44.77 23.49
N ARG F 143 13.53 -45.77 24.26
CA ARG F 143 12.93 -46.99 23.73
C ARG F 143 11.69 -46.69 22.88
N ALA F 144 10.86 -45.74 23.33
CA ALA F 144 9.64 -45.39 22.63
C ALA F 144 9.95 -44.65 21.33
N SER F 145 11.04 -43.88 21.29
CA SER F 145 11.45 -43.16 20.09
C SER F 145 11.75 -44.15 18.94
N ASP F 146 12.36 -45.29 19.26
CA ASP F 146 12.67 -46.30 18.25
C ASP F 146 11.41 -46.95 17.69
N LEU F 147 10.35 -47.05 18.50
CA LEU F 147 9.09 -47.63 18.05
C LEU F 147 8.12 -46.56 17.54
N GLY F 148 8.60 -45.32 17.37
CA GLY F 148 7.78 -44.24 16.86
C GLY F 148 6.61 -43.86 17.79
N ILE F 149 6.88 -43.82 19.11
CA ILE F 149 5.85 -43.57 20.11
C ILE F 149 6.21 -42.30 20.87
N ASN F 150 5.25 -41.37 20.97
CA ASN F 150 5.37 -40.24 21.86
C ASN F 150 5.10 -40.66 23.31
N VAL F 151 5.84 -40.06 24.24
CA VAL F 151 5.56 -40.23 25.65
C VAL F 151 5.27 -38.86 26.26
N SER F 152 4.07 -38.74 26.86
CA SER F 152 3.59 -37.48 27.41
C SER F 152 3.41 -37.62 28.92
N LEU F 153 4.11 -36.77 29.69
CA LEU F 153 3.99 -36.77 31.14
C LEU F 153 2.75 -36.00 31.56
N GLU F 154 1.90 -36.64 32.36
CA GLU F 154 0.64 -36.04 32.75
C GLU F 154 0.77 -35.26 34.06
N VAL F 155 0.59 -33.94 33.98
CA VAL F 155 0.52 -33.11 35.15
C VAL F 155 -0.75 -33.47 35.92
N VAL F 156 -0.60 -33.96 37.15
CA VAL F 156 -1.75 -34.22 38.00
C VAL F 156 -1.61 -33.45 39.31
N ASN F 157 -2.63 -33.54 40.16
CA ASN F 157 -2.77 -32.68 41.33
C ASN F 157 -1.98 -33.23 42.52
N ARG F 158 -1.96 -32.46 43.60
CA ARG F 158 -1.14 -32.71 44.77
C ARG F 158 -1.44 -34.04 45.44
N TYR F 159 -2.67 -34.55 45.32
CA TYR F 159 -3.08 -35.78 46.00
C TYR F 159 -2.67 -37.04 45.22
N GLU F 160 -2.25 -36.88 43.95
CA GLU F 160 -1.96 -38.01 43.08
C GLU F 160 -0.47 -38.05 42.71
N THR F 161 0.30 -36.99 43.02
CA THR F 161 1.75 -37.00 42.87
C THR F 161 2.32 -35.83 43.67
N ASN F 162 3.61 -35.97 44.04
CA ASN F 162 4.32 -34.86 44.65
C ASN F 162 5.44 -34.34 43.76
N VAL F 163 5.45 -34.72 42.48
CA VAL F 163 6.53 -34.37 41.56
C VAL F 163 6.08 -33.29 40.59
N LEU F 164 5.14 -33.61 39.69
CA LEU F 164 4.72 -32.69 38.64
C LEU F 164 3.27 -32.28 38.85
N ASN F 165 3.08 -31.11 39.47
CA ASN F 165 1.75 -30.64 39.80
C ASN F 165 1.29 -29.49 38.90
N THR F 166 2.22 -28.80 38.24
CA THR F 166 1.88 -27.76 37.30
C THR F 166 2.58 -28.00 35.97
N GLY F 167 2.04 -27.40 34.90
CA GLY F 167 2.67 -27.42 33.60
C GLY F 167 4.10 -26.88 33.64
N ARG F 168 4.37 -25.88 34.48
CA ARG F 168 5.69 -25.27 34.54
C ARG F 168 6.71 -26.27 35.09
N GLN F 169 6.34 -27.01 36.13
CA GLN F 169 7.19 -28.07 36.66
C GLN F 169 7.50 -29.12 35.57
N ALA F 170 6.49 -29.50 34.76
CA ALA F 170 6.73 -30.47 33.70
C ALA F 170 7.68 -29.89 32.65
N LEU F 171 7.56 -28.59 32.39
CA LEU F 171 8.46 -27.95 31.44
C LEU F 171 9.91 -28.02 31.91
N ALA F 172 10.13 -27.79 33.21
CA ALA F 172 11.45 -27.93 33.82
C ALA F 172 11.95 -29.36 33.69
N TYR F 173 11.10 -30.32 34.04
CA TYR F 173 11.44 -31.74 33.97
C TYR F 173 11.86 -32.11 32.53
N LEU F 174 11.01 -31.77 31.56
CA LEU F 174 11.34 -32.00 30.16
C LEU F 174 12.67 -31.35 29.76
N GLU F 175 12.92 -30.13 30.22
CA GLU F 175 14.11 -29.41 29.78
C GLU F 175 15.37 -30.24 30.14
N GLU F 176 15.44 -30.73 31.38
CA GLU F 176 16.59 -31.51 31.80
C GLU F 176 16.79 -32.76 30.95
N LEU F 177 15.70 -33.45 30.57
CA LEU F 177 15.84 -34.70 29.82
C LEU F 177 16.23 -34.47 28.37
N ASN F 178 15.60 -33.47 27.74
CA ASN F 178 15.91 -33.07 26.38
C ASN F 178 15.74 -34.25 25.42
N ARG F 179 14.63 -34.98 25.54
CA ARG F 179 14.35 -36.03 24.57
C ARG F 179 13.30 -35.52 23.59
N PRO F 180 13.49 -35.76 22.27
CA PRO F 180 12.64 -35.13 21.27
C PRO F 180 11.21 -35.65 21.17
N ASN F 181 10.89 -36.81 21.78
CA ASN F 181 9.54 -37.34 21.75
C ASN F 181 8.85 -37.28 23.11
N LEU F 182 9.35 -36.43 24.02
CA LEU F 182 8.78 -36.32 25.36
C LEU F 182 7.95 -35.03 25.45
N GLY F 183 6.66 -35.18 25.71
CA GLY F 183 5.75 -34.05 25.77
C GLY F 183 5.02 -33.96 27.10
N ILE F 184 4.14 -32.95 27.18
CA ILE F 184 3.35 -32.69 28.37
C ILE F 184 1.90 -33.03 28.04
N HIS F 185 1.23 -33.59 29.06
CA HIS F 185 -0.18 -33.97 29.03
C HIS F 185 -0.93 -33.19 30.11
N LEU F 186 -1.86 -32.33 29.68
CA LEU F 186 -2.68 -31.55 30.59
C LEU F 186 -4.08 -32.13 30.72
N ASP F 187 -4.60 -32.09 31.95
CA ASP F 187 -5.94 -32.57 32.26
C ASP F 187 -6.70 -31.43 32.94
N THR F 188 -7.85 -31.05 32.35
CA THR F 188 -8.62 -29.92 32.85
C THR F 188 -9.03 -30.15 34.30
N TYR F 189 -9.31 -31.41 34.66
CA TYR F 189 -9.60 -31.74 36.05
C TYR F 189 -8.45 -31.36 36.97
N HIS F 190 -7.20 -31.67 36.57
CA HIS F 190 -6.06 -31.36 37.42
C HIS F 190 -5.69 -29.88 37.34
N MET F 191 -5.83 -29.26 36.17
CA MET F 191 -5.50 -27.85 36.08
C MET F 191 -6.43 -27.03 36.97
N ASN F 192 -7.72 -27.43 37.03
CA ASN F 192 -8.73 -26.72 37.78
C ASN F 192 -8.38 -26.63 39.27
N ILE F 193 -7.51 -27.54 39.74
CA ILE F 193 -7.01 -27.48 41.11
C ILE F 193 -5.72 -26.66 41.18
N GLU F 194 -4.70 -27.02 40.42
CA GLU F 194 -3.36 -26.53 40.74
C GLU F 194 -2.96 -25.28 39.96
N GLU F 195 -3.58 -24.98 38.82
CA GLU F 195 -3.07 -23.93 37.96
C GLU F 195 -3.68 -22.58 38.31
N SER F 196 -2.94 -21.52 37.94
CA SER F 196 -3.36 -20.15 38.15
C SER F 196 -4.57 -19.79 37.26
N ASP F 197 -4.72 -20.46 36.12
CA ASP F 197 -5.80 -20.18 35.18
C ASP F 197 -5.82 -21.28 34.13
N MET F 198 -6.75 -21.22 33.17
CA MET F 198 -6.87 -22.28 32.18
C MET F 198 -6.19 -21.91 30.87
N PHE F 199 -5.60 -20.72 30.75
CA PHE F 199 -5.03 -20.32 29.47
C PHE F 199 -3.50 -20.27 29.56
N SER F 200 -2.95 -19.72 30.65
CA SER F 200 -1.51 -19.55 30.75
C SER F 200 -0.74 -20.88 30.67
N PRO F 201 -1.14 -21.98 31.35
CA PRO F 201 -0.43 -23.25 31.19
C PRO F 201 -0.38 -23.78 29.75
N ILE F 202 -1.43 -23.51 28.97
CA ILE F 202 -1.47 -23.92 27.57
C ILE F 202 -0.48 -23.09 26.75
N LEU F 203 -0.40 -21.78 27.03
CA LEU F 203 0.48 -20.90 26.29
C LEU F 203 1.94 -21.15 26.68
N ASP F 204 2.20 -21.37 27.98
CA ASP F 204 3.54 -21.67 28.45
C ASP F 204 4.06 -22.99 27.86
N THR F 205 3.17 -23.99 27.71
CA THR F 205 3.58 -25.33 27.30
C THR F 205 3.38 -25.58 25.81
N ALA F 206 3.12 -24.55 25.00
CA ALA F 206 2.49 -24.78 23.70
C ALA F 206 3.30 -25.75 22.83
N GLU F 207 4.62 -25.58 22.78
CA GLU F 207 5.44 -26.48 21.96
C GLU F 207 5.31 -27.94 22.44
N ALA F 208 5.46 -28.15 23.76
CA ALA F 208 5.58 -29.48 24.32
C ALA F 208 4.23 -30.16 24.59
N LEU F 209 3.08 -29.50 24.34
CA LEU F 209 1.79 -30.08 24.72
C LEU F 209 1.33 -31.04 23.62
N ARG F 210 1.25 -32.34 23.94
CA ARG F 210 1.01 -33.34 22.91
C ARG F 210 -0.17 -34.23 23.24
N TYR F 211 -0.91 -33.92 24.32
CA TYR F 211 -2.04 -34.73 24.76
C TYR F 211 -2.85 -33.99 25.82
N VAL F 212 -4.18 -34.09 25.71
CA VAL F 212 -5.11 -33.33 26.52
C VAL F 212 -6.23 -34.23 27.03
N HIS F 213 -6.58 -34.07 28.32
CA HIS F 213 -7.73 -34.74 28.92
C HIS F 213 -8.84 -33.74 29.23
N ILE F 214 -10.07 -34.09 28.88
CA ILE F 214 -11.25 -33.26 29.12
C ILE F 214 -12.08 -33.89 30.23
N GLY F 215 -11.96 -33.37 31.45
CA GLY F 215 -12.71 -33.87 32.58
C GLY F 215 -13.31 -32.74 33.42
N GLU F 216 -14.56 -32.92 33.88
CA GLU F 216 -15.20 -31.95 34.78
C GLU F 216 -14.53 -31.94 36.16
N SER F 217 -14.75 -30.87 36.93
CA SER F 217 -14.13 -30.68 38.24
C SER F 217 -14.35 -31.88 39.17
N HIS F 218 -15.51 -32.56 39.02
CA HIS F 218 -15.82 -33.74 39.80
C HIS F 218 -15.70 -35.05 39.01
N ARG F 219 -15.33 -34.98 37.71
CA ARG F 219 -15.09 -36.14 36.85
C ARG F 219 -16.39 -36.78 36.37
N GLY F 220 -17.50 -36.02 36.39
CA GLY F 220 -18.79 -36.47 35.89
C GLY F 220 -19.12 -35.84 34.55
N TYR F 221 -20.41 -35.53 34.34
CA TYR F 221 -20.87 -34.91 33.11
C TYR F 221 -20.12 -33.63 32.78
N LEU F 222 -19.75 -33.44 31.52
CA LEU F 222 -19.12 -32.20 31.13
C LEU F 222 -20.12 -31.04 31.21
N GLY F 223 -19.68 -29.93 31.79
CA GLY F 223 -20.51 -28.74 31.96
C GLY F 223 -21.48 -28.82 33.15
N THR F 224 -21.16 -29.61 34.18
CA THR F 224 -21.98 -29.73 35.37
C THR F 224 -21.13 -29.54 36.62
N GLY F 225 -19.97 -28.87 36.46
CA GLY F 225 -19.02 -28.70 37.54
C GLY F 225 -18.40 -27.31 37.47
N SER F 226 -17.13 -27.21 37.88
CA SER F 226 -16.50 -25.92 38.12
C SER F 226 -15.35 -25.62 37.14
N VAL F 227 -15.21 -26.41 36.06
CA VAL F 227 -14.10 -26.24 35.11
C VAL F 227 -14.42 -25.17 34.07
N ASP F 228 -13.45 -24.28 33.81
CA ASP F 228 -13.56 -23.22 32.81
C ASP F 228 -13.17 -23.77 31.44
N PHE F 229 -14.07 -24.54 30.85
CA PHE F 229 -13.78 -25.15 29.57
C PHE F 229 -13.60 -24.09 28.48
N ASP F 230 -14.35 -23.00 28.58
CA ASP F 230 -14.38 -22.03 27.49
C ASP F 230 -12.98 -21.43 27.30
N THR F 231 -12.40 -20.96 28.39
CA THR F 231 -11.07 -20.40 28.33
C THR F 231 -10.10 -21.47 27.80
N PHE F 232 -10.23 -22.68 28.32
CA PHE F 232 -9.33 -23.75 27.97
C PHE F 232 -9.33 -23.98 26.46
N PHE F 233 -10.50 -24.18 25.87
CA PHE F 233 -10.58 -24.44 24.43
C PHE F 233 -10.13 -23.22 23.61
N LYS F 234 -10.36 -22.02 24.12
CA LYS F 234 -9.91 -20.82 23.44
C LYS F 234 -8.39 -20.78 23.43
N ALA F 235 -7.76 -21.24 24.50
CA ALA F 235 -6.30 -21.24 24.57
C ALA F 235 -5.74 -22.28 23.60
N LEU F 236 -6.29 -23.50 23.60
CA LEU F 236 -5.87 -24.51 22.64
C LEU F 236 -6.00 -23.95 21.22
N GLY F 237 -7.13 -23.29 20.95
CA GLY F 237 -7.34 -22.64 19.67
C GLY F 237 -6.19 -21.71 19.31
N ARG F 238 -5.70 -20.96 20.29
CA ARG F 238 -4.74 -19.90 20.02
C ARG F 238 -3.39 -20.47 19.62
N ILE F 239 -2.98 -21.59 20.24
CA ILE F 239 -1.68 -22.18 19.93
C ILE F 239 -1.74 -23.16 18.76
N GLY F 240 -2.92 -23.36 18.16
CA GLY F 240 -3.01 -24.33 17.06
C GLY F 240 -2.77 -25.77 17.52
N TYR F 241 -3.20 -26.11 18.74
CA TYR F 241 -3.07 -27.46 19.25
C TYR F 241 -3.82 -28.42 18.32
N ASP F 242 -3.22 -29.58 18.01
CA ASP F 242 -3.90 -30.52 17.13
C ASP F 242 -3.62 -31.96 17.52
N GLY F 243 -3.31 -32.19 18.80
CA GLY F 243 -3.09 -33.51 19.30
C GLY F 243 -4.40 -34.11 19.81
N PRO F 244 -4.33 -35.25 20.53
CA PRO F 244 -5.54 -35.93 20.98
C PRO F 244 -6.26 -35.14 22.08
N VAL F 245 -7.60 -35.23 22.04
CA VAL F 245 -8.46 -34.58 23.00
C VAL F 245 -9.39 -35.66 23.53
N VAL F 246 -9.17 -36.11 24.77
CA VAL F 246 -9.80 -37.33 25.22
C VAL F 246 -10.70 -37.08 26.44
N PHE F 247 -11.96 -37.52 26.33
CA PHE F 247 -12.91 -37.40 27.42
C PHE F 247 -12.53 -38.37 28.53
N GLU F 248 -12.73 -37.97 29.78
CA GLU F 248 -12.36 -38.81 30.91
C GLU F 248 -13.35 -38.60 32.06
N SER F 249 -13.91 -39.68 32.59
CA SER F 249 -14.96 -39.60 33.60
C SER F 249 -15.02 -40.87 34.43
N PHE F 250 -15.32 -40.73 35.72
CA PHE F 250 -15.37 -41.89 36.59
C PHE F 250 -16.60 -41.88 37.48
N SER F 251 -17.21 -43.05 37.65
CA SER F 251 -18.43 -43.20 38.45
C SER F 251 -18.41 -44.52 39.21
N SER F 252 -19.11 -44.54 40.35
CA SER F 252 -19.36 -45.75 41.14
C SER F 252 -19.88 -46.88 40.26
N SER F 253 -20.49 -46.54 39.11
CA SER F 253 -21.18 -47.53 38.30
C SER F 253 -20.21 -48.31 37.41
N VAL F 254 -18.94 -47.93 37.40
CA VAL F 254 -17.94 -48.62 36.61
C VAL F 254 -16.68 -48.63 37.46
N VAL F 255 -16.36 -49.83 37.97
CA VAL F 255 -15.33 -49.99 38.99
C VAL F 255 -14.15 -50.71 38.38
N ALA F 256 -12.99 -50.09 38.47
CA ALA F 256 -11.77 -50.81 38.22
C ALA F 256 -11.19 -51.19 39.57
N PRO F 257 -10.73 -52.44 39.76
CA PRO F 257 -10.27 -52.86 41.08
C PRO F 257 -9.18 -51.94 41.66
N ASP F 258 -8.19 -51.57 40.84
CA ASP F 258 -7.08 -50.75 41.30
C ASP F 258 -7.36 -49.25 41.08
N LEU F 259 -7.79 -48.89 39.87
CA LEU F 259 -7.85 -47.50 39.48
C LEU F 259 -8.92 -46.75 40.28
N SER F 260 -10.13 -47.33 40.39
CA SER F 260 -11.23 -46.65 41.06
C SER F 260 -10.88 -46.29 42.49
N ARG F 261 -10.08 -47.12 43.16
CA ARG F 261 -9.67 -46.84 44.53
C ARG F 261 -8.55 -45.80 44.56
N MET F 262 -7.56 -45.93 43.65
CA MET F 262 -6.47 -44.98 43.58
C MET F 262 -6.99 -43.56 43.37
N LEU F 263 -8.07 -43.42 42.58
CA LEU F 263 -8.60 -42.09 42.26
C LEU F 263 -9.68 -41.62 43.23
N GLY F 264 -10.05 -42.43 44.21
CA GLY F 264 -11.10 -42.03 45.13
C GLY F 264 -12.45 -41.80 44.44
N ILE F 265 -12.86 -42.75 43.61
CA ILE F 265 -14.16 -42.67 42.98
C ILE F 265 -15.21 -43.29 43.91
N TRP F 266 -15.64 -42.49 44.90
CA TRP F 266 -16.58 -42.93 45.91
C TRP F 266 -18.05 -42.73 45.49
N ARG F 267 -18.35 -41.88 44.50
CA ARG F 267 -19.73 -41.47 44.28
C ARG F 267 -20.25 -41.93 42.93
N ASN F 268 -21.56 -42.15 42.89
CA ASN F 268 -22.34 -42.23 41.66
C ASN F 268 -22.42 -40.83 41.03
N LEU F 269 -21.75 -40.65 39.88
CA LEU F 269 -21.86 -39.41 39.11
C LEU F 269 -22.55 -39.64 37.77
N TRP F 270 -22.82 -40.90 37.42
CA TRP F 270 -23.64 -41.29 36.30
C TRP F 270 -23.85 -42.80 36.36
N ALA F 271 -24.99 -43.25 35.81
CA ALA F 271 -25.31 -44.66 35.75
C ALA F 271 -25.47 -45.14 34.31
N ASP F 272 -25.94 -44.25 33.41
CA ASP F 272 -26.12 -44.56 32.01
C ASP F 272 -24.92 -43.99 31.25
N ASN F 273 -23.87 -44.79 31.11
CA ASN F 273 -22.67 -44.31 30.43
C ASN F 273 -22.88 -44.13 28.93
N GLU F 274 -23.89 -44.72 28.30
CA GLU F 274 -24.06 -44.50 26.87
C GLU F 274 -24.50 -43.07 26.58
N GLU F 275 -25.36 -42.50 27.45
CA GLU F 275 -25.74 -41.10 27.33
C GLU F 275 -24.58 -40.18 27.73
N LEU F 276 -23.79 -40.60 28.74
CA LEU F 276 -22.67 -39.78 29.16
C LEU F 276 -21.68 -39.62 28.00
N GLY F 277 -21.31 -40.73 27.36
CA GLY F 277 -20.31 -40.70 26.32
C GLY F 277 -20.78 -39.98 25.07
N ALA F 278 -22.07 -40.09 24.75
CA ALA F 278 -22.59 -39.39 23.59
C ALA F 278 -22.60 -37.88 23.86
N HIS F 279 -22.98 -37.49 25.07
CA HIS F 279 -23.00 -36.10 25.45
C HIS F 279 -21.60 -35.49 25.40
N ALA F 280 -20.59 -36.25 25.86
CA ALA F 280 -19.21 -35.75 25.97
C ALA F 280 -18.57 -35.59 24.58
N ASN F 281 -18.78 -36.56 23.70
CA ASN F 281 -18.37 -36.45 22.30
C ASN F 281 -18.91 -35.16 21.66
N ALA F 282 -20.22 -34.93 21.81
CA ALA F 282 -20.89 -33.75 21.24
C ALA F 282 -20.32 -32.47 21.84
N PHE F 283 -20.29 -32.41 23.17
CA PHE F 283 -19.70 -31.29 23.89
C PHE F 283 -18.33 -30.95 23.30
N ILE F 284 -17.46 -31.96 23.12
CA ILE F 284 -16.08 -31.68 22.76
C ILE F 284 -15.98 -31.26 21.31
N ARG F 285 -16.70 -31.96 20.42
CA ARG F 285 -16.66 -31.60 19.01
C ARG F 285 -17.27 -30.21 18.80
N ASP F 286 -18.25 -29.84 19.63
CA ASP F 286 -18.93 -28.57 19.51
C ASP F 286 -18.03 -27.43 19.97
N LYS F 287 -17.40 -27.55 21.14
CA LYS F 287 -16.36 -26.62 21.59
C LYS F 287 -15.40 -26.31 20.45
N LEU F 288 -14.86 -27.35 19.81
CA LEU F 288 -13.82 -27.20 18.80
C LEU F 288 -14.37 -26.55 17.53
N THR F 289 -15.60 -26.89 17.15
CA THR F 289 -16.23 -26.20 16.02
C THR F 289 -16.28 -24.70 16.30
N ALA F 290 -16.82 -24.33 17.47
CA ALA F 290 -17.07 -22.94 17.80
C ALA F 290 -15.75 -22.17 17.86
N ILE F 291 -14.72 -22.75 18.49
CA ILE F 291 -13.46 -22.06 18.69
C ILE F 291 -12.78 -21.85 17.33
N LYS F 292 -12.99 -22.75 16.38
CA LYS F 292 -12.47 -22.56 15.03
C LYS F 292 -13.00 -21.25 14.44
N THR F 293 -14.24 -20.86 14.77
CA THR F 293 -14.84 -19.69 14.17
C THR F 293 -14.32 -18.41 14.82
N ILE F 294 -13.65 -18.52 15.97
CA ILE F 294 -13.03 -17.36 16.60
C ILE F 294 -11.84 -16.90 15.76
N GLU F 295 -11.09 -17.85 15.21
CA GLU F 295 -9.83 -17.55 14.54
C GLU F 295 -10.04 -16.57 13.38
N LEU F 296 -11.20 -16.61 12.72
CA LEU F 296 -11.43 -15.80 11.53
C LEU F 296 -12.43 -14.67 11.85
N HIS F 297 -13.74 -14.94 11.79
CA HIS F 297 -14.76 -13.95 12.08
C HIS F 297 -16.07 -14.64 12.55
N GLU G 2 -12.75 5.62 -62.09
CA GLU G 2 -13.13 4.78 -63.26
C GLU G 2 -14.53 5.17 -63.72
N VAL G 3 -15.54 4.91 -62.87
CA VAL G 3 -16.93 5.01 -63.28
C VAL G 3 -17.62 6.10 -62.47
N LEU G 4 -18.44 6.90 -63.17
CA LEU G 4 -18.99 8.14 -62.62
C LEU G 4 -20.03 7.78 -61.55
N PHE G 5 -19.96 8.45 -60.41
CA PHE G 5 -20.96 8.22 -59.38
C PHE G 5 -22.30 8.73 -59.87
N GLN G 6 -23.31 7.88 -59.78
CA GLN G 6 -24.57 8.11 -60.47
C GLN G 6 -25.46 9.10 -59.73
N GLY G 7 -25.74 8.83 -58.45
CA GLY G 7 -26.78 9.49 -57.68
C GLY G 7 -26.54 10.98 -57.40
N PRO G 8 -27.44 11.60 -56.60
CA PRO G 8 -27.32 13.02 -56.24
C PRO G 8 -26.40 13.34 -55.05
N MET G 9 -26.37 12.47 -54.03
CA MET G 9 -25.61 12.76 -52.83
C MET G 9 -24.14 12.47 -53.08
N LYS G 10 -23.45 13.49 -53.60
CA LYS G 10 -22.08 13.36 -54.04
C LYS G 10 -21.18 13.80 -52.90
N ILE G 11 -20.23 12.94 -52.52
CA ILE G 11 -19.24 13.30 -51.53
C ILE G 11 -18.04 13.93 -52.25
N GLY G 12 -17.82 15.23 -52.01
CA GLY G 12 -16.89 15.99 -52.82
C GLY G 12 -15.75 16.57 -51.99
N CYS G 13 -14.78 17.14 -52.71
CA CYS G 13 -13.61 17.76 -52.13
C CYS G 13 -13.34 19.09 -52.86
N HIS G 14 -13.09 20.14 -52.09
CA HIS G 14 -12.75 21.46 -52.60
C HIS G 14 -11.29 21.49 -53.08
N GLY G 15 -11.06 22.20 -54.19
CA GLY G 15 -9.80 22.11 -54.92
C GLY G 15 -8.56 22.60 -54.16
N LEU G 16 -8.71 23.52 -53.20
CA LEU G 16 -7.55 23.99 -52.44
C LEU G 16 -6.98 23.00 -51.44
N VAL G 17 -7.58 21.81 -51.30
CA VAL G 17 -6.89 20.73 -50.61
C VAL G 17 -5.61 20.36 -51.38
N TRP G 18 -5.64 20.57 -52.70
CA TRP G 18 -4.66 19.99 -53.63
C TRP G 18 -3.71 21.04 -54.21
N THR G 19 -4.23 22.20 -54.61
CA THR G 19 -3.41 23.18 -55.30
C THR G 19 -4.07 24.55 -55.21
N GLY G 20 -3.27 25.59 -55.41
CA GLY G 20 -3.78 26.95 -55.39
C GLY G 20 -3.88 27.59 -56.77
N HIS G 21 -3.41 26.88 -57.80
CA HIS G 21 -3.39 27.39 -59.16
C HIS G 21 -4.10 26.37 -60.05
N PHE G 22 -5.13 26.83 -60.78
CA PHE G 22 -5.95 25.94 -61.59
C PHE G 22 -5.76 26.19 -63.09
N ASP G 23 -4.49 26.34 -63.49
CA ASP G 23 -4.05 26.12 -64.87
C ASP G 23 -4.29 24.66 -65.22
N ALA G 24 -3.88 24.22 -66.41
CA ALA G 24 -4.17 22.86 -66.83
C ALA G 24 -3.58 21.83 -65.85
N GLU G 25 -2.35 22.07 -65.40
CA GLU G 25 -1.65 21.16 -64.50
C GLU G 25 -2.43 20.98 -63.19
N GLY G 26 -2.81 22.08 -62.56
CA GLY G 26 -3.53 22.03 -61.30
C GLY G 26 -4.89 21.36 -61.43
N ILE G 27 -5.57 21.57 -62.58
CA ILE G 27 -6.85 20.92 -62.81
C ILE G 27 -6.66 19.41 -62.85
N ARG G 28 -5.69 18.95 -63.65
CA ARG G 28 -5.40 17.53 -63.75
C ARG G 28 -4.99 16.98 -62.38
N TYR G 29 -4.06 17.65 -61.72
CA TYR G 29 -3.59 17.24 -60.41
C TYR G 29 -4.75 17.08 -59.44
N SER G 30 -5.64 18.08 -59.41
CA SER G 30 -6.69 18.13 -58.40
C SER G 30 -7.77 17.09 -58.68
N VAL G 31 -8.10 16.86 -59.96
CA VAL G 31 -9.12 15.88 -60.30
C VAL G 31 -8.62 14.47 -59.98
N GLN G 32 -7.38 14.17 -60.36
CA GLN G 32 -6.80 12.86 -60.11
C GLN G 32 -6.75 12.58 -58.61
N LYS G 33 -6.20 13.52 -57.82
CA LYS G 33 -6.08 13.31 -56.38
C LYS G 33 -7.43 13.21 -55.69
N THR G 34 -8.41 13.97 -56.18
CA THR G 34 -9.74 13.89 -55.61
C THR G 34 -10.32 12.49 -55.80
N ARG G 35 -10.14 11.92 -56.99
CA ARG G 35 -10.59 10.56 -57.23
C ARG G 35 -9.74 9.58 -56.40
N GLU G 36 -8.44 9.84 -56.31
CA GLU G 36 -7.53 8.99 -55.56
C GLU G 36 -7.96 8.86 -54.10
N ALA G 37 -8.40 9.97 -53.48
CA ALA G 37 -8.77 9.97 -52.07
C ALA G 37 -10.14 9.31 -51.85
N GLY G 38 -10.94 9.14 -52.90
CA GLY G 38 -12.20 8.41 -52.76
C GLY G 38 -13.45 9.26 -53.03
N PHE G 39 -13.27 10.54 -53.41
CA PHE G 39 -14.42 11.42 -53.56
C PHE G 39 -15.18 11.14 -54.85
N ASP G 40 -16.44 11.62 -54.89
CA ASP G 40 -17.27 11.56 -56.07
C ASP G 40 -17.17 12.85 -56.88
N LEU G 41 -16.64 13.92 -56.28
CA LEU G 41 -16.81 15.25 -56.84
C LEU G 41 -15.64 16.12 -56.43
N VAL G 42 -15.33 17.08 -57.30
CA VAL G 42 -14.38 18.14 -57.02
C VAL G 42 -15.09 19.47 -57.24
N GLU G 43 -14.85 20.41 -56.33
CA GLU G 43 -15.40 21.75 -56.43
C GLU G 43 -14.26 22.68 -56.81
N PHE G 44 -14.34 23.25 -58.03
CA PHE G 44 -13.31 24.15 -58.53
C PHE G 44 -13.50 25.54 -57.96
N PRO G 45 -12.47 26.17 -57.39
CA PRO G 45 -12.56 27.57 -57.00
C PRO G 45 -12.35 28.49 -58.20
N LEU G 46 -13.49 28.85 -58.84
CA LEU G 46 -13.50 29.73 -59.99
C LEU G 46 -13.36 31.18 -59.56
N MET G 47 -12.23 31.50 -58.93
CA MET G 47 -11.96 32.87 -58.60
C MET G 47 -11.87 33.70 -59.88
N ASP G 48 -11.20 33.16 -60.91
CA ASP G 48 -11.12 33.81 -62.21
C ASP G 48 -11.70 32.89 -63.29
N PRO G 49 -13.01 32.99 -63.60
CA PRO G 49 -13.62 32.05 -64.53
C PRO G 49 -13.29 32.35 -65.99
N PHE G 50 -12.87 33.56 -66.31
CA PHE G 50 -12.55 33.91 -67.68
C PHE G 50 -11.38 33.08 -68.20
N SER G 51 -10.36 32.88 -67.36
CA SER G 51 -9.15 32.18 -67.74
C SER G 51 -9.16 30.71 -67.29
N PHE G 52 -10.34 30.12 -67.12
CA PHE G 52 -10.42 28.73 -66.70
C PHE G 52 -10.34 27.82 -67.92
N ASP G 53 -9.52 26.77 -67.85
CA ASP G 53 -9.31 25.88 -68.98
C ASP G 53 -10.36 24.77 -68.95
N VAL G 54 -11.47 25.00 -69.66
CA VAL G 54 -12.62 24.12 -69.59
C VAL G 54 -12.33 22.79 -70.29
N GLN G 55 -11.63 22.83 -71.42
CA GLN G 55 -11.39 21.60 -72.17
C GLN G 55 -10.50 20.66 -71.37
N THR G 56 -9.48 21.18 -70.70
CA THR G 56 -8.69 20.36 -69.81
C THR G 56 -9.56 19.78 -68.69
N ALA G 57 -10.44 20.60 -68.10
CA ALA G 57 -11.35 20.12 -67.07
C ALA G 57 -12.16 18.94 -67.60
N LYS G 58 -12.82 19.13 -68.75
CA LYS G 58 -13.67 18.11 -69.35
C LYS G 58 -12.93 16.79 -69.53
N SER G 59 -11.67 16.89 -69.98
CA SER G 59 -10.79 15.73 -70.15
C SER G 59 -10.57 15.01 -68.82
N ALA G 60 -10.16 15.75 -67.79
CA ALA G 60 -9.74 15.13 -66.54
C ALA G 60 -10.93 14.46 -65.84
N LEU G 61 -12.10 15.11 -65.90
CA LEU G 61 -13.28 14.63 -65.21
C LEU G 61 -13.76 13.30 -65.82
N ALA G 62 -13.74 13.22 -67.16
CA ALA G 62 -14.14 11.99 -67.83
C ALA G 62 -13.12 10.89 -67.57
N GLU G 63 -11.83 11.20 -67.77
CA GLU G 63 -10.77 10.25 -67.49
C GLU G 63 -10.94 9.60 -66.12
N HIS G 64 -11.19 10.42 -65.09
CA HIS G 64 -11.19 9.94 -63.71
C HIS G 64 -12.58 9.60 -63.16
N GLY G 65 -13.64 9.70 -63.98
CA GLY G 65 -14.98 9.35 -63.54
C GLY G 65 -15.49 10.22 -62.39
N LEU G 66 -15.29 11.54 -62.50
CA LEU G 66 -15.50 12.45 -61.38
C LEU G 66 -16.47 13.58 -61.76
N ALA G 67 -17.40 13.89 -60.87
CA ALA G 67 -18.32 15.01 -61.09
C ALA G 67 -17.64 16.33 -60.72
N ALA G 68 -18.29 17.45 -61.07
CA ALA G 68 -17.70 18.74 -60.72
C ALA G 68 -18.79 19.75 -60.35
N SER G 69 -18.38 20.70 -59.52
CA SER G 69 -19.12 21.91 -59.23
C SER G 69 -18.10 23.02 -59.08
N ALA G 70 -18.56 24.26 -58.87
CA ALA G 70 -17.66 25.39 -58.72
C ALA G 70 -18.20 26.30 -57.64
N SER G 71 -17.27 26.87 -56.87
CA SER G 71 -17.57 27.89 -55.88
C SER G 71 -16.76 29.13 -56.19
N LEU G 72 -17.13 30.25 -55.56
CA LEU G 72 -16.59 31.54 -55.95
C LEU G 72 -16.91 32.57 -54.88
N GLY G 73 -15.99 33.52 -54.73
CA GLY G 73 -16.22 34.64 -53.83
C GLY G 73 -15.80 35.96 -54.48
N LEU G 74 -16.73 36.93 -54.52
CA LEU G 74 -16.47 38.21 -55.17
C LEU G 74 -15.53 39.05 -54.32
N SER G 75 -15.25 40.26 -54.79
CA SER G 75 -14.26 41.13 -54.21
C SER G 75 -14.71 42.57 -54.37
N ASP G 76 -13.89 43.53 -53.92
CA ASP G 76 -14.21 44.94 -54.05
C ASP G 76 -14.69 45.28 -55.46
N ALA G 77 -13.89 44.91 -56.48
CA ALA G 77 -14.17 45.28 -57.86
C ALA G 77 -15.48 44.65 -58.37
N THR G 78 -15.97 43.59 -57.72
CA THR G 78 -17.11 42.86 -58.24
C THR G 78 -18.29 42.85 -57.27
N ASP G 79 -18.20 43.60 -56.18
CA ASP G 79 -19.20 43.53 -55.12
C ASP G 79 -20.60 43.83 -55.68
N VAL G 80 -21.42 42.80 -55.91
CA VAL G 80 -22.78 43.03 -56.39
C VAL G 80 -23.66 43.73 -55.35
N SER G 81 -23.16 43.91 -54.11
CA SER G 81 -23.84 44.71 -53.11
C SER G 81 -23.25 46.12 -53.03
N SER G 82 -22.48 46.53 -54.05
CA SER G 82 -21.99 47.91 -54.16
C SER G 82 -23.14 48.80 -54.59
N GLU G 83 -23.09 50.08 -54.22
CA GLU G 83 -24.13 51.01 -54.66
C GLU G 83 -23.77 51.62 -56.02
N ASP G 84 -22.52 51.45 -56.47
CA ASP G 84 -22.05 51.85 -57.79
C ASP G 84 -22.48 50.80 -58.81
N PRO G 85 -23.41 51.13 -59.74
CA PRO G 85 -23.86 50.15 -60.72
C PRO G 85 -22.76 49.58 -61.62
N ALA G 86 -21.64 50.30 -61.76
CA ALA G 86 -20.50 49.80 -62.52
C ALA G 86 -19.97 48.54 -61.82
N VAL G 87 -19.87 48.60 -60.48
CA VAL G 87 -19.26 47.51 -59.75
C VAL G 87 -20.21 46.31 -59.77
N VAL G 88 -21.52 46.56 -59.65
CA VAL G 88 -22.49 45.48 -59.66
C VAL G 88 -22.42 44.73 -61.00
N LYS G 89 -22.29 45.49 -62.10
CA LYS G 89 -22.22 44.91 -63.44
C LYS G 89 -20.96 44.05 -63.58
N ALA G 90 -19.83 44.53 -63.05
CA ALA G 90 -18.60 43.75 -63.11
C ALA G 90 -18.78 42.44 -62.36
N GLY G 91 -19.57 42.47 -61.28
CA GLY G 91 -19.88 41.25 -60.55
C GLY G 91 -20.83 40.35 -61.34
N GLU G 92 -21.89 40.95 -61.90
CA GLU G 92 -22.89 40.16 -62.60
C GLU G 92 -22.28 39.45 -63.82
N GLU G 93 -21.28 40.07 -64.44
CA GLU G 93 -20.62 39.51 -65.60
C GLU G 93 -19.54 38.50 -65.19
N LEU G 94 -18.98 38.62 -63.99
CA LEU G 94 -18.11 37.57 -63.44
C LEU G 94 -18.97 36.35 -63.11
N LEU G 95 -20.12 36.56 -62.48
CA LEU G 95 -20.99 35.45 -62.10
C LEU G 95 -21.49 34.71 -63.34
N ASN G 96 -21.79 35.46 -64.40
CA ASN G 96 -22.40 34.90 -65.61
C ASN G 96 -21.43 33.97 -66.34
N ARG G 97 -20.16 34.37 -66.44
CA ARG G 97 -19.13 33.54 -67.05
C ARG G 97 -18.91 32.25 -66.24
N ALA G 98 -19.00 32.35 -64.91
CA ALA G 98 -18.88 31.19 -64.04
C ALA G 98 -20.05 30.22 -64.25
N VAL G 99 -21.27 30.77 -64.29
CA VAL G 99 -22.43 30.00 -64.72
C VAL G 99 -22.07 29.25 -66.01
N ASP G 100 -21.47 29.95 -66.97
CA ASP G 100 -21.24 29.39 -68.30
C ASP G 100 -20.25 28.24 -68.26
N VAL G 101 -19.15 28.41 -67.51
CA VAL G 101 -18.15 27.35 -67.38
C VAL G 101 -18.80 26.07 -66.86
N LEU G 102 -19.71 26.20 -65.89
CA LEU G 102 -20.37 25.04 -65.34
C LEU G 102 -21.20 24.33 -66.40
N ALA G 103 -21.92 25.11 -67.22
CA ALA G 103 -22.79 24.52 -68.23
C ALA G 103 -21.95 23.75 -69.26
N GLU G 104 -20.83 24.35 -69.67
CA GLU G 104 -19.89 23.67 -70.55
C GLU G 104 -19.40 22.37 -69.93
N LEU G 105 -19.12 22.38 -68.62
CA LEU G 105 -18.69 21.20 -67.90
C LEU G 105 -19.81 20.17 -67.71
N GLY G 106 -21.07 20.54 -67.96
CA GLY G 106 -22.18 19.66 -67.67
C GLY G 106 -22.38 19.43 -66.17
N ALA G 107 -22.13 20.48 -65.37
CA ALA G 107 -22.33 20.44 -63.93
C ALA G 107 -23.76 20.87 -63.59
N THR G 108 -24.13 20.76 -62.31
CA THR G 108 -25.46 21.16 -61.87
C THR G 108 -25.45 22.22 -60.76
N ASP G 109 -24.28 22.57 -60.20
CA ASP G 109 -24.22 23.31 -58.94
C ASP G 109 -23.24 24.47 -58.98
N PHE G 110 -23.72 25.66 -58.58
CA PHE G 110 -22.93 26.86 -58.44
C PHE G 110 -23.18 27.45 -57.07
N CYS G 111 -22.12 27.70 -56.32
CA CYS G 111 -22.30 28.18 -54.96
C CYS G 111 -21.13 29.09 -54.60
N GLY G 112 -21.26 29.74 -53.44
CA GLY G 112 -20.20 30.58 -52.93
C GLY G 112 -20.81 31.86 -52.39
N VAL G 113 -19.94 32.82 -52.10
CA VAL G 113 -20.37 34.12 -51.62
C VAL G 113 -20.58 35.02 -52.84
N ILE G 114 -21.79 34.93 -53.39
CA ILE G 114 -22.12 35.54 -54.67
C ILE G 114 -23.08 36.71 -54.52
N TYR G 115 -23.49 37.08 -53.29
CA TYR G 115 -24.45 38.15 -53.01
C TYR G 115 -23.74 39.42 -52.52
N SER G 116 -22.41 39.36 -52.41
CA SER G 116 -21.60 40.47 -51.96
C SER G 116 -20.15 40.08 -52.20
N ALA G 117 -19.26 41.01 -51.87
CA ALA G 117 -17.86 40.69 -51.75
C ALA G 117 -17.66 39.75 -50.56
N MET G 118 -16.67 38.88 -50.71
CA MET G 118 -16.19 38.05 -49.63
C MET G 118 -15.03 38.80 -48.99
N LYS G 119 -15.34 39.68 -48.04
CA LYS G 119 -14.28 40.32 -47.27
C LYS G 119 -14.77 40.71 -45.88
N LYS G 120 -13.88 41.32 -45.09
CA LYS G 120 -14.24 41.94 -43.83
C LYS G 120 -14.72 43.35 -44.13
N TYR G 121 -16.03 43.53 -44.20
CA TYR G 121 -16.59 44.87 -44.33
C TYR G 121 -16.42 45.67 -43.05
N MET G 122 -16.38 46.99 -43.19
CA MET G 122 -16.20 47.90 -42.07
C MET G 122 -17.47 48.71 -41.80
N GLU G 123 -18.54 48.47 -42.57
CA GLU G 123 -19.80 49.16 -42.36
C GLU G 123 -20.91 48.12 -42.54
N PRO G 124 -22.06 48.30 -41.85
CA PRO G 124 -23.22 47.46 -42.10
C PRO G 124 -23.67 47.57 -43.55
N ALA G 125 -24.45 46.58 -44.00
CA ALA G 125 -25.03 46.61 -45.34
C ALA G 125 -26.00 47.78 -45.47
N THR G 126 -26.01 48.38 -46.66
CA THR G 126 -26.91 49.49 -46.96
C THR G 126 -28.12 48.98 -47.72
N ALA G 127 -29.28 49.61 -47.51
CA ALA G 127 -30.50 49.19 -48.15
C ALA G 127 -30.38 49.19 -49.68
N ALA G 128 -29.55 50.10 -50.24
CA ALA G 128 -29.37 50.21 -51.68
C ALA G 128 -28.52 49.07 -52.24
N GLY G 129 -27.41 48.77 -51.57
CA GLY G 129 -26.59 47.63 -51.94
C GLY G 129 -27.38 46.32 -51.93
N LEU G 130 -28.07 46.07 -50.80
CA LEU G 130 -28.92 44.89 -50.68
C LEU G 130 -29.88 44.81 -51.88
N ALA G 131 -30.51 45.93 -52.26
CA ALA G 131 -31.39 45.95 -53.42
C ALA G 131 -30.62 45.52 -54.67
N ASN G 132 -29.45 46.12 -54.88
CA ASN G 132 -28.61 45.71 -56.01
C ASN G 132 -28.30 44.22 -55.96
N SER G 133 -27.86 43.73 -54.78
CA SER G 133 -27.47 42.34 -54.62
C SER G 133 -28.64 41.42 -55.01
N LYS G 134 -29.82 41.67 -54.47
CA LYS G 134 -30.95 40.79 -54.70
C LYS G 134 -31.31 40.73 -56.18
N ALA G 135 -31.48 41.89 -56.82
CA ALA G 135 -31.89 41.90 -58.21
C ALA G 135 -30.84 41.22 -59.09
N ALA G 136 -29.56 41.50 -58.81
CA ALA G 136 -28.47 40.97 -59.60
C ALA G 136 -28.38 39.44 -59.46
N VAL G 137 -28.49 38.94 -58.22
CA VAL G 137 -28.49 37.50 -57.99
C VAL G 137 -29.73 36.86 -58.63
N GLY G 138 -30.85 37.56 -58.56
CA GLY G 138 -32.06 37.08 -59.21
C GLY G 138 -31.85 36.86 -60.72
N ARG G 139 -31.05 37.71 -61.35
CA ARG G 139 -30.80 37.58 -62.77
C ARG G 139 -29.86 36.42 -63.04
N VAL G 140 -28.72 36.40 -62.33
CA VAL G 140 -27.78 35.30 -62.49
C VAL G 140 -28.49 33.96 -62.26
N ALA G 141 -29.47 33.94 -61.35
CA ALA G 141 -30.25 32.74 -61.11
C ALA G 141 -31.14 32.41 -62.31
N ASP G 142 -31.85 33.40 -62.86
CA ASP G 142 -32.68 33.18 -64.04
C ASP G 142 -31.84 32.64 -65.18
N ARG G 143 -30.79 33.40 -65.56
CA ARG G 143 -29.81 32.94 -66.53
C ARG G 143 -29.35 31.51 -66.28
N ALA G 144 -29.02 31.16 -65.03
CA ALA G 144 -28.60 29.81 -64.69
C ALA G 144 -29.76 28.83 -64.79
N SER G 145 -30.99 29.29 -64.55
CA SER G 145 -32.16 28.41 -64.57
C SER G 145 -32.28 27.71 -65.93
N ASP G 146 -32.18 28.50 -67.01
CA ASP G 146 -32.38 27.95 -68.36
C ASP G 146 -31.30 26.93 -68.70
N LEU G 147 -30.17 26.94 -67.98
CA LEU G 147 -29.03 26.11 -68.32
C LEU G 147 -28.98 24.84 -67.47
N GLY G 148 -29.97 24.61 -66.59
CA GLY G 148 -29.97 23.46 -65.69
C GLY G 148 -28.97 23.61 -64.52
N ILE G 149 -28.66 24.86 -64.17
CA ILE G 149 -27.75 25.15 -63.06
C ILE G 149 -28.54 25.56 -61.83
N ASN G 150 -28.21 24.97 -60.67
CA ASN G 150 -28.68 25.44 -59.39
C ASN G 150 -27.68 26.44 -58.80
N VAL G 151 -28.21 27.43 -58.10
CA VAL G 151 -27.41 28.49 -57.52
C VAL G 151 -27.67 28.49 -56.01
N SER G 152 -26.63 28.24 -55.22
CA SER G 152 -26.74 28.16 -53.77
C SER G 152 -25.94 29.29 -53.09
N LEU G 153 -26.61 30.10 -52.27
CA LEU G 153 -25.97 31.20 -51.56
C LEU G 153 -25.30 30.65 -50.31
N GLU G 154 -24.00 30.88 -50.14
CA GLU G 154 -23.30 30.33 -49.01
C GLU G 154 -23.35 31.30 -47.83
N VAL G 155 -23.86 30.80 -46.69
CA VAL G 155 -23.89 31.57 -45.46
C VAL G 155 -22.52 31.52 -44.81
N VAL G 156 -21.92 32.69 -44.58
CA VAL G 156 -20.58 32.79 -44.05
C VAL G 156 -20.59 33.82 -42.92
N ASN G 157 -19.50 33.84 -42.14
CA ASN G 157 -19.46 34.56 -40.89
C ASN G 157 -19.31 36.07 -41.11
N ARG G 158 -19.35 36.82 -40.00
CA ARG G 158 -19.32 38.27 -40.01
C ARG G 158 -18.07 38.84 -40.68
N TYR G 159 -16.93 38.11 -40.62
CA TYR G 159 -15.66 38.64 -41.13
C TYR G 159 -15.51 38.45 -42.64
N GLU G 160 -16.47 37.79 -43.31
CA GLU G 160 -16.40 37.51 -44.74
C GLU G 160 -17.59 38.07 -45.54
N THR G 161 -18.67 38.50 -44.86
CA THR G 161 -19.75 39.27 -45.46
C THR G 161 -20.53 39.95 -44.33
N ASN G 162 -21.33 40.95 -44.71
CA ASN G 162 -22.23 41.64 -43.80
C ASN G 162 -23.69 41.48 -44.23
N VAL G 163 -23.98 40.55 -45.15
CA VAL G 163 -25.32 40.39 -45.70
C VAL G 163 -25.99 39.14 -45.08
N LEU G 164 -25.42 37.94 -45.36
CA LEU G 164 -26.03 36.65 -45.01
C LEU G 164 -25.09 35.92 -44.04
N ASN G 165 -25.27 36.15 -42.73
CA ASN G 165 -24.46 35.51 -41.70
C ASN G 165 -25.17 34.31 -41.03
N THR G 166 -26.45 34.07 -41.34
CA THR G 166 -27.20 33.02 -40.68
C THR G 166 -28.22 32.40 -41.62
N GLY G 167 -28.64 31.18 -41.29
CA GLY G 167 -29.65 30.49 -42.06
C GLY G 167 -30.95 31.30 -42.18
N ARG G 168 -31.37 31.94 -41.10
CA ARG G 168 -32.61 32.69 -41.16
C ARG G 168 -32.49 33.85 -42.15
N GLN G 169 -31.38 34.59 -42.08
CA GLN G 169 -31.20 35.69 -43.03
C GLN G 169 -31.33 35.13 -44.45
N ALA G 170 -30.66 34.02 -44.74
CA ALA G 170 -30.66 33.49 -46.09
C ALA G 170 -32.09 33.12 -46.53
N LEU G 171 -32.92 32.64 -45.62
CA LEU G 171 -34.29 32.32 -46.00
C LEU G 171 -34.97 33.60 -46.50
N ALA G 172 -34.97 34.68 -45.70
CA ALA G 172 -35.61 35.94 -46.08
C ALA G 172 -35.07 36.50 -47.40
N TYR G 173 -33.81 36.26 -47.71
CA TYR G 173 -33.26 36.66 -48.99
C TYR G 173 -33.89 35.86 -50.13
N LEU G 174 -34.04 34.55 -49.97
CA LEU G 174 -34.67 33.74 -51.00
C LEU G 174 -36.15 34.09 -51.13
N GLU G 175 -36.85 34.27 -50.00
CA GLU G 175 -38.29 34.50 -50.02
C GLU G 175 -38.63 35.75 -50.85
N GLU G 176 -37.74 36.73 -50.89
CA GLU G 176 -37.96 37.93 -51.69
C GLU G 176 -37.70 37.68 -53.18
N LEU G 177 -36.78 36.79 -53.54
CA LEU G 177 -36.51 36.54 -54.95
C LEU G 177 -37.45 35.50 -55.54
N ASN G 178 -37.78 34.48 -54.74
CA ASN G 178 -38.78 33.48 -55.12
C ASN G 178 -38.34 32.73 -56.38
N ARG G 179 -37.05 32.43 -56.50
CA ARG G 179 -36.53 31.76 -57.69
C ARG G 179 -36.43 30.26 -57.44
N PRO G 180 -36.98 29.41 -58.34
CA PRO G 180 -37.03 27.96 -58.08
C PRO G 180 -35.67 27.27 -57.94
N ASN G 181 -34.66 27.73 -58.69
CA ASN G 181 -33.35 27.10 -58.70
C ASN G 181 -32.37 27.71 -57.68
N LEU G 182 -32.86 28.60 -56.80
CA LEU G 182 -32.01 29.31 -55.85
C LEU G 182 -32.14 28.65 -54.49
N GLY G 183 -30.99 28.34 -53.89
CA GLY G 183 -30.95 27.53 -52.68
C GLY G 183 -29.91 28.02 -51.69
N ILE G 184 -29.87 27.36 -50.52
CA ILE G 184 -28.96 27.76 -49.47
C ILE G 184 -27.85 26.72 -49.36
N HIS G 185 -26.67 27.22 -49.04
CA HIS G 185 -25.44 26.46 -48.88
C HIS G 185 -24.89 26.75 -47.49
N LEU G 186 -24.88 25.73 -46.62
CA LEU G 186 -24.37 25.90 -45.25
C LEU G 186 -22.98 25.29 -45.13
N ASP G 187 -22.21 25.82 -44.18
CA ASP G 187 -20.83 25.43 -43.98
C ASP G 187 -20.59 25.33 -42.49
N THR G 188 -20.22 24.14 -42.02
CA THR G 188 -20.10 23.87 -40.59
C THR G 188 -19.08 24.79 -39.93
N TYR G 189 -18.06 25.24 -40.69
CA TYR G 189 -17.07 26.17 -40.19
C TYR G 189 -17.70 27.50 -39.82
N HIS G 190 -18.46 28.06 -40.76
CA HIS G 190 -19.16 29.32 -40.52
C HIS G 190 -20.33 29.12 -39.55
N MET G 191 -21.02 27.99 -39.63
CA MET G 191 -22.09 27.72 -38.69
C MET G 191 -21.55 27.75 -37.28
N ASN G 192 -20.33 27.25 -37.10
CA ASN G 192 -19.75 27.13 -35.77
C ASN G 192 -19.59 28.51 -35.11
N ILE G 193 -19.70 29.58 -35.90
CA ILE G 193 -19.59 30.91 -35.34
C ILE G 193 -20.99 31.49 -35.13
N GLU G 194 -21.77 31.61 -36.20
CA GLU G 194 -22.92 32.51 -36.20
C GLU G 194 -24.21 31.86 -35.64
N GLU G 195 -24.42 30.56 -35.81
CA GLU G 195 -25.71 29.95 -35.56
C GLU G 195 -25.90 29.63 -34.07
N SER G 196 -27.18 29.36 -33.71
CA SER G 196 -27.59 29.06 -32.35
C SER G 196 -27.20 27.64 -31.91
N ASP G 197 -26.98 26.74 -32.90
CA ASP G 197 -26.63 25.34 -32.69
C ASP G 197 -26.48 24.69 -34.07
N MET G 198 -26.22 23.38 -34.14
CA MET G 198 -25.92 22.74 -35.42
C MET G 198 -27.13 22.01 -36.00
N PHE G 199 -28.29 22.03 -35.32
CA PHE G 199 -29.44 21.31 -35.87
C PHE G 199 -30.57 22.25 -36.31
N SER G 200 -30.81 23.33 -35.56
CA SER G 200 -31.85 24.29 -35.93
C SER G 200 -31.64 24.87 -37.34
N PRO G 201 -30.43 25.34 -37.74
CA PRO G 201 -30.25 25.80 -39.11
C PRO G 201 -30.63 24.77 -40.17
N ILE G 202 -30.37 23.47 -39.94
CA ILE G 202 -30.75 22.41 -40.86
C ILE G 202 -32.28 22.22 -40.87
N LEU G 203 -32.88 22.14 -39.70
CA LEU G 203 -34.32 21.97 -39.62
C LEU G 203 -35.03 23.20 -40.23
N ASP G 204 -34.56 24.41 -39.92
CA ASP G 204 -35.14 25.64 -40.46
C ASP G 204 -35.02 25.70 -41.99
N THR G 205 -33.85 25.37 -42.52
CA THR G 205 -33.56 25.53 -43.94
C THR G 205 -34.08 24.37 -44.79
N ALA G 206 -34.49 23.27 -44.15
CA ALA G 206 -34.88 22.00 -44.77
C ALA G 206 -35.06 22.07 -46.30
N GLU G 207 -36.12 22.72 -46.76
CA GLU G 207 -36.47 22.76 -48.16
C GLU G 207 -35.31 23.28 -49.00
N ALA G 208 -34.82 24.48 -48.66
CA ALA G 208 -33.91 25.26 -49.50
C ALA G 208 -32.44 24.88 -49.33
N LEU G 209 -32.12 23.92 -48.46
CA LEU G 209 -30.73 23.49 -48.29
C LEU G 209 -30.28 22.61 -49.46
N ARG G 210 -29.34 23.10 -50.28
CA ARG G 210 -28.94 22.38 -51.48
C ARG G 210 -27.42 22.18 -51.59
N TYR G 211 -26.64 22.58 -50.58
CA TYR G 211 -25.20 22.39 -50.65
C TYR G 211 -24.63 22.50 -49.24
N VAL G 212 -23.55 21.74 -48.98
CA VAL G 212 -23.01 21.59 -47.64
C VAL G 212 -21.49 21.50 -47.72
N HIS G 213 -20.82 22.29 -46.89
CA HIS G 213 -19.38 22.23 -46.73
C HIS G 213 -19.04 21.68 -45.35
N ILE G 214 -18.20 20.63 -45.34
CA ILE G 214 -17.66 20.07 -44.12
C ILE G 214 -16.26 20.64 -43.91
N GLY G 215 -16.17 21.58 -42.97
CA GLY G 215 -14.91 22.19 -42.59
C GLY G 215 -14.80 22.21 -41.08
N GLU G 216 -13.60 21.96 -40.57
CA GLU G 216 -13.37 21.98 -39.14
C GLU G 216 -13.27 23.45 -38.68
N SER G 217 -13.46 23.66 -37.37
CA SER G 217 -13.51 24.98 -36.75
C SER G 217 -12.34 25.86 -37.13
N HIS G 218 -11.12 25.29 -37.28
CA HIS G 218 -9.92 26.01 -37.69
C HIS G 218 -9.54 25.76 -39.16
N ARG G 219 -10.22 24.81 -39.81
CA ARG G 219 -10.12 24.54 -41.25
C ARG G 219 -8.98 23.57 -41.58
N GLY G 220 -8.54 22.76 -40.61
CA GLY G 220 -7.57 21.69 -40.83
C GLY G 220 -8.26 20.32 -40.77
N TYR G 221 -7.60 19.32 -40.16
CA TYR G 221 -8.16 17.97 -40.14
C TYR G 221 -9.52 17.92 -39.45
N LEU G 222 -10.42 17.07 -39.95
CA LEU G 222 -11.73 16.87 -39.33
C LEU G 222 -11.59 16.05 -38.06
N GLY G 223 -12.34 16.46 -37.03
CA GLY G 223 -12.31 15.83 -35.73
C GLY G 223 -11.17 16.31 -34.84
N THR G 224 -10.50 17.40 -35.23
CA THR G 224 -9.40 17.96 -34.43
C THR G 224 -9.70 19.40 -34.06
N GLY G 225 -10.98 19.75 -33.93
CA GLY G 225 -11.39 21.10 -33.59
C GLY G 225 -12.69 21.11 -32.80
N SER G 226 -13.42 22.23 -32.87
CA SER G 226 -14.54 22.49 -31.99
C SER G 226 -15.89 22.31 -32.69
N VAL G 227 -15.93 21.80 -33.93
CA VAL G 227 -17.19 21.75 -34.66
C VAL G 227 -17.97 20.52 -34.22
N ASP G 228 -19.27 20.67 -33.98
CA ASP G 228 -20.11 19.57 -33.52
C ASP G 228 -20.65 18.83 -34.75
N PHE G 229 -19.82 17.94 -35.31
CA PHE G 229 -20.20 17.23 -36.53
C PHE G 229 -21.32 16.24 -36.28
N ASP G 230 -21.38 15.69 -35.07
CA ASP G 230 -22.39 14.69 -34.74
C ASP G 230 -23.80 15.24 -34.90
N THR G 231 -24.08 16.37 -34.28
CA THR G 231 -25.41 16.94 -34.33
C THR G 231 -25.76 17.37 -35.77
N PHE G 232 -24.75 17.87 -36.49
CA PHE G 232 -24.94 18.34 -37.84
C PHE G 232 -25.38 17.19 -38.75
N PHE G 233 -24.63 16.07 -38.71
CA PHE G 233 -24.97 14.95 -39.55
C PHE G 233 -26.28 14.32 -39.10
N LYS G 234 -26.53 14.28 -37.79
CA LYS G 234 -27.81 13.80 -37.30
C LYS G 234 -28.94 14.65 -37.87
N ALA G 235 -28.74 15.97 -37.94
CA ALA G 235 -29.78 16.87 -38.44
C ALA G 235 -29.99 16.68 -39.94
N LEU G 236 -28.89 16.60 -40.72
CA LEU G 236 -28.94 16.18 -42.12
C LEU G 236 -29.79 14.91 -42.29
N GLY G 237 -29.60 13.92 -41.41
CA GLY G 237 -30.32 12.67 -41.54
C GLY G 237 -31.81 12.85 -41.27
N ARG G 238 -32.16 13.68 -40.27
CA ARG G 238 -33.56 13.91 -39.93
C ARG G 238 -34.33 14.63 -41.06
N ILE G 239 -33.67 15.45 -41.88
CA ILE G 239 -34.36 16.16 -42.97
C ILE G 239 -34.27 15.38 -44.28
N GLY G 240 -33.59 14.23 -44.27
CA GLY G 240 -33.41 13.41 -45.48
C GLY G 240 -32.59 14.10 -46.58
N TYR G 241 -31.64 14.96 -46.18
CA TYR G 241 -30.86 15.71 -47.15
C TYR G 241 -30.04 14.76 -48.02
N ASP G 242 -30.08 14.95 -49.35
CA ASP G 242 -29.25 14.14 -50.22
C ASP G 242 -28.61 14.98 -51.33
N GLY G 243 -28.24 16.22 -50.99
CA GLY G 243 -27.44 17.03 -51.90
C GLY G 243 -25.96 16.70 -51.77
N PRO G 244 -25.08 17.55 -52.32
CA PRO G 244 -23.64 17.34 -52.15
C PRO G 244 -23.17 17.62 -50.74
N VAL G 245 -22.09 16.94 -50.36
CA VAL G 245 -21.42 17.11 -49.09
C VAL G 245 -19.94 17.17 -49.38
N VAL G 246 -19.33 18.35 -49.20
CA VAL G 246 -18.03 18.65 -49.78
C VAL G 246 -17.05 19.08 -48.69
N PHE G 247 -15.94 18.32 -48.56
CA PHE G 247 -14.86 18.67 -47.66
C PHE G 247 -14.13 19.94 -48.13
N GLU G 248 -13.57 20.68 -47.16
CA GLU G 248 -12.97 21.99 -47.39
C GLU G 248 -11.95 22.27 -46.29
N SER G 249 -10.67 22.40 -46.68
CA SER G 249 -9.58 22.59 -45.73
C SER G 249 -8.54 23.52 -46.37
N PHE G 250 -7.89 24.33 -45.54
CA PHE G 250 -6.94 25.31 -46.04
C PHE G 250 -5.72 25.35 -45.12
N SER G 251 -4.53 25.30 -45.73
CA SER G 251 -3.26 25.30 -45.00
C SER G 251 -2.24 26.13 -45.77
N SER G 252 -1.31 26.76 -45.04
CA SER G 252 -0.28 27.57 -45.67
C SER G 252 0.67 26.76 -46.55
N SER G 253 0.61 25.42 -46.47
CA SER G 253 1.35 24.55 -47.39
C SER G 253 0.81 24.64 -48.83
N VAL G 254 -0.48 24.95 -48.99
CA VAL G 254 -1.11 24.99 -50.30
C VAL G 254 -1.75 26.35 -50.48
N VAL G 255 -1.06 27.25 -51.17
CA VAL G 255 -1.44 28.65 -51.20
C VAL G 255 -1.90 29.03 -52.61
N ALA G 256 -3.11 29.61 -52.67
CA ALA G 256 -3.62 30.35 -53.81
C ALA G 256 -3.29 31.82 -53.62
N PRO G 257 -2.87 32.52 -54.69
CA PRO G 257 -2.41 33.91 -54.56
C PRO G 257 -3.43 34.83 -53.90
N ASP G 258 -4.70 34.75 -54.32
CA ASP G 258 -5.73 35.63 -53.80
C ASP G 258 -6.53 34.98 -52.67
N LEU G 259 -6.95 33.73 -52.85
CA LEU G 259 -7.92 33.14 -51.95
C LEU G 259 -7.31 32.94 -50.56
N SER G 260 -6.08 32.41 -50.49
CA SER G 260 -5.45 32.10 -49.21
C SER G 260 -5.27 33.35 -48.35
N ARG G 261 -5.05 34.50 -48.97
CA ARG G 261 -4.93 35.75 -48.23
C ARG G 261 -6.32 36.23 -47.80
N MET G 262 -7.30 36.17 -48.72
CA MET G 262 -8.67 36.59 -48.47
C MET G 262 -9.27 35.86 -47.25
N LEU G 263 -8.89 34.58 -47.07
CA LEU G 263 -9.47 33.73 -46.05
C LEU G 263 -8.65 33.73 -44.75
N GLY G 264 -7.55 34.48 -44.71
CA GLY G 264 -6.65 34.50 -43.56
C GLY G 264 -6.06 33.13 -43.23
N ILE G 265 -5.46 32.48 -44.24
CA ILE G 265 -4.80 31.20 -44.03
C ILE G 265 -3.34 31.49 -43.67
N TRP G 266 -3.13 31.81 -42.39
CA TRP G 266 -1.81 32.20 -41.89
C TRP G 266 -1.04 31.00 -41.32
N ARG G 267 -1.72 29.91 -40.96
CA ARG G 267 -1.10 28.83 -40.19
C ARG G 267 -0.94 27.56 -41.04
N ASN G 268 0.00 26.72 -40.64
CA ASN G 268 0.24 25.43 -41.28
C ASN G 268 -0.55 24.36 -40.55
N LEU G 269 -1.66 23.93 -41.14
CA LEU G 269 -2.55 23.01 -40.46
C LEU G 269 -2.41 21.58 -40.96
N TRP G 270 -1.67 21.39 -42.06
CA TRP G 270 -1.35 20.07 -42.60
C TRP G 270 -0.31 20.23 -43.70
N ALA G 271 0.41 19.15 -44.01
CA ALA G 271 1.30 19.16 -45.15
C ALA G 271 0.98 18.01 -46.12
N ASP G 272 0.66 16.82 -45.58
CA ASP G 272 0.38 15.64 -46.39
C ASP G 272 -1.09 15.64 -46.78
N ASN G 273 -1.40 16.29 -47.90
CA ASN G 273 -2.78 16.47 -48.30
C ASN G 273 -3.38 15.18 -48.84
N GLU G 274 -2.55 14.24 -49.30
CA GLU G 274 -3.07 12.94 -49.68
C GLU G 274 -3.75 12.25 -48.50
N GLU G 275 -3.11 12.31 -47.32
CA GLU G 275 -3.69 11.69 -46.13
C GLU G 275 -4.91 12.47 -45.64
N LEU G 276 -4.87 13.80 -45.73
CA LEU G 276 -5.97 14.63 -45.26
C LEU G 276 -7.25 14.33 -46.05
N GLY G 277 -7.15 14.36 -47.38
CA GLY G 277 -8.31 14.11 -48.21
C GLY G 277 -8.89 12.72 -47.98
N ALA G 278 -8.03 11.71 -47.88
CA ALA G 278 -8.47 10.34 -47.64
C ALA G 278 -9.13 10.24 -46.27
N HIS G 279 -8.53 10.91 -45.29
CA HIS G 279 -9.12 10.93 -43.96
C HIS G 279 -10.50 11.61 -43.98
N ALA G 280 -10.60 12.76 -44.66
CA ALA G 280 -11.84 13.52 -44.73
C ALA G 280 -12.93 12.75 -45.48
N ASN G 281 -12.61 12.23 -46.67
CA ASN G 281 -13.51 11.38 -47.42
C ASN G 281 -14.06 10.28 -46.50
N ALA G 282 -13.17 9.54 -45.83
CA ALA G 282 -13.56 8.43 -44.97
C ALA G 282 -14.44 8.91 -43.81
N PHE G 283 -14.10 10.06 -43.24
CA PHE G 283 -14.89 10.72 -42.20
C PHE G 283 -16.34 10.91 -42.61
N ILE G 284 -16.58 11.55 -43.77
CA ILE G 284 -17.93 11.88 -44.18
C ILE G 284 -18.76 10.64 -44.49
N ARG G 285 -18.23 9.74 -45.31
CA ARG G 285 -18.92 8.51 -45.67
C ARG G 285 -19.23 7.67 -44.42
N ASP G 286 -18.31 7.65 -43.44
CA ASP G 286 -18.53 6.86 -42.24
C ASP G 286 -19.63 7.49 -41.38
N LYS G 287 -19.58 8.82 -41.26
CA LYS G 287 -20.61 9.58 -40.58
C LYS G 287 -21.99 9.32 -41.19
N LEU G 288 -22.08 9.36 -42.53
CA LEU G 288 -23.37 9.16 -43.17
C LEU G 288 -23.81 7.70 -43.03
N THR G 289 -22.88 6.74 -43.11
CA THR G 289 -23.24 5.37 -42.81
C THR G 289 -23.84 5.31 -41.40
N ALA G 290 -23.09 5.81 -40.41
CA ALA G 290 -23.49 5.71 -39.01
C ALA G 290 -24.88 6.30 -38.76
N ILE G 291 -25.15 7.47 -39.33
CA ILE G 291 -26.39 8.17 -39.12
C ILE G 291 -27.57 7.47 -39.79
N LYS G 292 -27.34 6.78 -40.91
CA LYS G 292 -28.41 6.03 -41.54
C LYS G 292 -28.92 4.90 -40.65
N THR G 293 -28.10 4.42 -39.73
CA THR G 293 -28.53 3.41 -38.77
C THR G 293 -29.54 3.93 -37.74
N ILE G 294 -29.66 5.27 -37.55
CA ILE G 294 -30.35 5.82 -36.39
C ILE G 294 -31.86 5.68 -36.53
N GLU G 295 -32.40 5.81 -37.75
CA GLU G 295 -33.83 5.64 -37.98
C GLU G 295 -34.27 4.23 -37.60
N LEU G 296 -33.37 3.25 -37.75
CA LEU G 296 -33.72 1.85 -37.59
C LEU G 296 -33.71 1.41 -36.13
N HIS G 297 -33.08 2.19 -35.24
CA HIS G 297 -32.88 1.77 -33.85
C HIS G 297 -33.70 2.62 -32.87
N MET H 9 -9.74 36.30 -7.99
CA MET H 9 -10.73 35.90 -9.04
C MET H 9 -11.95 36.84 -9.03
N LYS H 10 -11.84 37.92 -9.78
CA LYS H 10 -12.95 38.84 -9.95
C LYS H 10 -13.69 38.48 -11.24
N ILE H 11 -15.02 38.62 -11.16
CA ILE H 11 -15.90 38.27 -12.26
C ILE H 11 -16.39 39.55 -12.88
N GLY H 12 -15.94 39.79 -14.12
CA GLY H 12 -16.08 41.09 -14.75
C GLY H 12 -17.00 41.12 -15.97
N CYS H 13 -17.35 42.36 -16.32
CA CYS H 13 -18.17 42.65 -17.49
C CYS H 13 -17.42 43.64 -18.38
N HIS H 14 -17.41 43.35 -19.68
CA HIS H 14 -16.87 44.25 -20.68
C HIS H 14 -17.84 45.44 -20.84
N GLY H 15 -17.27 46.62 -21.11
CA GLY H 15 -18.06 47.84 -21.10
C GLY H 15 -19.10 47.94 -22.24
N LEU H 16 -18.86 47.27 -23.38
CA LEU H 16 -19.78 47.40 -24.49
C LEU H 16 -21.04 46.55 -24.32
N VAL H 17 -21.23 45.95 -23.15
CA VAL H 17 -22.56 45.45 -22.81
C VAL H 17 -23.48 46.64 -22.56
N TRP H 18 -22.88 47.76 -22.13
CA TRP H 18 -23.63 48.90 -21.59
C TRP H 18 -23.59 50.15 -22.48
N THR H 19 -22.42 50.47 -23.05
CA THR H 19 -22.33 51.63 -23.92
C THR H 19 -21.16 51.48 -24.88
N GLY H 20 -21.18 52.27 -25.95
CA GLY H 20 -20.06 52.39 -26.85
C GLY H 20 -19.25 53.68 -26.70
N HIS H 21 -19.67 54.58 -25.78
CA HIS H 21 -19.02 55.87 -25.63
C HIS H 21 -18.58 56.01 -24.19
N PHE H 22 -17.26 56.09 -23.99
CA PHE H 22 -16.72 56.17 -22.64
C PHE H 22 -16.33 57.59 -22.25
N ASP H 23 -17.30 58.50 -22.44
CA ASP H 23 -17.29 59.84 -21.87
C ASP H 23 -17.74 59.75 -20.42
N ALA H 24 -17.89 60.89 -19.76
CA ALA H 24 -18.27 60.91 -18.36
C ALA H 24 -19.53 60.08 -18.13
N GLU H 25 -20.58 60.30 -18.90
CA GLU H 25 -21.82 59.58 -18.64
C GLU H 25 -21.66 58.08 -18.91
N GLY H 26 -21.05 57.74 -20.05
CA GLY H 26 -20.81 56.35 -20.39
C GLY H 26 -20.08 55.58 -19.30
N ILE H 27 -19.02 56.20 -18.73
CA ILE H 27 -18.23 55.62 -17.65
C ILE H 27 -19.13 55.40 -16.43
N ARG H 28 -19.89 56.43 -16.05
CA ARG H 28 -20.79 56.30 -14.91
C ARG H 28 -21.89 55.27 -15.20
N TYR H 29 -22.37 55.21 -16.43
CA TYR H 29 -23.46 54.30 -16.79
C TYR H 29 -22.99 52.85 -16.73
N SER H 30 -21.82 52.60 -17.34
CA SER H 30 -21.28 51.25 -17.41
C SER H 30 -20.91 50.73 -16.02
N VAL H 31 -20.40 51.60 -15.14
CA VAL H 31 -19.99 51.16 -13.82
C VAL H 31 -21.22 50.80 -12.97
N GLN H 32 -22.23 51.66 -12.99
CA GLN H 32 -23.46 51.39 -12.27
C GLN H 32 -24.08 50.06 -12.69
N LYS H 33 -24.32 49.88 -13.99
CA LYS H 33 -25.05 48.71 -14.47
C LYS H 33 -24.29 47.41 -14.23
N THR H 34 -22.98 47.43 -14.44
CA THR H 34 -22.11 46.30 -14.13
C THR H 34 -22.38 45.79 -12.72
N ARG H 35 -22.37 46.71 -11.74
CA ARG H 35 -22.58 46.34 -10.35
C ARG H 35 -24.03 45.88 -10.14
N GLU H 36 -25.00 46.50 -10.81
CA GLU H 36 -26.39 46.14 -10.60
C GLU H 36 -26.66 44.74 -11.12
N ALA H 37 -25.91 44.30 -12.13
CA ALA H 37 -26.09 42.95 -12.64
C ALA H 37 -25.35 41.93 -11.78
N GLY H 38 -24.43 42.37 -10.90
CA GLY H 38 -23.80 41.47 -9.95
C GLY H 38 -22.31 41.24 -10.15
N PHE H 39 -21.66 41.99 -11.04
CA PHE H 39 -20.25 41.74 -11.32
C PHE H 39 -19.36 42.34 -10.25
N ASP H 40 -18.09 41.91 -10.21
CA ASP H 40 -17.10 42.50 -9.31
C ASP H 40 -16.28 43.57 -10.01
N LEU H 41 -16.30 43.63 -11.35
CA LEU H 41 -15.28 44.33 -12.12
C LEU H 41 -15.86 44.76 -13.46
N VAL H 42 -15.42 45.91 -13.95
CA VAL H 42 -15.77 46.38 -15.27
C VAL H 42 -14.47 46.52 -16.06
N GLU H 43 -14.50 46.10 -17.33
CA GLU H 43 -13.33 46.17 -18.20
C GLU H 43 -13.57 47.33 -19.17
N PHE H 44 -12.73 48.36 -19.10
CA PHE H 44 -12.96 49.52 -19.96
C PHE H 44 -12.28 49.27 -21.29
N PRO H 45 -13.01 49.46 -22.39
CA PRO H 45 -12.36 49.54 -23.70
C PRO H 45 -11.70 50.90 -23.87
N LEU H 46 -10.37 50.95 -23.74
CA LEU H 46 -9.62 52.17 -23.90
C LEU H 46 -9.20 52.33 -25.37
N MET H 47 -10.19 52.50 -26.26
CA MET H 47 -9.86 52.70 -27.66
C MET H 47 -9.08 54.03 -27.80
N ASP H 48 -9.53 55.06 -27.07
CA ASP H 48 -8.79 56.31 -26.99
C ASP H 48 -8.45 56.58 -25.53
N PRO H 49 -7.26 56.15 -25.06
CA PRO H 49 -6.89 56.36 -23.66
C PRO H 49 -6.54 57.80 -23.32
N PHE H 50 -6.16 58.60 -24.34
CA PHE H 50 -5.74 59.98 -24.13
C PHE H 50 -6.90 60.85 -23.64
N SER H 51 -8.13 60.50 -24.04
CA SER H 51 -9.32 61.28 -23.70
C SER H 51 -10.20 60.56 -22.69
N PHE H 52 -9.70 59.47 -22.09
CA PHE H 52 -10.49 58.76 -21.10
C PHE H 52 -10.50 59.54 -19.78
N ASP H 53 -11.70 59.79 -19.23
CA ASP H 53 -11.89 60.57 -18.02
C ASP H 53 -11.57 59.71 -16.79
N VAL H 54 -10.30 59.73 -16.36
CA VAL H 54 -9.83 58.94 -15.24
C VAL H 54 -10.54 59.36 -13.96
N GLN H 55 -10.80 60.66 -13.80
CA GLN H 55 -11.35 61.16 -12.55
C GLN H 55 -12.79 60.68 -12.36
N THR H 56 -13.60 60.74 -13.41
CA THR H 56 -14.96 60.25 -13.31
C THR H 56 -14.99 58.75 -13.03
N ALA H 57 -14.03 58.01 -13.62
CA ALA H 57 -13.95 56.56 -13.42
C ALA H 57 -13.60 56.25 -11.97
N LYS H 58 -12.54 56.86 -11.44
CA LYS H 58 -12.15 56.62 -10.05
C LYS H 58 -13.30 56.94 -9.12
N SER H 59 -13.98 58.07 -9.39
CA SER H 59 -15.21 58.42 -8.70
C SER H 59 -16.23 57.28 -8.77
N ALA H 60 -16.56 56.83 -9.99
CA ALA H 60 -17.65 55.89 -10.16
C ALA H 60 -17.30 54.50 -9.59
N LEU H 61 -16.03 54.11 -9.70
CA LEU H 61 -15.60 52.83 -9.14
C LEU H 61 -15.72 52.82 -7.63
N ALA H 62 -15.39 53.94 -6.98
CA ALA H 62 -15.42 54.01 -5.51
C ALA H 62 -16.85 54.06 -5.00
N GLU H 63 -17.72 54.78 -5.72
CA GLU H 63 -19.12 54.92 -5.35
C GLU H 63 -19.80 53.54 -5.32
N HIS H 64 -19.61 52.73 -6.37
CA HIS H 64 -20.25 51.42 -6.50
C HIS H 64 -19.36 50.25 -6.09
N GLY H 65 -18.23 50.53 -5.40
CA GLY H 65 -17.31 49.50 -4.95
C GLY H 65 -17.05 48.44 -6.01
N LEU H 66 -16.38 48.86 -7.09
CA LEU H 66 -16.14 47.98 -8.23
C LEU H 66 -14.68 48.10 -8.63
N ALA H 67 -14.09 46.97 -9.06
CA ALA H 67 -12.74 46.99 -9.58
C ALA H 67 -12.77 47.28 -11.08
N ALA H 68 -11.58 47.50 -11.66
CA ALA H 68 -11.49 47.86 -13.06
C ALA H 68 -10.32 47.16 -13.71
N SER H 69 -10.46 46.92 -15.02
CA SER H 69 -9.36 46.64 -15.92
C SER H 69 -9.65 47.32 -17.25
N ALA H 70 -8.72 47.19 -18.19
CA ALA H 70 -8.88 47.84 -19.48
C ALA H 70 -8.36 46.95 -20.59
N SER H 71 -9.01 47.04 -21.74
CA SER H 71 -8.55 46.33 -22.92
C SER H 71 -8.59 47.31 -24.09
N LEU H 72 -8.05 46.85 -25.21
CA LEU H 72 -7.72 47.73 -26.30
C LEU H 72 -7.27 46.87 -27.46
N GLY H 73 -7.54 47.36 -28.67
CA GLY H 73 -7.03 46.78 -29.89
C GLY H 73 -6.41 47.88 -30.75
N LEU H 74 -5.18 47.66 -31.19
CA LEU H 74 -4.53 48.61 -32.08
C LEU H 74 -5.25 48.68 -33.42
N SER H 75 -5.03 49.80 -34.12
CA SER H 75 -5.55 50.01 -35.46
C SER H 75 -4.38 50.17 -36.43
N ASP H 76 -4.71 50.29 -37.71
CA ASP H 76 -3.73 50.52 -38.77
C ASP H 76 -2.71 51.58 -38.36
N ALA H 77 -3.19 52.72 -37.85
CA ALA H 77 -2.33 53.85 -37.53
C ALA H 77 -1.42 53.56 -36.33
N THR H 78 -1.71 52.52 -35.52
CA THR H 78 -0.94 52.26 -34.31
C THR H 78 -0.33 50.85 -34.29
N ASP H 79 -0.13 50.24 -35.46
CA ASP H 79 0.24 48.85 -35.58
C ASP H 79 1.71 48.65 -35.21
N VAL H 80 1.96 48.18 -33.98
CA VAL H 80 3.32 47.91 -33.55
C VAL H 80 3.92 46.74 -34.34
N SER H 81 3.11 46.01 -35.11
CA SER H 81 3.64 44.99 -36.00
C SER H 81 3.91 45.56 -37.40
N SER H 82 3.93 46.90 -37.55
CA SER H 82 4.28 47.55 -38.81
C SER H 82 5.79 47.54 -39.05
N GLU H 83 6.18 47.63 -40.31
CA GLU H 83 7.59 47.84 -40.61
C GLU H 83 7.93 49.32 -40.54
N ASP H 84 6.90 50.18 -40.63
CA ASP H 84 7.03 51.63 -40.47
C ASP H 84 7.26 51.98 -39.00
N PRO H 85 8.45 52.46 -38.60
CA PRO H 85 8.73 52.73 -37.18
C PRO H 85 8.03 53.98 -36.64
N ALA H 86 7.40 54.77 -37.53
CA ALA H 86 6.58 55.89 -37.11
C ALA H 86 5.20 55.41 -36.65
N VAL H 87 4.64 54.44 -37.39
CA VAL H 87 3.43 53.76 -36.96
C VAL H 87 3.67 53.01 -35.65
N VAL H 88 4.81 52.30 -35.56
CA VAL H 88 5.12 51.50 -34.37
C VAL H 88 5.22 52.39 -33.14
N LYS H 89 5.79 53.59 -33.30
CA LYS H 89 5.97 54.48 -32.17
C LYS H 89 4.63 55.09 -31.74
N ALA H 90 3.75 55.38 -32.69
CA ALA H 90 2.40 55.82 -32.36
C ALA H 90 1.68 54.75 -31.54
N GLY H 91 1.85 53.46 -31.92
CA GLY H 91 1.25 52.36 -31.19
C GLY H 91 1.86 52.22 -29.78
N GLU H 92 3.18 52.36 -29.67
CA GLU H 92 3.86 52.23 -28.40
C GLU H 92 3.41 53.34 -27.44
N GLU H 93 3.22 54.56 -27.95
CA GLU H 93 2.83 55.66 -27.09
C GLU H 93 1.38 55.53 -26.65
N LEU H 94 0.55 54.91 -27.50
CA LEU H 94 -0.83 54.66 -27.14
C LEU H 94 -0.91 53.59 -26.05
N LEU H 95 -0.19 52.48 -26.22
CA LEU H 95 -0.11 51.45 -25.19
C LEU H 95 0.41 52.03 -23.88
N ASN H 96 1.43 52.90 -23.95
CA ASN H 96 2.02 53.49 -22.75
C ASN H 96 1.02 54.37 -22.01
N ARG H 97 0.20 55.14 -22.73
CA ARG H 97 -0.80 55.96 -22.08
C ARG H 97 -1.89 55.10 -21.44
N ALA H 98 -2.24 53.97 -22.06
CA ALA H 98 -3.22 53.05 -21.49
C ALA H 98 -2.71 52.46 -20.17
N VAL H 99 -1.43 52.07 -20.14
CA VAL H 99 -0.82 51.57 -18.91
C VAL H 99 -0.90 52.65 -17.83
N ASP H 100 -0.61 53.91 -18.22
CA ASP H 100 -0.69 55.03 -17.30
C ASP H 100 -2.09 55.15 -16.69
N VAL H 101 -3.12 55.09 -17.54
CA VAL H 101 -4.50 55.22 -17.11
C VAL H 101 -4.82 54.15 -16.05
N LEU H 102 -4.30 52.95 -16.25
CA LEU H 102 -4.57 51.87 -15.31
C LEU H 102 -3.87 52.12 -13.97
N ALA H 103 -2.69 52.72 -14.01
CA ALA H 103 -1.98 53.05 -12.77
C ALA H 103 -2.79 54.04 -11.96
N GLU H 104 -3.30 55.08 -12.62
CA GLU H 104 -4.09 56.10 -11.95
C GLU H 104 -5.34 55.49 -11.33
N LEU H 105 -6.03 54.64 -12.11
CA LEU H 105 -7.23 53.96 -11.64
C LEU H 105 -6.95 53.05 -10.45
N GLY H 106 -5.67 52.65 -10.28
CA GLY H 106 -5.30 51.68 -9.26
C GLY H 106 -5.57 50.24 -9.71
N ALA H 107 -5.52 49.98 -11.02
CA ALA H 107 -5.81 48.66 -11.54
C ALA H 107 -4.51 47.86 -11.72
N THR H 108 -4.69 46.57 -12.00
CA THR H 108 -3.58 45.63 -12.08
C THR H 108 -3.47 44.98 -13.46
N ASP H 109 -4.54 45.05 -14.28
CA ASP H 109 -4.60 44.22 -15.49
C ASP H 109 -4.82 45.07 -16.72
N PHE H 110 -3.96 44.85 -17.73
CA PHE H 110 -4.07 45.42 -19.06
C PHE H 110 -4.02 44.27 -20.08
N CYS H 111 -4.92 44.29 -21.07
CA CYS H 111 -5.04 43.16 -21.97
C CYS H 111 -5.58 43.62 -23.32
N GLY H 112 -5.49 42.73 -24.32
CA GLY H 112 -6.09 42.96 -25.61
C GLY H 112 -5.15 42.65 -26.77
N VAL H 113 -5.54 43.10 -27.96
CA VAL H 113 -4.72 42.95 -29.13
C VAL H 113 -3.76 44.14 -29.15
N ILE H 114 -2.63 43.98 -28.46
CA ILE H 114 -1.65 45.05 -28.31
C ILE H 114 -0.34 44.69 -29.01
N TYR H 115 -0.30 43.57 -29.74
CA TYR H 115 0.89 43.12 -30.43
C TYR H 115 0.79 43.33 -31.93
N SER H 116 -0.36 43.80 -32.40
CA SER H 116 -0.59 44.09 -33.81
C SER H 116 -1.85 44.95 -33.91
N ALA H 117 -2.16 45.36 -35.14
CA ALA H 117 -3.49 45.89 -35.42
C ALA H 117 -4.53 44.80 -35.15
N MET H 118 -5.73 45.24 -34.73
CA MET H 118 -6.90 44.37 -34.67
C MET H 118 -7.70 44.62 -35.95
N LYS H 119 -7.51 43.74 -36.94
CA LYS H 119 -8.09 43.92 -38.25
C LYS H 119 -7.90 42.65 -39.06
N LYS H 120 -8.45 42.66 -40.28
CA LYS H 120 -8.29 41.59 -41.24
C LYS H 120 -7.10 41.92 -42.16
N TYR H 121 -5.93 41.39 -41.79
CA TYR H 121 -4.73 41.48 -42.60
C TYR H 121 -4.95 40.74 -43.91
N MET H 122 -4.37 41.31 -44.98
CA MET H 122 -4.46 40.74 -46.32
C MET H 122 -3.13 40.12 -46.71
N GLU H 123 -2.17 40.09 -45.77
CA GLU H 123 -0.82 39.58 -45.96
C GLU H 123 -0.43 38.82 -44.71
N PRO H 124 0.38 37.75 -44.81
CA PRO H 124 0.99 37.16 -43.62
C PRO H 124 1.93 38.15 -42.92
N ALA H 125 2.34 37.78 -41.71
CA ALA H 125 3.23 38.64 -40.95
C ALA H 125 4.63 38.59 -41.55
N THR H 126 5.38 39.67 -41.33
CA THR H 126 6.76 39.76 -41.78
C THR H 126 7.69 39.59 -40.58
N ALA H 127 8.88 39.04 -40.83
CA ALA H 127 9.87 38.85 -39.78
C ALA H 127 10.29 40.19 -39.18
N ALA H 128 10.45 41.22 -40.03
CA ALA H 128 10.78 42.55 -39.53
C ALA H 128 9.65 43.10 -38.67
N GLY H 129 8.40 42.92 -39.12
CA GLY H 129 7.24 43.35 -38.35
C GLY H 129 7.10 42.58 -37.04
N LEU H 130 7.37 41.28 -37.08
CA LEU H 130 7.29 40.49 -35.84
C LEU H 130 8.30 41.00 -34.82
N ALA H 131 9.49 41.41 -35.27
CA ALA H 131 10.53 41.89 -34.37
C ALA H 131 10.20 43.26 -33.78
N ASN H 132 9.58 44.14 -34.59
CA ASN H 132 9.07 45.40 -34.07
C ASN H 132 8.10 45.17 -32.93
N SER H 133 7.18 44.19 -33.11
CA SER H 133 6.12 43.91 -32.17
C SER H 133 6.66 43.49 -30.80
N LYS H 134 7.54 42.49 -30.82
CA LYS H 134 8.15 41.94 -29.61
C LYS H 134 8.89 43.04 -28.83
N ALA H 135 9.65 43.90 -29.53
CA ALA H 135 10.45 44.91 -28.86
C ALA H 135 9.56 46.00 -28.26
N ALA H 136 8.52 46.43 -29.00
CA ALA H 136 7.56 47.39 -28.46
C ALA H 136 6.83 46.77 -27.25
N VAL H 137 6.26 45.57 -27.43
CA VAL H 137 5.52 44.93 -26.34
C VAL H 137 6.43 44.79 -25.11
N GLY H 138 7.71 44.45 -25.34
CA GLY H 138 8.65 44.32 -24.25
C GLY H 138 8.82 45.61 -23.45
N ARG H 139 8.91 46.73 -24.17
CA ARG H 139 9.04 48.02 -23.52
C ARG H 139 7.78 48.39 -22.72
N VAL H 140 6.60 48.16 -23.27
CA VAL H 140 5.36 48.44 -22.57
C VAL H 140 5.27 47.58 -21.31
N ALA H 141 5.68 46.30 -21.42
CA ALA H 141 5.70 45.40 -20.26
C ALA H 141 6.67 45.91 -19.20
N ASP H 142 7.87 46.33 -19.61
CA ASP H 142 8.84 46.91 -18.68
C ASP H 142 8.24 48.12 -17.96
N ARG H 143 7.73 49.07 -18.73
CA ARG H 143 7.05 50.23 -18.16
C ARG H 143 5.96 49.78 -17.18
N ALA H 144 5.01 48.97 -17.65
CA ALA H 144 3.91 48.51 -16.81
C ALA H 144 4.41 47.89 -15.52
N SER H 145 5.57 47.23 -15.57
CA SER H 145 6.07 46.46 -14.44
C SER H 145 6.30 47.36 -13.23
N ASP H 146 6.92 48.51 -13.45
CA ASP H 146 7.21 49.46 -12.38
C ASP H 146 5.93 50.05 -11.76
N LEU H 147 4.79 49.95 -12.46
CA LEU H 147 3.51 50.47 -11.97
C LEU H 147 2.64 49.33 -11.40
N GLY H 148 3.19 48.12 -11.29
CA GLY H 148 2.48 46.98 -10.74
C GLY H 148 1.31 46.52 -11.62
N ILE H 149 1.53 46.50 -12.93
CA ILE H 149 0.47 46.14 -13.87
C ILE H 149 0.92 44.91 -14.65
N ASN H 150 0.02 43.93 -14.75
CA ASN H 150 0.21 42.83 -15.68
C ASN H 150 -0.25 43.23 -17.07
N VAL H 151 0.45 42.71 -18.08
CA VAL H 151 0.08 42.90 -19.47
C VAL H 151 -0.16 41.53 -20.08
N SER H 152 -1.39 41.31 -20.56
CA SER H 152 -1.82 40.02 -21.07
C SER H 152 -2.16 40.13 -22.56
N LEU H 153 -1.42 39.40 -23.40
CA LEU H 153 -1.67 39.40 -24.84
C LEU H 153 -2.86 38.50 -25.14
N GLU H 154 -3.87 39.05 -25.82
CA GLU H 154 -5.08 38.31 -26.12
C GLU H 154 -4.94 37.54 -27.43
N VAL H 155 -5.09 36.22 -27.35
CA VAL H 155 -5.10 35.40 -28.54
C VAL H 155 -6.44 35.57 -29.25
N VAL H 156 -6.40 36.08 -30.47
CA VAL H 156 -7.62 36.26 -31.25
C VAL H 156 -7.48 35.50 -32.56
N ASN H 157 -8.58 35.43 -33.30
CA ASN H 157 -8.72 34.57 -34.47
C ASN H 157 -8.11 35.21 -35.72
N ARG H 158 -8.08 34.40 -36.78
CA ARG H 158 -7.35 34.71 -38.00
C ARG H 158 -7.83 36.01 -38.63
N TYR H 159 -9.06 36.44 -38.35
CA TYR H 159 -9.63 37.62 -38.98
C TYR H 159 -9.35 38.91 -38.22
N GLU H 160 -8.80 38.81 -37.00
CA GLU H 160 -8.53 39.96 -36.16
C GLU H 160 -7.05 40.14 -35.85
N THR H 161 -6.19 39.18 -36.25
CA THR H 161 -4.74 39.34 -36.30
C THR H 161 -4.15 38.22 -37.15
N ASN H 162 -2.95 38.46 -37.69
CA ASN H 162 -2.21 37.42 -38.39
C ASN H 162 -0.98 36.99 -37.58
N VAL H 163 -0.90 37.41 -36.32
CA VAL H 163 0.28 37.18 -35.50
C VAL H 163 0.02 36.03 -34.51
N LEU H 164 -0.88 36.25 -33.53
CA LEU H 164 -1.09 35.32 -32.42
C LEU H 164 -2.51 34.75 -32.46
N ASN H 165 -2.69 33.62 -33.15
CA ASN H 165 -4.01 33.02 -33.32
C ASN H 165 -4.25 31.83 -32.39
N THR H 166 -3.20 31.27 -31.77
CA THR H 166 -3.34 30.17 -30.82
C THR H 166 -2.51 30.46 -29.57
N GLY H 167 -2.91 29.86 -28.45
CA GLY H 167 -2.14 29.93 -27.22
C GLY H 167 -0.68 29.48 -27.39
N ARG H 168 -0.44 28.48 -28.25
CA ARG H 168 0.90 27.98 -28.50
C ARG H 168 1.77 29.06 -29.16
N GLN H 169 1.20 29.85 -30.08
CA GLN H 169 1.92 30.99 -30.63
C GLN H 169 2.18 32.05 -29.55
N ALA H 170 1.21 32.27 -28.65
CA ALA H 170 1.39 33.27 -27.60
C ALA H 170 2.51 32.84 -26.66
N LEU H 171 2.61 31.54 -26.36
CA LEU H 171 3.64 31.05 -25.46
C LEU H 171 5.02 31.26 -26.06
N ALA H 172 5.16 30.94 -27.35
CA ALA H 172 6.42 31.11 -28.06
C ALA H 172 6.80 32.59 -28.12
N TYR H 173 5.80 33.46 -28.30
CA TYR H 173 6.04 34.90 -28.29
C TYR H 173 6.59 35.33 -26.93
N LEU H 174 5.93 34.90 -25.84
CA LEU H 174 6.37 35.23 -24.50
C LEU H 174 7.79 34.70 -24.26
N GLU H 175 8.09 33.48 -24.73
CA GLU H 175 9.37 32.83 -24.47
C GLU H 175 10.55 33.73 -24.89
N GLU H 176 10.42 34.41 -26.03
CA GLU H 176 11.50 35.23 -26.56
C GLU H 176 11.65 36.53 -25.75
N LEU H 177 10.57 37.01 -25.12
CA LEU H 177 10.59 38.28 -24.39
C LEU H 177 11.06 38.07 -22.95
N ASN H 178 10.65 36.95 -22.35
CA ASN H 178 10.99 36.61 -20.97
C ASN H 178 10.74 37.81 -20.05
N ARG H 179 9.54 38.36 -20.08
CA ARG H 179 9.24 39.41 -19.13
C ARG H 179 8.34 38.84 -18.04
N PRO H 180 8.62 39.14 -16.75
CA PRO H 180 7.93 38.44 -15.66
C PRO H 180 6.47 38.84 -15.45
N ASN H 181 6.01 39.98 -15.96
CA ASN H 181 4.63 40.41 -15.81
C ASN H 181 3.84 40.26 -17.13
N LEU H 182 4.42 39.59 -18.14
CA LEU H 182 3.75 39.39 -19.42
C LEU H 182 3.07 38.03 -19.42
N GLY H 183 1.74 38.03 -19.59
CA GLY H 183 0.95 36.81 -19.62
C GLY H 183 0.11 36.70 -20.89
N ILE H 184 -0.67 35.61 -20.93
CA ILE H 184 -1.57 35.29 -22.03
C ILE H 184 -3.01 35.48 -21.57
N HIS H 185 -3.83 35.97 -22.51
CA HIS H 185 -5.25 36.22 -22.34
C HIS H 185 -6.01 35.37 -23.37
N LEU H 186 -6.89 34.48 -22.89
CA LEU H 186 -7.68 33.60 -23.76
C LEU H 186 -9.14 34.02 -23.74
N ASP H 187 -9.78 33.92 -24.92
CA ASP H 187 -11.17 34.25 -25.11
C ASP H 187 -11.84 33.04 -25.75
N THR H 188 -12.90 32.53 -25.09
CA THR H 188 -13.59 31.34 -25.56
C THR H 188 -14.14 31.54 -26.97
N TYR H 189 -14.59 32.75 -27.28
CA TYR H 189 -15.09 33.06 -28.62
C TYR H 189 -14.00 32.79 -29.67
N HIS H 190 -12.75 33.09 -29.34
CA HIS H 190 -11.66 32.93 -30.29
C HIS H 190 -11.13 31.50 -30.27
N MET H 191 -11.10 30.87 -29.10
CA MET H 191 -10.66 29.48 -29.03
C MET H 191 -11.59 28.60 -29.85
N ASN H 192 -12.91 28.83 -29.73
CA ASN H 192 -13.91 28.09 -30.47
C ASN H 192 -13.62 28.09 -31.97
N ILE H 193 -12.85 29.07 -32.47
CA ILE H 193 -12.47 29.08 -33.87
C ILE H 193 -11.12 28.38 -34.07
N GLU H 194 -10.06 28.88 -33.43
CA GLU H 194 -8.71 28.51 -33.85
C GLU H 194 -8.15 27.28 -33.11
N GLU H 195 -8.57 27.01 -31.86
CA GLU H 195 -7.91 25.98 -31.08
C GLU H 195 -8.44 24.59 -31.46
N SER H 196 -7.63 23.58 -31.14
CA SER H 196 -7.96 22.17 -31.35
C SER H 196 -9.01 21.65 -30.37
N ASP H 197 -9.15 22.30 -29.20
CA ASP H 197 -10.12 21.93 -28.20
C ASP H 197 -10.10 22.98 -27.10
N MET H 198 -11.00 22.86 -26.11
CA MET H 198 -11.12 23.90 -25.10
C MET H 198 -10.32 23.57 -23.84
N PHE H 199 -9.70 22.39 -23.72
CA PHE H 199 -8.91 22.14 -22.52
C PHE H 199 -7.41 22.26 -22.78
N SER H 200 -6.91 21.71 -23.88
CA SER H 200 -5.46 21.64 -24.08
C SER H 200 -4.79 23.02 -24.11
N PRO H 201 -5.38 24.11 -24.65
CA PRO H 201 -4.75 25.43 -24.54
C PRO H 201 -4.59 25.91 -23.11
N ILE H 202 -5.58 25.65 -22.25
CA ILE H 202 -5.50 26.05 -20.86
C ILE H 202 -4.37 25.31 -20.16
N LEU H 203 -4.28 23.99 -20.37
CA LEU H 203 -3.25 23.18 -19.71
C LEU H 203 -1.86 23.58 -20.22
N ASP H 204 -1.74 23.86 -21.53
CA ASP H 204 -0.48 24.28 -22.15
C ASP H 204 -0.01 25.65 -21.63
N THR H 205 -0.95 26.55 -21.30
CA THR H 205 -0.61 27.93 -20.94
C THR H 205 -0.74 28.18 -19.44
N ALA H 206 -0.78 27.14 -18.60
CA ALA H 206 -1.27 27.32 -17.22
C ALA H 206 -0.45 28.34 -16.46
N GLU H 207 0.87 28.30 -16.61
CA GLU H 207 1.75 29.24 -15.92
C GLU H 207 1.39 30.68 -16.29
N ALA H 208 1.20 30.93 -17.60
CA ALA H 208 1.14 32.28 -18.14
C ALA H 208 -0.29 32.78 -18.33
N LEU H 209 -1.31 31.98 -18.02
CA LEU H 209 -2.69 32.40 -18.24
C LEU H 209 -3.11 33.37 -17.13
N ARG H 210 -3.35 34.62 -17.51
CA ARG H 210 -3.54 35.65 -16.49
C ARG H 210 -4.87 36.41 -16.65
N TYR H 211 -5.63 36.13 -17.71
CA TYR H 211 -6.89 36.81 -17.98
C TYR H 211 -7.74 36.01 -18.97
N VAL H 212 -9.06 36.01 -18.75
CA VAL H 212 -9.97 35.16 -19.49
C VAL H 212 -11.22 35.94 -19.90
N HIS H 213 -11.67 35.73 -21.15
CA HIS H 213 -12.89 36.31 -21.67
C HIS H 213 -13.92 35.20 -21.90
N ILE H 214 -15.16 35.46 -21.46
CA ILE H 214 -16.25 34.51 -21.58
C ILE H 214 -17.25 35.04 -22.60
N GLY H 215 -17.21 34.44 -23.79
CA GLY H 215 -18.05 34.87 -24.90
C GLY H 215 -18.61 33.69 -25.68
N GLU H 216 -19.88 33.80 -26.11
CA GLU H 216 -20.51 32.78 -26.93
C GLU H 216 -19.92 32.81 -28.34
N SER H 217 -20.18 31.74 -29.10
CA SER H 217 -19.66 31.59 -30.46
C SER H 217 -20.06 32.76 -31.36
N HIS H 218 -21.27 33.31 -31.17
CA HIS H 218 -21.73 34.47 -31.91
C HIS H 218 -21.65 35.77 -31.10
N ARG H 219 -21.16 35.70 -29.85
CA ARG H 219 -20.92 36.85 -28.97
C ARG H 219 -22.21 37.38 -28.36
N GLY H 220 -23.28 36.55 -28.35
CA GLY H 220 -24.56 36.91 -27.75
C GLY H 220 -24.74 36.26 -26.38
N TYR H 221 -25.97 35.85 -26.07
CA TYR H 221 -26.28 35.22 -24.79
C TYR H 221 -25.41 34.00 -24.53
N LEU H 222 -24.97 33.83 -23.28
CA LEU H 222 -24.15 32.68 -22.93
C LEU H 222 -25.01 31.42 -22.95
N GLY H 223 -24.49 30.38 -23.62
CA GLY H 223 -25.21 29.13 -23.78
C GLY H 223 -26.26 29.13 -24.88
N THR H 224 -26.19 30.06 -25.86
CA THR H 224 -27.08 30.02 -27.02
C THR H 224 -26.32 29.82 -28.34
N GLY H 225 -25.12 29.22 -28.28
CA GLY H 225 -24.27 29.10 -29.46
C GLY H 225 -23.50 27.81 -29.39
N SER H 226 -22.26 27.81 -29.90
CA SER H 226 -21.52 26.58 -30.13
C SER H 226 -20.26 26.46 -29.26
N VAL H 227 -20.12 27.27 -28.21
CA VAL H 227 -18.93 27.22 -27.37
C VAL H 227 -19.07 26.13 -26.31
N ASP H 228 -18.01 25.33 -26.12
CA ASP H 228 -17.98 24.27 -25.12
C ASP H 228 -17.51 24.83 -23.78
N PHE H 229 -18.42 25.49 -23.06
CA PHE H 229 -18.05 26.12 -21.81
C PHE H 229 -17.70 25.11 -20.73
N ASP H 230 -18.33 23.93 -20.76
CA ASP H 230 -18.11 22.93 -19.73
C ASP H 230 -16.64 22.53 -19.72
N THR H 231 -16.13 22.08 -20.86
CA THR H 231 -14.74 21.66 -20.95
C THR H 231 -13.82 22.82 -20.56
N PHE H 232 -14.18 24.03 -20.97
CA PHE H 232 -13.34 25.19 -20.67
C PHE H 232 -13.21 25.41 -19.15
N PHE H 233 -14.34 25.46 -18.44
CA PHE H 233 -14.30 25.79 -17.02
C PHE H 233 -13.68 24.65 -16.21
N LYS H 234 -13.89 23.41 -16.63
CA LYS H 234 -13.27 22.28 -15.97
C LYS H 234 -11.75 22.33 -16.13
N ALA H 235 -11.24 22.72 -17.30
CA ALA H 235 -9.80 22.87 -17.47
C ALA H 235 -9.25 23.99 -16.59
N LEU H 236 -9.98 25.12 -16.48
CA LEU H 236 -9.57 26.19 -15.58
C LEU H 236 -9.55 25.67 -14.15
N GLY H 237 -10.53 24.81 -13.80
CA GLY H 237 -10.55 24.14 -12.52
C GLY H 237 -9.27 23.34 -12.30
N ARG H 238 -8.80 22.67 -13.36
CA ARG H 238 -7.68 21.77 -13.23
C ARG H 238 -6.38 22.52 -12.93
N ILE H 239 -6.16 23.67 -13.55
CA ILE H 239 -4.88 24.36 -13.36
C ILE H 239 -4.92 25.31 -12.15
N GLY H 240 -6.05 25.42 -11.46
CA GLY H 240 -6.14 26.32 -10.32
C GLY H 240 -6.20 27.79 -10.72
N TYR H 241 -6.83 28.10 -11.86
CA TYR H 241 -6.90 29.47 -12.35
C TYR H 241 -7.75 30.32 -11.40
N ASP H 242 -7.29 31.55 -11.13
CA ASP H 242 -8.05 32.46 -10.30
C ASP H 242 -7.76 33.91 -10.69
N GLY H 243 -7.37 34.13 -11.94
CA GLY H 243 -7.33 35.47 -12.52
C GLY H 243 -8.75 35.95 -12.83
N PRO H 244 -8.87 37.11 -13.49
CA PRO H 244 -10.18 37.66 -13.82
C PRO H 244 -10.90 36.82 -14.87
N VAL H 245 -12.22 36.75 -14.72
CA VAL H 245 -13.10 36.03 -15.62
C VAL H 245 -14.21 36.99 -16.05
N VAL H 246 -14.19 37.41 -17.32
CA VAL H 246 -14.94 38.59 -17.73
C VAL H 246 -15.88 38.25 -18.88
N PHE H 247 -17.16 38.60 -18.70
CA PHE H 247 -18.17 38.45 -19.74
C PHE H 247 -17.95 39.45 -20.87
N GLU H 248 -18.11 39.00 -22.12
CA GLU H 248 -17.93 39.87 -23.28
C GLU H 248 -18.97 39.51 -24.33
N SER H 249 -19.78 40.50 -24.74
CA SER H 249 -20.87 40.34 -25.70
C SER H 249 -21.06 41.63 -26.50
N PHE H 250 -21.46 41.49 -27.77
CA PHE H 250 -21.65 42.62 -28.67
C PHE H 250 -22.96 42.51 -29.44
N SER H 251 -23.67 43.64 -29.59
CA SER H 251 -24.95 43.68 -30.28
C SER H 251 -25.15 45.01 -31.00
N SER H 252 -25.83 44.96 -32.17
CA SER H 252 -26.35 46.10 -32.92
C SER H 252 -26.92 47.18 -32.01
N SER H 253 -27.48 46.78 -30.85
CA SER H 253 -28.18 47.69 -29.98
C SER H 253 -27.24 48.57 -29.14
N VAL H 254 -25.95 48.24 -29.10
CA VAL H 254 -24.96 49.07 -28.44
C VAL H 254 -23.74 49.21 -29.36
N VAL H 255 -23.60 50.41 -29.94
CA VAL H 255 -22.65 50.64 -31.01
C VAL H 255 -21.49 51.46 -30.48
N ALA H 256 -20.28 51.00 -30.79
CA ALA H 256 -19.07 51.79 -30.63
C ALA H 256 -18.59 52.16 -32.03
N PRO H 257 -18.55 53.47 -32.39
CA PRO H 257 -18.26 53.84 -33.77
C PRO H 257 -17.01 53.16 -34.35
N ASP H 258 -15.98 52.97 -33.53
CA ASP H 258 -14.77 52.27 -33.96
C ASP H 258 -14.95 50.75 -33.79
N LEU H 259 -15.12 50.32 -32.54
CA LEU H 259 -14.93 48.92 -32.19
C LEU H 259 -16.02 48.03 -32.80
N SER H 260 -17.26 48.54 -32.90
CA SER H 260 -18.36 47.77 -33.47
C SER H 260 -18.10 47.44 -34.94
N ARG H 261 -17.48 48.37 -35.67
CA ARG H 261 -17.13 48.10 -37.05
C ARG H 261 -15.93 47.16 -37.12
N MET H 262 -14.92 47.33 -36.24
CA MET H 262 -13.71 46.51 -36.31
C MET H 262 -14.07 45.05 -36.04
N LEU H 263 -15.05 44.83 -35.16
CA LEU H 263 -15.40 43.48 -34.74
C LEU H 263 -16.47 42.85 -35.62
N GLY H 264 -17.07 43.61 -36.53
CA GLY H 264 -18.09 43.08 -37.44
C GLY H 264 -19.42 42.76 -36.75
N ILE H 265 -19.94 43.70 -35.95
CA ILE H 265 -21.17 43.47 -35.23
C ILE H 265 -22.34 43.94 -36.09
N TRP H 266 -22.83 43.06 -36.95
CA TRP H 266 -23.88 43.44 -37.90
C TRP H 266 -25.29 43.12 -37.38
N ARG H 267 -25.41 42.31 -36.33
CA ARG H 267 -26.68 41.70 -36.00
C ARG H 267 -27.13 42.14 -34.62
N ASN H 268 -28.45 42.23 -34.47
CA ASN H 268 -29.09 42.23 -33.16
C ASN H 268 -28.93 40.85 -32.53
N LEU H 269 -28.23 40.79 -31.39
CA LEU H 269 -28.11 39.56 -30.63
C LEU H 269 -28.75 39.70 -29.25
N TRP H 270 -29.12 40.92 -28.87
CA TRP H 270 -29.86 41.20 -27.67
C TRP H 270 -30.26 42.66 -27.75
N ALA H 271 -31.43 42.97 -27.18
CA ALA H 271 -31.92 44.33 -27.12
C ALA H 271 -31.98 44.85 -25.68
N ASP H 272 -32.11 43.95 -24.70
CA ASP H 272 -32.21 44.32 -23.31
C ASP H 272 -30.93 43.86 -22.61
N ASN H 273 -29.99 44.79 -22.44
CA ASN H 273 -28.72 44.40 -21.84
C ASN H 273 -28.83 44.14 -20.33
N GLU H 274 -29.86 44.65 -19.65
CA GLU H 274 -29.96 44.42 -18.21
C GLU H 274 -30.20 42.95 -17.91
N GLU H 275 -31.11 42.31 -18.67
CA GLU H 275 -31.31 40.87 -18.58
C GLU H 275 -30.05 40.12 -19.05
N LEU H 276 -29.41 40.60 -20.10
CA LEU H 276 -28.24 39.93 -20.63
C LEU H 276 -27.15 39.86 -19.58
N GLY H 277 -26.85 40.99 -18.93
CA GLY H 277 -25.75 41.07 -17.99
C GLY H 277 -26.02 40.25 -16.72
N ALA H 278 -27.26 40.27 -16.24
CA ALA H 278 -27.63 39.52 -15.05
C ALA H 278 -27.50 38.02 -15.32
N HIS H 279 -28.00 37.59 -16.49
CA HIS H 279 -27.92 36.20 -16.90
C HIS H 279 -26.47 35.75 -17.00
N ALA H 280 -25.61 36.57 -17.63
CA ALA H 280 -24.19 36.23 -17.80
C ALA H 280 -23.43 36.19 -16.48
N ASN H 281 -23.88 36.96 -15.49
CA ASN H 281 -23.25 36.96 -14.18
C ASN H 281 -23.53 35.64 -13.46
N ALA H 282 -24.83 35.28 -13.41
CA ALA H 282 -25.28 34.00 -12.86
C ALA H 282 -24.59 32.84 -13.57
N PHE H 283 -24.65 32.84 -14.91
CA PHE H 283 -24.04 31.79 -15.72
C PHE H 283 -22.61 31.53 -15.25
N ILE H 284 -21.81 32.59 -15.12
CA ILE H 284 -20.39 32.42 -14.85
C ILE H 284 -20.18 32.00 -13.40
N ARG H 285 -20.91 32.63 -12.48
CA ARG H 285 -20.73 32.30 -11.08
C ARG H 285 -21.21 30.86 -10.82
N ASP H 286 -22.18 30.37 -11.61
CA ASP H 286 -22.70 29.03 -11.43
C ASP H 286 -21.76 27.96 -12.01
N LYS H 287 -21.15 28.22 -13.17
CA LYS H 287 -20.08 27.39 -13.70
C LYS H 287 -18.96 27.22 -12.68
N LEU H 288 -18.61 28.31 -12.00
CA LEU H 288 -17.50 28.29 -11.06
C LEU H 288 -17.89 27.59 -9.76
N THR H 289 -19.11 27.81 -9.28
CA THR H 289 -19.62 27.10 -8.11
C THR H 289 -19.57 25.59 -8.33
N ALA H 290 -19.97 25.13 -9.52
CA ALA H 290 -20.03 23.70 -9.83
C ALA H 290 -18.64 23.12 -10.05
N ILE H 291 -17.75 23.83 -10.74
CA ILE H 291 -16.41 23.31 -11.00
C ILE H 291 -15.65 23.05 -9.70
N LYS H 292 -15.93 23.85 -8.67
CA LYS H 292 -15.26 23.76 -7.39
C LYS H 292 -15.60 22.44 -6.68
N THR H 293 -16.82 21.94 -6.92
CA THR H 293 -17.27 20.69 -6.34
C THR H 293 -16.69 19.48 -7.05
N ILE H 294 -16.29 19.62 -8.32
CA ILE H 294 -15.63 18.53 -9.03
C ILE H 294 -14.29 18.22 -8.35
N GLU H 295 -13.52 19.27 -8.08
CA GLU H 295 -12.17 19.16 -7.55
C GLU H 295 -12.09 18.10 -6.44
N LEU H 296 -12.96 18.23 -5.43
CA LEU H 296 -12.92 17.38 -4.25
C LEU H 296 -14.32 17.00 -3.80
N HIS H 297 -14.49 15.71 -3.44
CA HIS H 297 -15.74 15.06 -2.99
C HIS H 297 -17.06 15.53 -3.64
N GLU I 2 58.39 35.30 2.99
CA GLU I 2 59.28 36.42 3.38
C GLU I 2 60.47 35.89 4.19
N VAL I 3 60.36 35.89 5.53
CA VAL I 3 61.48 35.60 6.41
C VAL I 3 61.35 34.18 6.95
N LEU I 4 62.48 33.48 7.04
CA LEU I 4 62.54 32.12 7.56
C LEU I 4 62.28 32.12 9.06
N PHE I 5 61.46 31.16 9.53
CA PHE I 5 61.33 30.88 10.95
C PHE I 5 62.48 29.95 11.37
N GLN I 6 63.22 30.36 12.41
CA GLN I 6 64.50 29.74 12.73
C GLN I 6 64.39 28.75 13.91
N GLY I 7 63.31 28.82 14.70
CA GLY I 7 63.13 27.95 15.86
C GLY I 7 62.88 26.49 15.52
N PRO I 8 62.92 25.58 16.51
CA PRO I 8 62.83 24.14 16.24
C PRO I 8 61.43 23.60 15.92
N MET I 9 60.39 24.09 16.62
CA MET I 9 59.05 23.57 16.40
C MET I 9 58.40 24.34 15.25
N LYS I 10 58.54 23.79 14.04
CA LYS I 10 57.98 24.38 12.85
C LYS I 10 56.67 23.68 12.54
N ILE I 11 55.68 24.47 12.11
CA ILE I 11 54.37 23.95 11.78
C ILE I 11 54.34 23.73 10.27
N GLY I 12 54.13 22.48 9.86
CA GLY I 12 54.39 22.09 8.49
C GLY I 12 53.16 21.56 7.77
N CYS I 13 53.30 21.47 6.44
CA CYS I 13 52.26 20.94 5.58
C CYS I 13 52.85 19.80 4.73
N HIS I 14 52.06 18.75 4.54
CA HIS I 14 52.40 17.68 3.62
C HIS I 14 52.07 18.13 2.20
N GLY I 15 52.96 17.80 1.25
CA GLY I 15 52.88 18.36 -0.09
C GLY I 15 51.62 17.96 -0.85
N LEU I 16 51.02 16.81 -0.50
CA LEU I 16 49.87 16.26 -1.22
C LEU I 16 48.56 16.93 -0.86
N VAL I 17 48.62 18.00 -0.07
CA VAL I 17 47.50 18.91 0.01
C VAL I 17 47.43 19.68 -1.31
N TRP I 18 48.60 19.95 -1.91
CA TRP I 18 48.76 20.90 -3.01
C TRP I 18 48.94 20.22 -4.36
N THR I 19 49.79 19.20 -4.43
CA THR I 19 50.04 18.55 -5.70
C THR I 19 50.39 17.08 -5.50
N GLY I 20 50.15 16.28 -6.55
CA GLY I 20 50.57 14.90 -6.60
C GLY I 20 51.89 14.70 -7.34
N HIS I 21 52.29 15.71 -8.14
CA HIS I 21 53.47 15.63 -8.99
C HIS I 21 54.51 16.62 -8.51
N PHE I 22 55.76 16.16 -8.35
CA PHE I 22 56.82 17.01 -7.84
C PHE I 22 57.94 17.20 -8.87
N ASP I 23 57.51 17.52 -10.09
CA ASP I 23 58.35 18.18 -11.08
C ASP I 23 58.62 19.62 -10.64
N ALA I 24 59.30 20.39 -11.48
CA ALA I 24 59.66 21.75 -11.13
C ALA I 24 58.42 22.59 -10.80
N GLU I 25 57.34 22.40 -11.55
CA GLU I 25 56.16 23.22 -11.31
C GLU I 25 55.55 22.84 -9.96
N GLY I 26 55.35 21.53 -9.73
CA GLY I 26 54.74 21.05 -8.49
C GLY I 26 55.54 21.45 -7.25
N ILE I 27 56.88 21.41 -7.35
CA ILE I 27 57.74 21.83 -6.24
C ILE I 27 57.47 23.29 -5.91
N ARG I 28 57.32 24.12 -6.94
CA ARG I 28 57.13 25.55 -6.73
C ARG I 28 55.70 25.83 -6.28
N TYR I 29 54.72 25.12 -6.85
CA TYR I 29 53.32 25.33 -6.47
C TYR I 29 53.12 25.01 -4.99
N SER I 30 53.69 23.88 -4.51
CA SER I 30 53.51 23.46 -3.14
C SER I 30 54.24 24.39 -2.17
N VAL I 31 55.47 24.79 -2.48
CA VAL I 31 56.22 25.68 -1.61
C VAL I 31 55.47 27.01 -1.45
N GLN I 32 54.92 27.53 -2.54
CA GLN I 32 54.21 28.80 -2.49
C GLN I 32 52.90 28.65 -1.71
N LYS I 33 52.08 27.65 -2.06
CA LYS I 33 50.79 27.48 -1.41
C LYS I 33 50.96 27.18 0.09
N THR I 34 52.02 26.45 0.42
CA THR I 34 52.36 26.15 1.81
C THR I 34 52.60 27.44 2.58
N ARG I 35 53.48 28.32 2.07
CA ARG I 35 53.79 29.56 2.76
C ARG I 35 52.54 30.44 2.84
N GLU I 36 51.72 30.40 1.79
CA GLU I 36 50.55 31.25 1.71
C GLU I 36 49.46 30.77 2.67
N ALA I 37 49.51 29.50 3.09
CA ALA I 37 48.59 29.02 4.11
C ALA I 37 49.05 29.42 5.52
N GLY I 38 50.34 29.73 5.68
CA GLY I 38 50.85 30.20 6.96
C GLY I 38 51.85 29.24 7.61
N PHE I 39 52.24 28.16 6.92
CA PHE I 39 53.13 27.17 7.51
C PHE I 39 54.59 27.65 7.49
N ASP I 40 55.40 27.04 8.36
CA ASP I 40 56.84 27.27 8.41
C ASP I 40 57.62 26.28 7.52
N LEU I 41 56.98 25.18 7.09
CA LEU I 41 57.73 24.07 6.52
C LEU I 41 56.86 23.26 5.58
N VAL I 42 57.50 22.73 4.54
CA VAL I 42 56.84 21.79 3.64
C VAL I 42 57.53 20.44 3.78
N GLU I 43 56.72 19.38 3.69
CA GLU I 43 57.25 18.03 3.70
C GLU I 43 57.07 17.46 2.30
N PHE I 44 58.20 17.16 1.64
CA PHE I 44 58.18 16.61 0.29
C PHE I 44 58.02 15.09 0.36
N PRO I 45 57.05 14.51 -0.36
CA PRO I 45 57.00 13.06 -0.52
C PRO I 45 57.97 12.55 -1.59
N LEU I 46 59.20 12.23 -1.17
CA LEU I 46 60.22 11.71 -2.07
C LEU I 46 59.97 10.24 -2.36
N MET I 47 58.87 9.96 -3.08
CA MET I 47 58.64 8.61 -3.54
C MET I 47 59.66 8.24 -4.62
N ASP I 48 60.12 9.24 -5.39
CA ASP I 48 61.27 9.09 -6.28
C ASP I 48 62.28 10.18 -5.92
N PRO I 49 63.32 9.86 -5.12
CA PRO I 49 64.38 10.83 -4.85
C PRO I 49 65.41 11.01 -5.96
N PHE I 50 65.45 10.08 -6.91
CA PHE I 50 66.47 10.15 -7.95
C PHE I 50 66.17 11.24 -8.97
N SER I 51 64.87 11.47 -9.22
CA SER I 51 64.42 12.44 -10.20
C SER I 51 63.75 13.64 -9.52
N PHE I 52 64.24 14.03 -8.34
CA PHE I 52 63.71 15.19 -7.66
C PHE I 52 64.56 16.39 -8.01
N ASP I 53 63.93 17.44 -8.54
CA ASP I 53 64.65 18.64 -8.92
C ASP I 53 65.12 19.43 -7.70
N VAL I 54 66.34 19.14 -7.24
CA VAL I 54 66.87 19.74 -6.02
C VAL I 54 67.09 21.25 -6.18
N GLN I 55 67.47 21.69 -7.38
CA GLN I 55 67.77 23.11 -7.59
C GLN I 55 66.49 23.94 -7.54
N THR I 56 65.44 23.52 -8.26
CA THR I 56 64.16 24.21 -8.17
C THR I 56 63.69 24.32 -6.72
N ALA I 57 63.82 23.22 -5.96
CA ALA I 57 63.45 23.21 -4.56
C ALA I 57 64.24 24.26 -3.78
N LYS I 58 65.57 24.22 -3.89
CA LYS I 58 66.42 25.21 -3.26
C LYS I 58 65.92 26.62 -3.56
N SER I 59 65.63 26.89 -4.84
CA SER I 59 65.25 28.21 -5.30
C SER I 59 63.92 28.65 -4.67
N ALA I 60 62.93 27.74 -4.65
CA ALA I 60 61.60 28.05 -4.13
C ALA I 60 61.62 28.26 -2.61
N LEU I 61 62.44 27.47 -1.90
CA LEU I 61 62.51 27.57 -0.46
C LEU I 61 63.16 28.88 -0.02
N ALA I 62 64.18 29.34 -0.76
CA ALA I 62 64.81 30.61 -0.44
C ALA I 62 63.86 31.77 -0.74
N GLU I 63 63.23 31.75 -1.91
CA GLU I 63 62.34 32.83 -2.33
C GLU I 63 61.28 33.08 -1.26
N HIS I 64 60.59 32.00 -0.85
CA HIS I 64 59.49 32.09 0.09
C HIS I 64 59.95 31.99 1.56
N GLY I 65 61.26 31.85 1.81
CA GLY I 65 61.80 31.71 3.16
C GLY I 65 61.14 30.58 3.94
N LEU I 66 61.30 29.34 3.45
CA LEU I 66 60.58 28.18 3.97
C LEU I 66 61.58 27.05 4.23
N ALA I 67 61.33 26.26 5.28
CA ALA I 67 62.17 25.09 5.54
C ALA I 67 61.53 23.85 4.93
N ALA I 68 62.34 22.80 4.79
CA ALA I 68 61.87 21.56 4.18
C ALA I 68 62.22 20.34 5.02
N SER I 69 61.41 19.29 4.82
CA SER I 69 61.73 17.95 5.25
C SER I 69 61.13 17.00 4.23
N ALA I 70 61.46 15.71 4.35
CA ALA I 70 61.01 14.73 3.39
C ALA I 70 60.51 13.48 4.11
N SER I 71 59.45 12.91 3.53
CA SER I 71 58.93 11.64 4.00
C SER I 71 58.89 10.69 2.81
N LEU I 72 58.43 9.46 3.04
CA LEU I 72 58.68 8.39 2.07
C LEU I 72 58.06 7.10 2.58
N GLY I 73 57.53 6.31 1.65
CA GLY I 73 57.11 4.95 1.93
C GLY I 73 57.68 4.00 0.88
N LEU I 74 58.38 2.95 1.31
CA LEU I 74 58.95 2.00 0.37
C LEU I 74 57.85 1.16 -0.26
N SER I 75 58.23 0.31 -1.21
CA SER I 75 57.30 -0.59 -1.86
C SER I 75 57.95 -1.98 -1.95
N ASP I 76 57.30 -2.89 -2.67
CA ASP I 76 57.81 -4.25 -2.83
C ASP I 76 59.25 -4.23 -3.33
N ALA I 77 59.52 -3.47 -4.42
CA ALA I 77 60.82 -3.46 -5.08
C ALA I 77 61.93 -2.91 -4.19
N THR I 78 61.57 -2.28 -3.05
CA THR I 78 62.52 -1.61 -2.18
C THR I 78 62.32 -1.98 -0.71
N ASP I 79 61.59 -3.08 -0.46
CA ASP I 79 61.26 -3.54 0.86
C ASP I 79 62.53 -4.00 1.60
N VAL I 80 63.01 -3.19 2.55
CA VAL I 80 64.18 -3.57 3.34
C VAL I 80 63.80 -4.58 4.44
N SER I 81 62.53 -4.98 4.50
CA SER I 81 62.10 -6.09 5.34
C SER I 81 61.93 -7.38 4.53
N SER I 82 62.23 -7.34 3.22
CA SER I 82 62.26 -8.53 2.37
C SER I 82 63.44 -9.42 2.75
N GLU I 83 63.30 -10.73 2.51
CA GLU I 83 64.34 -11.69 2.86
C GLU I 83 65.49 -11.70 1.84
N ASP I 84 65.18 -11.31 0.60
CA ASP I 84 66.08 -11.27 -0.54
C ASP I 84 67.03 -10.07 -0.41
N PRO I 85 68.35 -10.28 -0.20
CA PRO I 85 69.28 -9.17 -0.03
C PRO I 85 69.39 -8.22 -1.22
N ALA I 86 68.86 -8.62 -2.39
CA ALA I 86 68.84 -7.73 -3.55
C ALA I 86 67.73 -6.69 -3.40
N VAL I 87 66.56 -7.10 -2.92
CA VAL I 87 65.46 -6.18 -2.67
C VAL I 87 65.89 -5.18 -1.59
N VAL I 88 66.47 -5.69 -0.50
CA VAL I 88 66.92 -4.86 0.61
C VAL I 88 67.85 -3.76 0.12
N LYS I 89 68.78 -4.11 -0.77
CA LYS I 89 69.79 -3.16 -1.21
C LYS I 89 69.22 -2.14 -2.20
N ALA I 90 68.12 -2.46 -2.88
CA ALA I 90 67.44 -1.50 -3.73
C ALA I 90 66.76 -0.42 -2.89
N GLY I 91 66.06 -0.82 -1.82
CA GLY I 91 65.53 0.13 -0.86
C GLY I 91 66.62 0.95 -0.15
N GLU I 92 67.69 0.29 0.27
CA GLU I 92 68.76 0.99 0.97
C GLU I 92 69.41 2.04 0.07
N GLU I 93 69.35 1.83 -1.25
CA GLU I 93 69.86 2.83 -2.19
C GLU I 93 68.83 3.95 -2.36
N LEU I 94 67.53 3.60 -2.29
CA LEU I 94 66.46 4.60 -2.34
C LEU I 94 66.52 5.49 -1.11
N LEU I 95 66.69 4.89 0.07
CA LEU I 95 66.84 5.68 1.29
C LEU I 95 68.02 6.63 1.20
N ASN I 96 69.16 6.13 0.73
CA ASN I 96 70.41 6.88 0.75
C ASN I 96 70.34 8.10 -0.15
N ARG I 97 69.66 8.00 -1.29
CA ARG I 97 69.48 9.15 -2.16
C ARG I 97 68.62 10.21 -1.46
N ALA I 98 67.60 9.76 -0.71
CA ALA I 98 66.69 10.68 -0.04
C ALA I 98 67.42 11.48 1.05
N VAL I 99 68.28 10.80 1.81
CA VAL I 99 69.09 11.48 2.82
C VAL I 99 70.03 12.49 2.16
N ASP I 100 70.55 12.15 0.98
CA ASP I 100 71.41 13.07 0.24
C ASP I 100 70.64 14.31 -0.20
N VAL I 101 69.47 14.10 -0.81
CA VAL I 101 68.64 15.20 -1.29
C VAL I 101 68.33 16.17 -0.15
N LEU I 102 68.11 15.63 1.05
CA LEU I 102 67.81 16.47 2.20
C LEU I 102 69.02 17.31 2.60
N ALA I 103 70.22 16.70 2.57
CA ALA I 103 71.45 17.41 2.89
C ALA I 103 71.67 18.55 1.91
N GLU I 104 71.42 18.29 0.62
CA GLU I 104 71.56 19.34 -0.39
C GLU I 104 70.61 20.49 -0.05
N LEU I 105 69.38 20.18 0.38
CA LEU I 105 68.40 21.21 0.69
C LEU I 105 68.72 21.94 2.00
N GLY I 106 69.59 21.37 2.84
CA GLY I 106 69.83 21.91 4.18
C GLY I 106 68.69 21.57 5.14
N ALA I 107 68.00 20.45 4.90
CA ALA I 107 66.93 19.99 5.77
C ALA I 107 67.51 19.21 6.95
N THR I 108 66.69 18.99 7.99
CA THR I 108 67.13 18.26 9.16
C THR I 108 66.44 16.91 9.32
N ASP I 109 65.28 16.72 8.69
CA ASP I 109 64.39 15.65 9.11
C ASP I 109 63.98 14.79 7.92
N PHE I 110 64.23 13.47 8.07
CA PHE I 110 63.79 12.46 7.13
C PHE I 110 62.90 11.49 7.90
N CYS I 111 61.74 11.14 7.33
CA CYS I 111 60.82 10.31 8.07
C CYS I 111 59.98 9.50 7.09
N GLY I 112 59.16 8.61 7.66
CA GLY I 112 58.19 7.84 6.89
C GLY I 112 58.35 6.36 7.15
N VAL I 113 57.64 5.56 6.34
CA VAL I 113 57.77 4.12 6.38
C VAL I 113 59.02 3.72 5.60
N ILE I 114 60.18 3.76 6.28
CA ILE I 114 61.46 3.44 5.66
C ILE I 114 62.02 2.14 6.23
N TYR I 115 61.18 1.37 6.93
CA TYR I 115 61.64 0.15 7.58
C TYR I 115 60.97 -1.07 6.96
N SER I 116 60.08 -0.84 5.99
CA SER I 116 59.39 -1.89 5.28
C SER I 116 58.69 -1.24 4.09
N ALA I 117 58.03 -2.06 3.27
CA ALA I 117 57.15 -1.51 2.28
C ALA I 117 55.99 -0.83 2.99
N MET I 118 55.41 0.17 2.34
CA MET I 118 54.15 0.76 2.79
C MET I 118 53.04 0.11 1.98
N LYS I 119 52.56 -1.04 2.47
CA LYS I 119 51.55 -1.79 1.76
C LYS I 119 50.79 -2.69 2.73
N LYS I 120 49.80 -3.42 2.19
CA LYS I 120 49.03 -4.39 2.94
C LYS I 120 49.71 -5.74 2.82
N TYR I 121 50.62 -6.07 3.74
CA TYR I 121 51.25 -7.38 3.79
C TYR I 121 50.18 -8.46 3.99
N MET I 122 50.51 -9.70 3.57
CA MET I 122 49.61 -10.83 3.68
C MET I 122 50.07 -11.85 4.72
N GLU I 123 51.32 -11.74 5.19
CA GLU I 123 51.85 -12.61 6.23
C GLU I 123 52.52 -11.75 7.29
N PRO I 124 52.57 -12.20 8.55
CA PRO I 124 53.34 -11.49 9.57
C PRO I 124 54.80 -11.28 9.17
N ALA I 125 55.49 -10.43 9.91
CA ALA I 125 56.87 -10.15 9.62
C ALA I 125 57.71 -11.38 9.97
N THR I 126 58.81 -11.55 9.26
CA THR I 126 59.70 -12.65 9.55
C THR I 126 60.91 -12.12 10.30
N ALA I 127 61.44 -12.96 11.20
CA ALA I 127 62.58 -12.58 12.04
C ALA I 127 63.78 -12.22 11.17
N ALA I 128 63.93 -12.88 10.02
CA ALA I 128 65.04 -12.63 9.12
C ALA I 128 64.93 -11.24 8.47
N GLY I 129 63.74 -10.94 7.92
CA GLY I 129 63.47 -9.65 7.31
C GLY I 129 63.48 -8.51 8.33
N LEU I 130 62.99 -8.78 9.54
CA LEU I 130 63.11 -7.83 10.63
C LEU I 130 64.59 -7.48 10.88
N ALA I 131 65.45 -8.52 10.89
CA ALA I 131 66.88 -8.31 11.04
C ALA I 131 67.45 -7.47 9.89
N ASN I 132 66.96 -7.72 8.66
CA ASN I 132 67.39 -6.96 7.50
C ASN I 132 67.04 -5.47 7.65
N SER I 133 65.80 -5.20 8.08
CA SER I 133 65.31 -3.83 8.21
C SER I 133 66.16 -3.06 9.22
N LYS I 134 66.38 -3.64 10.40
CA LYS I 134 67.17 -3.00 11.43
C LYS I 134 68.58 -2.69 10.93
N ALA I 135 69.16 -3.60 10.14
CA ALA I 135 70.52 -3.42 9.64
C ALA I 135 70.56 -2.31 8.59
N ALA I 136 69.58 -2.30 7.68
CA ALA I 136 69.51 -1.27 6.65
C ALA I 136 69.29 0.10 7.28
N VAL I 137 68.28 0.21 8.14
CA VAL I 137 67.92 1.47 8.76
C VAL I 137 69.08 1.97 9.62
N GLY I 138 69.81 1.04 10.24
CA GLY I 138 71.00 1.38 11.00
C GLY I 138 72.06 2.04 10.12
N ARG I 139 72.21 1.56 8.88
CA ARG I 139 73.24 2.10 8.01
C ARG I 139 72.84 3.47 7.48
N VAL I 140 71.56 3.61 7.08
CA VAL I 140 71.05 4.89 6.61
C VAL I 140 71.19 5.94 7.72
N ALA I 141 70.93 5.55 8.97
CA ALA I 141 71.04 6.50 10.08
C ALA I 141 72.49 6.95 10.26
N ASP I 142 73.43 6.01 10.18
CA ASP I 142 74.85 6.35 10.25
C ASP I 142 75.21 7.34 9.14
N ARG I 143 74.70 7.10 7.94
CA ARG I 143 74.96 7.99 6.82
C ARG I 143 74.38 9.38 7.10
N ALA I 144 73.14 9.44 7.59
CA ALA I 144 72.49 10.72 7.88
C ALA I 144 73.22 11.48 8.98
N SER I 145 73.81 10.76 9.94
CA SER I 145 74.42 11.40 11.10
C SER I 145 75.57 12.33 10.72
N ASP I 146 76.33 11.97 9.68
CA ASP I 146 77.47 12.77 9.23
C ASP I 146 76.98 14.07 8.60
N LEU I 147 75.76 14.06 8.05
CA LEU I 147 75.23 15.15 7.25
C LEU I 147 74.27 16.02 8.06
N GLY I 148 74.15 15.76 9.37
CA GLY I 148 73.32 16.57 10.26
C GLY I 148 71.81 16.33 10.07
N ILE I 149 71.45 15.08 9.75
CA ILE I 149 70.08 14.70 9.41
C ILE I 149 69.56 13.74 10.47
N ASN I 150 68.33 14.01 10.94
CA ASN I 150 67.62 13.10 11.81
C ASN I 150 66.73 12.17 10.99
N VAL I 151 66.62 10.93 11.46
CA VAL I 151 65.76 9.96 10.83
C VAL I 151 64.72 9.51 11.86
N SER I 152 63.46 9.46 11.42
CA SER I 152 62.38 9.14 12.32
C SER I 152 61.51 8.08 11.67
N LEU I 153 61.27 6.98 12.39
CA LEU I 153 60.52 5.86 11.85
C LEU I 153 59.04 6.09 12.15
N GLU I 154 58.20 6.13 11.12
CA GLU I 154 56.80 6.42 11.33
C GLU I 154 56.03 5.14 11.65
N VAL I 155 55.37 5.16 12.81
CA VAL I 155 54.46 4.09 13.18
C VAL I 155 53.17 4.26 12.39
N VAL I 156 52.75 3.20 11.67
CA VAL I 156 51.55 3.26 10.85
C VAL I 156 50.67 2.04 11.13
N ASN I 157 49.46 2.05 10.58
CA ASN I 157 48.47 1.05 10.94
C ASN I 157 48.74 -0.28 10.24
N ARG I 158 47.96 -1.29 10.62
CA ARG I 158 48.19 -2.68 10.26
C ARG I 158 48.09 -2.87 8.75
N TYR I 159 47.29 -2.03 8.07
CA TYR I 159 47.11 -2.17 6.63
C TYR I 159 48.23 -1.50 5.83
N GLU I 160 49.27 -1.01 6.52
CA GLU I 160 50.34 -0.31 5.83
C GLU I 160 51.73 -0.81 6.23
N THR I 161 51.83 -1.60 7.31
CA THR I 161 53.05 -2.34 7.62
C THR I 161 52.68 -3.44 8.59
N ASN I 162 53.55 -4.46 8.63
CA ASN I 162 53.46 -5.53 9.60
C ASN I 162 54.65 -5.48 10.57
N VAL I 163 55.40 -4.36 10.58
CA VAL I 163 56.53 -4.19 11.48
C VAL I 163 56.13 -3.30 12.66
N LEU I 164 56.11 -1.96 12.46
CA LEU I 164 55.90 -0.99 13.55
C LEU I 164 54.48 -0.44 13.55
N ASN I 165 53.59 -1.07 14.33
CA ASN I 165 52.21 -0.64 14.42
C ASN I 165 51.90 0.15 15.69
N THR I 166 52.84 0.21 16.64
CA THR I 166 52.61 0.92 17.89
C THR I 166 53.90 1.61 18.29
N GLY I 167 53.77 2.73 19.02
CA GLY I 167 54.94 3.41 19.55
C GLY I 167 55.81 2.47 20.39
N ARG I 168 55.18 1.46 21.00
CA ARG I 168 55.90 0.51 21.84
C ARG I 168 56.85 -0.37 21.01
N GLN I 169 56.36 -0.87 19.88
CA GLN I 169 57.21 -1.63 18.98
C GLN I 169 58.36 -0.76 18.47
N ALA I 170 58.06 0.50 18.14
CA ALA I 170 59.08 1.40 17.61
C ALA I 170 60.16 1.65 18.67
N LEU I 171 59.78 1.80 19.94
CA LEU I 171 60.76 1.98 21.01
C LEU I 171 61.68 0.76 21.09
N ALA I 172 61.11 -0.44 20.97
CA ALA I 172 61.89 -1.67 21.02
C ALA I 172 62.90 -1.72 19.87
N TYR I 173 62.43 -1.42 18.65
CA TYR I 173 63.25 -1.41 17.45
C TYR I 173 64.43 -0.45 17.57
N LEU I 174 64.18 0.78 18.03
CA LEU I 174 65.25 1.75 18.24
C LEU I 174 66.28 1.26 19.26
N GLU I 175 65.82 0.64 20.36
CA GLU I 175 66.70 0.31 21.48
C GLU I 175 67.83 -0.59 21.00
N GLU I 176 67.48 -1.57 20.14
CA GLU I 176 68.46 -2.44 19.50
C GLU I 176 69.52 -1.63 18.77
N LEU I 177 69.12 -0.66 17.94
CA LEU I 177 70.06 0.07 17.10
C LEU I 177 70.83 1.16 17.87
N ASN I 178 70.24 1.71 18.94
CA ASN I 178 70.84 2.76 19.75
C ASN I 178 71.59 3.79 18.92
N ARG I 179 70.94 4.39 17.92
CA ARG I 179 71.66 5.45 17.25
C ARG I 179 71.18 6.79 17.77
N PRO I 180 72.08 7.78 17.97
CA PRO I 180 71.68 9.04 18.58
C PRO I 180 70.83 9.97 17.71
N ASN I 181 70.73 9.69 16.41
CA ASN I 181 69.89 10.50 15.54
C ASN I 181 68.71 9.71 14.99
N LEU I 182 68.49 8.50 15.53
CA LEU I 182 67.30 7.73 15.18
C LEU I 182 66.22 7.97 16.23
N GLY I 183 65.06 8.44 15.76
CA GLY I 183 63.92 8.76 16.61
C GLY I 183 62.61 8.20 16.06
N ILE I 184 61.49 8.56 16.70
CA ILE I 184 60.18 8.03 16.35
C ILE I 184 59.29 9.15 15.78
N HIS I 185 58.36 8.75 14.90
CA HIS I 185 57.41 9.62 14.26
C HIS I 185 55.99 9.06 14.46
N LEU I 186 55.11 9.82 15.13
CA LEU I 186 53.73 9.37 15.32
C LEU I 186 52.77 10.17 14.43
N ASP I 187 51.62 9.56 14.16
CA ASP I 187 50.62 10.11 13.27
C ASP I 187 49.25 9.86 13.90
N THR I 188 48.49 10.94 14.14
CA THR I 188 47.24 10.80 14.85
C THR I 188 46.24 9.92 14.08
N TYR I 189 46.32 9.93 12.74
CA TYR I 189 45.45 9.08 11.94
C TYR I 189 45.70 7.61 12.32
N HIS I 190 46.98 7.21 12.38
CA HIS I 190 47.34 5.83 12.66
C HIS I 190 47.13 5.49 14.13
N MET I 191 47.49 6.45 15.00
CA MET I 191 47.33 6.26 16.42
C MET I 191 45.87 5.94 16.73
N ASN I 192 44.95 6.59 16.02
CA ASN I 192 43.53 6.47 16.29
C ASN I 192 43.02 5.04 16.06
N ILE I 193 43.79 4.24 15.30
CA ILE I 193 43.46 2.85 15.04
C ILE I 193 44.17 1.96 16.05
N GLU I 194 45.50 2.04 16.13
CA GLU I 194 46.27 1.00 16.78
C GLU I 194 46.51 1.24 18.27
N GLU I 195 46.49 2.49 18.75
CA GLU I 195 46.96 2.75 20.11
C GLU I 195 45.83 2.52 21.12
N SER I 196 46.18 2.56 22.41
CA SER I 196 45.21 2.40 23.47
C SER I 196 44.53 3.73 23.85
N ASP I 197 45.21 4.85 23.57
CA ASP I 197 44.72 6.19 23.85
C ASP I 197 45.72 7.18 23.27
N MET I 198 45.34 8.47 23.21
CA MET I 198 46.18 9.44 22.53
C MET I 198 47.31 9.98 23.40
N PHE I 199 47.37 9.66 24.71
CA PHE I 199 48.42 10.24 25.55
C PHE I 199 49.55 9.27 25.94
N SER I 200 49.21 8.02 26.26
CA SER I 200 50.20 6.99 26.58
C SER I 200 51.33 6.90 25.55
N PRO I 201 51.06 6.86 24.22
CA PRO I 201 52.15 6.77 23.25
C PRO I 201 53.12 7.95 23.36
N ILE I 202 52.58 9.16 23.60
CA ILE I 202 53.37 10.37 23.77
C ILE I 202 54.25 10.22 25.01
N LEU I 203 53.64 9.78 26.12
CA LEU I 203 54.38 9.68 27.37
C LEU I 203 55.44 8.57 27.30
N ASP I 204 55.11 7.44 26.67
CA ASP I 204 56.04 6.34 26.58
C ASP I 204 57.22 6.71 25.67
N THR I 205 56.99 7.52 24.64
CA THR I 205 58.00 7.81 23.65
C THR I 205 58.87 9.00 24.03
N ALA I 206 58.34 9.90 24.86
CA ALA I 206 58.90 11.20 25.24
C ALA I 206 60.27 11.48 24.60
N GLU I 207 61.31 10.84 25.13
CA GLU I 207 62.69 11.05 24.71
C GLU I 207 62.88 10.99 23.19
N ALA I 208 62.28 9.97 22.57
CA ALA I 208 62.58 9.64 21.18
C ALA I 208 61.55 10.18 20.18
N LEU I 209 60.52 10.91 20.64
CA LEU I 209 59.55 11.47 19.71
C LEU I 209 60.17 12.70 19.05
N ARG I 210 60.33 12.65 17.72
CA ARG I 210 61.04 13.71 17.03
C ARG I 210 60.22 14.28 15.88
N TYR I 211 59.11 13.64 15.51
CA TYR I 211 58.34 14.08 14.38
C TYR I 211 56.88 13.68 14.58
N VAL I 212 55.95 14.58 14.28
CA VAL I 212 54.53 14.34 14.47
C VAL I 212 53.76 14.73 13.21
N HIS I 213 52.80 13.88 12.84
CA HIS I 213 51.84 14.11 11.76
C HIS I 213 50.44 14.32 12.33
N ILE I 214 49.78 15.37 11.88
CA ILE I 214 48.45 15.73 12.35
C ILE I 214 47.45 15.43 11.25
N GLY I 215 46.66 14.36 11.44
CA GLY I 215 45.70 13.94 10.44
C GLY I 215 44.39 13.48 11.07
N GLU I 216 43.27 13.77 10.41
CA GLU I 216 41.98 13.36 10.91
C GLU I 216 41.79 11.86 10.68
N SER I 217 40.79 11.28 11.36
CA SER I 217 40.55 9.85 11.33
C SER I 217 40.34 9.34 9.90
N HIS I 218 39.59 10.10 9.11
CA HIS I 218 39.37 9.76 7.71
C HIS I 218 40.34 10.50 6.78
N ARG I 219 41.29 11.26 7.34
CA ARG I 219 42.32 11.99 6.60
C ARG I 219 41.81 13.25 5.91
N GLY I 220 40.58 13.71 6.20
CA GLY I 220 40.10 14.96 5.62
C GLY I 220 40.36 16.20 6.48
N TYR I 221 39.32 17.03 6.62
CA TYR I 221 39.39 18.23 7.44
C TYR I 221 39.61 17.91 8.92
N LEU I 222 40.61 18.53 9.52
CA LEU I 222 40.79 18.47 10.97
C LEU I 222 39.51 18.89 11.69
N GLY I 223 39.05 18.05 12.61
CA GLY I 223 37.88 18.33 13.42
C GLY I 223 36.56 17.85 12.81
N THR I 224 36.63 17.04 11.75
CA THR I 224 35.43 16.47 11.16
C THR I 224 35.50 14.95 11.18
N GLY I 225 36.35 14.40 12.05
CA GLY I 225 36.45 12.96 12.22
C GLY I 225 36.38 12.55 13.69
N SER I 226 37.09 11.46 14.00
CA SER I 226 37.01 10.80 15.31
C SER I 226 38.34 10.79 16.05
N VAL I 227 39.32 11.59 15.62
CA VAL I 227 40.58 11.67 16.35
C VAL I 227 40.46 12.57 17.58
N ASP I 228 41.09 12.15 18.68
CA ASP I 228 41.09 12.90 19.93
C ASP I 228 42.29 13.86 19.96
N PHE I 229 42.12 15.01 19.31
CA PHE I 229 43.22 15.96 19.17
C PHE I 229 43.54 16.62 20.52
N ASP I 230 42.54 16.82 21.37
CA ASP I 230 42.76 17.49 22.65
C ASP I 230 43.79 16.73 23.49
N THR I 231 43.53 15.43 23.71
CA THR I 231 44.42 14.61 24.51
C THR I 231 45.81 14.52 23.88
N PHE I 232 45.86 14.39 22.55
CA PHE I 232 47.13 14.33 21.86
C PHE I 232 47.96 15.58 22.14
N PHE I 233 47.36 16.75 21.91
CA PHE I 233 48.11 17.99 22.06
C PHE I 233 48.39 18.27 23.53
N LYS I 234 47.48 17.89 24.43
CA LYS I 234 47.72 18.06 25.85
C LYS I 234 48.94 17.26 26.29
N ALA I 235 48.98 15.97 25.90
CA ALA I 235 50.12 15.14 26.19
C ALA I 235 51.39 15.71 25.55
N LEU I 236 51.30 16.24 24.31
CA LEU I 236 52.48 16.86 23.68
C LEU I 236 52.98 18.01 24.57
N GLY I 237 52.06 18.79 25.13
CA GLY I 237 52.45 19.90 25.99
C GLY I 237 53.11 19.39 27.27
N ARG I 238 52.63 18.24 27.75
CA ARG I 238 53.13 17.73 29.01
C ARG I 238 54.57 17.24 28.89
N ILE I 239 54.99 16.73 27.73
CA ILE I 239 56.38 16.31 27.56
C ILE I 239 57.23 17.43 26.97
N GLY I 240 56.62 18.59 26.66
CA GLY I 240 57.34 19.75 26.17
C GLY I 240 57.95 19.50 24.79
N TYR I 241 57.22 18.75 23.97
CA TYR I 241 57.68 18.42 22.65
C TYR I 241 57.93 19.71 21.87
N ASP I 242 59.05 19.78 21.13
CA ASP I 242 59.31 20.96 20.31
C ASP I 242 59.82 20.59 18.92
N GLY I 243 59.62 19.33 18.51
CA GLY I 243 59.93 18.92 17.16
C GLY I 243 58.85 19.41 16.20
N PRO I 244 58.90 19.00 14.92
CA PRO I 244 57.92 19.47 13.95
C PRO I 244 56.52 18.89 14.16
N VAL I 245 55.53 19.59 13.61
CA VAL I 245 54.12 19.22 13.67
C VAL I 245 53.59 19.53 12.29
N VAL I 246 53.20 18.49 11.54
CA VAL I 246 52.93 18.64 10.13
C VAL I 246 51.52 18.16 9.82
N PHE I 247 50.74 19.03 9.19
CA PHE I 247 49.43 18.67 8.67
C PHE I 247 49.56 17.66 7.53
N GLU I 248 48.63 16.69 7.49
CA GLU I 248 48.57 15.72 6.40
C GLU I 248 47.10 15.41 6.10
N SER I 249 46.77 15.41 4.81
CA SER I 249 45.41 15.24 4.32
C SER I 249 45.47 14.73 2.88
N PHE I 250 44.51 13.87 2.52
CA PHE I 250 44.44 13.28 1.19
C PHE I 250 42.98 13.26 0.72
N SER I 251 42.77 13.74 -0.52
CA SER I 251 41.47 13.65 -1.17
C SER I 251 41.66 13.23 -2.62
N SER I 252 40.61 12.64 -3.20
CA SER I 252 40.66 12.19 -4.58
C SER I 252 40.85 13.38 -5.54
N SER I 253 40.59 14.61 -5.08
CA SER I 253 40.81 15.81 -5.88
C SER I 253 42.26 15.92 -6.34
N VAL I 254 43.20 15.65 -5.45
CA VAL I 254 44.62 15.73 -5.76
C VAL I 254 45.16 14.32 -5.72
N VAL I 255 45.48 13.75 -6.89
CA VAL I 255 45.95 12.37 -6.93
C VAL I 255 47.45 12.36 -7.21
N ALA I 256 48.17 11.50 -6.48
CA ALA I 256 49.46 11.01 -6.93
C ALA I 256 49.25 9.65 -7.59
N PRO I 257 49.99 9.35 -8.67
CA PRO I 257 49.83 8.06 -9.35
C PRO I 257 50.10 6.85 -8.46
N ASP I 258 51.12 6.92 -7.59
CA ASP I 258 51.45 5.82 -6.70
C ASP I 258 50.78 5.98 -5.33
N LEU I 259 51.02 7.11 -4.68
CA LEU I 259 50.76 7.28 -3.25
C LEU I 259 49.26 7.24 -2.97
N SER I 260 48.43 7.82 -3.85
CA SER I 260 47.00 7.86 -3.63
C SER I 260 46.41 6.44 -3.62
N ARG I 261 46.95 5.59 -4.48
CA ARG I 261 46.47 4.22 -4.56
C ARG I 261 47.03 3.41 -3.40
N MET I 262 48.30 3.62 -3.03
CA MET I 262 48.88 2.92 -1.90
C MET I 262 48.11 3.24 -0.62
N LEU I 263 47.54 4.46 -0.52
CA LEU I 263 46.92 4.93 0.71
C LEU I 263 45.39 4.77 0.71
N GLY I 264 44.80 4.28 -0.37
CA GLY I 264 43.37 4.01 -0.38
C GLY I 264 42.52 5.29 -0.38
N ILE I 265 42.92 6.27 -1.21
CA ILE I 265 42.17 7.50 -1.31
C ILE I 265 41.13 7.34 -2.41
N TRP I 266 40.03 6.66 -2.06
CA TRP I 266 38.92 6.41 -2.96
C TRP I 266 37.90 7.55 -2.98
N ARG I 267 37.94 8.45 -2.00
CA ARG I 267 36.83 9.37 -1.76
C ARG I 267 37.28 10.82 -1.87
N ASN I 268 36.31 11.70 -2.11
CA ASN I 268 36.54 13.13 -2.17
C ASN I 268 36.16 13.77 -0.82
N LEU I 269 37.17 14.28 -0.11
CA LEU I 269 36.98 14.80 1.23
C LEU I 269 37.14 16.32 1.29
N TRP I 270 37.64 16.93 0.22
CA TRP I 270 37.78 18.37 0.10
C TRP I 270 38.17 18.73 -1.33
N ALA I 271 37.64 19.86 -1.82
CA ALA I 271 38.03 20.42 -3.12
C ALA I 271 38.96 21.62 -2.93
N ASP I 272 38.56 22.54 -2.02
CA ASP I 272 39.20 23.84 -1.83
C ASP I 272 40.38 23.69 -0.88
N ASN I 273 41.56 23.44 -1.45
CA ASN I 273 42.71 23.12 -0.61
C ASN I 273 43.35 24.37 0.00
N GLU I 274 43.11 25.57 -0.56
CA GLU I 274 43.56 26.78 0.09
C GLU I 274 42.87 26.95 1.44
N GLU I 275 41.55 26.69 1.47
CA GLU I 275 40.77 26.75 2.70
C GLU I 275 41.18 25.62 3.65
N LEU I 276 41.54 24.44 3.11
CA LEU I 276 41.91 23.31 3.96
C LEU I 276 43.22 23.60 4.70
N GLY I 277 44.27 23.99 3.95
CA GLY I 277 45.56 24.28 4.56
C GLY I 277 45.50 25.47 5.52
N ALA I 278 44.71 26.49 5.17
CA ALA I 278 44.57 27.66 6.03
C ALA I 278 43.86 27.26 7.34
N HIS I 279 42.78 26.49 7.22
CA HIS I 279 42.09 25.96 8.39
C HIS I 279 43.04 25.12 9.25
N ALA I 280 43.86 24.27 8.62
CA ALA I 280 44.69 23.35 9.37
C ALA I 280 45.84 24.08 10.05
N ASN I 281 46.40 25.11 9.40
CA ASN I 281 47.51 25.86 9.99
C ASN I 281 47.06 26.55 11.27
N ALA I 282 45.86 27.11 11.24
CA ALA I 282 45.31 27.80 12.40
C ALA I 282 44.92 26.76 13.45
N PHE I 283 44.30 25.65 13.00
CA PHE I 283 43.89 24.59 13.92
C PHE I 283 45.08 24.14 14.78
N ILE I 284 46.23 23.89 14.13
CA ILE I 284 47.41 23.42 14.83
C ILE I 284 47.97 24.50 15.75
N ARG I 285 48.10 25.72 15.23
CA ARG I 285 48.74 26.80 15.98
C ARG I 285 47.86 27.25 17.14
N ASP I 286 46.53 27.27 16.97
CA ASP I 286 45.65 27.68 18.06
C ASP I 286 45.59 26.59 19.13
N LYS I 287 45.66 25.32 18.70
CA LYS I 287 45.76 24.19 19.60
C LYS I 287 47.02 24.31 20.47
N LEU I 288 48.16 24.62 19.86
CA LEU I 288 49.41 24.70 20.62
C LEU I 288 49.37 25.88 21.59
N THR I 289 48.81 27.01 21.13
CA THR I 289 48.66 28.19 21.95
C THR I 289 47.84 27.89 23.21
N ALA I 290 46.68 27.23 23.03
CA ALA I 290 45.81 26.89 24.15
C ALA I 290 46.52 25.97 25.16
N ILE I 291 47.11 24.87 24.67
CA ILE I 291 47.84 23.94 25.53
C ILE I 291 48.90 24.64 26.38
N LYS I 292 49.52 25.70 25.86
CA LYS I 292 50.57 26.41 26.59
C LYS I 292 50.02 27.03 27.87
N THR I 293 48.73 27.41 27.85
CA THR I 293 48.07 28.05 28.96
C THR I 293 47.69 27.08 30.08
N ILE I 294 47.87 25.77 29.89
CA ILE I 294 47.40 24.82 30.88
C ILE I 294 48.37 24.72 32.07
N GLU I 295 49.67 24.85 31.84
CA GLU I 295 50.61 24.89 32.96
C GLU I 295 50.34 26.08 33.91
N LEU I 296 49.71 27.16 33.44
CA LEU I 296 49.57 28.39 34.22
C LEU I 296 48.35 28.37 35.14
N HIS I 297 47.38 27.51 34.84
CA HIS I 297 46.11 27.54 35.55
C HIS I 297 45.88 26.25 36.34
N MET J 9 16.43 -8.30 19.83
CA MET J 9 17.83 -7.83 19.93
C MET J 9 18.71 -8.89 20.58
N LYS J 10 19.36 -9.70 19.75
CA LYS J 10 20.27 -10.70 20.27
C LYS J 10 21.68 -10.11 20.36
N ILE J 11 22.37 -10.47 21.45
CA ILE J 11 23.74 -10.07 21.66
C ILE J 11 24.66 -11.24 21.33
N GLY J 12 25.53 -11.02 20.36
CA GLY J 12 26.28 -12.11 19.77
C GLY J 12 27.79 -11.93 19.90
N CYS J 13 28.49 -13.02 19.58
CA CYS J 13 29.93 -13.05 19.56
C CYS J 13 30.38 -13.66 18.23
N HIS J 14 31.46 -13.12 17.67
CA HIS J 14 31.96 -13.60 16.40
C HIS J 14 32.82 -14.83 16.65
N GLY J 15 32.64 -15.87 15.82
CA GLY J 15 33.27 -17.15 16.04
C GLY J 15 34.80 -17.10 16.22
N LEU J 16 35.47 -16.06 15.66
CA LEU J 16 36.92 -15.99 15.79
C LEU J 16 37.42 -15.44 17.11
N VAL J 17 36.53 -15.18 18.07
CA VAL J 17 36.99 -15.02 19.43
C VAL J 17 37.55 -16.36 19.93
N TRP J 18 37.06 -17.46 19.34
CA TRP J 18 37.17 -18.78 19.94
C TRP J 18 38.05 -19.74 19.12
N THR J 19 37.86 -19.80 17.79
CA THR J 19 38.62 -20.68 16.94
C THR J 19 38.72 -20.07 15.55
N GLY J 20 39.73 -20.50 14.80
CA GLY J 20 39.87 -20.14 13.40
C GLY J 20 39.60 -21.29 12.44
N HIS J 21 39.10 -22.43 12.96
CA HIS J 21 38.83 -23.62 12.16
C HIS J 21 37.44 -24.11 12.50
N PHE J 22 36.55 -24.13 11.51
CA PHE J 22 35.16 -24.51 11.76
C PHE J 22 34.89 -25.91 11.20
N ASP J 23 35.79 -26.85 11.54
CA ASP J 23 35.51 -28.27 11.56
C ASP J 23 34.57 -28.58 12.72
N ALA J 24 34.17 -29.84 12.85
CA ALA J 24 33.16 -30.18 13.85
C ALA J 24 33.63 -29.81 15.27
N GLU J 25 34.93 -29.93 15.56
CA GLU J 25 35.40 -29.58 16.88
C GLU J 25 35.31 -28.07 17.07
N GLY J 26 35.71 -27.31 16.05
CA GLY J 26 35.66 -25.86 16.16
C GLY J 26 34.23 -25.35 16.31
N ILE J 27 33.31 -25.90 15.52
CA ILE J 27 31.90 -25.52 15.64
C ILE J 27 31.41 -25.77 17.06
N ARG J 28 31.64 -26.98 17.57
CA ARG J 28 31.16 -27.33 18.91
C ARG J 28 31.80 -26.45 19.97
N TYR J 29 33.10 -26.17 19.85
CA TYR J 29 33.87 -25.39 20.81
C TYR J 29 33.37 -23.95 20.87
N SER J 30 33.34 -23.26 19.72
CA SER J 30 32.91 -21.88 19.63
C SER J 30 31.48 -21.70 20.16
N VAL J 31 30.57 -22.60 19.78
CA VAL J 31 29.19 -22.50 20.23
C VAL J 31 29.14 -22.56 21.75
N GLN J 32 29.85 -23.54 22.31
CA GLN J 32 29.85 -23.75 23.75
C GLN J 32 30.45 -22.54 24.47
N LYS J 33 31.64 -22.10 24.02
CA LYS J 33 32.33 -20.99 24.65
C LYS J 33 31.52 -19.70 24.55
N THR J 34 30.77 -19.53 23.45
CA THR J 34 29.90 -18.38 23.29
C THR J 34 28.81 -18.38 24.36
N ARG J 35 28.13 -19.52 24.54
CA ARG J 35 27.14 -19.68 25.59
C ARG J 35 27.74 -19.38 26.96
N GLU J 36 28.93 -19.94 27.21
CA GLU J 36 29.58 -19.78 28.50
C GLU J 36 29.88 -18.30 28.77
N ALA J 37 30.17 -17.52 27.72
CA ALA J 37 30.57 -16.13 27.91
C ALA J 37 29.39 -15.21 28.19
N GLY J 38 28.15 -15.67 28.01
CA GLY J 38 26.96 -14.88 28.31
C GLY J 38 26.15 -14.45 27.09
N PHE J 39 26.57 -14.81 25.86
CA PHE J 39 25.93 -14.32 24.65
C PHE J 39 24.67 -15.13 24.30
N ASP J 40 23.83 -14.53 23.44
CA ASP J 40 22.63 -15.16 22.94
C ASP J 40 22.86 -15.87 21.60
N LEU J 41 23.91 -15.42 20.89
CA LEU J 41 24.05 -15.69 19.47
C LEU J 41 25.54 -15.89 19.20
N VAL J 42 25.85 -16.85 18.33
CA VAL J 42 27.16 -16.94 17.72
C VAL J 42 27.01 -16.55 16.25
N GLU J 43 28.05 -15.89 15.70
CA GLU J 43 28.09 -15.50 14.31
C GLU J 43 29.20 -16.29 13.63
N PHE J 44 28.82 -17.15 12.66
CA PHE J 44 29.79 -18.04 12.05
C PHE J 44 30.45 -17.34 10.87
N PRO J 45 31.78 -17.36 10.79
CA PRO J 45 32.44 -16.96 9.56
C PRO J 45 32.42 -18.07 8.51
N LEU J 46 31.48 -17.97 7.55
CA LEU J 46 31.41 -18.93 6.46
C LEU J 46 32.35 -18.51 5.33
N MET J 47 33.64 -18.41 5.63
CA MET J 47 34.62 -18.14 4.60
C MET J 47 34.53 -19.20 3.51
N ASP J 48 34.23 -20.45 3.91
CA ASP J 48 33.93 -21.52 2.99
C ASP J 48 32.63 -22.19 3.43
N PRO J 49 31.47 -21.75 2.90
CA PRO J 49 30.20 -22.36 3.26
C PRO J 49 29.97 -23.72 2.59
N PHE J 50 30.82 -24.07 1.63
CA PHE J 50 30.69 -25.34 0.93
C PHE J 50 31.15 -26.50 1.81
N SER J 51 32.08 -26.24 2.73
CA SER J 51 32.62 -27.28 3.60
C SER J 51 32.24 -27.06 5.06
N PHE J 52 31.11 -26.38 5.31
CA PHE J 52 30.71 -26.06 6.68
C PHE J 52 29.72 -27.12 7.17
N ASP J 53 30.11 -27.83 8.24
CA ASP J 53 29.34 -28.94 8.74
C ASP J 53 28.06 -28.45 9.41
N VAL J 54 27.00 -28.30 8.61
CA VAL J 54 25.72 -27.79 9.07
C VAL J 54 25.11 -28.68 10.15
N GLN J 55 25.24 -30.00 10.01
CA GLN J 55 24.60 -30.91 10.96
C GLN J 55 25.17 -30.70 12.36
N THR J 56 26.49 -30.70 12.48
CA THR J 56 27.14 -30.45 13.76
C THR J 56 26.69 -29.10 14.34
N ALA J 57 26.59 -28.08 13.48
CA ALA J 57 26.22 -26.74 13.92
C ALA J 57 24.78 -26.72 14.44
N LYS J 58 23.83 -27.25 13.66
CA LYS J 58 22.45 -27.29 14.12
C LYS J 58 22.35 -28.04 15.44
N SER J 59 23.17 -29.09 15.61
CA SER J 59 23.14 -29.89 16.82
C SER J 59 23.70 -29.12 18.01
N ALA J 60 24.78 -28.34 17.80
CA ALA J 60 25.41 -27.56 18.87
C ALA J 60 24.48 -26.45 19.38
N LEU J 61 23.84 -25.73 18.46
CA LEU J 61 23.00 -24.61 18.85
C LEU J 61 21.80 -25.12 19.64
N ALA J 62 21.23 -26.25 19.24
CA ALA J 62 20.11 -26.82 19.97
C ALA J 62 20.52 -27.11 21.40
N GLU J 63 21.66 -27.80 21.56
CA GLU J 63 22.12 -28.27 22.86
C GLU J 63 22.31 -27.10 23.83
N HIS J 64 22.92 -26.02 23.33
CA HIS J 64 23.21 -24.85 24.15
C HIS J 64 22.09 -23.79 24.07
N GLY J 65 21.08 -23.98 23.22
CA GLY J 65 19.93 -23.07 23.18
C GLY J 65 20.32 -21.69 22.66
N LEU J 66 21.13 -21.70 21.59
CA LEU J 66 21.81 -20.53 21.10
C LEU J 66 21.36 -20.24 19.67
N ALA J 67 21.42 -18.95 19.28
CA ALA J 67 21.04 -18.50 17.96
C ALA J 67 22.29 -18.30 17.10
N ALA J 68 22.09 -18.23 15.79
CA ALA J 68 23.21 -18.26 14.86
C ALA J 68 22.97 -17.25 13.75
N SER J 69 24.08 -16.70 13.26
CA SER J 69 24.09 -15.86 12.09
C SER J 69 25.43 -16.10 11.40
N ALA J 70 25.57 -15.61 10.18
CA ALA J 70 26.78 -15.86 9.43
C ALA J 70 27.21 -14.60 8.72
N SER J 71 28.51 -14.30 8.82
CA SER J 71 29.14 -13.28 8.02
C SER J 71 30.18 -13.92 7.13
N LEU J 72 30.76 -13.11 6.25
CA LEU J 72 31.57 -13.59 5.16
C LEU J 72 32.22 -12.40 4.49
N GLY J 73 33.44 -12.61 4.00
CA GLY J 73 34.08 -11.66 3.12
C GLY J 73 34.64 -12.37 1.90
N LEU J 74 34.31 -11.88 0.70
CA LEU J 74 34.76 -12.50 -0.54
C LEU J 74 36.24 -12.18 -0.80
N SER J 75 36.83 -12.84 -1.80
CA SER J 75 38.22 -12.58 -2.21
C SER J 75 38.32 -12.37 -3.72
N ASP J 76 39.56 -12.25 -4.23
CA ASP J 76 39.80 -11.98 -5.64
C ASP J 76 39.03 -12.93 -6.56
N ALA J 77 38.93 -14.20 -6.15
CA ALA J 77 38.32 -15.26 -6.95
C ALA J 77 36.80 -15.28 -6.84
N THR J 78 36.22 -14.45 -5.96
CA THR J 78 34.77 -14.40 -5.81
C THR J 78 34.26 -12.96 -5.77
N ASP J 79 35.05 -12.04 -6.35
CA ASP J 79 34.75 -10.60 -6.37
C ASP J 79 33.52 -10.29 -7.22
N VAL J 80 32.35 -10.10 -6.60
CA VAL J 80 31.15 -9.73 -7.35
C VAL J 80 31.22 -8.31 -7.92
N SER J 81 32.22 -7.51 -7.52
CA SER J 81 32.43 -6.19 -8.09
C SER J 81 33.43 -6.23 -9.23
N SER J 82 33.89 -7.43 -9.60
CA SER J 82 34.76 -7.61 -10.77
C SER J 82 33.97 -7.41 -12.07
N GLU J 83 34.69 -7.02 -13.12
CA GLU J 83 34.11 -6.90 -14.44
C GLU J 83 34.16 -8.24 -15.20
N ASP J 84 34.85 -9.24 -14.64
CA ASP J 84 34.95 -10.59 -15.19
C ASP J 84 33.72 -11.39 -14.76
N PRO J 85 32.79 -11.69 -15.68
CA PRO J 85 31.52 -12.28 -15.28
C PRO J 85 31.69 -13.64 -14.62
N ALA J 86 32.75 -14.38 -14.99
CA ALA J 86 33.01 -15.67 -14.35
C ALA J 86 33.26 -15.49 -12.85
N VAL J 87 34.06 -14.48 -12.50
CA VAL J 87 34.39 -14.18 -11.11
C VAL J 87 33.14 -13.72 -10.36
N VAL J 88 32.30 -12.90 -11.01
CA VAL J 88 31.05 -12.49 -10.38
C VAL J 88 30.16 -13.70 -10.07
N LYS J 89 30.12 -14.69 -10.98
CA LYS J 89 29.28 -15.87 -10.76
C LYS J 89 29.83 -16.74 -9.64
N ALA J 90 31.16 -16.83 -9.51
CA ALA J 90 31.77 -17.55 -8.40
C ALA J 90 31.26 -16.98 -7.07
N GLY J 91 31.32 -15.65 -6.94
CA GLY J 91 30.89 -15.00 -5.72
C GLY J 91 29.41 -15.25 -5.43
N GLU J 92 28.55 -15.04 -6.43
CA GLU J 92 27.12 -15.18 -6.21
C GLU J 92 26.75 -16.62 -5.88
N GLU J 93 27.54 -17.57 -6.38
CA GLU J 93 27.35 -18.99 -6.08
C GLU J 93 27.73 -19.28 -4.62
N LEU J 94 28.83 -18.67 -4.16
CA LEU J 94 29.26 -18.76 -2.77
C LEU J 94 28.24 -18.08 -1.86
N LEU J 95 27.85 -16.84 -2.19
CA LEU J 95 26.89 -16.10 -1.40
C LEU J 95 25.58 -16.87 -1.25
N ASN J 96 25.18 -17.53 -2.34
CA ASN J 96 23.93 -18.28 -2.39
C ASN J 96 24.00 -19.53 -1.52
N ARG J 97 25.16 -20.19 -1.51
CA ARG J 97 25.36 -21.34 -0.64
C ARG J 97 25.26 -20.91 0.83
N ALA J 98 25.87 -19.78 1.18
CA ALA J 98 25.84 -19.30 2.55
C ALA J 98 24.41 -18.97 2.99
N VAL J 99 23.62 -18.37 2.11
CA VAL J 99 22.21 -18.15 2.40
C VAL J 99 21.53 -19.50 2.66
N ASP J 100 21.89 -20.52 1.87
CA ASP J 100 21.35 -21.86 2.07
C ASP J 100 21.76 -22.44 3.42
N VAL J 101 23.04 -22.28 3.79
CA VAL J 101 23.52 -22.73 5.08
C VAL J 101 22.67 -22.11 6.20
N LEU J 102 22.37 -20.81 6.08
CA LEU J 102 21.58 -20.12 7.09
C LEU J 102 20.13 -20.62 7.12
N ALA J 103 19.53 -20.84 5.96
CA ALA J 103 18.19 -21.41 5.89
C ALA J 103 18.16 -22.76 6.63
N GLU J 104 19.13 -23.64 6.34
CA GLU J 104 19.23 -24.93 7.00
C GLU J 104 19.37 -24.77 8.53
N LEU J 105 20.18 -23.80 8.97
CA LEU J 105 20.37 -23.55 10.39
C LEU J 105 19.14 -22.94 11.04
N GLY J 106 18.15 -22.47 10.25
CA GLY J 106 16.96 -21.84 10.80
C GLY J 106 17.19 -20.39 11.20
N ALA J 107 18.26 -19.78 10.70
CA ALA J 107 18.67 -18.43 11.08
C ALA J 107 17.95 -17.40 10.21
N THR J 108 18.22 -16.11 10.47
CA THR J 108 17.54 -15.04 9.76
C THR J 108 18.47 -13.96 9.22
N ASP J 109 19.76 -13.98 9.55
CA ASP J 109 20.63 -12.85 9.29
C ASP J 109 21.92 -13.29 8.61
N PHE J 110 22.18 -12.70 7.43
CA PHE J 110 23.40 -12.87 6.67
C PHE J 110 23.99 -11.48 6.44
N CYS J 111 25.30 -11.34 6.61
CA CYS J 111 25.94 -10.03 6.54
C CYS J 111 27.41 -10.20 6.18
N GLY J 112 28.10 -9.06 6.00
CA GLY J 112 29.53 -9.08 5.73
C GLY J 112 29.87 -8.29 4.48
N VAL J 113 31.11 -8.50 4.00
CA VAL J 113 31.56 -7.86 2.79
C VAL J 113 31.17 -8.75 1.61
N ILE J 114 29.91 -8.61 1.20
CA ILE J 114 29.31 -9.46 0.18
C ILE J 114 29.02 -8.67 -1.09
N TYR J 115 29.62 -7.48 -1.21
CA TYR J 115 29.44 -6.61 -2.37
C TYR J 115 30.76 -6.37 -3.10
N SER J 116 31.87 -6.87 -2.53
CA SER J 116 33.17 -6.78 -3.17
C SER J 116 34.09 -7.83 -2.56
N ALA J 117 35.33 -7.87 -3.02
CA ALA J 117 36.36 -8.60 -2.32
C ALA J 117 36.69 -7.84 -1.04
N MET J 118 37.01 -8.57 0.02
CA MET J 118 37.43 -7.94 1.25
C MET J 118 38.95 -7.87 1.24
N LYS J 119 39.48 -6.76 0.73
CA LYS J 119 40.91 -6.64 0.54
C LYS J 119 41.30 -5.18 0.32
N LYS J 120 42.61 -4.95 0.14
CA LYS J 120 43.17 -3.66 -0.23
C LYS J 120 43.31 -3.55 -1.75
N TYR J 121 42.25 -3.09 -2.41
CA TYR J 121 42.29 -2.74 -3.82
C TYR J 121 43.39 -1.72 -4.06
N MET J 122 43.86 -1.64 -5.31
CA MET J 122 44.90 -0.69 -5.66
C MET J 122 44.36 0.27 -6.74
N GLU J 123 43.08 0.14 -7.09
CA GLU J 123 42.42 1.05 -8.01
C GLU J 123 41.06 1.37 -7.40
N PRO J 124 40.46 2.52 -7.72
CA PRO J 124 39.05 2.73 -7.40
C PRO J 124 38.11 1.72 -8.05
N ALA J 125 36.91 1.60 -7.49
CA ALA J 125 35.83 0.87 -8.13
C ALA J 125 35.58 1.43 -9.53
N THR J 126 35.08 0.57 -10.42
CA THR J 126 34.60 0.96 -11.74
C THR J 126 33.08 0.88 -11.78
N ALA J 127 32.46 1.72 -12.64
CA ALA J 127 31.01 1.76 -12.77
C ALA J 127 30.48 0.39 -13.17
N ALA J 128 31.18 -0.28 -14.09
CA ALA J 128 30.71 -1.57 -14.58
C ALA J 128 30.70 -2.59 -13.43
N GLY J 129 31.81 -2.69 -12.69
CA GLY J 129 31.90 -3.59 -11.56
C GLY J 129 30.86 -3.28 -10.48
N LEU J 130 30.64 -1.98 -10.20
CA LEU J 130 29.60 -1.57 -9.27
C LEU J 130 28.25 -2.13 -9.72
N ALA J 131 27.91 -1.93 -11.00
CA ALA J 131 26.68 -2.47 -11.53
C ALA J 131 26.63 -3.99 -11.34
N ASN J 132 27.77 -4.65 -11.60
CA ASN J 132 27.86 -6.10 -11.43
C ASN J 132 27.56 -6.50 -9.99
N SER J 133 28.12 -5.72 -9.05
CA SER J 133 27.87 -5.94 -7.62
C SER J 133 26.38 -5.76 -7.31
N LYS J 134 25.80 -4.64 -7.73
CA LYS J 134 24.42 -4.34 -7.38
C LYS J 134 23.48 -5.41 -7.95
N ALA J 135 23.78 -5.88 -9.17
CA ALA J 135 23.02 -6.97 -9.76
C ALA J 135 23.13 -8.24 -8.91
N ALA J 136 24.37 -8.67 -8.62
CA ALA J 136 24.62 -9.86 -7.81
C ALA J 136 23.88 -9.77 -6.48
N VAL J 137 24.14 -8.69 -5.73
CA VAL J 137 23.55 -8.50 -4.41
C VAL J 137 22.02 -8.54 -4.50
N GLY J 138 21.47 -7.96 -5.55
CA GLY J 138 20.02 -7.96 -5.74
C GLY J 138 19.48 -9.38 -5.85
N ARG J 139 20.16 -10.20 -6.66
CA ARG J 139 19.70 -11.57 -6.86
C ARG J 139 19.82 -12.36 -5.56
N VAL J 140 20.95 -12.21 -4.85
CA VAL J 140 21.12 -12.90 -3.58
C VAL J 140 20.02 -12.46 -2.62
N ALA J 141 19.68 -11.17 -2.63
CA ALA J 141 18.69 -10.64 -1.71
C ALA J 141 17.33 -11.27 -1.99
N ASP J 142 16.96 -11.35 -3.28
CA ASP J 142 15.67 -11.88 -3.66
C ASP J 142 15.55 -13.35 -3.26
N ARG J 143 16.58 -14.14 -3.57
CA ARG J 143 16.61 -15.53 -3.19
C ARG J 143 16.52 -15.69 -1.67
N ALA J 144 17.25 -14.85 -0.93
CA ALA J 144 17.19 -14.87 0.52
C ALA J 144 15.81 -14.43 1.03
N SER J 145 15.09 -13.63 0.25
CA SER J 145 13.78 -13.12 0.65
C SER J 145 12.75 -14.24 0.79
N ASP J 146 12.76 -15.20 -0.15
CA ASP J 146 11.82 -16.32 -0.12
C ASP J 146 12.17 -17.31 1.00
N LEU J 147 13.41 -17.26 1.51
CA LEU J 147 13.86 -18.19 2.54
C LEU J 147 13.75 -17.59 3.95
N GLY J 148 13.32 -16.33 4.05
CA GLY J 148 13.12 -15.67 5.33
C GLY J 148 14.41 -15.08 5.89
N ILE J 149 15.32 -14.66 5.01
CA ILE J 149 16.66 -14.24 5.39
C ILE J 149 16.83 -12.76 5.12
N ASN J 150 17.32 -12.03 6.12
CA ASN J 150 17.77 -10.65 5.93
C ASN J 150 19.22 -10.66 5.49
N VAL J 151 19.55 -9.79 4.54
CA VAL J 151 20.89 -9.61 4.02
C VAL J 151 21.31 -8.16 4.31
N SER J 152 22.49 -8.00 4.91
CA SER J 152 22.96 -6.70 5.38
C SER J 152 24.37 -6.44 4.86
N LEU J 153 24.60 -5.24 4.29
CA LEU J 153 25.88 -4.90 3.70
C LEU J 153 26.74 -4.17 4.73
N GLU J 154 27.96 -4.66 4.94
CA GLU J 154 28.79 -4.13 6.00
C GLU J 154 29.69 -3.04 5.43
N VAL J 155 29.49 -1.83 5.92
CA VAL J 155 30.38 -0.73 5.61
C VAL J 155 31.72 -1.00 6.30
N VAL J 156 32.78 -1.05 5.50
CA VAL J 156 34.12 -1.33 6.01
C VAL J 156 35.07 -0.26 5.48
N ASN J 157 36.29 -0.27 6.00
CA ASN J 157 37.19 0.85 5.80
C ASN J 157 37.92 0.73 4.48
N ARG J 158 38.57 1.84 4.09
CA ARG J 158 39.21 1.96 2.78
C ARG J 158 40.16 0.82 2.46
N TYR J 159 40.69 0.15 3.48
CA TYR J 159 41.70 -0.87 3.26
C TYR J 159 41.08 -2.24 2.98
N GLU J 160 39.77 -2.36 3.21
CA GLU J 160 39.05 -3.61 3.07
C GLU J 160 37.97 -3.58 1.98
N THR J 161 37.69 -2.41 1.40
CA THR J 161 36.88 -2.30 0.20
C THR J 161 37.11 -0.92 -0.40
N ASN J 162 36.90 -0.80 -1.70
CA ASN J 162 36.82 0.48 -2.37
C ASN J 162 35.40 0.84 -2.79
N VAL J 163 34.38 0.12 -2.29
CA VAL J 163 32.99 0.29 -2.73
C VAL J 163 32.13 1.00 -1.68
N LEU J 164 32.04 0.43 -0.47
CA LEU J 164 31.18 0.98 0.55
C LEU J 164 32.01 1.31 1.80
N ASN J 165 32.51 2.56 1.86
CA ASN J 165 33.31 3.05 2.97
C ASN J 165 32.52 3.86 3.99
N THR J 166 31.34 4.39 3.65
CA THR J 166 30.55 5.17 4.60
C THR J 166 29.09 4.76 4.58
N GLY J 167 28.41 5.00 5.69
CA GLY J 167 26.98 4.76 5.77
C GLY J 167 26.20 5.40 4.62
N ARG J 168 26.65 6.58 4.15
CA ARG J 168 25.96 7.29 3.08
C ARG J 168 26.00 6.44 1.81
N GLN J 169 27.21 5.98 1.43
CA GLN J 169 27.37 5.16 0.23
C GLN J 169 26.50 3.91 0.31
N ALA J 170 26.45 3.28 1.49
CA ALA J 170 25.59 2.12 1.69
C ALA J 170 24.14 2.47 1.37
N LEU J 171 23.66 3.62 1.85
CA LEU J 171 22.28 4.03 1.63
C LEU J 171 22.00 4.24 0.13
N ALA J 172 22.95 4.86 -0.58
CA ALA J 172 22.74 5.10 -2.00
C ALA J 172 22.69 3.76 -2.73
N TYR J 173 23.58 2.83 -2.34
CA TYR J 173 23.62 1.50 -2.92
C TYR J 173 22.29 0.77 -2.74
N LEU J 174 21.72 0.85 -1.55
CA LEU J 174 20.44 0.25 -1.23
C LEU J 174 19.28 0.91 -2.00
N GLU J 175 19.30 2.25 -2.08
CA GLU J 175 18.19 2.99 -2.68
C GLU J 175 17.96 2.55 -4.11
N GLU J 176 19.03 2.26 -4.84
CA GLU J 176 18.94 1.73 -6.19
C GLU J 176 18.24 0.36 -6.20
N LEU J 177 18.68 -0.57 -5.35
CA LEU J 177 18.16 -1.93 -5.42
C LEU J 177 16.74 -2.01 -4.88
N ASN J 178 16.39 -1.15 -3.90
CA ASN J 178 15.08 -1.14 -3.25
C ASN J 178 14.58 -2.56 -3.02
N ARG J 179 15.31 -3.33 -2.19
CA ARG J 179 14.89 -4.67 -1.80
C ARG J 179 14.51 -4.63 -0.34
N PRO J 180 13.33 -5.18 0.05
CA PRO J 180 12.81 -4.95 1.39
C PRO J 180 13.49 -5.73 2.52
N ASN J 181 14.35 -6.71 2.19
CA ASN J 181 15.06 -7.47 3.22
C ASN J 181 16.56 -7.14 3.21
N LEU J 182 16.97 -6.12 2.45
CA LEU J 182 18.37 -5.73 2.34
C LEU J 182 18.63 -4.54 3.25
N GLY J 183 19.58 -4.69 4.17
CA GLY J 183 19.88 -3.68 5.17
C GLY J 183 21.35 -3.23 5.16
N ILE J 184 21.66 -2.32 6.10
CA ILE J 184 23.02 -1.84 6.31
C ILE J 184 23.55 -2.41 7.63
N HIS J 185 24.87 -2.62 7.63
CA HIS J 185 25.58 -3.22 8.75
C HIS J 185 26.74 -2.29 9.10
N LEU J 186 26.70 -1.72 10.31
CA LEU J 186 27.75 -0.84 10.77
C LEU J 186 28.63 -1.55 11.77
N ASP J 187 29.92 -1.20 11.75
CA ASP J 187 30.91 -1.76 12.66
C ASP J 187 31.70 -0.61 13.27
N THR J 188 31.71 -0.51 14.60
CA THR J 188 32.32 0.63 15.28
C THR J 188 33.80 0.77 14.93
N TYR J 189 34.50 -0.35 14.70
CA TYR J 189 35.87 -0.33 14.25
C TYR J 189 35.99 0.46 12.95
N HIS J 190 35.04 0.25 12.02
CA HIS J 190 35.17 0.84 10.70
C HIS J 190 34.70 2.30 10.72
N MET J 191 33.64 2.56 11.48
CA MET J 191 33.16 3.92 11.67
C MET J 191 34.30 4.79 12.18
N ASN J 192 35.02 4.29 13.19
CA ASN J 192 36.07 5.04 13.85
C ASN J 192 37.15 5.49 12.87
N ILE J 193 37.21 4.92 11.66
CA ILE J 193 38.17 5.38 10.67
C ILE J 193 37.51 6.34 9.67
N GLU J 194 36.36 6.00 9.12
CA GLU J 194 35.88 6.61 7.89
C GLU J 194 34.77 7.66 8.13
N GLU J 195 33.94 7.49 9.16
CA GLU J 195 32.83 8.40 9.37
C GLU J 195 33.27 9.69 10.05
N SER J 196 32.38 10.68 10.05
CA SER J 196 32.66 12.00 10.61
C SER J 196 32.36 12.06 12.11
N ASP J 197 31.55 11.12 12.59
CA ASP J 197 31.15 11.07 13.98
C ASP J 197 30.37 9.77 14.19
N MET J 198 30.13 9.40 15.43
CA MET J 198 29.57 8.08 15.68
C MET J 198 28.05 8.14 15.76
N PHE J 199 27.44 9.34 15.70
CA PHE J 199 25.99 9.40 15.84
C PHE J 199 25.25 9.65 14.53
N SER J 200 25.85 10.41 13.61
CA SER J 200 25.12 10.81 12.40
C SER J 200 24.86 9.61 11.50
N PRO J 201 25.82 8.69 11.26
CA PRO J 201 25.54 7.55 10.38
C PRO J 201 24.41 6.68 10.89
N ILE J 202 24.26 6.57 12.21
CA ILE J 202 23.15 5.80 12.75
C ILE J 202 21.85 6.54 12.44
N LEU J 203 21.80 7.84 12.72
CA LEU J 203 20.61 8.62 12.41
C LEU J 203 20.32 8.58 10.91
N ASP J 204 21.37 8.63 10.07
CA ASP J 204 21.18 8.72 8.63
C ASP J 204 20.61 7.41 8.08
N THR J 205 21.08 6.26 8.62
CA THR J 205 20.70 4.93 8.13
C THR J 205 19.54 4.35 8.93
N ALA J 206 18.95 5.15 9.84
CA ALA J 206 17.95 4.72 10.80
C ALA J 206 17.18 3.47 10.36
N GLU J 207 16.31 3.61 9.35
CA GLU J 207 15.39 2.54 9.02
C GLU J 207 16.08 1.36 8.33
N ALA J 208 17.26 1.60 7.74
CA ALA J 208 18.00 0.56 7.01
C ALA J 208 19.01 -0.18 7.90
N LEU J 209 19.24 0.28 9.12
CA LEU J 209 20.28 -0.32 9.94
C LEU J 209 19.77 -1.62 10.54
N ARG J 210 20.39 -2.76 10.18
CA ARG J 210 19.86 -4.06 10.58
C ARG J 210 20.88 -4.96 11.27
N TYR J 211 22.15 -4.54 11.39
CA TYR J 211 23.15 -5.38 12.02
C TYR J 211 24.32 -4.49 12.47
N VAL J 212 24.82 -4.75 13.69
CA VAL J 212 25.85 -3.93 14.30
C VAL J 212 27.00 -4.80 14.80
N HIS J 213 28.24 -4.40 14.48
CA HIS J 213 29.45 -4.95 15.07
C HIS J 213 30.00 -4.01 16.13
N ILE J 214 30.44 -4.57 17.26
CA ILE J 214 31.06 -3.81 18.34
C ILE J 214 32.53 -4.19 18.37
N GLY J 215 33.38 -3.29 17.85
CA GLY J 215 34.80 -3.54 17.79
C GLY J 215 35.62 -2.37 18.32
N GLU J 216 36.60 -2.66 19.18
CA GLU J 216 37.48 -1.62 19.65
C GLU J 216 38.35 -1.15 18.48
N SER J 217 39.00 0.01 18.63
CA SER J 217 39.70 0.63 17.53
C SER J 217 40.87 -0.21 17.05
N HIS J 218 41.49 -0.99 17.96
CA HIS J 218 42.52 -1.94 17.56
C HIS J 218 41.99 -3.37 17.47
N ARG J 219 40.69 -3.54 17.78
CA ARG J 219 39.95 -4.79 17.68
C ARG J 219 40.20 -5.72 18.88
N GLY J 220 40.63 -5.16 20.02
CA GLY J 220 40.91 -5.91 21.23
C GLY J 220 39.81 -5.75 22.27
N TYR J 221 40.21 -5.66 23.56
CA TYR J 221 39.24 -5.52 24.61
C TYR J 221 38.38 -4.28 24.37
N LEU J 222 37.12 -4.38 24.75
CA LEU J 222 36.26 -3.23 24.60
C LEU J 222 36.65 -2.18 25.64
N GLY J 223 36.81 -0.93 25.19
CA GLY J 223 37.15 0.17 26.09
C GLY J 223 38.65 0.30 26.39
N THR J 224 39.50 -0.18 25.48
CA THR J 224 40.93 -0.05 25.67
C THR J 224 41.56 0.65 24.48
N GLY J 225 40.77 1.49 23.81
CA GLY J 225 41.22 2.12 22.58
C GLY J 225 40.48 3.42 22.33
N SER J 226 40.26 3.73 21.05
CA SER J 226 39.89 5.07 20.63
C SER J 226 38.44 5.18 20.16
N VAL J 227 37.60 4.15 20.35
CA VAL J 227 36.25 4.16 19.78
C VAL J 227 35.28 4.78 20.77
N ASP J 228 34.44 5.69 20.26
CA ASP J 228 33.42 6.39 21.02
C ASP J 228 32.17 5.51 21.08
N PHE J 229 32.19 4.56 22.00
CA PHE J 229 31.05 3.68 22.19
C PHE J 229 29.86 4.44 22.79
N ASP J 230 30.13 5.44 23.62
CA ASP J 230 29.05 6.10 24.36
C ASP J 230 28.12 6.85 23.40
N THR J 231 28.70 7.59 22.44
CA THR J 231 27.92 8.27 21.42
C THR J 231 27.15 7.26 20.55
N PHE J 232 27.84 6.19 20.15
CA PHE J 232 27.25 5.17 19.31
C PHE J 232 26.00 4.58 19.95
N PHE J 233 26.13 4.11 21.20
CA PHE J 233 25.04 3.42 21.86
C PHE J 233 23.86 4.36 22.13
N LYS J 234 24.15 5.60 22.49
CA LYS J 234 23.09 6.59 22.63
C LYS J 234 22.36 6.80 21.30
N ALA J 235 23.11 6.93 20.19
CA ALA J 235 22.48 7.10 18.89
C ALA J 235 21.59 5.90 18.56
N LEU J 236 22.09 4.69 18.84
CA LEU J 236 21.33 3.45 18.59
C LEU J 236 20.02 3.47 19.38
N GLY J 237 20.08 3.96 20.62
CA GLY J 237 18.90 4.04 21.46
C GLY J 237 17.92 5.07 20.93
N ARG J 238 18.43 6.12 20.28
CA ARG J 238 17.55 7.19 19.82
C ARG J 238 16.67 6.72 18.66
N ILE J 239 17.23 5.94 17.73
CA ILE J 239 16.45 5.42 16.61
C ILE J 239 15.71 4.13 16.98
N GLY J 240 15.80 3.69 18.24
CA GLY J 240 15.10 2.48 18.68
C GLY J 240 15.54 1.22 17.93
N TYR J 241 16.86 1.04 17.80
CA TYR J 241 17.40 -0.14 17.13
C TYR J 241 17.17 -1.39 17.97
N ASP J 242 16.74 -2.47 17.30
CA ASP J 242 16.45 -3.74 17.93
C ASP J 242 16.90 -4.87 17.01
N GLY J 243 18.07 -4.70 16.38
CA GLY J 243 18.67 -5.79 15.65
C GLY J 243 19.77 -6.45 16.47
N PRO J 244 20.54 -7.34 15.83
CA PRO J 244 21.68 -7.96 16.50
C PRO J 244 22.81 -6.99 16.79
N VAL J 245 23.49 -7.22 17.91
CA VAL J 245 24.69 -6.50 18.29
C VAL J 245 25.75 -7.52 18.68
N VAL J 246 26.87 -7.51 17.97
CA VAL J 246 27.76 -8.66 17.95
C VAL J 246 29.17 -8.18 18.22
N PHE J 247 29.75 -8.77 19.28
CA PHE J 247 31.14 -8.50 19.61
C PHE J 247 32.05 -9.10 18.56
N GLU J 248 33.15 -8.40 18.26
CA GLU J 248 34.09 -8.90 17.28
C GLU J 248 35.50 -8.49 17.70
N SER J 249 36.45 -9.44 17.68
CA SER J 249 37.81 -9.16 18.11
C SER J 249 38.79 -10.18 17.53
N PHE J 250 40.02 -9.74 17.30
CA PHE J 250 41.02 -10.55 16.62
C PHE J 250 42.36 -10.40 17.33
N SER J 251 43.05 -11.53 17.50
CA SER J 251 44.34 -11.57 18.16
C SER J 251 45.18 -12.68 17.54
N SER J 252 46.50 -12.51 17.61
CA SER J 252 47.45 -13.51 17.16
C SER J 252 47.20 -14.87 17.81
N SER J 253 46.51 -14.89 18.96
CA SER J 253 46.37 -16.12 19.72
C SER J 253 45.43 -17.12 19.03
N VAL J 254 44.47 -16.61 18.25
CA VAL J 254 43.48 -17.44 17.59
C VAL J 254 43.49 -17.09 16.11
N VAL J 255 43.98 -18.03 15.28
CA VAL J 255 44.30 -17.76 13.89
C VAL J 255 43.38 -18.54 12.94
N ALA J 256 42.88 -17.83 11.91
CA ALA J 256 42.21 -18.39 10.73
C ALA J 256 43.15 -18.34 9.52
N PRO J 257 43.22 -19.41 8.70
CA PRO J 257 44.10 -19.42 7.54
C PRO J 257 43.77 -18.36 6.49
N ASP J 258 42.47 -18.08 6.32
CA ASP J 258 42.05 -17.02 5.41
C ASP J 258 41.99 -15.70 6.19
N LEU J 259 40.99 -15.59 7.06
CA LEU J 259 40.56 -14.30 7.58
C LEU J 259 41.71 -13.56 8.26
N SER J 260 42.48 -14.24 9.11
CA SER J 260 43.51 -13.59 9.91
C SER J 260 44.56 -12.87 9.05
N ARG J 261 44.77 -13.31 7.82
CA ARG J 261 45.74 -12.67 6.95
C ARG J 261 45.10 -11.53 6.16
N MET J 262 43.80 -11.63 5.89
CA MET J 262 43.07 -10.60 5.16
C MET J 262 42.77 -9.39 6.05
N LEU J 263 42.69 -9.58 7.39
CA LEU J 263 42.33 -8.50 8.29
C LEU J 263 43.57 -7.88 8.95
N GLY J 264 44.78 -8.34 8.57
CA GLY J 264 46.03 -7.72 9.01
C GLY J 264 46.31 -7.90 10.49
N ILE J 265 45.95 -9.07 11.06
CA ILE J 265 46.12 -9.35 12.47
C ILE J 265 47.56 -9.79 12.76
N TRP J 266 48.44 -8.81 12.95
CA TRP J 266 49.86 -9.08 13.21
C TRP J 266 50.20 -9.18 14.70
N ARG J 267 49.26 -8.80 15.59
CA ARG J 267 49.59 -8.49 16.98
C ARG J 267 48.72 -9.28 17.95
N ASN J 268 49.28 -9.52 19.13
CA ASN J 268 48.58 -10.17 20.22
C ASN J 268 47.85 -9.11 21.04
N LEU J 269 46.52 -9.14 21.03
CA LEU J 269 45.73 -8.20 21.82
C LEU J 269 45.00 -8.91 22.96
N TRP J 270 45.14 -10.24 23.04
CA TRP J 270 44.66 -11.02 24.17
C TRP J 270 45.18 -12.45 24.05
N ALA J 271 45.33 -13.11 25.20
CA ALA J 271 45.71 -14.51 25.29
C ALA J 271 44.57 -15.36 25.85
N ASP J 272 43.81 -14.83 26.82
CA ASP J 272 42.71 -15.55 27.46
C ASP J 272 41.39 -15.09 26.86
N ASN J 273 40.86 -15.86 25.94
CA ASN J 273 39.65 -15.45 25.24
C ASN J 273 38.39 -15.64 26.09
N GLU J 274 38.36 -16.61 27.02
CA GLU J 274 37.19 -16.74 27.90
C GLU J 274 37.00 -15.47 28.74
N GLU J 275 38.09 -14.78 29.10
CA GLU J 275 37.99 -13.50 29.81
C GLU J 275 37.53 -12.40 28.84
N LEU J 276 38.12 -12.35 27.64
CA LEU J 276 37.73 -11.38 26.63
C LEU J 276 36.23 -11.44 26.36
N GLY J 277 35.69 -12.64 26.21
CA GLY J 277 34.30 -12.81 25.83
C GLY J 277 33.32 -12.48 26.94
N ALA J 278 33.65 -12.90 28.18
CA ALA J 278 32.83 -12.55 29.33
C ALA J 278 32.86 -11.04 29.55
N HIS J 279 34.04 -10.42 29.41
CA HIS J 279 34.14 -8.97 29.57
C HIS J 279 33.32 -8.24 28.50
N ALA J 280 33.45 -8.68 27.24
CA ALA J 280 32.76 -8.03 26.14
C ALA J 280 31.25 -8.20 26.26
N ASN J 281 30.77 -9.38 26.67
CA ASN J 281 29.33 -9.55 26.85
C ASN J 281 28.81 -8.57 27.91
N ALA J 282 29.54 -8.46 29.02
CA ALA J 282 29.17 -7.52 30.07
C ALA J 282 29.16 -6.08 29.51
N PHE J 283 30.21 -5.72 28.74
CA PHE J 283 30.36 -4.37 28.22
C PHE J 283 29.12 -3.96 27.42
N ILE J 284 28.74 -4.77 26.42
CA ILE J 284 27.64 -4.47 25.53
C ILE J 284 26.30 -4.44 26.29
N ARG J 285 26.07 -5.42 27.16
CA ARG J 285 24.79 -5.55 27.84
C ARG J 285 24.56 -4.36 28.77
N ASP J 286 25.63 -3.88 29.41
CA ASP J 286 25.51 -2.79 30.35
C ASP J 286 25.47 -1.45 29.62
N LYS J 287 26.05 -1.34 28.42
CA LYS J 287 25.83 -0.16 27.60
C LYS J 287 24.35 -0.03 27.23
N LEU J 288 23.73 -1.12 26.77
CA LEU J 288 22.31 -1.11 26.43
C LEU J 288 21.45 -0.74 27.64
N THR J 289 21.75 -1.35 28.79
CA THR J 289 21.03 -1.08 30.03
C THR J 289 21.01 0.40 30.35
N ALA J 290 22.19 1.02 30.38
CA ALA J 290 22.29 2.41 30.78
C ALA J 290 21.60 3.34 29.78
N ILE J 291 21.62 2.96 28.50
CA ILE J 291 21.02 3.79 27.48
C ILE J 291 19.50 3.73 27.58
N LYS J 292 18.96 2.58 27.99
CA LYS J 292 17.52 2.45 28.15
C LYS J 292 17.00 3.50 29.13
N THR J 293 17.82 3.90 30.10
CA THR J 293 17.37 4.80 31.15
C THR J 293 17.42 6.27 30.72
N ILE J 294 18.11 6.61 29.62
CA ILE J 294 18.04 7.98 29.14
C ILE J 294 16.63 8.25 28.61
N GLU J 295 15.94 7.18 28.17
CA GLU J 295 14.66 7.30 27.51
C GLU J 295 13.58 7.80 28.47
N LEU J 296 13.64 7.36 29.75
CA LEU J 296 12.57 7.60 30.72
C LEU J 296 12.82 8.84 31.60
N HIS J 297 14.07 9.28 31.75
CA HIS J 297 14.36 10.55 32.41
C HIS J 297 15.13 11.47 31.45
N LEU K 1 57.96 -21.48 -25.10
CA LEU K 1 59.29 -22.12 -25.26
C LEU K 1 59.40 -22.81 -26.62
N GLU K 2 60.60 -22.68 -27.24
CA GLU K 2 61.09 -23.47 -28.37
C GLU K 2 62.02 -22.63 -29.26
N VAL K 3 61.89 -22.79 -30.58
CA VAL K 3 62.93 -22.40 -31.52
C VAL K 3 62.64 -21.00 -32.03
N LEU K 4 63.69 -20.16 -32.08
CA LEU K 4 63.59 -18.81 -32.61
C LEU K 4 63.16 -18.83 -34.07
N PHE K 5 62.14 -18.01 -34.39
CA PHE K 5 61.82 -17.73 -35.78
C PHE K 5 62.83 -16.74 -36.34
N GLN K 6 63.41 -17.09 -37.49
CA GLN K 6 64.60 -16.40 -37.92
C GLN K 6 64.37 -15.47 -39.11
N GLY K 7 63.17 -15.49 -39.71
CA GLY K 7 62.87 -14.70 -40.89
C GLY K 7 62.51 -13.25 -40.56
N PRO K 8 62.45 -12.39 -41.59
CA PRO K 8 62.29 -10.95 -41.36
C PRO K 8 60.87 -10.50 -40.99
N MET K 9 59.85 -11.15 -41.57
CA MET K 9 58.46 -10.78 -41.33
C MET K 9 57.95 -11.52 -40.10
N LYS K 10 58.25 -10.95 -38.93
CA LYS K 10 57.83 -11.56 -37.67
C LYS K 10 56.44 -11.05 -37.30
N ILE K 11 55.58 -11.98 -36.89
CA ILE K 11 54.29 -11.62 -36.33
C ILE K 11 54.47 -11.36 -34.84
N GLY K 12 54.21 -10.13 -34.42
CA GLY K 12 54.49 -9.72 -33.06
C GLY K 12 53.25 -9.38 -32.25
N CYS K 13 53.48 -9.12 -30.97
CA CYS K 13 52.43 -8.70 -30.06
C CYS K 13 52.99 -7.58 -29.20
N HIS K 14 52.16 -6.55 -28.96
CA HIS K 14 52.50 -5.46 -28.07
C HIS K 14 52.35 -5.91 -26.61
N GLY K 15 53.25 -5.42 -25.75
CA GLY K 15 53.35 -5.94 -24.40
C GLY K 15 52.10 -5.72 -23.55
N LEU K 16 51.31 -4.69 -23.87
CA LEU K 16 50.16 -4.34 -23.04
C LEU K 16 48.94 -5.19 -23.29
N VAL K 17 49.07 -6.25 -24.09
CA VAL K 17 48.04 -7.26 -24.10
C VAL K 17 48.17 -8.09 -22.81
N TRP K 18 49.42 -8.21 -22.31
CA TRP K 18 49.72 -9.10 -21.20
C TRP K 18 49.81 -8.34 -19.88
N THR K 19 50.55 -7.23 -19.87
CA THR K 19 50.81 -6.52 -18.62
C THR K 19 51.09 -5.04 -18.90
N GLY K 20 50.95 -4.26 -17.83
CA GLY K 20 51.28 -2.84 -17.85
C GLY K 20 52.56 -2.52 -17.07
N HIS K 21 53.14 -3.54 -16.43
CA HIS K 21 54.33 -3.33 -15.61
C HIS K 21 55.45 -4.20 -16.15
N PHE K 22 56.58 -3.58 -16.48
CA PHE K 22 57.69 -4.29 -17.12
C PHE K 22 58.91 -4.39 -16.20
N ASP K 23 58.64 -4.77 -14.95
CA ASP K 23 59.65 -5.27 -14.02
C ASP K 23 60.01 -6.70 -14.43
N ALA K 24 60.78 -7.40 -13.59
CA ALA K 24 61.28 -8.71 -13.95
C ALA K 24 60.14 -9.71 -14.12
N GLU K 25 59.13 -9.64 -13.27
CA GLU K 25 58.02 -10.56 -13.40
C GLU K 25 57.27 -10.26 -14.71
N GLY K 26 57.01 -8.98 -14.97
CA GLY K 26 56.19 -8.61 -16.10
C GLY K 26 56.86 -8.95 -17.44
N ILE K 27 58.17 -8.72 -17.52
CA ILE K 27 58.94 -9.09 -18.70
C ILE K 27 58.77 -10.58 -18.96
N ARG K 28 58.99 -11.40 -17.94
CA ARG K 28 58.88 -12.85 -18.11
C ARG K 28 57.48 -13.22 -18.56
N TYR K 29 56.46 -12.74 -17.84
CA TYR K 29 55.07 -13.07 -18.14
C TYR K 29 54.72 -12.72 -19.59
N SER K 30 55.08 -11.51 -20.04
CA SER K 30 54.71 -11.08 -21.38
C SER K 30 55.44 -11.91 -22.44
N VAL K 31 56.72 -12.22 -22.21
CA VAL K 31 57.45 -13.04 -23.15
C VAL K 31 56.77 -14.40 -23.30
N GLN K 32 56.58 -15.09 -22.17
CA GLN K 32 56.00 -16.42 -22.19
C GLN K 32 54.61 -16.42 -22.85
N LYS K 33 53.74 -15.48 -22.46
CA LYS K 33 52.40 -15.39 -23.03
C LYS K 33 52.44 -15.14 -24.53
N THR K 34 53.31 -14.23 -24.95
CA THR K 34 53.42 -13.97 -26.37
C THR K 34 53.77 -15.24 -27.13
N ARG K 35 54.72 -16.04 -26.61
CA ARG K 35 55.11 -17.26 -27.30
C ARG K 35 53.96 -18.26 -27.27
N GLU K 36 53.29 -18.35 -26.11
CA GLU K 36 52.18 -19.28 -25.91
C GLU K 36 51.05 -18.97 -26.89
N ALA K 37 50.84 -17.70 -27.29
CA ALA K 37 49.73 -17.38 -28.19
C ALA K 37 50.07 -17.65 -29.65
N GLY K 38 51.36 -17.67 -30.00
CA GLY K 38 51.75 -18.08 -31.34
C GLY K 38 52.64 -17.07 -32.05
N PHE K 39 53.01 -15.97 -31.38
CA PHE K 39 53.74 -14.90 -32.02
C PHE K 39 55.24 -15.21 -32.09
N ASP K 40 55.92 -14.56 -33.04
CA ASP K 40 57.38 -14.62 -33.16
C ASP K 40 58.10 -13.55 -32.33
N LEU K 41 57.43 -12.45 -31.99
CA LEU K 41 58.11 -11.29 -31.43
C LEU K 41 57.23 -10.63 -30.38
N VAL K 42 57.86 -10.13 -29.31
CA VAL K 42 57.20 -9.23 -28.37
C VAL K 42 57.79 -7.84 -28.58
N GLU K 43 56.94 -6.83 -28.43
CA GLU K 43 57.35 -5.44 -28.50
C GLU K 43 57.15 -4.83 -27.11
N PHE K 44 58.26 -4.37 -26.50
CA PHE K 44 58.23 -3.80 -25.17
C PHE K 44 57.94 -2.31 -25.26
N PRO K 45 57.02 -1.80 -24.41
CA PRO K 45 56.86 -0.37 -24.25
C PRO K 45 57.89 0.20 -23.26
N LEU K 46 59.01 0.69 -23.82
CA LEU K 46 60.10 1.30 -23.05
C LEU K 46 59.75 2.73 -22.70
N MET K 47 58.67 2.93 -21.94
CA MET K 47 58.34 4.27 -21.51
C MET K 47 59.43 4.79 -20.56
N ASP K 48 60.13 3.87 -19.88
CA ASP K 48 61.30 4.20 -19.08
C ASP K 48 62.44 3.26 -19.45
N PRO K 49 63.31 3.66 -20.40
CA PRO K 49 64.45 2.82 -20.75
C PRO K 49 65.54 2.77 -19.69
N PHE K 50 65.51 3.67 -18.71
CA PHE K 50 66.57 3.66 -17.70
C PHE K 50 66.41 2.48 -16.74
N SER K 51 65.17 2.21 -16.31
CA SER K 51 64.91 1.20 -15.29
C SER K 51 64.41 -0.11 -15.89
N PHE K 52 64.82 -0.44 -17.12
CA PHE K 52 64.36 -1.67 -17.78
C PHE K 52 65.36 -2.78 -17.50
N ASP K 53 64.85 -3.93 -17.05
CA ASP K 53 65.72 -5.04 -16.67
C ASP K 53 66.15 -5.83 -17.91
N VAL K 54 67.27 -5.41 -18.49
CA VAL K 54 67.78 -6.00 -19.72
C VAL K 54 68.13 -7.47 -19.50
N GLN K 55 68.69 -7.81 -18.34
CA GLN K 55 69.19 -9.16 -18.12
C GLN K 55 68.02 -10.15 -18.07
N THR K 56 66.95 -9.82 -17.35
CA THR K 56 65.78 -10.67 -17.30
C THR K 56 65.18 -10.86 -18.69
N ALA K 57 65.07 -9.77 -19.46
CA ALA K 57 64.55 -9.82 -20.81
C ALA K 57 65.35 -10.79 -21.66
N LYS K 58 66.67 -10.56 -21.75
CA LYS K 58 67.60 -11.44 -22.43
C LYS K 58 67.28 -12.89 -22.11
N SER K 59 67.18 -13.16 -20.81
CA SER K 59 66.98 -14.49 -20.28
C SER K 59 65.63 -15.05 -20.73
N ALA K 60 64.56 -14.24 -20.63
CA ALA K 60 63.24 -14.71 -21.04
C ALA K 60 63.21 -14.99 -22.55
N LEU K 61 63.80 -14.10 -23.36
CA LEU K 61 63.74 -14.26 -24.80
C LEU K 61 64.48 -15.54 -25.22
N ALA K 62 65.58 -15.86 -24.53
CA ALA K 62 66.34 -17.07 -24.84
C ALA K 62 65.49 -18.32 -24.59
N GLU K 63 64.95 -18.40 -23.37
CA GLU K 63 64.19 -19.56 -22.92
C GLU K 63 63.08 -19.88 -23.91
N HIS K 64 62.29 -18.85 -24.28
CA HIS K 64 61.11 -19.02 -25.09
C HIS K 64 61.37 -18.78 -26.59
N GLY K 65 62.64 -18.53 -26.96
CA GLY K 65 63.04 -18.45 -28.35
C GLY K 65 62.20 -17.42 -29.11
N LEU K 66 62.42 -16.15 -28.74
CA LEU K 66 61.55 -15.07 -29.18
C LEU K 66 62.40 -13.86 -29.53
N ALA K 67 61.97 -13.13 -30.56
CA ALA K 67 62.59 -11.86 -30.91
C ALA K 67 61.91 -10.72 -30.14
N ALA K 68 62.60 -9.58 -30.09
CA ALA K 68 62.11 -8.40 -29.42
C ALA K 68 62.26 -7.17 -30.31
N SER K 69 61.39 -6.20 -30.04
CA SER K 69 61.52 -4.84 -30.52
C SER K 69 61.02 -3.95 -29.40
N ALA K 70 61.15 -2.63 -29.55
CA ALA K 70 60.73 -1.70 -28.52
C ALA K 70 60.04 -0.48 -29.12
N SER K 71 59.05 0.03 -28.41
CA SER K 71 58.35 1.24 -28.82
C SER K 71 58.19 2.17 -27.62
N LEU K 72 57.84 3.41 -27.92
CA LEU K 72 57.98 4.46 -26.93
C LEU K 72 57.18 5.66 -27.41
N GLY K 73 56.66 6.41 -26.44
CA GLY K 73 56.14 7.73 -26.69
C GLY K 73 56.77 8.73 -25.72
N LEU K 74 57.25 9.85 -26.25
CA LEU K 74 57.82 10.87 -25.39
C LEU K 74 56.70 11.58 -24.65
N SER K 75 57.11 12.52 -23.79
CA SER K 75 56.18 13.29 -22.98
C SER K 75 56.68 14.73 -22.91
N ASP K 76 56.00 15.54 -22.09
CA ASP K 76 56.25 16.96 -22.01
C ASP K 76 57.69 17.25 -21.60
N ALA K 77 58.24 16.45 -20.68
CA ALA K 77 59.62 16.63 -20.21
C ALA K 77 60.65 16.12 -21.22
N THR K 78 60.22 15.49 -22.32
CA THR K 78 61.14 14.89 -23.27
C THR K 78 60.78 15.22 -24.71
N ASP K 79 59.89 16.21 -24.89
CA ASP K 79 59.38 16.61 -26.19
C ASP K 79 60.51 17.19 -27.04
N VAL K 80 61.00 16.43 -28.02
CA VAL K 80 62.08 16.86 -28.90
C VAL K 80 61.59 17.80 -30.01
N SER K 81 60.28 18.09 -30.04
CA SER K 81 59.74 19.16 -30.89
C SER K 81 59.49 20.43 -30.08
N SER K 82 59.82 20.43 -28.79
CA SER K 82 59.82 21.64 -27.96
C SER K 82 60.82 22.66 -28.52
N GLU K 83 60.60 23.92 -28.19
CA GLU K 83 61.56 24.95 -28.55
C GLU K 83 62.61 25.16 -27.47
N ASP K 84 62.31 24.70 -26.24
CA ASP K 84 63.23 24.73 -25.12
C ASP K 84 64.34 23.71 -25.36
N PRO K 85 65.61 24.14 -25.53
CA PRO K 85 66.67 23.18 -25.84
C PRO K 85 66.95 22.17 -24.74
N ALA K 86 66.64 22.51 -23.48
CA ALA K 86 66.88 21.57 -22.38
C ALA K 86 65.79 20.50 -22.30
N VAL K 87 64.61 20.75 -22.85
CA VAL K 87 63.60 19.72 -22.96
C VAL K 87 63.96 18.76 -24.10
N VAL K 88 64.37 19.32 -25.24
CA VAL K 88 64.80 18.51 -26.37
C VAL K 88 65.90 17.54 -25.95
N LYS K 89 66.90 18.05 -25.23
CA LYS K 89 68.06 17.25 -24.90
C LYS K 89 67.70 16.15 -23.91
N ALA K 90 66.64 16.32 -23.12
CA ALA K 90 66.20 15.27 -22.21
C ALA K 90 65.50 14.14 -22.98
N GLY K 91 64.73 14.49 -24.01
CA GLY K 91 64.17 13.48 -24.90
C GLY K 91 65.24 12.75 -25.71
N GLU K 92 66.20 13.50 -26.29
CA GLU K 92 67.28 12.89 -27.05
C GLU K 92 68.04 11.89 -26.17
N GLU K 93 68.26 12.24 -24.90
CA GLU K 93 68.96 11.32 -24.01
C GLU K 93 68.11 10.10 -23.70
N LEU K 94 66.78 10.26 -23.61
CA LEU K 94 65.86 9.14 -23.41
C LEU K 94 65.84 8.23 -24.64
N LEU K 95 65.79 8.80 -25.85
CA LEU K 95 65.80 7.98 -27.05
C LEU K 95 67.11 7.19 -27.13
N ASN K 96 68.23 7.84 -26.82
CA ASN K 96 69.55 7.21 -26.92
C ASN K 96 69.64 5.99 -26.00
N ARG K 97 69.05 6.09 -24.80
CA ARG K 97 69.09 4.98 -23.87
C ARG K 97 68.24 3.81 -24.39
N ALA K 98 67.07 4.10 -24.96
CA ALA K 98 66.22 3.05 -25.52
C ALA K 98 66.93 2.33 -26.67
N VAL K 99 67.69 3.08 -27.47
CA VAL K 99 68.48 2.48 -28.54
C VAL K 99 69.51 1.53 -27.94
N ASP K 100 70.16 1.93 -26.85
CA ASP K 100 71.16 1.09 -26.20
C ASP K 100 70.55 -0.17 -25.60
N VAL K 101 69.37 -0.05 -24.98
CA VAL K 101 68.68 -1.21 -24.45
C VAL K 101 68.38 -2.20 -25.57
N LEU K 102 67.95 -1.69 -26.72
CA LEU K 102 67.68 -2.56 -27.85
C LEU K 102 68.95 -3.23 -28.37
N ALA K 103 70.07 -2.48 -28.39
CA ALA K 103 71.33 -3.06 -28.83
C ALA K 103 71.73 -4.20 -27.90
N GLU K 104 71.64 -3.96 -26.58
CA GLU K 104 71.89 -5.01 -25.60
C GLU K 104 70.97 -6.22 -25.84
N LEU K 105 69.73 -5.99 -26.28
CA LEU K 105 68.83 -7.11 -26.50
C LEU K 105 69.18 -7.89 -27.77
N GLY K 106 69.92 -7.27 -28.72
CA GLY K 106 70.08 -7.83 -30.05
C GLY K 106 68.89 -7.55 -30.96
N ALA K 107 68.03 -6.61 -30.58
CA ALA K 107 66.86 -6.26 -31.37
C ALA K 107 67.25 -5.37 -32.55
N THR K 108 66.39 -5.34 -33.57
CA THR K 108 66.66 -4.59 -34.78
C THR K 108 65.81 -3.32 -34.86
N ASP K 109 64.67 -3.27 -34.17
CA ASP K 109 63.67 -2.27 -34.46
C ASP K 109 63.35 -1.40 -33.24
N PHE K 110 63.44 -0.08 -33.45
CA PHE K 110 62.96 0.93 -32.53
C PHE K 110 61.88 1.75 -33.21
N CYS K 111 60.73 1.93 -32.56
CA CYS K 111 59.63 2.64 -33.20
C CYS K 111 58.79 3.38 -32.18
N GLY K 112 57.93 4.26 -32.69
CA GLY K 112 56.90 4.91 -31.91
C GLY K 112 56.91 6.42 -32.13
N VAL K 113 56.21 7.11 -31.23
CA VAL K 113 56.14 8.56 -31.23
C VAL K 113 57.40 9.10 -30.58
N ILE K 114 58.48 9.21 -31.37
CA ILE K 114 59.77 9.65 -30.86
C ILE K 114 60.20 10.98 -31.49
N TYR K 115 59.28 11.65 -32.17
CA TYR K 115 59.60 12.88 -32.86
C TYR K 115 58.88 14.05 -32.19
N SER K 116 58.18 13.75 -31.10
CA SER K 116 57.37 14.71 -30.37
C SER K 116 56.87 14.04 -29.10
N ALA K 117 56.15 14.79 -28.28
CA ALA K 117 55.43 14.17 -27.19
C ALA K 117 54.28 13.37 -27.78
N MET K 118 53.88 12.31 -27.06
CA MET K 118 52.67 11.59 -27.39
C MET K 118 51.56 12.12 -26.48
N LYS K 119 50.91 13.18 -26.93
CA LYS K 119 49.92 13.86 -26.13
C LYS K 119 48.95 14.60 -27.02
N LYS K 120 47.85 15.12 -26.44
CA LYS K 120 46.96 16.04 -27.12
C LYS K 120 47.53 17.45 -26.97
N TYR K 121 48.37 17.87 -27.93
CA TYR K 121 48.83 19.26 -28.04
C TYR K 121 47.63 20.20 -28.18
N MET K 122 47.89 21.50 -27.92
CA MET K 122 46.85 22.52 -27.92
C MET K 122 47.16 23.63 -28.93
N GLU K 123 48.15 23.42 -29.81
CA GLU K 123 48.60 24.43 -30.75
C GLU K 123 49.31 23.71 -31.88
N PRO K 124 49.22 24.17 -33.14
CA PRO K 124 50.00 23.54 -34.22
C PRO K 124 51.48 23.42 -33.89
N ALA K 125 52.16 22.47 -34.55
CA ALA K 125 53.61 22.39 -34.38
C ALA K 125 54.23 23.71 -34.82
N THR K 126 55.48 23.90 -34.43
CA THR K 126 56.15 25.15 -34.71
C THR K 126 57.37 24.88 -35.60
N ALA K 127 57.67 25.86 -36.46
CA ALA K 127 58.79 25.71 -37.38
C ALA K 127 60.08 25.43 -36.61
N ALA K 128 60.34 26.21 -35.56
CA ALA K 128 61.56 26.04 -34.78
C ALA K 128 61.65 24.64 -34.18
N GLY K 129 60.56 24.20 -33.54
CA GLY K 129 60.52 22.92 -32.86
C GLY K 129 60.53 21.71 -33.82
N LEU K 130 59.88 21.84 -34.98
CA LEU K 130 60.05 20.83 -36.01
C LEU K 130 61.54 20.67 -36.36
N ALA K 131 62.26 21.79 -36.49
CA ALA K 131 63.69 21.76 -36.76
C ALA K 131 64.45 21.03 -35.64
N ASN K 132 64.11 21.31 -34.37
CA ASN K 132 64.69 20.57 -33.26
C ASN K 132 64.38 19.07 -33.38
N SER K 133 63.16 18.75 -33.83
CA SER K 133 62.73 17.36 -33.93
C SER K 133 63.60 16.62 -34.95
N LYS K 134 63.65 17.13 -36.18
CA LYS K 134 64.42 16.48 -37.22
C LYS K 134 65.88 16.33 -36.79
N ALA K 135 66.47 17.38 -36.22
CA ALA K 135 67.88 17.33 -35.84
C ALA K 135 68.12 16.23 -34.80
N ALA K 136 67.26 16.18 -33.76
CA ALA K 136 67.40 15.19 -32.70
C ALA K 136 67.20 13.77 -33.23
N VAL K 137 66.20 13.57 -34.08
CA VAL K 137 65.89 12.24 -34.58
C VAL K 137 67.01 11.79 -35.52
N GLY K 138 67.56 12.72 -36.30
CA GLY K 138 68.69 12.43 -37.16
C GLY K 138 69.92 11.95 -36.37
N ARG K 139 70.12 12.49 -35.18
CA ARG K 139 71.27 12.12 -34.37
C ARG K 139 71.05 10.72 -33.78
N VAL K 140 69.88 10.49 -33.20
CA VAL K 140 69.52 9.18 -32.67
C VAL K 140 69.64 8.11 -33.76
N ALA K 141 69.27 8.46 -35.00
CA ALA K 141 69.31 7.51 -36.10
C ALA K 141 70.76 7.15 -36.45
N ASP K 142 71.65 8.14 -36.38
CA ASP K 142 73.06 7.90 -36.62
C ASP K 142 73.65 7.00 -35.53
N ARG K 143 73.26 7.26 -34.28
CA ARG K 143 73.72 6.45 -33.17
C ARG K 143 73.20 5.00 -33.29
N ALA K 144 71.96 4.84 -33.78
CA ALA K 144 71.38 3.52 -33.96
C ALA K 144 71.97 2.81 -35.17
N SER K 145 72.40 3.58 -36.19
CA SER K 145 72.97 3.00 -37.40
C SER K 145 74.13 2.08 -37.05
N ASP K 146 75.02 2.58 -36.18
CA ASP K 146 76.24 1.88 -35.81
C ASP K 146 75.96 0.57 -35.08
N LEU K 147 74.80 0.47 -34.41
CA LEU K 147 74.48 -0.70 -33.59
C LEU K 147 73.54 -1.66 -34.30
N GLY K 148 73.21 -1.40 -35.57
CA GLY K 148 72.42 -2.32 -36.38
C GLY K 148 70.91 -2.10 -36.25
N ILE K 149 70.51 -0.92 -35.76
CA ILE K 149 69.13 -0.68 -35.34
C ILE K 149 68.45 0.25 -36.32
N ASN K 150 67.28 -0.18 -36.80
CA ASN K 150 66.39 0.65 -37.58
C ASN K 150 65.47 1.43 -36.68
N VAL K 151 65.20 2.67 -37.08
CA VAL K 151 64.29 3.53 -36.36
C VAL K 151 63.12 3.85 -37.28
N SER K 152 61.90 3.76 -36.72
CA SER K 152 60.70 3.93 -37.51
C SER K 152 59.76 4.89 -36.80
N LEU K 153 59.40 5.99 -37.47
CA LEU K 153 58.55 7.01 -36.87
C LEU K 153 57.10 6.61 -37.07
N GLU K 154 56.36 6.44 -35.97
CA GLU K 154 54.98 6.03 -36.05
C GLU K 154 54.10 7.23 -36.41
N VAL K 155 53.34 7.10 -37.49
CA VAL K 155 52.29 8.06 -37.80
C VAL K 155 51.12 7.78 -36.89
N VAL K 156 50.69 8.79 -36.13
CA VAL K 156 49.59 8.65 -35.18
C VAL K 156 48.60 9.79 -35.42
N ASN K 157 47.45 9.69 -34.77
CA ASN K 157 46.37 10.62 -35.06
C ASN K 157 46.57 11.95 -34.35
N ARG K 158 45.71 12.91 -34.70
CA ARG K 158 45.74 14.30 -34.29
C ARG K 158 45.71 14.48 -32.77
N TYR K 159 45.15 13.52 -32.04
CA TYR K 159 45.07 13.68 -30.59
C TYR K 159 46.32 13.16 -29.89
N GLU K 160 47.28 12.59 -30.62
CA GLU K 160 48.50 12.06 -30.02
C GLU K 160 49.76 12.73 -30.56
N THR K 161 49.68 13.49 -31.67
CA THR K 161 50.74 14.38 -32.07
C THR K 161 50.17 15.42 -33.01
N ASN K 162 50.84 16.58 -33.06
CA ASN K 162 50.59 17.62 -34.05
C ASN K 162 51.65 17.59 -35.17
N VAL K 163 52.55 16.59 -35.19
CA VAL K 163 53.67 16.59 -36.14
C VAL K 163 53.44 15.68 -37.35
N LEU K 164 53.31 14.36 -37.13
CA LEU K 164 53.21 13.39 -38.21
C LEU K 164 51.86 12.67 -38.13
N ASN K 165 50.87 13.16 -38.87
CA ASN K 165 49.53 12.60 -38.80
C ASN K 165 49.19 11.75 -40.02
N THR K 166 50.02 11.79 -41.08
CA THR K 166 49.79 11.01 -42.29
C THR K 166 51.12 10.45 -42.79
N GLY K 167 51.03 9.34 -43.54
CA GLY K 167 52.21 8.79 -44.18
C GLY K 167 52.96 9.79 -45.06
N ARG K 168 52.22 10.72 -45.68
CA ARG K 168 52.84 11.71 -46.56
C ARG K 168 53.67 12.71 -45.76
N GLN K 169 53.16 13.15 -44.62
CA GLN K 169 53.96 14.00 -43.75
C GLN K 169 55.23 13.25 -43.31
N ALA K 170 55.14 11.93 -43.11
CA ALA K 170 56.29 11.19 -42.65
C ALA K 170 57.31 11.06 -43.79
N LEU K 171 56.85 10.88 -45.04
CA LEU K 171 57.78 10.78 -46.15
C LEU K 171 58.59 12.08 -46.28
N ALA K 172 57.93 13.21 -46.05
CA ALA K 172 58.56 14.51 -46.23
C ALA K 172 59.58 14.74 -45.11
N TYR K 173 59.22 14.34 -43.88
CA TYR K 173 60.12 14.42 -42.73
C TYR K 173 61.39 13.58 -42.94
N LEU K 174 61.25 12.41 -43.60
CA LEU K 174 62.37 11.53 -43.86
C LEU K 174 63.25 12.10 -44.97
N GLU K 175 62.66 12.60 -46.06
CA GLU K 175 63.44 13.05 -47.21
C GLU K 175 64.47 14.09 -46.78
N GLU K 176 64.10 14.92 -45.79
CA GLU K 176 65.01 15.95 -45.26
C GLU K 176 66.21 15.29 -44.56
N LEU K 177 65.93 14.31 -43.67
CA LEU K 177 67.00 13.67 -42.93
C LEU K 177 67.83 12.70 -43.78
N ASN K 178 67.22 12.15 -44.84
CA ASN K 178 67.85 11.17 -45.73
C ASN K 178 68.77 10.20 -44.98
N ARG K 179 68.25 9.49 -43.99
CA ARG K 179 69.09 8.53 -43.28
C ARG K 179 68.67 7.12 -43.65
N PRO K 180 69.63 6.20 -43.86
CA PRO K 180 69.33 4.92 -44.50
C PRO K 180 68.66 3.92 -43.56
N ASN K 181 68.59 4.25 -42.26
CA ASN K 181 67.95 3.36 -41.31
C ASN K 181 66.75 4.05 -40.66
N LEU K 182 66.34 5.21 -41.18
CA LEU K 182 65.13 5.85 -40.70
C LEU K 182 63.96 5.43 -41.59
N GLY K 183 62.92 4.91 -40.97
CA GLY K 183 61.78 4.40 -41.71
C GLY K 183 60.46 4.87 -41.12
N ILE K 184 59.37 4.37 -41.70
CA ILE K 184 58.01 4.77 -41.35
C ILE K 184 57.28 3.56 -40.78
N HIS K 185 56.50 3.84 -39.73
CA HIS K 185 55.71 2.85 -39.03
C HIS K 185 54.24 3.28 -39.11
N LEU K 186 53.39 2.43 -39.72
CA LEU K 186 51.96 2.72 -39.81
C LEU K 186 51.15 1.87 -38.86
N ASP K 187 50.08 2.46 -38.31
CA ASP K 187 49.15 1.80 -37.42
C ASP K 187 47.75 1.88 -38.03
N THR K 188 47.13 0.71 -38.27
CA THR K 188 45.79 0.68 -38.85
C THR K 188 44.80 1.50 -38.04
N TYR K 189 44.97 1.52 -36.72
CA TYR K 189 44.09 2.30 -35.87
C TYR K 189 44.20 3.78 -36.24
N HIS K 190 45.42 4.28 -36.38
CA HIS K 190 45.63 5.69 -36.72
C HIS K 190 45.30 6.00 -38.19
N MET K 191 45.54 5.05 -39.10
CA MET K 191 45.26 5.33 -40.49
C MET K 191 43.75 5.47 -40.66
N ASN K 192 42.97 4.69 -39.92
CA ASN K 192 41.53 4.65 -40.04
C ASN K 192 40.89 6.00 -39.71
N ILE K 193 41.58 6.86 -38.97
CA ILE K 193 41.16 8.24 -38.74
C ILE K 193 41.73 9.18 -39.81
N GLU K 194 43.04 9.18 -40.02
CA GLU K 194 43.66 10.32 -40.69
C GLU K 194 43.83 10.16 -42.20
N GLU K 195 43.90 8.94 -42.73
CA GLU K 195 44.28 8.74 -44.13
C GLU K 195 43.05 8.75 -45.05
N SER K 196 43.30 8.84 -46.36
CA SER K 196 42.22 8.87 -47.34
C SER K 196 41.67 7.46 -47.62
N ASP K 197 42.48 6.42 -47.39
CA ASP K 197 42.09 5.04 -47.60
C ASP K 197 43.21 4.15 -47.08
N MET K 198 43.01 2.84 -47.07
CA MET K 198 44.00 1.98 -46.48
C MET K 198 45.04 1.49 -47.49
N PHE K 199 44.93 1.81 -48.78
CA PHE K 199 45.95 1.33 -49.71
C PHE K 199 46.93 2.41 -50.19
N SER K 200 46.48 3.64 -50.50
CA SER K 200 47.39 4.74 -50.86
C SER K 200 48.58 4.88 -49.89
N PRO K 201 48.39 4.90 -48.56
CA PRO K 201 49.52 5.10 -47.67
C PRO K 201 50.59 4.01 -47.78
N ILE K 202 50.16 2.75 -47.91
CA ILE K 202 51.06 1.62 -48.13
C ILE K 202 51.83 1.86 -49.43
N LEU K 203 51.11 2.18 -50.51
CA LEU K 203 51.72 2.33 -51.82
C LEU K 203 52.62 3.56 -51.86
N ASP K 204 52.18 4.68 -51.26
CA ASP K 204 52.99 5.90 -51.24
C ASP K 204 54.27 5.67 -50.44
N THR K 205 54.18 4.89 -49.37
CA THR K 205 55.30 4.67 -48.48
C THR K 205 56.25 3.57 -48.98
N ALA K 206 55.71 2.57 -49.69
CA ALA K 206 56.39 1.38 -50.20
C ALA K 206 57.84 1.23 -49.75
N GLU K 207 58.73 2.08 -50.24
CA GLU K 207 60.16 1.95 -49.97
C GLU K 207 60.43 2.08 -48.47
N ALA K 208 59.84 3.09 -47.85
CA ALA K 208 60.21 3.49 -46.50
C ALA K 208 59.46 2.74 -45.40
N LEU K 209 58.43 1.93 -45.73
CA LEU K 209 57.65 1.27 -44.69
C LEU K 209 58.46 0.13 -44.04
N ARG K 210 58.68 0.21 -42.73
CA ARG K 210 59.52 -0.78 -42.06
C ARG K 210 58.83 -1.42 -40.85
N TYR K 211 57.62 -0.99 -40.49
CA TYR K 211 56.97 -1.48 -39.28
C TYR K 211 55.48 -1.21 -39.37
N VAL K 212 54.68 -2.20 -38.95
CA VAL K 212 53.25 -2.12 -39.06
C VAL K 212 52.63 -2.55 -37.73
N HIS K 213 51.62 -1.78 -37.30
CA HIS K 213 50.76 -2.12 -36.17
C HIS K 213 49.36 -2.51 -36.66
N ILE K 214 48.87 -3.66 -36.17
CA ILE K 214 47.54 -4.15 -36.50
C ILE K 214 46.63 -3.96 -35.30
N GLY K 215 45.82 -2.88 -35.36
CA GLY K 215 44.89 -2.58 -34.31
C GLY K 215 43.49 -2.28 -34.84
N GLU K 216 42.46 -2.69 -34.10
CA GLU K 216 41.09 -2.36 -34.48
C GLU K 216 40.83 -0.87 -34.22
N SER K 217 39.78 -0.34 -34.85
CA SER K 217 39.40 1.07 -34.76
C SER K 217 39.28 1.58 -33.32
N HIS K 218 38.79 0.73 -32.41
CA HIS K 218 38.61 1.09 -31.01
C HIS K 218 39.67 0.46 -30.14
N ARG K 219 40.59 -0.31 -30.76
CA ARG K 219 41.75 -0.93 -30.15
C ARG K 219 41.42 -2.24 -29.41
N GLY K 220 40.19 -2.77 -29.58
CA GLY K 220 39.85 -4.06 -29.01
C GLY K 220 40.15 -5.27 -29.91
N TYR K 221 39.21 -6.23 -29.90
CA TYR K 221 39.35 -7.43 -30.71
C TYR K 221 39.37 -7.10 -32.20
N LEU K 222 40.20 -7.81 -32.95
CA LEU K 222 40.29 -7.63 -34.39
C LEU K 222 39.01 -8.12 -35.06
N GLY K 223 38.49 -7.31 -36.00
CA GLY K 223 37.28 -7.66 -36.73
C GLY K 223 35.98 -7.38 -35.97
N THR K 224 36.06 -6.54 -34.92
CA THR K 224 34.90 -6.10 -34.16
C THR K 224 34.72 -4.58 -34.23
N GLY K 225 35.36 -3.92 -35.22
CA GLY K 225 35.17 -2.49 -35.44
C GLY K 225 35.21 -2.09 -36.92
N SER K 226 35.72 -0.88 -37.21
CA SER K 226 35.53 -0.21 -38.49
C SER K 226 36.79 -0.20 -39.37
N VAL K 227 37.89 -0.86 -38.99
CA VAL K 227 39.10 -0.81 -39.80
C VAL K 227 38.92 -1.69 -41.05
N ASP K 228 39.42 -1.21 -42.20
CA ASP K 228 39.37 -1.97 -43.45
C ASP K 228 40.66 -2.80 -43.56
N PHE K 229 40.67 -3.95 -42.89
CA PHE K 229 41.86 -4.79 -42.87
C PHE K 229 42.11 -5.44 -44.22
N ASP K 230 41.05 -5.76 -44.95
CA ASP K 230 41.19 -6.43 -46.23
C ASP K 230 42.07 -5.61 -47.19
N THR K 231 41.76 -4.31 -47.35
CA THR K 231 42.50 -3.43 -48.24
C THR K 231 43.93 -3.18 -47.76
N PHE K 232 44.09 -2.99 -46.46
CA PHE K 232 45.41 -2.86 -45.88
C PHE K 232 46.31 -4.05 -46.25
N PHE K 233 45.85 -5.25 -45.93
CA PHE K 233 46.71 -6.40 -46.16
C PHE K 233 46.93 -6.65 -47.65
N LYS K 234 45.92 -6.37 -48.48
CA LYS K 234 46.08 -6.50 -49.92
C LYS K 234 47.20 -5.59 -50.41
N ALA K 235 47.20 -4.33 -49.96
CA ALA K 235 48.25 -3.39 -50.32
C ALA K 235 49.62 -3.86 -49.84
N LEU K 236 49.72 -4.35 -48.59
CA LEU K 236 50.98 -4.90 -48.08
C LEU K 236 51.47 -6.01 -49.01
N GLY K 237 50.56 -6.89 -49.43
CA GLY K 237 50.91 -7.94 -50.37
C GLY K 237 51.38 -7.40 -51.72
N ARG K 238 50.78 -6.29 -52.17
CA ARG K 238 51.13 -5.72 -53.45
C ARG K 238 52.57 -5.17 -53.45
N ILE K 239 52.99 -4.53 -52.36
CA ILE K 239 54.33 -3.95 -52.29
C ILE K 239 55.37 -4.96 -51.76
N GLY K 240 54.98 -6.21 -51.51
CA GLY K 240 55.92 -7.23 -51.08
C GLY K 240 56.55 -6.95 -49.71
N TYR K 241 55.81 -6.25 -48.85
CA TYR K 241 56.26 -5.95 -47.50
C TYR K 241 56.63 -7.24 -46.76
N ASP K 242 57.73 -7.20 -46.01
CA ASP K 242 58.10 -8.33 -45.16
C ASP K 242 58.83 -7.88 -43.90
N GLY K 243 58.53 -6.67 -43.43
CA GLY K 243 58.90 -6.24 -42.09
C GLY K 243 57.96 -6.83 -41.05
N PRO K 244 58.15 -6.45 -39.79
CA PRO K 244 57.34 -6.98 -38.71
C PRO K 244 55.89 -6.49 -38.81
N VAL K 245 54.96 -7.35 -38.38
CA VAL K 245 53.55 -7.05 -38.28
C VAL K 245 53.13 -7.39 -36.86
N VAL K 246 52.72 -6.37 -36.09
CA VAL K 246 52.53 -6.51 -34.65
C VAL K 246 51.11 -6.15 -34.25
N PHE K 247 50.45 -7.05 -33.51
CA PHE K 247 49.13 -6.80 -32.94
C PHE K 247 49.21 -5.81 -31.77
N GLU K 248 48.24 -4.88 -31.68
CA GLU K 248 48.20 -3.94 -30.58
C GLU K 248 46.75 -3.79 -30.09
N SER K 249 46.57 -3.78 -28.76
CA SER K 249 45.25 -3.78 -28.15
C SER K 249 45.33 -3.30 -26.70
N PHE K 250 44.48 -2.33 -26.34
CA PHE K 250 44.41 -1.86 -24.97
C PHE K 250 43.00 -2.02 -24.43
N SER K 251 42.89 -2.59 -23.22
CA SER K 251 41.65 -2.56 -22.45
C SER K 251 41.94 -2.16 -21.02
N SER K 252 40.90 -1.67 -20.33
CA SER K 252 41.03 -1.23 -18.94
C SER K 252 41.43 -2.39 -18.03
N SER K 253 41.23 -3.65 -18.48
CA SER K 253 41.61 -4.83 -17.73
C SER K 253 43.09 -4.81 -17.37
N VAL K 254 43.91 -4.29 -18.29
CA VAL K 254 45.34 -4.28 -18.15
C VAL K 254 45.76 -2.82 -18.24
N VAL K 255 46.04 -2.23 -17.07
CA VAL K 255 46.39 -0.82 -16.99
C VAL K 255 47.89 -0.68 -16.77
N ALA K 256 48.47 0.25 -17.55
CA ALA K 256 49.77 0.88 -17.35
C ALA K 256 49.56 2.26 -16.71
N PRO K 257 50.43 2.66 -15.76
CA PRO K 257 50.23 3.92 -15.03
C PRO K 257 50.31 5.15 -15.93
N ASP K 258 51.25 5.13 -16.87
CA ASP K 258 51.41 6.21 -17.84
C ASP K 258 50.55 5.95 -19.08
N LEU K 259 50.81 4.83 -19.75
CA LEU K 259 50.40 4.64 -21.15
C LEU K 259 48.88 4.61 -21.25
N SER K 260 48.19 4.00 -20.27
CA SER K 260 46.76 3.78 -20.40
C SER K 260 46.01 5.10 -20.35
N ARG K 261 46.59 6.08 -19.65
CA ARG K 261 45.95 7.38 -19.51
C ARG K 261 46.29 8.27 -20.70
N MET K 262 47.53 8.20 -21.19
CA MET K 262 47.93 8.94 -22.37
C MET K 262 47.11 8.52 -23.59
N LEU K 263 46.74 7.23 -23.68
CA LEU K 263 46.02 6.73 -24.85
C LEU K 263 44.50 6.74 -24.65
N GLY K 264 44.03 7.10 -23.47
CA GLY K 264 42.60 7.23 -23.22
C GLY K 264 41.89 5.88 -23.18
N ILE K 265 42.45 4.93 -22.42
CA ILE K 265 41.86 3.59 -22.30
C ILE K 265 40.82 3.62 -21.19
N TRP K 266 39.65 4.18 -21.51
CA TRP K 266 38.57 4.34 -20.55
C TRP K 266 37.70 3.09 -20.43
N ARG K 267 37.67 2.23 -21.46
CA ARG K 267 36.70 1.16 -21.52
C ARG K 267 37.34 -0.23 -21.42
N ASN K 268 36.53 -1.19 -20.94
CA ASN K 268 36.91 -2.59 -20.92
C ASN K 268 36.46 -3.23 -22.24
N LEU K 269 37.43 -3.59 -23.07
CA LEU K 269 37.16 -4.12 -24.40
C LEU K 269 37.39 -5.63 -24.47
N TRP K 270 38.09 -6.20 -23.48
CA TRP K 270 38.36 -7.63 -23.42
C TRP K 270 38.84 -7.98 -22.02
N ALA K 271 38.72 -9.26 -21.64
CA ALA K 271 39.17 -9.73 -20.34
C ALA K 271 40.12 -10.93 -20.50
N ASP K 272 39.72 -11.91 -21.32
CA ASP K 272 40.53 -13.11 -21.56
C ASP K 272 41.57 -12.78 -22.62
N ASN K 273 42.72 -12.24 -22.19
CA ASN K 273 43.73 -11.82 -23.13
C ASN K 273 44.45 -13.00 -23.75
N GLU K 274 44.43 -14.18 -23.11
CA GLU K 274 44.95 -15.39 -23.72
C GLU K 274 44.20 -15.71 -25.02
N GLU K 275 42.88 -15.54 -25.01
CA GLU K 275 42.07 -15.75 -26.21
C GLU K 275 42.20 -14.57 -27.20
N LEU K 276 42.30 -13.34 -26.69
CA LEU K 276 42.56 -12.18 -27.55
C LEU K 276 43.85 -12.37 -28.36
N GLY K 277 44.98 -12.59 -27.67
CA GLY K 277 46.27 -12.81 -28.32
C GLY K 277 46.26 -13.95 -29.35
N ALA K 278 45.61 -15.07 -29.00
CA ALA K 278 45.54 -16.23 -29.88
C ALA K 278 44.66 -15.94 -31.09
N HIS K 279 43.53 -15.25 -30.87
CA HIS K 279 42.67 -14.83 -31.98
C HIS K 279 43.42 -13.87 -32.92
N ALA K 280 44.19 -12.93 -32.37
CA ALA K 280 44.88 -11.95 -33.20
C ALA K 280 46.03 -12.59 -33.97
N ASN K 281 46.72 -13.57 -33.37
CA ASN K 281 47.81 -14.24 -34.07
C ASN K 281 47.29 -14.95 -35.32
N ALA K 282 46.21 -15.69 -35.15
CA ALA K 282 45.59 -16.40 -36.27
C ALA K 282 45.02 -15.41 -37.29
N PHE K 283 44.39 -14.33 -36.81
CA PHE K 283 43.80 -13.35 -37.70
C PHE K 283 44.86 -12.82 -38.65
N ILE K 284 46.01 -12.40 -38.11
CA ILE K 284 47.09 -11.83 -38.90
C ILE K 284 47.67 -12.87 -39.86
N ARG K 285 48.14 -14.00 -39.31
CA ARG K 285 48.73 -15.06 -40.13
C ARG K 285 47.75 -15.61 -41.19
N ASP K 286 46.46 -15.75 -40.86
CA ASP K 286 45.51 -16.25 -41.84
C ASP K 286 45.22 -15.19 -42.92
N LYS K 287 45.33 -13.91 -42.56
CA LYS K 287 45.22 -12.83 -43.52
C LYS K 287 46.41 -12.85 -44.47
N LEU K 288 47.64 -13.04 -43.93
CA LEU K 288 48.81 -13.01 -44.80
C LEU K 288 48.78 -14.20 -45.76
N THR K 289 48.41 -15.37 -45.23
CA THR K 289 48.26 -16.58 -46.02
C THR K 289 47.31 -16.35 -47.19
N ALA K 290 46.12 -15.80 -46.92
CA ALA K 290 45.13 -15.61 -47.96
C ALA K 290 45.61 -14.62 -49.03
N ILE K 291 46.26 -13.54 -48.62
CA ILE K 291 46.73 -12.51 -49.55
C ILE K 291 47.78 -13.07 -50.50
N LYS K 292 48.68 -13.93 -50.01
CA LYS K 292 49.69 -14.57 -50.85
C LYS K 292 49.08 -15.26 -52.07
N THR K 293 47.88 -15.82 -51.92
CA THR K 293 47.22 -16.52 -53.01
C THR K 293 46.68 -15.57 -54.08
N ILE K 294 46.68 -14.26 -53.86
CA ILE K 294 46.03 -13.38 -54.82
C ILE K 294 46.87 -13.21 -56.09
N GLU K 295 48.20 -13.30 -55.99
CA GLU K 295 49.01 -13.15 -57.18
C GLU K 295 48.89 -14.36 -58.12
N LEU K 296 48.23 -15.43 -57.68
CA LEU K 296 48.15 -16.66 -58.46
C LEU K 296 46.82 -16.80 -59.21
N HIS K 297 45.82 -15.98 -58.90
CA HIS K 297 44.51 -16.14 -59.53
C HIS K 297 44.11 -14.89 -60.33
N MET L 9 12.96 16.69 -41.09
CA MET L 9 14.37 16.34 -41.37
C MET L 9 15.04 17.49 -42.12
N LYS L 10 15.77 18.33 -41.38
CA LYS L 10 16.53 19.40 -41.99
C LYS L 10 17.96 18.93 -42.26
N ILE L 11 18.49 19.41 -43.39
CA ILE L 11 19.85 19.12 -43.77
C ILE L 11 20.70 20.36 -43.51
N GLY L 12 21.64 20.21 -42.58
CA GLY L 12 22.33 21.35 -42.01
C GLY L 12 23.83 21.35 -42.28
N CYS L 13 24.44 22.51 -41.98
CA CYS L 13 25.87 22.70 -42.08
C CYS L 13 26.34 23.35 -40.80
N HIS L 14 27.39 22.79 -40.21
CA HIS L 14 28.04 23.40 -39.06
C HIS L 14 28.72 24.69 -39.48
N GLY L 15 28.70 25.68 -38.58
CA GLY L 15 29.14 27.03 -38.90
C GLY L 15 30.64 27.14 -39.20
N LEU L 16 31.47 26.21 -38.70
CA LEU L 16 32.90 26.30 -38.94
C LEU L 16 33.36 25.83 -40.31
N VAL L 17 32.43 25.45 -41.19
CA VAL L 17 32.78 25.36 -42.60
C VAL L 17 33.12 26.76 -43.09
N TRP L 18 32.52 27.78 -42.45
CA TRP L 18 32.44 29.10 -43.05
C TRP L 18 33.32 30.13 -42.32
N THR L 19 33.23 30.20 -41.00
CA THR L 19 33.98 31.16 -40.20
C THR L 19 34.22 30.56 -38.83
N GLY L 20 35.17 31.14 -38.10
CA GLY L 20 35.48 30.73 -36.74
C GLY L 20 35.11 31.81 -35.74
N HIS L 21 34.59 32.94 -36.23
CA HIS L 21 34.25 34.07 -35.42
C HIS L 21 32.77 34.39 -35.64
N PHE L 22 31.96 34.33 -34.59
CA PHE L 22 30.55 34.60 -34.77
C PHE L 22 30.20 35.98 -34.21
N ASP L 23 31.00 36.97 -34.61
CA ASP L 23 30.60 38.37 -34.58
C ASP L 23 29.50 38.58 -35.62
N ALA L 24 29.00 39.82 -35.74
CA ALA L 24 27.87 40.07 -36.62
C ALA L 24 28.23 39.79 -38.08
N GLU L 25 29.50 40.01 -38.47
CA GLU L 25 29.88 39.69 -39.83
C GLU L 25 29.88 38.18 -40.03
N GLY L 26 30.46 37.46 -39.06
CA GLY L 26 30.52 36.00 -39.13
C GLY L 26 29.14 35.35 -39.18
N ILE L 27 28.20 35.87 -38.36
CA ILE L 27 26.84 35.35 -38.37
C ILE L 27 26.22 35.53 -39.75
N ARG L 28 26.34 36.73 -40.30
CA ARG L 28 25.71 37.00 -41.59
C ARG L 28 26.41 36.20 -42.69
N TYR L 29 27.73 36.03 -42.60
CA TYR L 29 28.50 35.29 -43.59
C TYR L 29 28.09 33.82 -43.59
N SER L 30 28.03 33.19 -42.42
CA SER L 30 27.80 31.76 -42.36
C SER L 30 26.38 31.45 -42.80
N VAL L 31 25.41 32.28 -42.37
CA VAL L 31 24.02 32.06 -42.73
C VAL L 31 23.86 32.17 -44.25
N GLN L 32 24.49 33.19 -44.85
CA GLN L 32 24.39 33.37 -46.28
C GLN L 32 25.00 32.17 -47.00
N LYS L 33 26.26 31.84 -46.67
CA LYS L 33 26.98 30.77 -47.35
C LYS L 33 26.24 29.43 -47.20
N THR L 34 25.75 29.13 -45.99
CA THR L 34 24.97 27.94 -45.74
C THR L 34 23.81 27.83 -46.74
N ARG L 35 23.06 28.93 -46.90
CA ARG L 35 21.93 28.92 -47.81
C ARG L 35 22.39 28.70 -49.24
N GLU L 36 23.46 29.39 -49.64
CA GLU L 36 23.99 29.28 -51.00
C GLU L 36 24.48 27.85 -51.28
N ALA L 37 24.93 27.12 -50.25
CA ALA L 37 25.44 25.78 -50.48
C ALA L 37 24.31 24.77 -50.68
N GLY L 38 23.06 25.13 -50.35
CA GLY L 38 21.95 24.20 -50.52
C GLY L 38 21.36 23.70 -49.21
N PHE L 39 21.91 24.09 -48.06
CA PHE L 39 21.44 23.58 -46.79
C PHE L 39 20.11 24.23 -46.36
N ASP L 40 19.38 23.55 -45.46
CA ASP L 40 18.17 24.06 -44.85
C ASP L 40 18.43 24.68 -43.47
N LEU L 41 19.60 24.38 -42.87
CA LEU L 41 19.82 24.68 -41.46
C LEU L 41 21.30 25.01 -41.27
N VAL L 42 21.57 25.95 -40.37
CA VAL L 42 22.92 26.23 -39.95
C VAL L 42 22.99 25.94 -38.46
N GLU L 43 24.06 25.26 -38.05
CA GLU L 43 24.27 24.96 -36.64
C GLU L 43 25.37 25.88 -36.11
N PHE L 44 25.03 26.71 -35.10
CA PHE L 44 25.92 27.70 -34.56
C PHE L 44 26.72 27.11 -33.42
N PRO L 45 28.05 27.21 -33.45
CA PRO L 45 28.84 26.87 -32.28
C PRO L 45 28.81 27.98 -31.22
N LEU L 46 27.95 27.83 -30.22
CA LEU L 46 27.83 28.78 -29.13
C LEU L 46 28.87 28.51 -28.04
N MET L 47 30.16 28.62 -28.41
CA MET L 47 31.21 28.44 -27.41
C MET L 47 31.12 29.55 -26.36
N ASP L 48 30.63 30.73 -26.77
CA ASP L 48 30.30 31.80 -25.86
C ASP L 48 28.87 32.24 -26.17
N PRO L 49 27.86 31.66 -25.50
CA PRO L 49 26.48 32.11 -25.70
C PRO L 49 26.22 33.48 -25.07
N PHE L 50 27.12 33.95 -24.21
CA PHE L 50 26.94 35.21 -23.53
C PHE L 50 27.18 36.39 -24.47
N SER L 51 28.01 36.18 -25.51
CA SER L 51 28.40 37.27 -26.42
C SER L 51 27.88 37.04 -27.84
N PHE L 52 26.86 36.20 -28.02
CA PHE L 52 26.38 35.85 -29.35
C PHE L 52 25.24 36.79 -29.77
N ASP L 53 25.42 37.49 -30.88
CA ASP L 53 24.48 38.51 -31.31
C ASP L 53 23.19 37.88 -31.85
N VAL L 54 22.23 37.63 -30.97
CA VAL L 54 20.98 36.96 -31.31
C VAL L 54 20.21 37.76 -32.35
N GLN L 55 20.16 39.09 -32.19
CA GLN L 55 19.37 39.92 -33.08
C GLN L 55 19.82 39.77 -34.53
N THR L 56 21.14 39.87 -34.75
CA THR L 56 21.71 39.76 -36.09
C THR L 56 21.36 38.39 -36.70
N ALA L 57 21.39 37.35 -35.88
CA ALA L 57 21.16 35.99 -36.34
C ALA L 57 19.68 35.80 -36.72
N LYS L 58 18.74 36.25 -35.89
CA LYS L 58 17.34 36.09 -36.26
C LYS L 58 17.04 36.88 -37.52
N SER L 59 17.70 38.04 -37.67
CA SER L 59 17.59 38.81 -38.90
C SER L 59 18.11 38.01 -40.10
N ALA L 60 19.32 37.47 -39.97
CA ALA L 60 19.99 36.77 -41.06
C ALA L 60 19.22 35.51 -41.48
N LEU L 61 18.76 34.71 -40.52
CA LEU L 61 18.02 33.49 -40.84
C LEU L 61 16.73 33.83 -41.58
N ALA L 62 16.01 34.85 -41.11
CA ALA L 62 14.79 35.28 -41.76
C ALA L 62 15.04 35.69 -43.21
N GLU L 63 16.05 36.54 -43.42
CA GLU L 63 16.36 37.03 -44.75
C GLU L 63 16.55 35.86 -45.72
N HIS L 64 17.31 34.85 -45.26
CA HIS L 64 17.70 33.72 -46.10
C HIS L 64 16.79 32.50 -45.93
N GLY L 65 15.76 32.57 -45.08
CA GLY L 65 14.77 31.51 -45.02
C GLY L 65 15.37 30.20 -44.52
N LEU L 66 16.19 30.34 -43.47
CA LEU L 66 17.04 29.26 -42.98
C LEU L 66 16.70 28.98 -41.52
N ALA L 67 16.87 27.72 -41.12
CA ALA L 67 16.66 27.31 -39.74
C ALA L 67 18.00 27.30 -39.00
N ALA L 68 17.91 27.12 -37.67
CA ALA L 68 19.10 27.21 -36.85
C ALA L 68 19.02 26.20 -35.71
N SER L 69 20.17 25.64 -35.38
CA SER L 69 20.37 24.95 -34.12
C SER L 69 21.74 25.37 -33.60
N ALA L 70 22.13 24.81 -32.46
CA ALA L 70 23.32 25.27 -31.80
C ALA L 70 23.95 24.13 -30.99
N SER L 71 25.24 23.93 -31.21
CA SER L 71 26.05 22.97 -30.46
C SER L 71 27.09 23.73 -29.66
N LEU L 72 27.82 22.97 -28.83
CA LEU L 72 28.70 23.56 -27.83
C LEU L 72 29.55 22.44 -27.26
N GLY L 73 30.74 22.80 -26.80
CA GLY L 73 31.53 21.89 -25.98
C GLY L 73 32.12 22.64 -24.79
N LEU L 74 31.98 22.08 -23.59
CA LEU L 74 32.44 22.74 -22.39
C LEU L 74 33.96 22.56 -22.25
N SER L 75 34.57 23.35 -21.37
CA SER L 75 35.98 23.26 -21.10
C SER L 75 36.22 23.03 -19.61
N ASP L 76 37.50 23.03 -19.21
CA ASP L 76 37.89 22.79 -17.82
C ASP L 76 37.08 23.64 -16.84
N ALA L 77 36.90 24.92 -17.17
CA ALA L 77 36.26 25.88 -16.26
C ALA L 77 34.76 25.66 -16.13
N THR L 78 34.16 24.85 -17.02
CA THR L 78 32.72 24.68 -17.12
C THR L 78 32.33 23.20 -17.11
N ASP L 79 33.21 22.35 -16.55
CA ASP L 79 33.04 20.91 -16.61
C ASP L 79 31.92 20.48 -15.66
N VAL L 80 30.75 20.12 -16.21
CA VAL L 80 29.67 19.64 -15.36
C VAL L 80 29.92 18.26 -14.76
N SER L 81 30.99 17.59 -15.21
CA SER L 81 31.42 16.31 -14.67
C SER L 81 32.52 16.49 -13.63
N SER L 82 32.78 17.75 -13.23
CA SER L 82 33.68 18.05 -12.12
C SER L 82 33.06 17.64 -10.78
N GLU L 83 33.93 17.31 -9.81
CA GLU L 83 33.51 17.12 -8.43
C GLU L 83 33.42 18.46 -7.69
N ASP L 84 33.96 19.53 -8.29
CA ASP L 84 33.96 20.88 -7.72
C ASP L 84 32.65 21.58 -8.02
N PRO L 85 31.76 21.83 -7.03
CA PRO L 85 30.41 22.29 -7.32
C PRO L 85 30.40 23.67 -7.96
N ALA L 86 31.44 24.47 -7.72
CA ALA L 86 31.55 25.78 -8.36
C ALA L 86 31.66 25.60 -9.88
N VAL L 87 32.49 24.63 -10.29
CA VAL L 87 32.74 24.40 -11.71
C VAL L 87 31.51 23.79 -12.37
N VAL L 88 30.87 22.82 -11.71
CA VAL L 88 29.62 22.27 -12.23
C VAL L 88 28.61 23.39 -12.49
N LYS L 89 28.55 24.39 -11.59
CA LYS L 89 27.56 25.45 -11.68
C LYS L 89 27.91 26.47 -12.77
N ALA L 90 29.20 26.79 -12.94
CA ALA L 90 29.64 27.60 -14.06
C ALA L 90 29.15 27.03 -15.39
N GLY L 91 29.29 25.72 -15.58
CA GLY L 91 28.92 25.10 -16.84
C GLY L 91 27.41 25.08 -17.05
N GLU L 92 26.68 24.77 -15.98
CA GLU L 92 25.22 24.79 -16.02
C GLU L 92 24.72 26.20 -16.34
N GLU L 93 25.44 27.21 -15.84
CA GLU L 93 25.13 28.59 -16.19
C GLU L 93 25.40 28.81 -17.69
N LEU L 94 26.47 28.23 -18.21
CA LEU L 94 26.76 28.35 -19.64
C LEU L 94 25.71 27.59 -20.46
N LEU L 95 25.31 26.40 -20.02
CA LEU L 95 24.33 25.61 -20.78
C LEU L 95 22.98 26.31 -20.82
N ASN L 96 22.58 26.93 -19.71
CA ASN L 96 21.28 27.57 -19.61
C ASN L 96 21.21 28.81 -20.50
N ARG L 97 22.29 29.60 -20.57
CA ARG L 97 22.32 30.72 -21.50
C ARG L 97 22.23 30.25 -22.96
N ALA L 98 22.87 29.11 -23.28
CA ALA L 98 22.78 28.55 -24.64
C ALA L 98 21.34 28.13 -24.96
N VAL L 99 20.66 27.50 -24.00
CA VAL L 99 19.26 27.17 -24.14
C VAL L 99 18.44 28.45 -24.36
N ASP L 100 18.80 29.52 -23.63
CA ASP L 100 18.11 30.80 -23.79
C ASP L 100 18.32 31.40 -25.18
N VAL L 101 19.53 31.32 -25.71
CA VAL L 101 19.80 31.86 -27.03
C VAL L 101 18.92 31.16 -28.06
N LEU L 102 18.74 29.83 -27.90
CA LEU L 102 17.94 29.07 -28.85
C LEU L 102 16.45 29.42 -28.71
N ALA L 103 15.98 29.73 -27.50
CA ALA L 103 14.60 30.14 -27.31
C ALA L 103 14.33 31.48 -28.01
N GLU L 104 15.21 32.47 -27.79
CA GLU L 104 15.12 33.76 -28.49
C GLU L 104 15.12 33.57 -30.01
N LEU L 105 15.87 32.58 -30.53
CA LEU L 105 15.98 32.36 -31.96
C LEU L 105 14.76 31.68 -32.57
N GLY L 106 13.90 31.09 -31.73
CA GLY L 106 12.77 30.30 -32.22
C GLY L 106 13.17 28.87 -32.63
N ALA L 107 14.32 28.39 -32.14
CA ALA L 107 14.86 27.11 -32.56
C ALA L 107 14.52 26.01 -31.54
N THR L 108 14.76 24.76 -31.95
CA THR L 108 14.29 23.61 -31.18
C THR L 108 15.40 22.68 -30.72
N ASP L 109 16.60 22.75 -31.32
CA ASP L 109 17.62 21.73 -31.07
C ASP L 109 18.88 22.32 -30.48
N PHE L 110 19.30 21.73 -29.34
CA PHE L 110 20.55 22.02 -28.67
C PHE L 110 21.28 20.71 -28.45
N CYS L 111 22.57 20.66 -28.77
CA CYS L 111 23.31 19.41 -28.70
C CYS L 111 24.80 19.70 -28.52
N GLY L 112 25.61 18.64 -28.51
CA GLY L 112 27.04 18.79 -28.29
C GLY L 112 27.56 18.02 -27.06
N VAL L 113 28.79 18.37 -26.66
CA VAL L 113 29.41 17.74 -25.51
C VAL L 113 29.13 18.59 -24.28
N ILE L 114 27.94 18.35 -23.68
CA ILE L 114 27.39 19.18 -22.60
C ILE L 114 27.23 18.37 -21.32
N TYR L 115 27.79 17.14 -21.30
CA TYR L 115 27.83 16.30 -20.11
C TYR L 115 29.25 16.27 -19.52
N SER L 116 30.20 16.93 -20.18
CA SER L 116 31.57 16.99 -19.69
C SER L 116 32.32 18.05 -20.48
N ALA L 117 33.53 18.35 -20.01
CA ALA L 117 34.46 19.12 -20.81
C ALA L 117 34.75 18.36 -22.09
N MET L 118 34.92 19.10 -23.18
CA MET L 118 35.37 18.52 -24.42
C MET L 118 36.89 18.59 -24.47
N LYS L 119 37.56 17.52 -24.05
CA LYS L 119 39.01 17.53 -23.98
C LYS L 119 39.54 16.12 -23.83
N LYS L 120 40.88 16.01 -23.81
CA LYS L 120 41.59 14.79 -23.50
C LYS L 120 41.83 14.71 -21.99
N TYR L 121 40.92 14.01 -21.29
CA TYR L 121 41.07 13.74 -19.88
C TYR L 121 42.32 12.90 -19.66
N MET L 122 42.87 12.99 -18.46
CA MET L 122 44.05 12.19 -18.13
C MET L 122 43.68 11.19 -17.02
N GLU L 123 42.39 11.03 -16.73
CA GLU L 123 41.93 10.09 -15.73
C GLU L 123 40.57 9.56 -16.16
N PRO L 124 40.17 8.35 -15.74
CA PRO L 124 38.77 7.95 -15.84
C PRO L 124 37.81 8.91 -15.16
N ALA L 125 36.55 8.87 -15.63
CA ALA L 125 35.46 9.55 -14.95
C ALA L 125 35.27 8.92 -13.57
N THR L 126 35.03 9.78 -12.56
CA THR L 126 34.71 9.40 -11.19
C THR L 126 33.20 9.32 -10.99
N ALA L 127 32.75 8.53 -10.01
CA ALA L 127 31.32 8.31 -9.78
C ALA L 127 30.67 9.59 -9.26
N ALA L 128 31.39 10.33 -8.41
CA ALA L 128 30.90 11.61 -7.90
C ALA L 128 30.64 12.57 -9.08
N GLY L 129 31.67 12.81 -9.90
CA GLY L 129 31.60 13.71 -11.05
C GLY L 129 30.63 13.25 -12.14
N LEU L 130 30.32 11.96 -12.23
CA LEU L 130 29.30 11.45 -13.15
C LEU L 130 27.91 11.87 -12.67
N ALA L 131 27.63 11.65 -11.37
CA ALA L 131 26.36 12.07 -10.79
C ALA L 131 26.13 13.57 -10.98
N ASN L 132 27.13 14.39 -10.64
CA ASN L 132 27.08 15.82 -10.89
C ASN L 132 26.70 16.10 -12.35
N SER L 133 27.32 15.34 -13.27
CA SER L 133 27.01 15.45 -14.69
C SER L 133 25.52 15.16 -14.96
N LYS L 134 25.03 14.04 -14.42
CA LYS L 134 23.65 13.65 -14.65
C LYS L 134 22.69 14.70 -14.10
N ALA L 135 22.93 15.16 -12.87
CA ALA L 135 22.07 16.15 -12.24
C ALA L 135 22.06 17.46 -13.04
N ALA L 136 23.26 17.99 -13.34
CA ALA L 136 23.39 19.20 -14.16
C ALA L 136 22.56 19.07 -15.44
N VAL L 137 22.80 18.00 -16.21
CA VAL L 137 22.15 17.81 -17.50
C VAL L 137 20.64 17.64 -17.31
N GLY L 138 20.24 16.95 -16.24
CA GLY L 138 18.83 16.83 -15.89
C GLY L 138 18.16 18.19 -15.77
N ARG L 139 18.78 19.12 -15.04
CA ARG L 139 18.22 20.44 -14.82
C ARG L 139 18.16 21.22 -16.13
N VAL L 140 19.27 21.23 -16.89
CA VAL L 140 19.26 21.92 -18.18
C VAL L 140 18.10 21.40 -19.02
N ALA L 141 17.91 20.07 -19.03
CA ALA L 141 16.86 19.46 -19.85
C ALA L 141 15.49 19.91 -19.39
N ASP L 142 15.27 19.94 -18.07
CA ASP L 142 14.01 20.39 -17.49
C ASP L 142 13.72 21.83 -17.90
N ARG L 143 14.70 22.71 -17.70
CA ARG L 143 14.54 24.11 -18.05
C ARG L 143 14.33 24.27 -19.56
N ALA L 144 14.94 23.40 -20.36
CA ALA L 144 14.81 23.49 -21.80
C ALA L 144 13.51 22.83 -22.28
N SER L 145 12.92 21.96 -21.46
CA SER L 145 11.63 21.36 -21.77
C SER L 145 10.54 22.44 -21.78
N ASP L 146 10.55 23.29 -20.75
CA ASP L 146 9.57 24.36 -20.60
C ASP L 146 9.70 25.39 -21.72
N LEU L 147 10.88 25.49 -22.35
CA LEU L 147 11.10 26.45 -23.43
C LEU L 147 10.93 25.81 -24.82
N GLY L 148 10.50 24.55 -24.90
CA GLY L 148 10.26 23.88 -26.17
C GLY L 148 11.53 23.44 -26.91
N ILE L 149 12.59 23.10 -26.16
CA ILE L 149 13.88 22.81 -26.75
C ILE L 149 14.25 21.36 -26.48
N ASN L 150 14.72 20.67 -27.52
CA ASN L 150 15.31 19.35 -27.39
C ASN L 150 16.80 19.49 -27.08
N VAL L 151 17.25 18.67 -26.13
CA VAL L 151 18.66 18.56 -25.75
C VAL L 151 19.14 17.15 -26.08
N SER L 152 20.20 17.07 -26.91
CA SER L 152 20.78 15.82 -27.40
C SER L 152 22.25 15.72 -27.00
N LEU L 153 22.62 14.61 -26.35
CA LEU L 153 24.00 14.42 -25.89
C LEU L 153 24.83 13.75 -26.99
N GLU L 154 25.96 14.37 -27.35
CA GLU L 154 26.76 13.88 -28.46
C GLU L 154 27.77 12.86 -27.97
N VAL L 155 27.67 11.64 -28.49
CA VAL L 155 28.70 10.64 -28.27
C VAL L 155 29.94 11.06 -29.05
N VAL L 156 31.08 11.14 -28.34
CA VAL L 156 32.34 11.50 -28.96
C VAL L 156 33.40 10.50 -28.51
N ASN L 157 34.59 10.61 -29.10
CA ASN L 157 35.63 9.62 -28.96
C ASN L 157 36.48 9.84 -27.71
N ARG L 158 37.29 8.85 -27.36
CA ARG L 158 38.02 8.82 -26.10
C ARG L 158 38.88 10.06 -25.90
N TYR L 159 39.28 10.71 -26.98
CA TYR L 159 40.18 11.85 -26.85
C TYR L 159 39.45 13.13 -26.48
N GLU L 160 38.11 13.12 -26.59
CA GLU L 160 37.31 14.32 -26.41
C GLU L 160 36.35 14.26 -25.23
N THR L 161 36.15 13.07 -24.64
CA THR L 161 35.43 12.93 -23.38
C THR L 161 35.92 11.64 -22.77
N ASN L 162 35.68 11.45 -21.47
CA ASN L 162 35.85 10.14 -20.88
C ASN L 162 34.54 9.60 -20.35
N VAL L 163 33.42 10.25 -20.70
CA VAL L 163 32.11 9.92 -20.13
C VAL L 163 31.23 9.14 -21.13
N LEU L 164 30.85 9.77 -22.24
CA LEU L 164 30.02 9.12 -23.25
C LEU L 164 30.84 8.85 -24.51
N ASN L 165 31.33 7.61 -24.65
CA ASN L 165 32.12 7.20 -25.81
C ASN L 165 31.34 6.29 -26.76
N THR L 166 30.28 5.60 -26.29
CA THR L 166 29.50 4.74 -27.15
C THR L 166 28.01 5.03 -27.00
N GLY L 167 27.26 4.77 -28.08
CA GLY L 167 25.81 4.89 -28.05
C GLY L 167 25.19 4.12 -26.89
N ARG L 168 25.78 2.98 -26.54
CA ARG L 168 25.28 2.19 -25.42
C ARG L 168 25.43 2.98 -24.12
N GLN L 169 26.59 3.61 -23.90
CA GLN L 169 26.79 4.42 -22.72
C GLN L 169 25.77 5.56 -22.67
N ALA L 170 25.58 6.24 -23.81
CA ALA L 170 24.57 7.29 -23.96
C ALA L 170 23.19 6.79 -23.52
N LEU L 171 22.79 5.60 -23.99
CA LEU L 171 21.50 5.04 -23.66
C LEU L 171 21.34 4.84 -22.15
N ALA L 172 22.37 4.31 -21.49
CA ALA L 172 22.31 4.08 -20.04
C ALA L 172 22.26 5.42 -19.30
N TYR L 173 22.93 6.45 -19.82
CA TYR L 173 22.89 7.79 -19.25
C TYR L 173 21.45 8.32 -19.30
N LEU L 174 20.85 8.29 -20.48
CA LEU L 174 19.48 8.74 -20.67
C LEU L 174 18.48 7.92 -19.83
N GLU L 175 18.75 6.64 -19.58
CA GLU L 175 17.77 5.81 -18.90
C GLU L 175 17.66 6.19 -17.43
N GLU L 176 18.76 6.64 -16.82
CA GLU L 176 18.74 7.13 -15.45
C GLU L 176 17.94 8.42 -15.33
N LEU L 177 18.11 9.36 -16.28
CA LEU L 177 17.52 10.69 -16.14
C LEU L 177 16.05 10.69 -16.53
N ASN L 178 15.66 9.82 -17.47
CA ASN L 178 14.28 9.71 -17.94
C ASN L 178 13.65 11.09 -18.13
N ARG L 179 14.23 11.88 -19.04
CA ARG L 179 13.60 13.13 -19.43
C ARG L 179 13.08 12.98 -20.86
N PRO L 180 11.82 13.36 -21.12
CA PRO L 180 11.21 13.14 -22.43
C PRO L 180 11.83 13.91 -23.60
N ASN L 181 12.56 15.00 -23.34
CA ASN L 181 13.14 15.78 -24.42
C ASN L 181 14.64 15.57 -24.55
N LEU L 182 15.24 14.68 -23.73
CA LEU L 182 16.67 14.41 -23.76
C LEU L 182 16.93 13.22 -24.69
N GLY L 183 17.77 13.44 -25.71
CA GLY L 183 18.06 12.45 -26.73
C GLY L 183 19.57 12.24 -26.94
N ILE L 184 19.89 11.38 -27.93
CA ILE L 184 21.27 11.06 -28.26
C ILE L 184 21.64 11.63 -29.62
N HIS L 185 22.90 12.05 -29.71
CA HIS L 185 23.48 12.67 -30.89
C HIS L 185 24.68 11.86 -31.32
N LEU L 186 24.62 11.32 -32.54
CA LEU L 186 25.67 10.47 -33.07
C LEU L 186 26.38 11.18 -34.23
N ASP L 187 27.69 10.99 -34.29
CA ASP L 187 28.54 11.63 -35.27
C ASP L 187 29.41 10.58 -35.98
N THR L 188 29.28 10.49 -37.31
CA THR L 188 29.92 9.40 -38.04
C THR L 188 31.43 9.36 -37.78
N TYR L 189 32.05 10.53 -37.60
CA TYR L 189 33.46 10.65 -37.26
C TYR L 189 33.76 9.88 -35.98
N HIS L 190 32.97 10.10 -34.92
CA HIS L 190 33.23 9.46 -33.64
C HIS L 190 32.84 7.98 -33.65
N MET L 191 31.73 7.65 -34.31
CA MET L 191 31.29 6.26 -34.46
C MET L 191 32.39 5.43 -35.12
N ASN L 192 33.07 6.01 -36.11
CA ASN L 192 34.12 5.37 -36.89
C ASN L 192 35.35 4.99 -36.06
N ILE L 193 35.44 5.50 -34.82
CA ILE L 193 36.52 5.12 -33.91
C ILE L 193 36.03 4.09 -32.89
N GLU L 194 34.95 4.41 -32.17
CA GLU L 194 34.64 3.74 -30.91
C GLU L 194 33.64 2.59 -31.07
N GLU L 195 32.77 2.65 -32.09
CA GLU L 195 31.67 1.72 -32.21
C GLU L 195 32.14 0.42 -32.88
N SER L 196 31.29 -0.61 -32.83
CA SER L 196 31.62 -1.92 -33.36
C SER L 196 31.27 -2.04 -34.84
N ASP L 197 30.39 -1.17 -35.32
CA ASP L 197 29.94 -1.18 -36.70
C ASP L 197 29.07 0.06 -36.87
N MET L 198 28.57 0.32 -38.08
CA MET L 198 27.91 1.60 -38.28
C MET L 198 26.40 1.46 -38.22
N PHE L 199 25.86 0.26 -38.02
CA PHE L 199 24.41 0.10 -38.01
C PHE L 199 23.84 -0.21 -36.62
N SER L 200 24.58 -0.93 -35.78
CA SER L 200 24.01 -1.38 -34.52
C SER L 200 23.81 -0.22 -33.57
N PRO L 201 24.68 0.80 -33.49
CA PRO L 201 24.39 1.94 -32.62
C PRO L 201 23.08 2.63 -32.98
N ILE L 202 22.76 2.71 -34.28
CA ILE L 202 21.53 3.37 -34.71
C ILE L 202 20.33 2.51 -34.35
N LEU L 203 20.43 1.20 -34.55
CA LEU L 203 19.33 0.32 -34.19
C LEU L 203 19.16 0.30 -32.68
N ASP L 204 20.26 0.26 -31.92
CA ASP L 204 20.17 0.24 -30.47
C ASP L 204 19.57 1.53 -29.93
N THR L 205 19.85 2.68 -30.58
CA THR L 205 19.40 3.99 -30.10
C THR L 205 18.10 4.44 -30.77
N ALA L 206 17.46 3.56 -31.55
CA ALA L 206 16.39 3.94 -32.48
C ALA L 206 15.55 5.10 -31.95
N GLU L 207 14.91 4.91 -30.80
CA GLU L 207 13.90 5.88 -30.37
C GLU L 207 14.56 7.15 -29.81
N ALA L 208 15.72 7.01 -29.16
CA ALA L 208 16.38 8.15 -28.54
C ALA L 208 17.26 8.98 -29.49
N LEU L 209 17.49 8.51 -30.73
CA LEU L 209 18.38 9.23 -31.63
C LEU L 209 17.67 10.46 -32.17
N ARG L 210 18.21 11.66 -31.88
CA ARG L 210 17.50 12.89 -32.21
C ARG L 210 18.34 13.91 -32.99
N TYR L 211 19.62 13.61 -33.26
CA TYR L 211 20.49 14.52 -33.99
C TYR L 211 21.65 13.74 -34.56
N VAL L 212 22.04 14.05 -35.81
CA VAL L 212 23.08 13.30 -36.49
C VAL L 212 24.10 14.25 -37.12
N HIS L 213 25.39 13.97 -36.89
CA HIS L 213 26.49 14.64 -37.58
C HIS L 213 27.07 13.75 -38.68
N ILE L 214 27.30 14.36 -39.85
CA ILE L 214 27.95 13.71 -40.98
C ILE L 214 29.35 14.29 -41.11
N GLY L 215 30.34 13.49 -40.71
CA GLY L 215 31.74 13.84 -40.78
C GLY L 215 32.63 12.71 -41.29
N GLU L 216 33.56 13.05 -42.17
CA GLU L 216 34.48 12.05 -42.71
C GLU L 216 35.49 11.66 -41.62
N SER L 217 36.22 10.56 -41.84
CA SER L 217 37.12 10.02 -40.82
C SER L 217 38.18 11.04 -40.39
N HIS L 218 38.61 11.89 -41.33
CA HIS L 218 39.60 12.91 -41.03
C HIS L 218 38.98 14.31 -40.91
N ARG L 219 37.64 14.38 -41.06
CA ARG L 219 36.82 15.58 -40.97
C ARG L 219 36.94 16.47 -42.22
N GLY L 220 37.37 15.89 -43.36
CA GLY L 220 37.50 16.62 -44.62
C GLY L 220 36.30 16.42 -45.56
N TYR L 221 36.55 16.41 -46.86
CA TYR L 221 35.52 16.13 -47.83
C TYR L 221 34.87 14.78 -47.59
N LEU L 222 33.57 14.71 -47.83
CA LEU L 222 32.86 13.46 -47.67
C LEU L 222 33.28 12.49 -48.77
N GLY L 223 33.55 11.23 -48.37
CA GLY L 223 33.92 10.18 -49.31
C GLY L 223 35.39 10.20 -49.72
N THR L 224 36.24 10.82 -48.90
CA THR L 224 37.68 10.83 -49.12
C THR L 224 38.42 10.23 -47.92
N GLY L 225 37.72 9.40 -47.12
CA GLY L 225 38.26 8.85 -45.89
C GLY L 225 37.72 7.44 -45.63
N SER L 226 37.60 7.06 -44.37
CA SER L 226 37.37 5.66 -44.01
C SER L 226 35.99 5.41 -43.41
N VAL L 227 35.05 6.36 -43.54
CA VAL L 227 33.77 6.21 -42.86
C VAL L 227 32.78 5.47 -43.76
N ASP L 228 32.09 4.51 -43.16
CA ASP L 228 31.10 3.70 -43.84
C ASP L 228 29.75 4.43 -43.80
N PHE L 229 29.55 5.31 -44.79
CA PHE L 229 28.34 6.12 -44.88
C PHE L 229 27.17 5.30 -45.40
N ASP L 230 27.44 4.28 -46.22
CA ASP L 230 26.37 3.47 -46.78
C ASP L 230 25.66 2.63 -45.73
N THR L 231 26.41 1.89 -44.89
CA THR L 231 25.80 1.21 -43.76
C THR L 231 25.07 2.20 -42.87
N PHE L 232 25.72 3.33 -42.57
CA PHE L 232 25.12 4.30 -41.68
C PHE L 232 23.76 4.75 -42.18
N PHE L 233 23.66 5.12 -43.46
CA PHE L 233 22.43 5.71 -43.95
C PHE L 233 21.33 4.66 -44.07
N LYS L 234 21.66 3.50 -44.62
CA LYS L 234 20.69 2.42 -44.71
C LYS L 234 20.04 2.19 -43.35
N ALA L 235 20.84 2.15 -42.29
CA ALA L 235 20.31 1.93 -40.95
C ALA L 235 19.46 3.10 -40.47
N LEU L 236 19.89 4.34 -40.75
CA LEU L 236 19.03 5.50 -40.47
C LEU L 236 17.67 5.23 -41.11
N GLY L 237 17.66 4.74 -42.35
CA GLY L 237 16.41 4.54 -43.06
C GLY L 237 15.58 3.43 -42.43
N ARG L 238 16.26 2.41 -41.91
CA ARG L 238 15.56 1.27 -41.34
C ARG L 238 14.72 1.69 -40.12
N ILE L 239 15.26 2.57 -39.26
CA ILE L 239 14.53 3.05 -38.10
C ILE L 239 13.67 4.27 -38.42
N GLY L 240 13.54 4.65 -39.69
CA GLY L 240 12.71 5.80 -40.06
C GLY L 240 13.10 7.09 -39.35
N TYR L 241 14.40 7.37 -39.27
CA TYR L 241 14.89 8.60 -38.67
C TYR L 241 14.52 9.79 -39.54
N ASP L 242 14.05 10.88 -38.89
CA ASP L 242 13.73 12.10 -39.61
C ASP L 242 14.04 13.34 -38.78
N GLY L 243 15.05 13.24 -37.92
CA GLY L 243 15.63 14.42 -37.30
C GLY L 243 16.60 15.14 -38.24
N PRO L 244 17.36 16.09 -37.67
CA PRO L 244 18.37 16.81 -38.45
C PRO L 244 19.58 15.94 -38.82
N VAL L 245 20.16 16.27 -39.96
CA VAL L 245 21.36 15.63 -40.48
C VAL L 245 22.30 16.77 -40.92
N VAL L 246 23.39 16.96 -40.18
CA VAL L 246 24.20 18.16 -40.31
C VAL L 246 25.62 17.80 -40.73
N PHE L 247 26.08 18.43 -41.81
CA PHE L 247 27.47 18.32 -42.26
C PHE L 247 28.41 18.99 -41.26
N GLU L 248 29.56 18.37 -41.02
CA GLU L 248 30.56 18.93 -40.12
C GLU L 248 31.95 18.69 -40.69
N SER L 249 32.81 19.72 -40.68
CA SER L 249 34.12 19.65 -41.32
C SER L 249 35.06 20.71 -40.77
N PHE L 250 36.34 20.35 -40.59
CA PHE L 250 37.31 21.27 -40.01
C PHE L 250 38.62 21.27 -40.79
N SER L 251 39.14 22.47 -41.05
CA SER L 251 40.37 22.62 -41.81
C SER L 251 41.17 23.79 -41.28
N SER L 252 42.49 23.72 -41.49
CA SER L 252 43.42 24.81 -41.25
C SER L 252 42.90 26.13 -41.81
N SER L 253 42.20 26.10 -42.95
CA SER L 253 41.84 27.31 -43.68
C SER L 253 40.80 28.16 -42.94
N VAL L 254 40.07 27.59 -41.98
CA VAL L 254 39.10 28.33 -41.21
C VAL L 254 39.29 28.00 -39.73
N VAL L 255 39.80 28.96 -38.96
CA VAL L 255 40.25 28.73 -37.60
C VAL L 255 39.36 29.47 -36.59
N ALA L 256 38.87 28.71 -35.60
CA ALA L 256 38.27 29.23 -34.38
C ALA L 256 39.31 29.24 -33.27
N PRO L 257 39.48 30.35 -32.52
CA PRO L 257 40.51 30.41 -31.49
C PRO L 257 40.32 29.37 -30.38
N ASP L 258 39.06 29.10 -30.00
CA ASP L 258 38.79 28.06 -29.03
C ASP L 258 38.82 26.68 -29.71
N LEU L 259 37.86 26.48 -30.61
CA LEU L 259 37.42 25.15 -31.00
C LEU L 259 38.52 24.44 -31.79
N SER L 260 39.10 25.13 -32.77
CA SER L 260 40.14 24.56 -33.62
C SER L 260 41.26 23.92 -32.78
N ARG L 261 41.61 24.50 -31.65
CA ARG L 261 42.68 23.94 -30.83
C ARG L 261 42.18 22.73 -30.03
N MET L 262 40.91 22.75 -29.63
CA MET L 262 40.31 21.66 -28.87
C MET L 262 40.16 20.40 -29.72
N LEU L 263 39.81 20.56 -31.02
CA LEU L 263 39.56 19.44 -31.91
C LEU L 263 40.83 18.95 -32.63
N GLY L 264 41.98 19.57 -32.36
CA GLY L 264 43.25 19.13 -32.94
C GLY L 264 43.32 19.31 -34.46
N ILE L 265 42.92 20.50 -34.95
CA ILE L 265 42.86 20.74 -36.39
C ILE L 265 44.21 21.29 -36.83
N TRP L 266 45.17 20.38 -36.96
CA TRP L 266 46.51 20.75 -37.35
C TRP L 266 46.66 20.91 -38.87
N ARG L 267 45.77 20.32 -39.68
CA ARG L 267 46.04 20.04 -41.09
C ARG L 267 45.09 20.82 -42.02
N ASN L 268 45.56 21.08 -43.23
CA ASN L 268 44.73 21.60 -44.30
C ASN L 268 44.00 20.44 -44.97
N LEU L 269 42.66 20.45 -44.89
CA LEU L 269 41.87 19.42 -45.57
C LEU L 269 40.96 20.01 -46.64
N TRP L 270 40.99 21.33 -46.80
CA TRP L 270 40.27 22.02 -47.87
C TRP L 270 40.62 23.49 -47.80
N ALA L 271 40.64 24.15 -48.96
CA ALA L 271 40.88 25.58 -49.04
C ALA L 271 39.62 26.33 -49.47
N ASP L 272 38.86 25.74 -50.39
CA ASP L 272 37.65 26.33 -50.95
C ASP L 272 36.44 25.77 -50.20
N ASN L 273 35.90 26.54 -49.26
CA ASN L 273 34.78 26.02 -48.50
C ASN L 273 33.48 26.06 -49.28
N GLU L 274 33.32 26.96 -50.25
CA GLU L 274 32.09 26.99 -51.04
C GLU L 274 31.93 25.70 -51.84
N GLU L 275 33.05 25.18 -52.37
CA GLU L 275 33.06 23.90 -53.06
C GLU L 275 32.75 22.77 -52.09
N LEU L 276 33.38 22.80 -50.91
CA LEU L 276 33.15 21.77 -49.90
C LEU L 276 31.68 21.69 -49.53
N GLY L 277 31.04 22.85 -49.31
CA GLY L 277 29.70 22.88 -48.76
C GLY L 277 28.67 22.40 -49.78
N ALA L 278 28.82 22.83 -51.04
CA ALA L 278 27.93 22.39 -52.10
C ALA L 278 28.09 20.88 -52.32
N HIS L 279 29.36 20.41 -52.31
CA HIS L 279 29.63 18.98 -52.46
C HIS L 279 28.96 18.20 -51.34
N ALA L 280 29.06 18.70 -50.09
CA ALA L 280 28.54 17.98 -48.94
C ALA L 280 27.01 18.02 -48.90
N ASN L 281 26.40 19.13 -49.30
CA ASN L 281 24.95 19.16 -49.35
C ASN L 281 24.42 18.14 -50.34
N ALA L 282 25.06 18.01 -51.50
CA ALA L 282 24.64 17.04 -52.49
C ALA L 282 24.89 15.60 -51.98
N PHE L 283 26.04 15.38 -51.34
CA PHE L 283 26.39 14.05 -50.85
C PHE L 283 25.30 13.56 -49.91
N ILE L 284 24.93 14.37 -48.93
CA ILE L 284 23.96 13.97 -47.92
C ILE L 284 22.58 13.76 -48.55
N ARG L 285 22.14 14.70 -49.41
CA ARG L 285 20.81 14.66 -49.99
C ARG L 285 20.66 13.43 -50.87
N ASP L 286 21.72 13.08 -51.61
CA ASP L 286 21.65 11.95 -52.53
C ASP L 286 21.68 10.62 -51.79
N LYS L 287 22.35 10.55 -50.63
CA LYS L 287 22.31 9.36 -49.78
C LYS L 287 20.90 9.13 -49.23
N LEU L 288 20.23 10.20 -48.78
CA LEU L 288 18.88 10.07 -48.25
C LEU L 288 17.93 9.64 -49.36
N THR L 289 18.10 10.22 -50.55
CA THR L 289 17.29 9.88 -51.71
C THR L 289 17.40 8.38 -52.02
N ALA L 290 18.62 7.92 -52.27
CA ALA L 290 18.82 6.53 -52.69
C ALA L 290 18.32 5.55 -51.63
N ILE L 291 18.48 5.90 -50.35
CA ILE L 291 18.01 5.05 -49.26
C ILE L 291 16.49 4.93 -49.29
N LYS L 292 15.79 5.99 -49.68
CA LYS L 292 14.33 5.93 -49.78
C LYS L 292 13.89 4.85 -50.78
N THR L 293 14.72 4.56 -51.79
CA THR L 293 14.34 3.60 -52.81
C THR L 293 14.58 2.15 -52.40
N ILE L 294 15.34 1.91 -51.32
CA ILE L 294 15.41 0.57 -50.74
C ILE L 294 14.06 0.23 -50.11
N GLU L 295 13.42 1.22 -49.49
CA GLU L 295 12.27 1.03 -48.62
C GLU L 295 11.08 0.46 -49.38
N LEU L 296 10.92 0.86 -50.65
CA LEU L 296 9.72 0.61 -51.44
C LEU L 296 9.52 -0.87 -51.76
N GLU M 2 29.53 -12.34 52.56
CA GLU M 2 30.13 -13.49 53.29
C GLU M 2 31.53 -13.14 53.75
N VAL M 3 32.51 -13.14 52.84
CA VAL M 3 33.91 -13.05 53.21
C VAL M 3 34.44 -11.66 52.88
N LEU M 4 35.17 -11.07 53.84
CA LEU M 4 35.67 -9.71 53.72
C LEU M 4 36.75 -9.63 52.65
N PHE M 5 36.62 -8.68 51.72
CA PHE M 5 37.72 -8.39 50.82
C PHE M 5 38.84 -7.73 51.62
N GLN M 6 40.06 -8.27 51.49
CA GLN M 6 41.15 -7.92 52.40
C GLN M 6 42.13 -6.84 51.88
N GLY M 7 42.41 -6.68 50.55
CA GLY M 7 43.46 -5.80 50.05
C GLY M 7 43.03 -4.35 50.06
N PRO M 8 43.87 -3.50 49.52
CA PRO M 8 43.57 -2.06 49.48
C PRO M 8 42.60 -1.57 48.41
N MET M 9 42.55 -2.16 47.20
CA MET M 9 41.75 -1.54 46.15
C MET M 9 40.29 -2.02 46.27
N LYS M 10 39.54 -1.31 47.11
CA LYS M 10 38.19 -1.71 47.44
C LYS M 10 37.23 -0.92 46.57
N ILE M 11 36.38 -1.64 45.84
CA ILE M 11 35.34 -1.03 45.05
C ILE M 11 34.15 -0.81 45.96
N GLY M 12 33.68 0.44 46.09
CA GLY M 12 32.75 0.79 47.14
C GLY M 12 31.54 1.53 46.59
N CYS M 13 30.57 1.76 47.47
CA CYS M 13 29.34 2.44 47.09
C CYS M 13 28.96 3.41 48.21
N HIS M 14 28.74 4.67 47.82
CA HIS M 14 28.26 5.70 48.73
C HIS M 14 26.83 5.38 49.18
N GLY M 15 26.49 5.75 50.41
CA GLY M 15 25.27 5.27 51.05
C GLY M 15 23.99 5.85 50.44
N LEU M 16 24.06 7.03 49.81
CA LEU M 16 22.85 7.65 49.27
C LEU M 16 22.33 7.02 47.99
N VAL M 17 23.02 6.02 47.43
CA VAL M 17 22.38 5.16 46.45
C VAL M 17 21.15 4.47 47.07
N TRP M 18 21.20 4.23 48.40
CA TRP M 18 20.29 3.33 49.08
C TRP M 18 19.30 4.06 49.98
N THR M 19 19.76 5.08 50.71
CA THR M 19 18.92 5.71 51.72
C THR M 19 19.46 7.10 52.03
N GLY M 20 18.60 7.93 52.61
CA GLY M 20 19.03 9.23 53.10
C GLY M 20 19.12 9.29 54.62
N HIS M 21 18.69 8.23 55.28
CA HIS M 21 18.56 8.22 56.73
C HIS M 21 19.36 7.05 57.28
N PHE M 22 20.36 7.34 58.11
CA PHE M 22 21.26 6.32 58.62
C PHE M 22 21.05 6.07 60.12
N ASP M 23 19.78 5.94 60.52
CA ASP M 23 19.39 5.24 61.74
C ASP M 23 19.77 3.77 61.56
N ALA M 24 19.46 2.92 62.55
CA ALA M 24 19.84 1.52 62.47
C ALA M 24 19.29 0.85 61.20
N GLU M 25 18.04 1.19 60.83
CA GLU M 25 17.39 0.57 59.70
C GLU M 25 18.16 0.88 58.41
N GLY M 26 18.43 2.17 58.18
CA GLY M 26 19.12 2.59 56.98
C GLY M 26 20.54 2.03 56.91
N ILE M 27 21.22 1.93 58.06
CA ILE M 27 22.54 1.35 58.11
C ILE M 27 22.46 -0.11 57.67
N ARG M 28 21.53 -0.86 58.24
CA ARG M 28 21.36 -2.26 57.90
C ARG M 28 20.97 -2.41 56.44
N TYR M 29 19.99 -1.61 56.01
CA TYR M 29 19.52 -1.65 54.64
C TYR M 29 20.69 -1.40 53.67
N SER M 30 21.49 -0.39 53.97
CA SER M 30 22.48 0.08 53.00
C SER M 30 23.70 -0.82 52.96
N VAL M 31 24.03 -1.47 54.09
CA VAL M 31 25.14 -2.42 54.09
C VAL M 31 24.75 -3.68 53.32
N GLN M 32 23.53 -4.17 53.52
CA GLN M 32 23.07 -5.37 52.83
C GLN M 32 23.04 -5.15 51.32
N LYS M 33 22.39 -4.07 50.85
CA LYS M 33 22.28 -3.80 49.43
C LYS M 33 23.66 -3.55 48.81
N THR M 34 24.55 -2.89 49.56
CA THR M 34 25.89 -2.64 49.04
C THR M 34 26.61 -3.97 48.79
N ARG M 35 26.53 -4.87 49.75
CA ARG M 35 27.09 -6.19 49.58
C ARG M 35 26.37 -6.88 48.43
N GLU M 36 25.04 -6.78 48.41
CA GLU M 36 24.21 -7.47 47.42
C GLU M 36 24.55 -7.00 46.00
N ALA M 37 24.81 -5.70 45.82
CA ALA M 37 25.15 -5.16 44.51
C ALA M 37 26.50 -5.67 44.01
N GLY M 38 27.38 -6.10 44.92
CA GLY M 38 28.67 -6.66 44.54
C GLY M 38 29.86 -5.87 45.09
N PHE M 39 29.62 -4.76 45.80
CA PHE M 39 30.69 -3.90 46.25
C PHE M 39 31.47 -4.54 47.39
N ASP M 40 32.66 -3.99 47.64
CA ASP M 40 33.51 -4.37 48.76
C ASP M 40 33.36 -3.42 49.94
N LEU M 41 32.76 -2.24 49.72
CA LEU M 41 32.82 -1.19 50.73
C LEU M 41 31.57 -0.33 50.62
N VAL M 42 31.25 0.30 51.73
CA VAL M 42 30.16 1.26 51.81
C VAL M 42 30.74 2.49 52.48
N GLU M 43 30.39 3.65 51.94
CA GLU M 43 30.86 4.92 52.46
C GLU M 43 29.69 5.62 53.15
N PHE M 44 29.74 5.67 54.48
CA PHE M 44 28.67 6.28 55.26
C PHE M 44 28.78 7.79 55.19
N PRO M 45 27.72 8.51 54.80
CA PRO M 45 27.72 9.96 54.92
C PRO M 45 27.43 10.43 56.35
N LEU M 46 28.51 10.73 57.08
CA LEU M 46 28.43 11.14 58.48
C LEU M 46 28.15 12.63 58.60
N MET M 47 27.04 13.07 58.01
CA MET M 47 26.62 14.44 58.20
C MET M 47 26.47 14.72 59.70
N ASP M 48 25.88 13.78 60.44
CA ASP M 48 25.74 13.91 61.88
C ASP M 48 26.45 12.74 62.56
N PRO M 49 27.73 12.87 62.91
CA PRO M 49 28.47 11.76 63.49
C PRO M 49 28.21 11.55 64.98
N PHE M 50 27.62 12.54 65.66
CA PHE M 50 27.30 12.38 67.08
C PHE M 50 26.20 11.34 67.28
N SER M 51 25.18 11.38 66.40
CA SER M 51 24.03 10.50 66.51
C SER M 51 24.10 9.33 65.52
N PHE M 52 25.31 8.83 65.24
CA PHE M 52 25.45 7.70 64.36
C PHE M 52 25.53 6.42 65.20
N ASP M 53 24.81 5.38 64.77
CA ASP M 53 24.68 4.17 65.55
C ASP M 53 25.84 3.22 65.19
N VAL M 54 26.91 3.29 65.97
CA VAL M 54 28.14 2.56 65.65
C VAL M 54 27.95 1.06 65.84
N GLN M 55 27.27 0.65 66.92
CA GLN M 55 27.15 -0.78 67.22
C GLN M 55 26.37 -1.50 66.12
N THR M 56 25.24 -0.92 65.68
CA THR M 56 24.52 -1.47 64.54
C THR M 56 25.43 -1.57 63.30
N ALA M 57 26.25 -0.55 63.07
CA ALA M 57 27.14 -0.56 61.92
C ALA M 57 28.07 -1.76 62.01
N LYS M 58 28.79 -1.90 63.13
CA LYS M 58 29.76 -2.98 63.30
C LYS M 58 29.11 -4.33 63.02
N SER M 59 27.90 -4.50 63.55
CA SER M 59 27.07 -5.68 63.35
C SER M 59 26.81 -5.93 61.87
N ALA M 60 26.31 -4.91 61.17
CA ALA M 60 25.94 -5.08 59.76
C ALA M 60 27.16 -5.37 58.90
N LEU M 61 28.25 -4.62 59.13
CA LEU M 61 29.48 -4.79 58.37
C LEU M 61 30.00 -6.23 58.50
N ALA M 62 30.07 -6.75 59.74
CA ALA M 62 30.60 -8.09 59.98
C ALA M 62 29.66 -9.13 59.38
N GLU M 63 28.35 -8.94 59.57
CA GLU M 63 27.37 -9.85 59.02
C GLU M 63 27.57 -10.05 57.51
N HIS M 64 27.78 -8.95 56.77
CA HIS M 64 27.86 -8.99 55.31
C HIS M 64 29.29 -8.94 54.76
N GLY M 65 30.32 -9.09 55.60
CA GLY M 65 31.68 -9.14 55.11
C GLY M 65 32.08 -7.90 54.31
N LEU M 66 31.77 -6.72 54.85
CA LEU M 66 31.89 -5.48 54.10
C LEU M 66 32.75 -4.48 54.86
N ALA M 67 33.68 -3.85 54.14
CA ALA M 67 34.48 -2.76 54.71
C ALA M 67 33.66 -1.47 54.76
N ALA M 68 34.16 -0.47 55.49
CA ALA M 68 33.47 0.81 55.57
C ALA M 68 34.46 1.96 55.54
N SER M 69 33.93 3.11 55.10
CA SER M 69 34.58 4.40 55.20
C SER M 69 33.50 5.44 55.40
N ALA M 70 33.88 6.68 55.71
CA ALA M 70 32.90 7.74 55.91
C ALA M 70 33.32 8.99 55.18
N SER M 71 32.32 9.73 54.70
CA SER M 71 32.53 11.01 54.06
C SER M 71 31.58 12.02 54.70
N LEU M 72 31.85 13.31 54.47
CA LEU M 72 31.22 14.34 55.27
C LEU M 72 31.45 15.69 54.61
N GLY M 73 30.44 16.55 54.72
CA GLY M 73 30.54 17.92 54.24
C GLY M 73 30.12 18.91 55.31
N LEU M 74 31.02 19.83 55.67
CA LEU M 74 30.70 20.84 56.68
C LEU M 74 29.69 21.83 56.12
N SER M 75 29.36 22.81 56.94
CA SER M 75 28.28 23.73 56.64
C SER M 75 28.58 25.04 57.35
N ASP M 76 27.64 25.99 57.29
CA ASP M 76 27.87 27.32 57.84
C ASP M 76 28.28 27.25 59.31
N ALA M 77 27.50 26.53 60.12
CA ALA M 77 27.76 26.42 61.55
C ALA M 77 29.12 25.78 61.87
N THR M 78 29.72 25.04 60.91
CA THR M 78 30.90 24.24 61.20
C THR M 78 32.08 24.59 60.30
N ASP M 79 31.98 25.67 59.54
CA ASP M 79 32.97 26.00 58.52
C ASP M 79 34.34 26.19 59.16
N VAL M 80 35.28 25.26 58.96
CA VAL M 80 36.61 25.45 59.54
C VAL M 80 37.39 26.54 58.82
N SER M 81 36.83 27.10 57.74
CA SER M 81 37.45 28.22 57.06
C SER M 81 36.80 29.54 57.45
N SER M 82 35.92 29.53 58.46
CA SER M 82 35.40 30.77 59.03
C SER M 82 36.54 31.54 59.69
N GLU M 83 36.36 32.86 59.83
CA GLU M 83 37.31 33.67 60.57
C GLU M 83 36.93 33.74 62.06
N ASP M 84 35.72 33.25 62.38
CA ASP M 84 35.21 33.21 63.75
C ASP M 84 35.69 31.92 64.39
N PRO M 85 36.60 31.98 65.38
CA PRO M 85 37.14 30.75 65.98
C PRO M 85 36.09 29.86 66.65
N ALA M 86 34.98 30.44 67.10
CA ALA M 86 33.89 29.63 67.64
C ALA M 86 33.40 28.65 66.58
N VAL M 87 33.34 29.10 65.32
CA VAL M 87 32.79 28.28 64.25
C VAL M 87 33.81 27.22 63.84
N VAL M 88 35.08 27.63 63.74
CA VAL M 88 36.15 26.69 63.40
C VAL M 88 36.16 25.53 64.40
N LYS M 89 36.06 25.86 65.69
CA LYS M 89 36.11 24.85 66.73
C LYS M 89 34.89 23.92 66.66
N ALA M 90 33.72 24.45 66.31
CA ALA M 90 32.55 23.61 66.16
C ALA M 90 32.71 22.66 64.97
N GLY M 91 33.45 23.09 63.94
CA GLY M 91 33.81 22.19 62.86
C GLY M 91 34.86 21.18 63.30
N GLU M 92 35.90 21.66 64.01
CA GLU M 92 36.95 20.77 64.48
C GLU M 92 36.41 19.72 65.45
N GLU M 93 35.41 20.08 66.25
CA GLU M 93 34.74 19.16 67.16
C GLU M 93 33.93 18.11 66.36
N LEU M 94 33.27 18.56 65.28
CA LEU M 94 32.43 17.69 64.45
C LEU M 94 33.30 16.70 63.71
N LEU M 95 34.42 17.17 63.15
CA LEU M 95 35.34 16.31 62.40
C LEU M 95 35.89 15.22 63.32
N ASN M 96 36.29 15.62 64.54
CA ASN M 96 36.95 14.73 65.49
C ASN M 96 36.07 13.56 65.89
N ARG M 97 34.80 13.83 66.18
CA ARG M 97 33.83 12.77 66.45
C ARG M 97 33.71 11.82 65.26
N ALA M 98 33.75 12.36 64.03
CA ALA M 98 33.67 11.53 62.83
C ALA M 98 34.89 10.61 62.75
N VAL M 99 36.08 11.17 62.96
CA VAL M 99 37.29 10.37 63.15
C VAL M 99 36.99 9.23 64.13
N ASP M 100 36.40 9.58 65.28
CA ASP M 100 36.23 8.63 66.36
C ASP M 100 35.31 7.49 65.96
N VAL M 101 34.28 7.78 65.17
CA VAL M 101 33.37 6.74 64.69
C VAL M 101 34.11 5.74 63.81
N LEU M 102 34.95 6.25 62.90
CA LEU M 102 35.68 5.38 62.00
C LEU M 102 36.58 4.42 62.79
N ALA M 103 37.26 4.94 63.82
CA ALA M 103 38.14 4.08 64.62
C ALA M 103 37.33 2.99 65.33
N GLU M 104 36.18 3.33 65.89
CA GLU M 104 35.29 2.34 66.50
C GLU M 104 34.92 1.26 65.49
N LEU M 105 34.67 1.65 64.24
CA LEU M 105 34.38 0.73 63.15
C LEU M 105 35.62 -0.04 62.67
N GLY M 106 36.83 0.31 63.15
CA GLY M 106 38.04 -0.26 62.62
C GLY M 106 38.25 0.07 61.13
N ALA M 107 37.88 1.28 60.71
CA ALA M 107 38.02 1.71 59.33
C ALA M 107 39.38 2.37 59.11
N THR M 108 39.66 2.75 57.86
CA THR M 108 40.94 3.34 57.49
C THR M 108 40.80 4.75 56.90
N ASP M 109 39.62 5.11 56.37
CA ASP M 109 39.51 6.21 55.42
C ASP M 109 38.48 7.24 55.86
N PHE M 110 38.92 8.49 56.02
CA PHE M 110 38.03 9.63 56.22
C PHE M 110 38.27 10.63 55.10
N CYS M 111 37.20 11.11 54.48
CA CYS M 111 37.33 12.06 53.40
C CYS M 111 36.09 12.94 53.32
N GLY M 112 36.15 13.92 52.41
CA GLY M 112 35.02 14.75 52.06
C GLY M 112 35.49 16.19 52.00
N VAL M 113 34.52 17.11 52.04
CA VAL M 113 34.83 18.53 52.09
C VAL M 113 34.95 18.90 53.56
N ILE M 114 36.20 18.85 54.04
CA ILE M 114 36.49 18.98 55.46
C ILE M 114 37.38 20.19 55.73
N TYR M 115 37.68 20.99 54.69
CA TYR M 115 38.55 22.17 54.77
C TYR M 115 37.73 23.46 54.71
N SER M 116 36.41 23.33 54.65
CA SER M 116 35.54 24.49 54.55
C SER M 116 34.12 23.97 54.58
N ALA M 117 33.14 24.89 54.56
CA ALA M 117 31.78 24.44 54.35
C ALA M 117 31.66 23.98 52.91
N MET M 118 30.70 23.07 52.73
CA MET M 118 30.35 22.57 51.43
C MET M 118 29.08 23.33 51.04
N LYS M 119 29.30 24.50 50.44
CA LYS M 119 28.18 25.30 49.97
C LYS M 119 28.63 26.21 48.82
N LYS M 120 27.69 26.98 48.29
CA LYS M 120 27.98 28.01 47.31
C LYS M 120 28.36 29.28 48.08
N TYR M 121 29.67 29.55 48.16
CA TYR M 121 30.13 30.80 48.73
C TYR M 121 29.84 31.99 47.83
N MET M 122 29.71 33.16 48.44
CA MET M 122 29.40 34.39 47.73
C MET M 122 30.63 35.32 47.69
N GLU M 123 31.76 34.85 48.22
CA GLU M 123 32.97 35.66 48.34
C GLU M 123 34.16 34.73 48.16
N PRO M 124 35.29 35.23 47.60
CA PRO M 124 36.54 34.47 47.60
C PRO M 124 36.95 34.06 49.00
N ALA M 125 37.85 33.09 49.10
CA ALA M 125 38.44 32.74 50.39
C ALA M 125 39.26 33.92 50.92
N THR M 126 39.28 34.10 52.24
CA THR M 126 40.14 35.11 52.85
C THR M 126 41.42 34.47 53.38
N ALA M 127 42.52 35.22 53.37
CA ALA M 127 43.79 34.71 53.87
C ALA M 127 43.64 34.16 55.28
N ALA M 128 42.80 34.80 56.10
CA ALA M 128 42.63 34.40 57.50
C ALA M 128 41.89 33.06 57.61
N GLY M 129 40.78 32.92 56.89
CA GLY M 129 40.04 31.66 56.86
C GLY M 129 40.91 30.47 56.45
N LEU M 130 41.62 30.62 55.31
CA LEU M 130 42.53 29.59 54.83
C LEU M 130 43.47 29.15 55.97
N ALA M 131 44.00 30.12 56.73
CA ALA M 131 44.89 29.82 57.84
C ALA M 131 44.16 28.92 58.84
N ASN M 132 43.00 29.36 59.30
CA ASN M 132 42.19 28.54 60.21
C ASN M 132 41.95 27.15 59.63
N SER M 133 41.57 27.08 58.34
CA SER M 133 41.30 25.81 57.69
C SER M 133 42.53 24.90 57.78
N LYS M 134 43.69 25.42 57.40
CA LYS M 134 44.88 24.58 57.34
C LYS M 134 45.25 24.08 58.73
N ALA M 135 45.32 24.97 59.72
CA ALA M 135 45.75 24.57 61.06
C ALA M 135 44.79 23.53 61.64
N ALA M 136 43.49 23.77 61.45
CA ALA M 136 42.46 22.91 62.01
C ALA M 136 42.52 21.52 61.37
N VAL M 137 42.66 21.47 60.04
CA VAL M 137 42.71 20.20 59.31
C VAL M 137 43.98 19.43 59.71
N GLY M 138 45.09 20.13 59.85
CA GLY M 138 46.32 19.52 60.33
C GLY M 138 46.16 18.88 61.72
N ARG M 139 45.31 19.45 62.57
CA ARG M 139 45.07 18.88 63.89
C ARG M 139 44.22 17.62 63.77
N VAL M 140 43.09 17.72 63.05
CA VAL M 140 42.28 16.55 62.76
C VAL M 140 43.13 15.44 62.14
N ALA M 141 44.03 15.81 61.22
CA ALA M 141 44.96 14.85 60.63
C ALA M 141 45.87 14.22 61.68
N ASP M 142 46.42 15.03 62.59
CA ASP M 142 47.32 14.53 63.62
C ASP M 142 46.59 13.54 64.53
N ARG M 143 45.50 14.00 65.14
CA ARG M 143 44.58 13.15 65.87
C ARG M 143 44.34 11.82 65.14
N ALA M 144 43.83 11.90 63.91
CA ALA M 144 43.54 10.70 63.11
C ALA M 144 44.80 9.86 62.87
N SER M 145 45.97 10.50 62.76
CA SER M 145 47.21 9.78 62.50
C SER M 145 47.47 8.70 63.55
N ASP M 146 47.24 9.04 64.82
CA ASP M 146 47.52 8.11 65.90
C ASP M 146 46.53 6.97 65.95
N LEU M 147 45.37 7.12 65.30
CA LEU M 147 44.31 6.13 65.34
C LEU M 147 44.32 5.22 64.11
N GLY M 148 45.31 5.38 63.21
CA GLY M 148 45.37 4.58 61.97
C GLY M 148 44.35 5.02 60.92
N ILE M 149 44.00 6.31 60.92
CA ILE M 149 43.06 6.86 59.97
C ILE M 149 43.78 7.76 58.96
N ASN M 150 43.58 7.48 57.67
CA ASN M 150 43.97 8.40 56.61
C ASN M 150 42.87 9.43 56.37
N VAL M 151 43.30 10.66 56.12
CA VAL M 151 42.40 11.77 55.90
C VAL M 151 42.62 12.27 54.47
N SER M 152 41.56 12.33 53.67
CA SER M 152 41.66 12.74 52.27
C SER M 152 40.76 13.94 51.99
N LEU M 153 41.36 15.01 51.43
CA LEU M 153 40.64 16.24 51.10
C LEU M 153 40.05 16.09 49.70
N GLU M 154 38.72 16.19 49.60
CA GLU M 154 38.04 16.00 48.33
C GLU M 154 37.98 17.31 47.57
N VAL M 155 38.58 17.32 46.37
CA VAL M 155 38.52 18.47 45.47
C VAL M 155 37.15 18.53 44.83
N VAL M 156 36.40 19.60 45.11
CA VAL M 156 35.05 19.76 44.57
C VAL M 156 34.99 21.10 43.84
N ASN M 157 33.89 21.31 43.11
CA ASN M 157 33.80 22.40 42.15
C ASN M 157 33.45 23.72 42.83
N ARG M 158 33.49 24.80 42.03
CA ARG M 158 33.30 26.16 42.53
C ARG M 158 32.01 26.33 43.32
N TYR M 159 30.95 25.58 43.01
CA TYR M 159 29.67 25.84 43.66
C TYR M 159 29.54 25.15 45.02
N GLU M 160 30.58 24.40 45.45
CA GLU M 160 30.56 23.65 46.71
C GLU M 160 31.72 24.00 47.65
N THR M 161 32.73 24.73 47.15
CA THR M 161 33.73 25.35 47.98
C THR M 161 34.43 26.43 47.17
N ASN M 162 35.14 27.32 47.86
CA ASN M 162 35.98 28.36 47.24
C ASN M 162 37.44 28.18 47.64
N VAL M 163 37.82 27.00 48.16
CA VAL M 163 39.16 26.76 48.67
C VAL M 163 39.94 25.85 47.70
N LEU M 164 39.42 24.62 47.44
CA LEU M 164 40.13 23.57 46.72
C LEU M 164 39.29 23.11 45.52
N ASN M 165 39.39 23.83 44.40
CA ASN M 165 38.67 23.47 43.20
C ASN M 165 39.50 22.62 42.22
N THR M 166 40.81 22.46 42.45
CA THR M 166 41.63 21.71 41.53
C THR M 166 42.63 20.85 42.27
N GLY M 167 43.14 19.81 41.58
CA GLY M 167 44.21 18.99 42.10
C GLY M 167 45.44 19.81 42.50
N ARG M 168 45.79 20.81 41.69
CA ARG M 168 46.95 21.62 41.99
C ARG M 168 46.77 22.42 43.28
N GLN M 169 45.57 22.99 43.49
CA GLN M 169 45.32 23.72 44.72
C GLN M 169 45.50 22.78 45.92
N ALA M 170 45.07 21.52 45.76
CA ALA M 170 45.11 20.57 46.87
C ALA M 170 46.55 20.14 47.17
N LEU M 171 47.41 20.11 46.15
CA LEU M 171 48.82 19.80 46.40
C LEU M 171 49.46 20.89 47.26
N ALA M 172 49.26 22.18 46.90
CA ALA M 172 49.80 23.28 47.67
C ALA M 172 49.26 23.31 49.10
N TYR M 173 48.00 22.90 49.31
CA TYR M 173 47.44 22.80 50.65
C TYR M 173 48.14 21.72 51.46
N LEU M 174 48.38 20.55 50.85
CA LEU M 174 49.08 19.48 51.54
C LEU M 174 50.53 19.85 51.83
N GLU M 175 51.22 20.45 50.83
CA GLU M 175 52.63 20.79 50.97
C GLU M 175 52.88 21.71 52.17
N GLU M 176 51.93 22.59 52.51
CA GLU M 176 52.12 23.44 53.66
C GLU M 176 51.92 22.66 54.97
N LEU M 177 51.00 21.71 55.01
CA LEU M 177 50.76 20.99 56.26
C LEU M 177 51.77 19.86 56.47
N ASN M 178 52.21 19.22 55.37
CA ASN M 178 53.28 18.23 55.44
C ASN M 178 52.92 17.12 56.42
N ARG M 179 51.66 16.69 56.42
CA ARG M 179 51.20 15.60 57.27
C ARG M 179 51.21 14.28 56.51
N PRO M 180 51.74 13.19 57.10
CA PRO M 180 51.98 11.97 56.33
C PRO M 180 50.73 11.17 56.01
N ASN M 181 49.67 11.30 56.82
CA ASN M 181 48.42 10.57 56.59
C ASN M 181 47.40 11.39 55.80
N LEU M 182 47.80 12.59 55.32
CA LEU M 182 46.90 13.48 54.62
C LEU M 182 47.06 13.27 53.11
N GLY M 183 45.93 13.15 52.42
CA GLY M 183 45.91 12.77 51.03
C GLY M 183 44.86 13.53 50.25
N ILE M 184 44.83 13.30 48.93
CA ILE M 184 43.87 13.95 48.05
C ILE M 184 42.85 12.90 47.62
N HIS M 185 41.61 13.39 47.47
CA HIS M 185 40.47 12.62 47.02
C HIS M 185 39.90 13.34 45.80
N LEU M 186 39.89 12.68 44.64
CA LEU M 186 39.33 13.27 43.42
C LEU M 186 37.99 12.62 43.10
N ASP M 187 37.19 13.33 42.32
CA ASP M 187 35.83 12.92 42.00
C ASP M 187 35.59 13.29 40.55
N THR M 188 35.30 12.30 39.70
CA THR M 188 35.22 12.54 38.27
C THR M 188 34.12 13.55 37.95
N TYR M 189 33.07 13.61 38.79
CA TYR M 189 32.00 14.59 38.63
C TYR M 189 32.54 16.00 38.74
N HIS M 190 33.33 16.25 39.78
CA HIS M 190 33.86 17.58 39.99
C HIS M 190 35.00 17.86 39.01
N MET M 191 35.82 16.85 38.70
CA MET M 191 36.89 17.02 37.72
C MET M 191 36.32 17.42 36.37
N ASN M 192 35.12 16.92 36.04
CA ASN M 192 34.55 17.17 34.74
C ASN M 192 34.22 18.66 34.58
N ILE M 193 34.29 19.41 35.67
CA ILE M 193 34.06 20.83 35.62
C ILE M 193 35.39 21.58 35.69
N GLU M 194 36.21 21.31 36.69
CA GLU M 194 37.24 22.27 37.06
C GLU M 194 38.58 22.03 36.35
N GLU M 195 38.92 20.77 36.07
CA GLU M 195 40.25 20.38 35.64
C GLU M 195 40.41 20.56 34.13
N SER M 196 41.68 20.58 33.70
CA SER M 196 42.04 20.76 32.30
C SER M 196 41.76 19.51 31.46
N ASP M 197 41.75 18.33 32.11
CA ASP M 197 41.54 17.04 31.44
C ASP M 197 41.50 15.97 32.51
N MET M 198 41.35 14.70 32.11
CA MET M 198 41.13 13.67 33.11
C MET M 198 42.41 12.89 33.42
N PHE M 199 43.50 13.10 32.69
CA PHE M 199 44.72 12.39 33.00
C PHE M 199 45.72 13.25 33.77
N SER M 200 45.79 14.55 33.49
CA SER M 200 46.77 15.42 34.14
C SER M 200 46.58 15.45 35.65
N PRO M 201 45.36 15.64 36.21
CA PRO M 201 45.19 15.58 37.66
C PRO M 201 45.69 14.31 38.33
N ILE M 202 45.49 13.14 37.72
CA ILE M 202 46.01 11.88 38.25
C ILE M 202 47.54 11.87 38.23
N LEU M 203 48.11 12.17 37.08
CA LEU M 203 49.57 12.22 36.95
C LEU M 203 50.17 13.26 37.92
N ASP M 204 49.57 14.45 38.01
CA ASP M 204 50.06 15.48 38.91
C ASP M 204 50.01 15.01 40.37
N THR M 205 48.90 14.40 40.79
CA THR M 205 48.69 14.11 42.20
C THR M 205 49.26 12.76 42.63
N ALA M 206 49.86 12.00 41.70
CA ALA M 206 50.08 10.56 41.83
C ALA M 206 50.35 10.07 43.26
N GLU M 207 51.39 10.60 43.89
CA GLU M 207 51.79 10.20 45.24
C GLU M 207 50.61 10.32 46.21
N ALA M 208 49.98 11.50 46.25
CA ALA M 208 49.03 11.87 47.30
C ALA M 208 47.58 11.45 47.00
N LEU M 209 47.30 10.77 45.89
CA LEU M 209 45.91 10.40 45.59
C LEU M 209 45.51 9.16 46.40
N ARG M 210 44.59 9.31 47.37
CA ARG M 210 44.27 8.21 48.27
C ARG M 210 42.80 7.83 48.25
N TYR M 211 42.00 8.35 47.31
CA TYR M 211 40.57 8.11 47.34
C TYR M 211 39.96 8.70 46.07
N VAL M 212 38.96 8.00 45.51
CA VAL M 212 38.42 8.29 44.20
C VAL M 212 36.92 8.06 44.24
N HIS M 213 36.17 9.03 43.70
CA HIS M 213 34.72 8.91 43.53
C HIS M 213 34.39 8.79 42.04
N ILE M 214 33.63 7.75 41.67
CA ILE M 214 33.11 7.59 40.33
C ILE M 214 31.68 8.13 40.28
N GLY M 215 31.54 9.32 39.68
CA GLY M 215 30.24 9.92 39.47
C GLY M 215 30.12 10.41 38.04
N GLU M 216 28.97 10.14 37.44
CA GLU M 216 28.65 10.67 36.13
C GLU M 216 28.46 12.19 36.22
N SER M 217 28.51 12.86 35.07
CA SER M 217 28.49 14.32 34.95
C SER M 217 27.25 14.95 35.60
N HIS M 218 26.11 14.24 35.56
CA HIS M 218 24.86 14.69 36.17
C HIS M 218 24.50 13.95 37.46
N ARG M 219 25.34 12.97 37.84
CA ARG M 219 25.23 12.20 39.07
C ARG M 219 24.20 11.07 38.97
N GLY M 220 23.88 10.60 37.76
CA GLY M 220 22.99 9.45 37.56
C GLY M 220 23.75 8.24 37.03
N TYR M 221 23.11 7.41 36.18
CA TYR M 221 23.75 6.17 35.73
C TYR M 221 25.09 6.47 35.06
N LEU M 222 26.08 5.60 35.28
CA LEU M 222 27.39 5.77 34.67
C LEU M 222 27.35 5.45 33.18
N GLY M 223 28.11 6.24 32.40
CA GLY M 223 28.12 6.14 30.95
C GLY M 223 26.84 6.66 30.28
N THR M 224 26.06 7.49 30.99
CA THR M 224 24.91 8.17 30.42
C THR M 224 25.06 9.69 30.54
N GLY M 225 26.31 10.15 30.57
CA GLY M 225 26.59 11.57 30.73
C GLY M 225 27.85 11.94 29.97
N SER M 226 28.50 13.02 30.42
CA SER M 226 29.56 13.69 29.68
C SER M 226 30.95 13.43 30.27
N VAL M 227 31.09 12.49 31.23
CA VAL M 227 32.35 12.29 31.91
C VAL M 227 33.22 11.32 31.11
N ASP M 228 34.53 11.59 31.03
CA ASP M 228 35.46 10.79 30.24
C ASP M 228 36.10 9.75 31.16
N PHE M 229 35.36 8.66 31.40
CA PHE M 229 35.81 7.60 32.30
C PHE M 229 37.01 6.86 31.73
N ASP M 230 37.07 6.73 30.40
CA ASP M 230 38.17 6.03 29.75
C ASP M 230 39.52 6.64 30.11
N THR M 231 39.67 7.95 29.89
CA THR M 231 40.95 8.59 30.15
C THR M 231 41.27 8.57 31.66
N PHE M 232 40.24 8.61 32.48
CA PHE M 232 40.40 8.61 33.93
C PHE M 232 40.99 7.28 34.39
N PHE M 233 40.32 6.19 34.02
CA PHE M 233 40.76 4.88 34.44
C PHE M 233 42.10 4.54 33.81
N LYS M 234 42.34 4.97 32.57
CA LYS M 234 43.64 4.74 31.95
C LYS M 234 44.76 5.43 32.72
N ALA M 235 44.48 6.66 33.21
CA ALA M 235 45.45 7.40 33.99
C ALA M 235 45.67 6.75 35.36
N LEU M 236 44.58 6.31 36.03
CA LEU M 236 44.69 5.55 37.26
C LEU M 236 45.63 4.35 37.09
N GLY M 237 45.47 3.61 36.00
CA GLY M 237 46.28 2.45 35.74
C GLY M 237 47.75 2.79 35.51
N ARG M 238 48.02 3.95 34.90
CA ARG M 238 49.41 4.36 34.64
C ARG M 238 50.18 4.75 35.91
N ILE M 239 49.50 5.27 36.94
CA ILE M 239 50.16 5.61 38.20
C ILE M 239 50.12 4.44 39.20
N GLY M 240 49.55 3.29 38.79
CA GLY M 240 49.48 2.11 39.64
C GLY M 240 48.59 2.29 40.87
N TYR M 241 47.58 3.18 40.75
CA TYR M 241 46.71 3.47 41.89
C TYR M 241 46.05 2.18 42.36
N ASP M 242 45.91 2.02 43.68
CA ASP M 242 45.12 0.92 44.22
C ASP M 242 44.53 1.30 45.58
N GLY M 243 44.02 2.53 45.70
CA GLY M 243 43.16 2.89 46.80
C GLY M 243 41.70 2.56 46.50
N PRO M 244 40.76 3.05 47.34
CA PRO M 244 39.34 2.81 47.10
C PRO M 244 38.83 3.50 45.85
N VAL M 245 37.85 2.85 45.18
CA VAL M 245 37.16 3.41 44.03
C VAL M 245 35.66 3.28 44.27
N VAL M 246 34.98 4.40 44.52
CA VAL M 246 33.67 4.39 45.18
C VAL M 246 32.62 5.05 44.29
N PHE M 247 31.59 4.28 43.92
CA PHE M 247 30.47 4.85 43.18
C PHE M 247 29.64 5.79 44.03
N GLU M 248 29.03 6.79 43.37
CA GLU M 248 28.34 7.89 44.01
C GLU M 248 27.30 8.45 43.04
N SER M 249 26.04 8.41 43.44
CA SER M 249 24.94 8.82 42.58
C SER M 249 23.83 9.37 43.46
N PHE M 250 23.10 10.36 42.94
CA PHE M 250 22.06 11.02 43.70
C PHE M 250 20.84 11.22 42.82
N SER M 251 19.67 10.95 43.40
CA SER M 251 18.40 11.09 42.70
C SER M 251 17.32 11.55 43.69
N SER M 252 16.32 12.28 43.19
CA SER M 252 15.26 12.76 44.06
C SER M 252 14.38 11.62 44.61
N SER M 253 14.53 10.40 44.08
CA SER M 253 13.87 9.21 44.63
C SER M 253 14.40 8.81 46.01
N VAL M 254 15.64 9.24 46.35
CA VAL M 254 16.27 8.90 47.61
C VAL M 254 16.83 10.19 48.19
N VAL M 255 16.14 10.74 49.19
CA VAL M 255 16.43 12.08 49.69
C VAL M 255 16.93 11.97 51.12
N ALA M 256 18.02 12.71 51.39
CA ALA M 256 18.49 13.04 52.72
C ALA M 256 18.06 14.47 53.03
N PRO M 257 17.56 14.74 54.26
CA PRO M 257 16.97 16.04 54.56
C PRO M 257 17.91 17.21 54.29
N ASP M 258 19.20 17.03 54.61
CA ASP M 258 20.17 18.11 54.45
C ASP M 258 21.01 17.95 53.18
N LEU M 259 21.59 16.75 52.99
CA LEU M 259 22.57 16.55 51.94
C LEU M 259 21.98 16.80 50.56
N SER M 260 20.83 16.18 50.27
CA SER M 260 20.19 16.29 48.97
C SER M 260 19.83 17.73 48.60
N ARG M 261 19.58 18.59 49.58
CA ARG M 261 19.35 19.99 49.30
C ARG M 261 20.67 20.69 49.01
N MET M 262 21.69 20.43 49.83
CA MET M 262 23.00 21.07 49.69
C MET M 262 23.61 20.75 48.32
N LEU M 263 23.31 19.56 47.79
CA LEU M 263 23.90 19.05 46.57
C LEU M 263 23.11 19.44 45.33
N GLY M 264 21.96 20.11 45.51
CA GLY M 264 21.08 20.46 44.41
C GLY M 264 20.61 19.24 43.63
N ILE M 265 20.07 18.27 44.36
CA ILE M 265 19.50 17.08 43.74
C ILE M 265 18.03 17.37 43.48
N TRP M 266 17.76 18.10 42.39
CA TRP M 266 16.41 18.52 42.07
C TRP M 266 15.70 17.55 41.13
N ARG M 267 16.44 16.68 40.42
CA ARG M 267 15.89 15.88 39.35
C ARG M 267 15.89 14.40 39.72
N ASN M 268 15.01 13.65 39.04
CA ASN M 268 14.88 12.22 39.22
C ASN M 268 15.69 11.51 38.15
N LEU M 269 16.84 10.95 38.57
CA LEU M 269 17.82 10.41 37.64
C LEU M 269 17.76 8.88 37.60
N TRP M 270 17.06 8.28 38.57
CA TRP M 270 16.87 6.84 38.64
C TRP M 270 15.88 6.54 39.75
N ALA M 271 15.23 5.37 39.66
CA ALA M 271 14.30 4.93 40.69
C ALA M 271 14.69 3.55 41.23
N ASP M 272 15.11 2.62 40.35
CA ASP M 272 15.49 1.28 40.76
C ASP M 272 16.96 1.25 41.17
N ASN M 273 17.21 1.48 42.47
CA ASN M 273 18.59 1.62 42.90
C ASN M 273 19.31 0.30 43.01
N GLU M 274 18.60 -0.83 43.08
CA GLU M 274 19.31 -2.10 43.03
C GLU M 274 19.97 -2.28 41.66
N GLU M 275 19.27 -1.89 40.59
CA GLU M 275 19.82 -2.04 39.24
C GLU M 275 20.98 -1.05 39.05
N LEU M 276 20.83 0.18 39.57
CA LEU M 276 21.85 1.20 39.41
C LEU M 276 23.17 0.77 40.04
N GLY M 277 23.12 0.31 41.29
CA GLY M 277 24.33 -0.09 41.99
C GLY M 277 24.96 -1.32 41.35
N ALA M 278 24.13 -2.29 40.98
CA ALA M 278 24.63 -3.47 40.29
C ALA M 278 25.30 -3.06 38.99
N HIS M 279 24.70 -2.09 38.30
CA HIS M 279 25.26 -1.59 37.05
C HIS M 279 26.61 -0.93 37.31
N ALA M 280 26.67 -0.04 38.31
CA ALA M 280 27.88 0.73 38.61
C ALA M 280 29.01 -0.17 39.12
N ASN M 281 28.69 -1.12 40.01
CA ASN M 281 29.68 -2.07 40.48
C ASN M 281 30.34 -2.76 39.28
N ALA M 282 29.52 -3.28 38.36
CA ALA M 282 30.03 -4.00 37.19
C ALA M 282 30.82 -3.07 36.27
N PHE M 283 30.34 -1.82 36.11
CA PHE M 283 31.05 -0.80 35.34
C PHE M 283 32.51 -0.63 35.80
N ILE M 284 32.72 -0.46 37.11
CA ILE M 284 34.04 -0.16 37.63
C ILE M 284 34.98 -1.37 37.55
N ARG M 285 34.51 -2.53 38.03
CA ARG M 285 35.33 -3.73 37.97
C ARG M 285 35.68 -4.08 36.53
N ASP M 286 34.74 -3.84 35.61
CA ASP M 286 34.96 -4.13 34.19
C ASP M 286 36.00 -3.18 33.60
N LYS M 287 35.87 -1.90 33.92
CA LYS M 287 36.81 -0.90 33.48
C LYS M 287 38.23 -1.24 33.95
N LEU M 288 38.36 -1.59 35.24
CA LEU M 288 39.68 -1.86 35.78
C LEU M 288 40.22 -3.17 35.18
N THR M 289 39.36 -4.18 35.00
CA THR M 289 39.81 -5.38 34.31
C THR M 289 40.42 -4.97 32.96
N ALA M 290 39.66 -4.16 32.21
CA ALA M 290 40.05 -3.79 30.85
C ALA M 290 41.37 -3.04 30.82
N ILE M 291 41.53 -2.04 31.71
CA ILE M 291 42.72 -1.22 31.75
C ILE M 291 43.94 -2.01 32.24
N LYS M 292 43.72 -3.07 33.02
CA LYS M 292 44.84 -3.94 33.38
C LYS M 292 45.48 -4.52 32.14
N THR M 293 44.70 -4.76 31.09
CA THR M 293 45.26 -5.34 29.87
C THR M 293 46.19 -4.40 29.10
N ILE M 294 46.13 -3.08 29.35
CA ILE M 294 46.78 -2.12 28.47
C ILE M 294 48.31 -2.18 28.61
N GLU M 295 48.81 -2.48 29.80
CA GLU M 295 50.25 -2.65 29.99
C GLU M 295 50.76 -3.82 29.14
N LEU M 296 49.98 -4.92 29.08
CA LEU M 296 50.45 -6.15 28.47
C LEU M 296 50.49 -6.05 26.95
N HIS M 297 49.57 -5.29 26.35
CA HIS M 297 49.49 -5.18 24.90
C HIS M 297 50.16 -3.90 24.36
N MET N 9 23.53 34.38 11.48
CA MET N 9 24.52 33.71 12.36
C MET N 9 25.66 34.66 12.73
N LYS N 10 25.46 35.37 13.83
CA LYS N 10 26.47 36.29 14.35
C LYS N 10 27.31 35.55 15.38
N ILE N 11 28.61 35.87 15.40
CA ILE N 11 29.55 35.21 16.27
C ILE N 11 29.98 36.23 17.31
N GLY N 12 29.60 35.96 18.56
CA GLY N 12 29.60 36.97 19.60
C GLY N 12 30.53 36.69 20.78
N CYS N 13 30.73 37.75 21.56
CA CYS N 13 31.57 37.72 22.75
C CYS N 13 30.77 38.36 23.90
N HIS N 14 30.57 37.58 24.95
CA HIS N 14 30.04 38.07 26.22
C HIS N 14 30.94 39.20 26.72
N GLY N 15 30.35 40.20 27.40
CA GLY N 15 31.08 41.39 27.79
C GLY N 15 32.11 41.16 28.90
N LEU N 16 31.93 40.13 29.75
CA LEU N 16 32.87 39.93 30.84
C LEU N 16 34.19 39.31 30.43
N VAL N 17 34.43 39.11 29.13
CA VAL N 17 35.80 38.90 28.69
C VAL N 17 36.58 40.20 28.88
N TRP N 18 35.87 41.34 28.84
CA TRP N 18 36.51 42.65 28.72
C TRP N 18 36.39 43.51 29.98
N THR N 19 35.20 43.63 30.55
CA THR N 19 35.02 44.41 31.75
C THR N 19 33.89 43.83 32.59
N GLY N 20 33.83 44.27 33.85
CA GLY N 20 32.75 43.92 34.75
C GLY N 20 31.86 45.13 35.02
N HIS N 21 32.24 46.29 34.45
CA HIS N 21 31.57 47.53 34.73
C HIS N 21 31.08 48.14 33.43
N PHE N 22 29.75 48.17 33.26
CA PHE N 22 29.17 48.66 32.02
C PHE N 22 28.65 50.10 32.15
N ASP N 23 29.55 50.95 32.67
CA ASP N 23 29.43 52.39 32.57
C ASP N 23 29.79 52.81 31.15
N ALA N 24 29.94 54.10 30.90
CA ALA N 24 30.21 54.58 29.56
C ALA N 24 31.56 54.06 29.06
N GLU N 25 32.59 54.08 29.92
CA GLU N 25 33.89 53.61 29.47
C GLU N 25 33.86 52.09 29.23
N GLY N 26 33.17 51.35 30.12
CA GLY N 26 33.10 49.91 29.99
C GLY N 26 32.43 49.46 28.68
N ILE N 27 31.30 50.09 28.36
CA ILE N 27 30.55 49.84 27.13
C ILE N 27 31.44 50.12 25.92
N ARG N 28 32.16 51.24 25.94
CA ARG N 28 33.05 51.57 24.85
C ARG N 28 34.21 50.60 24.78
N TYR N 29 34.74 50.17 25.94
CA TYR N 29 35.93 49.33 25.94
C TYR N 29 35.60 47.93 25.43
N SER N 30 34.45 47.40 25.86
CA SER N 30 34.02 46.06 25.50
C SER N 30 33.61 46.00 24.03
N VAL N 31 32.98 47.06 23.50
CA VAL N 31 32.58 47.06 22.10
C VAL N 31 33.83 47.12 21.22
N GLN N 32 34.76 48.01 21.57
CA GLN N 32 35.98 48.16 20.81
C GLN N 32 36.75 46.83 20.74
N LYS N 33 36.93 46.17 21.88
CA LYS N 33 37.79 44.99 21.96
C LYS N 33 37.14 43.79 21.27
N THR N 34 35.82 43.66 21.42
CA THR N 34 35.08 42.61 20.77
C THR N 34 35.36 42.61 19.26
N ARG N 35 35.31 43.80 18.65
CA ARG N 35 35.53 43.91 17.22
C ARG N 35 37.00 43.69 16.90
N GLU N 36 37.92 44.16 17.77
CA GLU N 36 39.34 43.97 17.50
C GLU N 36 39.69 42.47 17.52
N ALA N 37 39.00 41.69 18.34
CA ALA N 37 39.25 40.25 18.36
C ALA N 37 38.62 39.54 17.16
N GLY N 38 37.73 40.22 16.41
CA GLY N 38 37.15 39.65 15.21
C GLY N 38 35.69 39.18 15.33
N PHE N 39 35.00 39.50 16.42
CA PHE N 39 33.62 39.03 16.54
C PHE N 39 32.66 39.89 15.72
N ASP N 40 31.41 39.43 15.57
CA ASP N 40 30.38 40.22 14.92
C ASP N 40 29.50 40.96 15.93
N LEU N 41 29.52 40.53 17.21
CA LEU N 41 28.46 40.85 18.15
C LEU N 41 29.03 40.86 19.56
N VAL N 42 28.49 41.75 20.39
CA VAL N 42 28.80 41.75 21.81
C VAL N 42 27.51 41.54 22.58
N GLU N 43 27.59 40.72 23.64
CA GLU N 43 26.43 40.43 24.47
C GLU N 43 26.59 41.18 25.78
N PHE N 44 25.79 42.24 25.96
CA PHE N 44 25.87 43.02 27.19
C PHE N 44 25.25 42.24 28.33
N PRO N 45 25.95 42.09 29.46
CA PRO N 45 25.29 41.64 30.67
C PRO N 45 24.54 42.81 31.33
N LEU N 46 23.21 42.85 31.13
CA LEU N 46 22.38 43.87 31.73
C LEU N 46 21.96 43.46 33.13
N MET N 47 22.92 43.36 34.05
CA MET N 47 22.57 43.05 35.42
C MET N 47 21.74 44.20 36.03
N ASP N 48 22.02 45.45 35.61
CA ASP N 48 21.21 46.59 35.97
C ASP N 48 20.81 47.31 34.69
N PRO N 49 19.62 46.98 34.13
CA PRO N 49 19.19 47.60 32.88
C PRO N 49 18.75 49.05 33.04
N PHE N 50 18.40 49.47 34.26
CA PHE N 50 17.89 50.82 34.49
C PHE N 50 18.98 51.86 34.27
N SER N 51 20.22 51.51 34.66
CA SER N 51 21.33 52.44 34.63
C SER N 51 22.28 52.14 33.46
N PHE N 52 21.84 51.33 32.49
CA PHE N 52 22.66 51.07 31.32
C PHE N 52 22.58 52.26 30.37
N ASP N 53 23.76 52.76 29.94
CA ASP N 53 23.84 53.93 29.10
C ASP N 53 23.56 53.57 27.64
N VAL N 54 22.29 53.66 27.25
CA VAL N 54 21.86 53.24 25.92
C VAL N 54 22.51 54.10 24.83
N GLN N 55 22.63 55.40 25.08
CA GLN N 55 23.13 56.31 24.05
C GLN N 55 24.59 55.96 23.71
N THR N 56 25.40 55.71 24.75
CA THR N 56 26.80 55.38 24.53
C THR N 56 26.94 54.06 23.78
N ALA N 57 26.07 53.10 24.11
CA ALA N 57 26.13 51.80 23.47
C ALA N 57 25.83 51.93 21.97
N LYS N 58 24.68 52.53 21.64
CA LYS N 58 24.32 52.73 20.25
C LYS N 58 25.43 53.46 19.51
N SER N 59 26.05 54.42 20.19
CA SER N 59 27.15 55.19 19.63
C SER N 59 28.32 54.28 19.28
N ALA N 60 28.76 53.44 20.23
CA ALA N 60 29.93 52.59 20.05
C ALA N 60 29.63 51.41 19.12
N LEU N 61 28.41 50.88 19.16
CA LEU N 61 28.03 49.84 18.22
C LEU N 61 28.14 50.33 16.77
N ALA N 62 27.66 51.56 16.49
CA ALA N 62 27.72 52.09 15.14
C ALA N 62 29.16 52.37 14.72
N GLU N 63 29.95 52.98 15.61
CA GLU N 63 31.34 53.32 15.32
C GLU N 63 32.10 52.08 14.85
N HIS N 64 31.91 50.94 15.53
CA HIS N 64 32.67 49.72 15.23
C HIS N 64 31.88 48.70 14.42
N GLY N 65 30.72 49.09 13.87
CA GLY N 65 29.88 48.20 13.07
C GLY N 65 29.71 46.83 13.73
N LEU N 66 29.02 46.82 14.87
CA LEU N 66 28.84 45.62 15.66
C LEU N 66 27.38 45.49 16.07
N ALA N 67 26.87 44.26 16.08
CA ALA N 67 25.54 44.03 16.61
C ALA N 67 25.61 43.79 18.12
N ALA N 68 24.44 43.74 18.76
CA ALA N 68 24.38 43.52 20.19
C ALA N 68 23.25 42.59 20.54
N SER N 69 23.43 41.92 21.69
CA SER N 69 22.38 41.24 22.40
C SER N 69 22.58 41.51 23.88
N ALA N 70 21.66 41.03 24.71
CA ALA N 70 21.81 41.22 26.15
C ALA N 70 21.36 39.97 26.89
N SER N 71 22.03 39.73 28.01
CA SER N 71 21.67 38.62 28.88
C SER N 71 21.64 39.14 30.31
N LEU N 72 21.23 38.26 31.22
CA LEU N 72 20.82 38.71 32.53
C LEU N 72 20.47 37.49 33.37
N GLY N 73 20.76 37.60 34.66
CA GLY N 73 20.27 36.61 35.62
C GLY N 73 19.61 37.31 36.80
N LEU N 74 18.40 36.87 37.14
CA LEU N 74 17.69 37.45 38.28
C LEU N 74 18.39 37.08 39.60
N SER N 75 18.05 37.86 40.64
CA SER N 75 18.55 37.70 41.99
C SER N 75 17.38 37.49 42.94
N ASP N 76 17.67 37.21 44.22
CA ASP N 76 16.63 36.99 45.23
C ASP N 76 15.54 38.07 45.17
N ALA N 77 15.97 39.34 45.09
CA ALA N 77 15.06 40.47 45.09
C ALA N 77 14.15 40.47 43.86
N THR N 78 14.52 39.76 42.78
CA THR N 78 13.84 39.86 41.50
C THR N 78 13.38 38.49 40.98
N ASP N 79 13.36 37.47 41.85
CA ASP N 79 13.08 36.08 41.52
C ASP N 79 11.61 35.89 41.14
N VAL N 80 11.33 35.77 39.83
CA VAL N 80 9.97 35.63 39.35
C VAL N 80 9.43 34.23 39.65
N SER N 81 10.26 33.35 40.20
CA SER N 81 9.78 32.04 40.63
C SER N 81 9.49 32.03 42.14
N SER N 82 9.38 33.22 42.76
CA SER N 82 9.01 33.39 44.16
C SER N 82 7.50 33.21 44.35
N GLU N 83 7.08 32.90 45.57
CA GLU N 83 5.66 32.91 45.88
C GLU N 83 5.21 34.31 46.33
N ASP N 84 6.16 35.20 46.65
CA ASP N 84 5.91 36.60 46.98
C ASP N 84 5.66 37.40 45.69
N PRO N 85 4.41 37.82 45.42
CA PRO N 85 4.11 38.51 44.16
C PRO N 85 4.74 39.90 44.09
N ALA N 86 5.22 40.42 45.22
CA ALA N 86 5.98 41.66 45.23
C ALA N 86 7.37 41.46 44.64
N VAL N 87 8.04 40.37 45.05
CA VAL N 87 9.30 39.97 44.45
C VAL N 87 9.10 39.61 42.97
N VAL N 88 7.99 38.94 42.64
CA VAL N 88 7.73 38.51 41.28
C VAL N 88 7.55 39.72 40.35
N LYS N 89 7.04 40.82 40.90
CA LYS N 89 6.79 42.01 40.09
C LYS N 89 8.08 42.80 39.91
N ALA N 90 8.90 42.87 40.96
CA ALA N 90 10.22 43.46 40.85
C ALA N 90 11.00 42.80 39.70
N GLY N 91 10.87 41.47 39.56
CA GLY N 91 11.57 40.76 38.50
C GLY N 91 10.95 41.02 37.12
N GLU N 92 9.62 41.05 37.06
CA GLU N 92 8.92 41.35 35.83
C GLU N 92 9.30 42.73 35.31
N GLU N 93 9.44 43.70 36.22
CA GLU N 93 9.71 45.07 35.82
C GLU N 93 11.15 45.21 35.33
N LEU N 94 12.07 44.45 35.92
CA LEU N 94 13.47 44.49 35.50
C LEU N 94 13.62 43.84 34.12
N LEU N 95 12.98 42.68 33.91
CA LEU N 95 12.99 42.05 32.60
C LEU N 95 12.36 42.96 31.54
N ASN N 96 11.28 43.67 31.90
CA ASN N 96 10.61 44.57 30.96
C ASN N 96 11.54 45.72 30.55
N ARG N 97 12.29 46.27 31.50
CA ARG N 97 13.22 47.34 31.17
C ARG N 97 14.37 46.82 30.30
N ALA N 98 14.82 45.57 30.56
CA ALA N 98 15.87 44.97 29.76
C ALA N 98 15.42 44.79 28.31
N VAL N 99 14.16 44.39 28.11
CA VAL N 99 13.60 44.29 26.77
C VAL N 99 13.60 45.66 26.11
N ASP N 100 13.23 46.69 26.88
CA ASP N 100 13.17 48.06 26.39
C ASP N 100 14.54 48.54 25.90
N VAL N 101 15.58 48.23 26.67
CA VAL N 101 16.94 48.59 26.33
C VAL N 101 17.34 47.98 24.99
N LEU N 102 16.95 46.74 24.76
CA LEU N 102 17.26 46.06 23.51
C LEU N 102 16.49 46.68 22.34
N ALA N 103 15.28 47.15 22.60
CA ALA N 103 14.52 47.83 21.55
C ALA N 103 15.24 49.10 21.11
N GLU N 104 15.70 49.90 22.09
CA GLU N 104 16.39 51.13 21.78
C GLU N 104 17.68 50.86 21.00
N LEU N 105 18.39 49.80 21.39
CA LEU N 105 19.65 49.44 20.74
C LEU N 105 19.42 49.00 19.29
N GLY N 106 18.21 48.52 18.97
CA GLY N 106 17.94 47.93 17.66
C GLY N 106 18.33 46.46 17.59
N ALA N 107 18.32 45.77 18.75
CA ALA N 107 18.72 44.38 18.85
C ALA N 107 17.50 43.46 18.83
N THR N 108 17.75 42.16 18.63
CA THR N 108 16.68 41.20 18.43
C THR N 108 16.67 40.10 19.48
N ASP N 109 17.72 39.99 20.31
CA ASP N 109 17.90 38.80 21.12
C ASP N 109 18.03 39.16 22.60
N PHE N 110 17.12 38.62 23.41
CA PHE N 110 17.21 38.67 24.85
C PHE N 110 17.26 37.25 25.40
N CYS N 111 18.12 37.02 26.40
CA CYS N 111 18.39 35.67 26.87
C CYS N 111 18.89 35.72 28.31
N GLY N 112 18.89 34.56 28.96
CA GLY N 112 19.51 34.43 30.26
C GLY N 112 18.64 33.63 31.22
N VAL N 113 18.99 33.70 32.49
CA VAL N 113 18.21 33.06 33.53
C VAL N 113 17.17 34.08 33.99
N ILE N 114 16.08 34.15 33.21
CA ILE N 114 15.02 35.12 33.45
C ILE N 114 13.78 34.46 34.05
N TYR N 115 13.83 33.15 34.30
CA TYR N 115 12.68 32.39 34.80
C TYR N 115 12.80 32.08 36.30
N SER N 116 13.92 32.49 36.92
CA SER N 116 14.17 32.29 38.34
C SER N 116 15.34 33.19 38.74
N ALA N 117 15.68 33.17 40.03
CA ALA N 117 16.96 33.69 40.47
C ALA N 117 18.08 32.83 39.88
N MET N 118 19.21 33.47 39.54
CA MET N 118 20.44 32.76 39.24
C MET N 118 21.23 32.63 40.54
N LYS N 119 21.13 31.45 41.17
CA LYS N 119 21.69 31.24 42.48
C LYS N 119 21.57 29.77 42.83
N LYS N 120 22.11 29.41 44.00
CA LYS N 120 22.03 28.06 44.51
C LYS N 120 20.85 27.97 45.47
N TYR N 121 19.73 27.47 44.98
CA TYR N 121 18.55 27.24 45.81
C TYR N 121 18.86 26.14 46.82
N MET N 122 18.15 26.20 47.95
CA MET N 122 18.33 25.22 49.02
C MET N 122 17.04 24.42 49.20
N GLU N 123 16.13 24.59 48.23
CA GLU N 123 14.77 24.08 48.26
C GLU N 123 14.41 23.79 46.81
N PRO N 124 13.76 22.64 46.52
CA PRO N 124 13.21 22.42 45.18
C PRO N 124 12.14 23.46 44.84
N ALA N 125 11.76 23.53 43.56
CA ALA N 125 10.79 24.52 43.13
C ALA N 125 9.39 24.10 43.59
N THR N 126 8.59 25.11 43.94
CA THR N 126 7.21 24.91 44.37
C THR N 126 6.27 25.10 43.17
N ALA N 127 5.09 24.48 43.25
CA ALA N 127 4.12 24.60 42.18
C ALA N 127 3.65 26.04 42.02
N ALA N 128 3.35 26.71 43.13
CA ALA N 128 2.93 28.11 43.09
C ALA N 128 4.02 28.97 42.43
N GLY N 129 5.29 28.77 42.83
CA GLY N 129 6.39 29.54 42.28
C GLY N 129 6.60 29.27 40.80
N LEU N 130 6.46 28.01 40.39
CA LEU N 130 6.59 27.71 38.98
C LEU N 130 5.51 28.42 38.16
N ALA N 131 4.30 28.56 38.72
CA ALA N 131 3.19 29.20 38.02
C ALA N 131 3.41 30.71 37.89
N ASN N 132 3.93 31.35 38.94
CA ASN N 132 4.36 32.74 38.86
C ASN N 132 5.37 32.92 37.72
N SER N 133 6.38 32.05 37.68
CA SER N 133 7.44 32.11 36.68
C SER N 133 6.87 32.13 35.26
N LYS N 134 6.04 31.14 34.95
CA LYS N 134 5.51 30.97 33.61
C LYS N 134 4.67 32.18 33.20
N ALA N 135 3.80 32.67 34.11
CA ALA N 135 2.96 33.82 33.83
C ALA N 135 3.80 35.09 33.59
N ALA N 136 4.82 35.32 34.44
CA ALA N 136 5.67 36.49 34.26
C ALA N 136 6.43 36.38 32.94
N VAL N 137 7.10 35.25 32.70
CA VAL N 137 7.83 35.08 31.46
C VAL N 137 6.88 35.26 30.26
N GLY N 138 5.65 34.75 30.39
CA GLY N 138 4.66 34.90 29.33
C GLY N 138 4.39 36.36 28.98
N ARG N 139 4.29 37.20 30.01
CA ARG N 139 4.04 38.62 29.79
C ARG N 139 5.25 39.30 29.17
N VAL N 140 6.45 38.99 29.67
CA VAL N 140 7.66 39.59 29.15
C VAL N 140 7.83 39.25 27.69
N ALA N 141 7.50 38.00 27.32
CA ALA N 141 7.61 37.56 25.93
C ALA N 141 6.56 38.25 25.05
N ASP N 142 5.35 38.47 25.57
CA ASP N 142 4.30 39.17 24.83
C ASP N 142 4.75 40.60 24.53
N ARG N 143 5.21 41.29 25.57
CA ARG N 143 5.71 42.64 25.42
C ARG N 143 6.88 42.67 24.44
N ALA N 144 7.81 41.73 24.58
CA ALA N 144 8.96 41.67 23.70
C ALA N 144 8.54 41.45 22.25
N SER N 145 7.44 40.70 22.04
CA SER N 145 6.98 40.36 20.70
C SER N 145 6.73 41.62 19.87
N ASP N 146 5.99 42.58 20.44
CA ASP N 146 5.63 43.80 19.74
C ASP N 146 6.86 44.65 19.39
N LEU N 147 7.98 44.46 20.10
CA LEU N 147 9.19 45.21 19.85
C LEU N 147 10.15 44.44 18.93
N GLY N 148 9.70 43.30 18.42
CA GLY N 148 10.50 42.47 17.52
C GLY N 148 11.70 41.81 18.19
N ILE N 149 11.51 41.27 19.40
CA ILE N 149 12.62 40.73 20.17
C ILE N 149 12.30 39.29 20.52
N ASN N 150 13.26 38.40 20.28
CA ASN N 150 13.21 37.04 20.76
C ASN N 150 13.63 36.99 22.22
N VAL N 151 13.01 36.08 22.97
CA VAL N 151 13.37 35.87 24.35
C VAL N 151 13.69 34.39 24.53
N SER N 152 14.92 34.12 24.97
CA SER N 152 15.46 32.77 25.00
C SER N 152 15.82 32.37 26.42
N LEU N 153 15.15 31.36 26.96
CA LEU N 153 15.40 30.91 28.33
C LEU N 153 16.68 30.09 28.34
N GLU N 154 17.67 30.50 29.13
CA GLU N 154 18.93 29.77 29.18
C GLU N 154 18.85 28.60 30.17
N VAL N 155 19.19 27.41 29.67
CA VAL N 155 19.25 26.23 30.52
C VAL N 155 20.57 26.29 31.29
N VAL N 156 20.50 26.28 32.62
CA VAL N 156 21.71 26.29 33.41
C VAL N 156 21.65 25.13 34.41
N ASN N 157 22.76 24.94 35.12
CA ASN N 157 22.97 23.75 35.93
C ASN N 157 22.35 23.91 37.31
N ARG N 158 22.35 22.77 38.03
CA ARG N 158 21.63 22.61 39.28
C ARG N 158 22.04 23.66 40.30
N TYR N 159 23.25 24.19 40.20
CA TYR N 159 23.73 25.14 41.20
C TYR N 159 23.33 26.57 40.90
N GLU N 160 22.73 26.80 39.71
CA GLU N 160 22.37 28.15 39.28
C GLU N 160 20.87 28.30 39.00
N THR N 161 20.10 27.20 39.07
CA THR N 161 18.63 27.23 39.11
C THR N 161 18.14 25.85 39.54
N ASN N 162 16.91 25.80 40.06
CA ASN N 162 16.22 24.55 40.37
C ASN N 162 14.98 24.38 39.49
N VAL N 163 14.87 25.19 38.42
CA VAL N 163 13.72 25.17 37.53
C VAL N 163 14.07 24.44 36.23
N LEU N 164 14.96 25.02 35.41
CA LEU N 164 15.26 24.52 34.08
C LEU N 164 16.72 24.07 33.97
N ASN N 165 16.97 22.79 34.26
CA ASN N 165 18.34 22.28 34.27
C ASN N 165 18.71 21.53 32.99
N THR N 166 17.71 21.12 32.18
CA THR N 166 17.93 20.39 30.94
C THR N 166 17.08 20.99 29.81
N GLY N 167 17.52 20.76 28.58
CA GLY N 167 16.76 21.20 27.42
C GLY N 167 15.33 20.64 27.38
N ARG N 168 15.13 19.45 27.96
CA ARG N 168 13.83 18.82 27.94
C ARG N 168 12.86 19.54 28.89
N GLN N 169 13.34 19.96 30.06
CA GLN N 169 12.50 20.76 30.95
C GLN N 169 12.16 22.10 30.28
N ALA N 170 13.10 22.68 29.53
CA ALA N 170 12.85 23.96 28.85
C ALA N 170 11.78 23.81 27.77
N LEU N 171 11.78 22.69 27.04
CA LEU N 171 10.77 22.44 26.03
C LEU N 171 9.39 22.36 26.67
N ALA N 172 9.27 21.56 27.75
CA ALA N 172 8.00 21.42 28.45
C ALA N 172 7.53 22.77 29.00
N TYR N 173 8.48 23.61 29.44
CA TYR N 173 8.16 24.95 29.91
C TYR N 173 7.57 25.77 28.77
N LEU N 174 8.33 25.90 27.67
CA LEU N 174 7.86 26.63 26.50
C LEU N 174 6.46 26.15 26.08
N GLU N 175 6.27 24.84 26.16
CA GLU N 175 5.09 24.22 25.61
C GLU N 175 3.82 24.63 26.34
N GLU N 176 3.93 24.87 27.66
CA GLU N 176 2.78 25.33 28.43
C GLU N 176 2.44 26.78 28.10
N LEU N 177 3.44 27.57 27.65
CA LEU N 177 3.27 29.00 27.39
C LEU N 177 2.87 29.26 25.94
N ASN N 178 3.36 28.42 25.01
CA ASN N 178 3.03 28.52 23.59
C ASN N 178 3.19 29.96 23.12
N ARG N 179 4.35 30.56 23.34
CA ARG N 179 4.52 31.89 22.78
C ARG N 179 5.42 31.80 21.56
N PRO N 180 5.11 32.55 20.50
CA PRO N 180 5.79 32.37 19.22
C PRO N 180 7.24 32.88 19.16
N ASN N 181 7.63 33.81 20.03
CA ASN N 181 8.97 34.37 20.03
C ASN N 181 9.80 33.87 21.21
N LEU N 182 9.27 32.90 21.97
CA LEU N 182 9.97 32.32 23.11
C LEU N 182 10.73 31.08 22.67
N GLY N 183 12.07 31.13 22.77
CA GLY N 183 12.95 30.01 22.42
C GLY N 183 13.79 29.49 23.58
N ILE N 184 14.74 28.58 23.27
CA ILE N 184 15.63 27.99 24.26
C ILE N 184 17.07 28.42 23.97
N HIS N 185 17.84 28.62 25.05
CA HIS N 185 19.24 29.03 25.00
C HIS N 185 20.08 27.96 25.71
N LEU N 186 20.99 27.33 24.95
CA LEU N 186 21.85 26.25 25.44
C LEU N 186 23.29 26.77 25.61
N ASP N 187 23.94 26.32 26.70
CA ASP N 187 25.30 26.70 27.01
C ASP N 187 26.11 25.42 27.22
N THR N 188 27.21 25.28 26.47
CA THR N 188 28.01 24.06 26.50
C THR N 188 28.60 23.80 27.89
N TYR N 189 28.87 24.87 28.64
CA TYR N 189 29.34 24.74 30.02
C TYR N 189 28.31 24.05 30.89
N HIS N 190 27.03 24.35 30.69
CA HIS N 190 25.95 23.78 31.49
C HIS N 190 25.51 22.42 30.95
N MET N 191 25.57 22.25 29.63
CA MET N 191 25.21 20.98 29.04
C MET N 191 26.16 19.91 29.57
N ASN N 192 27.44 20.26 29.65
CA ASN N 192 28.48 19.34 30.05
C ASN N 192 28.27 18.81 31.47
N ILE N 193 27.46 19.52 32.28
CA ILE N 193 27.08 19.01 33.59
C ILE N 193 25.80 18.19 33.50
N GLU N 194 24.72 18.78 32.98
CA GLU N 194 23.38 18.26 33.26
C GLU N 194 22.84 17.32 32.16
N GLU N 195 23.36 17.38 30.92
CA GLU N 195 22.76 16.63 29.83
C GLU N 195 23.39 15.25 29.72
N SER N 196 22.68 14.37 29.01
CA SER N 196 23.14 13.01 28.74
C SER N 196 24.25 12.98 27.69
N ASP N 197 24.31 14.00 26.81
CA ASP N 197 25.27 14.07 25.72
C ASP N 197 25.17 15.43 25.06
N MET N 198 26.05 15.72 24.11
CA MET N 198 26.09 17.05 23.51
C MET N 198 25.31 17.11 22.19
N PHE N 199 24.71 16.01 21.71
CA PHE N 199 23.91 16.10 20.49
C PHE N 199 22.41 15.98 20.75
N SER N 200 21.97 15.11 21.67
CA SER N 200 20.53 14.86 21.82
C SER N 200 19.75 16.08 22.31
N PRO N 201 20.28 16.96 23.20
CA PRO N 201 19.55 18.19 23.52
C PRO N 201 19.31 19.10 22.31
N ILE N 202 20.30 19.20 21.42
CA ILE N 202 20.18 20.01 20.22
C ILE N 202 19.10 19.43 19.31
N LEU N 203 19.17 18.12 19.02
CA LEU N 203 18.20 17.48 18.15
C LEU N 203 16.80 17.55 18.77
N ASP N 204 16.69 17.49 20.10
CA ASP N 204 15.41 17.58 20.80
C ASP N 204 14.83 19.00 20.72
N THR N 205 15.67 20.04 20.74
CA THR N 205 15.21 21.42 20.80
C THR N 205 15.28 22.15 19.46
N ALA N 206 15.46 21.44 18.35
CA ALA N 206 15.94 22.05 17.11
C ALA N 206 15.11 23.27 16.69
N GLU N 207 13.79 23.11 16.63
CA GLU N 207 12.87 24.15 16.22
C GLU N 207 12.97 25.37 17.15
N ALA N 208 13.20 25.13 18.45
CA ALA N 208 13.13 26.16 19.49
C ALA N 208 14.51 26.72 19.87
N LEU N 209 15.61 26.19 19.34
CA LEU N 209 16.95 26.63 19.73
C LEU N 209 17.27 27.98 19.07
N ARG N 210 17.31 29.05 19.87
CA ARG N 210 17.44 30.39 19.32
C ARG N 210 18.73 31.09 19.72
N TYR N 211 19.57 30.47 20.58
CA TYR N 211 20.76 31.13 21.08
C TYR N 211 21.70 30.12 21.75
N VAL N 212 23.01 30.26 21.48
CA VAL N 212 23.99 29.29 21.92
C VAL N 212 25.15 30.00 22.62
N HIS N 213 25.61 29.41 23.74
CA HIS N 213 26.79 29.87 24.43
C HIS N 213 27.91 28.83 24.30
N ILE N 214 29.11 29.31 23.96
CA ILE N 214 30.30 28.49 23.81
C ILE N 214 31.22 28.74 24.98
N GLY N 215 31.25 27.79 25.92
CA GLY N 215 32.05 27.93 27.12
C GLY N 215 32.74 26.61 27.46
N GLU N 216 34.02 26.66 27.85
CA GLU N 216 34.75 25.48 28.29
C GLU N 216 34.19 24.99 29.64
N SER N 217 34.53 23.75 30.00
CA SER N 217 34.04 23.11 31.21
C SER N 217 34.36 23.92 32.46
N HIS N 218 35.54 24.55 32.51
CA HIS N 218 35.93 25.41 33.61
C HIS N 218 35.73 26.90 33.30
N ARG N 219 35.29 27.23 32.08
CA ARG N 219 34.90 28.58 31.66
C ARG N 219 36.12 29.42 31.22
N GLY N 220 37.26 28.78 30.93
CA GLY N 220 38.47 29.47 30.50
C GLY N 220 38.71 29.33 29.00
N TYR N 221 39.98 29.14 28.61
CA TYR N 221 40.34 28.96 27.21
C TYR N 221 39.60 27.78 26.57
N LEU N 222 39.11 27.99 25.35
CA LEU N 222 38.42 26.93 24.63
C LEU N 222 39.39 25.81 24.26
N GLY N 223 38.93 24.57 24.50
CA GLY N 223 39.76 23.40 24.26
C GLY N 223 40.83 23.17 25.33
N THR N 224 40.66 23.73 26.54
CA THR N 224 41.54 23.42 27.67
C THR N 224 40.81 22.73 28.82
N GLY N 225 39.59 22.24 28.58
CA GLY N 225 38.82 21.53 29.60
C GLY N 225 38.13 20.29 29.03
N SER N 226 36.96 19.95 29.55
CA SER N 226 36.32 18.66 29.29
C SER N 226 35.03 18.78 28.49
N VAL N 227 34.83 19.85 27.73
CA VAL N 227 33.61 20.01 26.94
C VAL N 227 33.79 19.32 25.58
N ASP N 228 32.74 18.65 25.10
CA ASP N 228 32.76 17.92 23.83
C ASP N 228 32.26 18.85 22.72
N PHE N 229 33.11 19.79 22.32
CA PHE N 229 32.71 20.77 21.32
C PHE N 229 32.40 20.10 19.98
N ASP N 230 33.13 19.05 19.64
CA ASP N 230 32.97 18.42 18.33
C ASP N 230 31.54 17.94 18.14
N THR N 231 31.08 17.08 19.05
CA THR N 231 29.75 16.53 18.96
C THR N 231 28.73 17.66 18.94
N PHE N 232 28.95 18.67 19.76
CA PHE N 232 28.05 19.80 19.84
C PHE N 232 27.92 20.49 18.47
N PHE N 233 29.04 20.91 17.88
CA PHE N 233 28.99 21.72 16.68
C PHE N 233 28.43 20.92 15.52
N LYS N 234 28.68 19.61 15.50
CA LYS N 234 28.11 18.75 14.49
C LYS N 234 26.60 18.65 14.64
N ALA N 235 26.12 18.55 15.88
CA ALA N 235 24.67 18.52 16.10
C ALA N 235 24.01 19.80 15.61
N LEU N 236 24.68 20.96 15.82
CA LEU N 236 24.14 22.24 15.34
C LEU N 236 24.08 22.21 13.80
N GLY N 237 25.15 21.73 13.16
CA GLY N 237 25.16 21.50 11.72
C GLY N 237 23.91 20.73 11.31
N ARG N 238 23.62 19.65 12.04
CA ARG N 238 22.57 18.74 11.63
C ARG N 238 21.20 19.40 11.61
N ILE N 239 20.91 20.29 12.55
CA ILE N 239 19.58 20.89 12.59
C ILE N 239 19.54 22.20 11.78
N GLY N 240 20.64 22.52 11.11
CA GLY N 240 20.73 23.77 10.37
C GLY N 240 20.57 24.99 11.27
N TYR N 241 21.13 24.94 12.49
CA TYR N 241 21.11 26.10 13.38
C TYR N 241 21.84 27.27 12.71
N ASP N 242 21.27 28.47 12.83
CA ASP N 242 21.96 29.65 12.33
C ASP N 242 21.71 30.86 13.23
N GLY N 243 21.22 30.64 14.46
CA GLY N 243 21.16 31.69 15.46
C GLY N 243 22.56 32.13 15.90
N PRO N 244 22.62 33.05 16.88
CA PRO N 244 23.89 33.56 17.35
C PRO N 244 24.68 32.50 18.12
N VAL N 245 26.00 32.58 17.98
CA VAL N 245 26.93 31.70 18.65
C VAL N 245 27.96 32.57 19.37
N VAL N 246 27.88 32.59 20.71
CA VAL N 246 28.54 33.60 21.51
C VAL N 246 29.51 32.94 22.48
N PHE N 247 30.76 33.42 22.45
CA PHE N 247 31.80 33.01 23.39
C PHE N 247 31.48 33.54 24.78
N GLU N 248 31.75 32.73 25.81
CA GLU N 248 31.55 33.17 27.19
C GLU N 248 32.67 32.60 28.08
N SER N 249 33.36 33.49 28.82
CA SER N 249 34.43 33.09 29.72
C SER N 249 34.55 34.05 30.92
N PHE N 250 34.98 33.51 32.07
CA PHE N 250 35.11 34.25 33.31
C PHE N 250 36.45 33.94 33.99
N SER N 251 37.06 34.99 34.60
CA SER N 251 38.35 34.88 35.25
C SER N 251 38.48 35.94 36.35
N SER N 252 39.27 35.62 37.38
CA SER N 252 39.66 36.53 38.45
C SER N 252 40.20 37.86 37.94
N SER N 253 40.67 37.89 36.69
CA SER N 253 41.31 39.08 36.16
C SER N 253 40.29 40.15 35.77
N VAL N 254 39.04 39.76 35.53
CA VAL N 254 37.96 40.67 35.21
C VAL N 254 36.76 40.34 36.10
N VAL N 255 36.47 41.24 37.05
CA VAL N 255 35.50 40.99 38.10
C VAL N 255 34.28 41.89 37.90
N ALA N 256 33.10 41.28 37.93
CA ALA N 256 31.85 42.02 38.05
C ALA N 256 31.37 41.87 39.49
N PRO N 257 31.20 42.96 40.25
CA PRO N 257 30.99 42.84 41.69
C PRO N 257 29.83 41.90 42.06
N ASP N 258 28.81 41.81 41.21
CA ASP N 258 27.66 40.96 41.46
C ASP N 258 27.82 39.60 40.76
N LEU N 259 27.98 39.63 39.44
CA LEU N 259 27.94 38.44 38.62
C LEU N 259 29.13 37.51 38.91
N SER N 260 30.30 38.06 39.23
CA SER N 260 31.48 37.23 39.50
C SER N 260 31.30 36.43 40.79
N ARG N 261 30.55 36.97 41.75
CA ARG N 261 30.28 36.22 42.95
C ARG N 261 29.18 35.21 42.68
N MET N 262 28.13 35.61 41.96
CA MET N 262 27.01 34.72 41.67
C MET N 262 27.51 33.44 40.96
N LEU N 263 28.45 33.63 40.04
CA LEU N 263 28.94 32.55 39.19
C LEU N 263 30.09 31.77 39.82
N GLY N 264 30.56 32.20 40.99
CA GLY N 264 31.62 31.47 41.69
C GLY N 264 32.97 31.50 40.97
N ILE N 265 33.43 32.67 40.55
CA ILE N 265 34.67 32.78 39.81
C ILE N 265 35.81 33.02 40.81
N TRP N 266 36.36 31.94 41.34
CA TRP N 266 37.35 32.07 42.38
C TRP N 266 38.77 32.12 41.82
N ARG N 267 38.97 31.74 40.56
CA ARG N 267 40.29 31.39 40.05
C ARG N 267 40.69 32.24 38.85
N ASN N 268 42.00 32.46 38.75
CA ASN N 268 42.61 32.92 37.52
C ASN N 268 42.56 31.82 36.45
N LEU N 269 41.84 32.09 35.36
CA LEU N 269 41.82 31.17 34.22
C LEU N 269 42.40 31.78 32.97
N TRP N 270 42.76 33.07 33.03
CA TRP N 270 43.41 33.78 31.95
C TRP N 270 43.71 35.16 32.50
N ALA N 271 44.83 35.75 32.06
CA ALA N 271 45.22 37.09 32.48
C ALA N 271 45.23 38.09 31.32
N ASP N 272 45.42 37.60 30.08
CA ASP N 272 45.42 38.43 28.88
C ASP N 272 44.16 38.14 28.08
N ASN N 273 43.16 39.02 28.18
CA ASN N 273 41.90 38.76 27.49
C ASN N 273 41.98 39.06 25.99
N GLU N 274 42.98 39.82 25.53
CA GLU N 274 43.07 40.10 24.10
C GLU N 274 43.44 38.82 23.35
N GLU N 275 44.35 38.00 23.92
CA GLU N 275 44.72 36.73 23.32
C GLU N 275 43.57 35.72 23.50
N LEU N 276 42.93 35.73 24.66
CA LEU N 276 41.79 34.85 24.89
C LEU N 276 40.71 35.06 23.83
N GLY N 277 40.36 36.32 23.56
CA GLY N 277 39.23 36.62 22.70
C GLY N 277 39.53 36.32 21.24
N ALA N 278 40.76 36.65 20.80
CA ALA N 278 41.21 36.33 19.46
C ALA N 278 41.16 34.82 19.24
N HIS N 279 41.69 34.07 20.23
CA HIS N 279 41.74 32.62 20.15
C HIS N 279 40.34 32.01 20.03
N ALA N 280 39.41 32.49 20.87
CA ALA N 280 38.04 32.02 20.88
C ALA N 280 37.29 32.36 19.59
N ASN N 281 37.58 33.51 18.98
CA ASN N 281 36.93 33.88 17.74
C ASN N 281 37.34 32.89 16.64
N ALA N 282 38.65 32.63 16.51
CA ALA N 282 39.17 31.62 15.61
C ALA N 282 38.48 30.28 15.88
N PHE N 283 38.63 29.78 17.11
CA PHE N 283 38.14 28.47 17.48
C PHE N 283 36.70 28.29 17.00
N ILE N 284 35.86 29.30 17.17
CA ILE N 284 34.46 29.16 16.81
C ILE N 284 34.28 29.22 15.29
N ARG N 285 34.92 30.20 14.65
CA ARG N 285 34.79 30.34 13.21
C ARG N 285 35.36 29.12 12.49
N ASP N 286 36.42 28.51 13.04
CA ASP N 286 37.05 27.33 12.44
C ASP N 286 36.21 26.06 12.64
N LYS N 287 35.64 25.86 13.83
CA LYS N 287 34.64 24.82 14.06
C LYS N 287 33.52 24.90 13.01
N LEU N 288 32.97 26.11 12.83
CA LEU N 288 31.86 26.28 11.91
C LEU N 288 32.30 26.03 10.47
N THR N 289 33.49 26.48 10.12
CA THR N 289 33.99 26.25 8.77
C THR N 289 34.05 24.76 8.47
N ALA N 290 34.69 24.01 9.37
CA ALA N 290 34.86 22.57 9.19
C ALA N 290 33.51 21.85 9.19
N ILE N 291 32.58 22.27 10.04
CA ILE N 291 31.30 21.55 10.12
C ILE N 291 30.52 21.70 8.81
N LYS N 292 30.69 22.84 8.13
CA LYS N 292 30.03 23.08 6.85
C LYS N 292 30.45 22.03 5.83
N THR N 293 31.73 21.65 5.84
CA THR N 293 32.28 20.71 4.87
C THR N 293 31.81 19.27 5.10
N ILE N 294 31.13 18.99 6.21
CA ILE N 294 30.80 17.62 6.54
C ILE N 294 29.73 17.10 5.57
N GLU N 295 28.72 17.92 5.27
CA GLU N 295 27.67 17.44 4.39
C GLU N 295 27.81 17.93 2.95
N LEU N 296 28.89 18.66 2.64
CA LEU N 296 29.21 19.13 1.29
C LEU N 296 28.04 19.97 0.72
N GLU O 2 -38.50 -69.33 -16.94
CA GLU O 2 -37.72 -70.44 -16.32
C GLU O 2 -36.35 -69.96 -15.83
N VAL O 3 -35.31 -70.06 -16.66
CA VAL O 3 -33.93 -69.94 -16.18
C VAL O 3 -33.39 -68.53 -16.49
N LEU O 4 -32.70 -67.96 -15.49
CA LEU O 4 -32.14 -66.63 -15.59
C LEU O 4 -30.97 -66.60 -16.57
N PHE O 5 -31.09 -65.78 -17.61
CA PHE O 5 -29.98 -65.54 -18.51
C PHE O 5 -28.86 -64.85 -17.75
N GLN O 6 -27.65 -65.42 -17.80
CA GLN O 6 -26.55 -64.93 -16.98
C GLN O 6 -25.66 -63.95 -17.74
N GLY O 7 -25.58 -64.05 -19.08
CA GLY O 7 -24.70 -63.22 -19.89
C GLY O 7 -25.01 -61.72 -19.79
N PRO O 8 -24.07 -60.84 -20.22
CA PRO O 8 -24.22 -59.40 -20.01
C PRO O 8 -25.13 -58.67 -21.02
N MET O 9 -25.24 -59.19 -22.26
CA MET O 9 -26.09 -58.56 -23.26
C MET O 9 -27.51 -59.08 -23.10
N LYS O 10 -28.23 -58.45 -22.17
CA LYS O 10 -29.60 -58.83 -21.93
C LYS O 10 -30.50 -58.01 -22.83
N ILE O 11 -31.39 -58.71 -23.54
CA ILE O 11 -32.39 -58.09 -24.38
C ILE O 11 -33.61 -57.88 -23.49
N GLY O 12 -33.96 -56.62 -23.24
CA GLY O 12 -34.96 -56.29 -22.24
C GLY O 12 -36.11 -55.47 -22.82
N CYS O 13 -37.13 -55.29 -21.98
CA CYS O 13 -38.36 -54.62 -22.35
C CYS O 13 -38.77 -53.65 -21.24
N HIS O 14 -39.28 -52.48 -21.65
CA HIS O 14 -39.67 -51.42 -20.72
C HIS O 14 -41.06 -51.71 -20.16
N GLY O 15 -41.26 -51.37 -18.89
CA GLY O 15 -42.49 -51.74 -18.19
C GLY O 15 -43.75 -51.16 -18.86
N LEU O 16 -43.62 -50.03 -19.57
CA LEU O 16 -44.78 -49.35 -20.09
C LEU O 16 -45.30 -49.92 -21.40
N VAL O 17 -44.70 -51.01 -21.90
CA VAL O 17 -45.35 -51.81 -22.92
C VAL O 17 -46.58 -52.52 -22.32
N TRP O 18 -46.52 -52.79 -21.01
CA TRP O 18 -47.39 -53.75 -20.35
C TRP O 18 -48.42 -53.07 -19.45
N THR O 19 -47.98 -52.08 -18.68
CA THR O 19 -48.83 -51.42 -17.71
C THR O 19 -48.25 -50.05 -17.39
N GLY O 20 -49.09 -49.19 -16.80
CA GLY O 20 -48.65 -47.87 -16.38
C GLY O 20 -48.59 -47.74 -14.86
N HIS O 21 -49.04 -48.77 -14.15
CA HIS O 21 -49.15 -48.75 -12.70
C HIS O 21 -48.33 -49.90 -12.14
N PHE O 22 -47.38 -49.59 -11.25
CA PHE O 22 -46.46 -50.62 -10.75
C PHE O 22 -46.69 -50.92 -9.28
N ASP O 23 -47.97 -51.10 -8.92
CA ASP O 23 -48.36 -51.77 -7.69
C ASP O 23 -47.95 -53.24 -7.82
N ALA O 24 -48.34 -54.06 -6.84
CA ALA O 24 -48.00 -55.48 -6.91
C ALA O 24 -48.54 -56.10 -8.19
N GLU O 25 -49.79 -55.77 -8.55
CA GLU O 25 -50.44 -56.40 -9.69
C GLU O 25 -49.67 -56.09 -10.98
N GLY O 26 -49.34 -54.81 -11.18
CA GLY O 26 -48.61 -54.40 -12.36
C GLY O 26 -47.20 -54.99 -12.44
N ILE O 27 -46.50 -55.04 -11.31
CA ILE O 27 -45.18 -55.65 -11.25
C ILE O 27 -45.27 -57.11 -11.70
N ARG O 28 -46.20 -57.87 -11.10
CA ARG O 28 -46.35 -59.26 -11.46
C ARG O 28 -46.78 -59.40 -12.91
N TYR O 29 -47.71 -58.55 -13.35
CA TYR O 29 -48.16 -58.59 -14.73
C TYR O 29 -47.01 -58.28 -15.69
N SER O 30 -46.23 -57.24 -15.40
CA SER O 30 -45.21 -56.77 -16.33
C SER O 30 -44.06 -57.78 -16.45
N VAL O 31 -43.67 -58.40 -15.32
CA VAL O 31 -42.60 -59.40 -15.33
C VAL O 31 -43.02 -60.65 -16.10
N GLN O 32 -44.23 -61.15 -15.84
CA GLN O 32 -44.74 -62.33 -16.53
C GLN O 32 -44.82 -62.08 -18.03
N LYS O 33 -45.44 -60.96 -18.43
CA LYS O 33 -45.60 -60.66 -19.84
C LYS O 33 -44.23 -60.46 -20.51
N THR O 34 -43.29 -59.81 -19.80
CA THR O 34 -41.94 -59.66 -20.33
C THR O 34 -41.34 -61.02 -20.65
N ARG O 35 -41.39 -61.95 -19.69
CA ARG O 35 -40.84 -63.28 -19.92
C ARG O 35 -41.56 -63.94 -21.10
N GLU O 36 -42.89 -63.84 -21.15
CA GLU O 36 -43.66 -64.54 -22.17
C GLU O 36 -43.24 -64.10 -23.57
N ALA O 37 -42.90 -62.81 -23.72
CA ALA O 37 -42.54 -62.26 -25.02
C ALA O 37 -41.11 -62.65 -25.44
N GLY O 38 -40.29 -63.15 -24.49
CA GLY O 38 -38.99 -63.71 -24.81
C GLY O 38 -37.80 -62.87 -24.33
N PHE O 39 -38.06 -61.82 -23.56
CA PHE O 39 -37.00 -60.93 -23.11
C PHE O 39 -36.23 -61.57 -21.96
N ASP O 40 -35.06 -61.01 -21.65
CA ASP O 40 -34.23 -61.46 -20.54
C ASP O 40 -34.36 -60.55 -19.32
N LEU O 41 -34.93 -59.35 -19.52
CA LEU O 41 -34.87 -58.26 -18.54
C LEU O 41 -36.12 -57.40 -18.70
N VAL O 42 -36.50 -56.78 -17.58
CA VAL O 42 -37.56 -55.80 -17.56
C VAL O 42 -36.97 -54.54 -16.94
N GLU O 43 -37.28 -53.40 -17.55
CA GLU O 43 -36.86 -52.11 -17.07
C GLU O 43 -38.05 -51.44 -16.36
N PHE O 44 -37.97 -51.37 -15.04
CA PHE O 44 -39.04 -50.77 -14.25
C PHE O 44 -38.92 -49.25 -14.30
N PRO O 45 -39.98 -48.51 -14.64
CA PRO O 45 -39.94 -47.07 -14.49
C PRO O 45 -40.23 -46.63 -13.06
N LEU O 46 -39.18 -46.44 -12.27
CA LEU O 46 -39.28 -45.97 -10.89
C LEU O 46 -39.54 -44.46 -10.84
N MET O 47 -40.67 -44.05 -11.38
CA MET O 47 -41.06 -42.66 -11.26
C MET O 47 -41.30 -42.32 -9.78
N ASP O 48 -41.79 -43.30 -8.99
CA ASP O 48 -41.90 -43.16 -7.54
C ASP O 48 -41.23 -44.34 -6.86
N PRO O 49 -39.93 -44.21 -6.51
CA PRO O 49 -39.22 -45.30 -5.86
C PRO O 49 -39.61 -45.55 -4.40
N PHE O 50 -40.22 -44.56 -3.75
CA PHE O 50 -40.56 -44.70 -2.34
C PHE O 50 -41.74 -45.64 -2.13
N SER O 51 -42.59 -45.81 -3.15
CA SER O 51 -43.76 -46.68 -3.07
C SER O 51 -43.64 -47.88 -4.01
N PHE O 52 -42.41 -48.29 -4.31
CA PHE O 52 -42.20 -49.46 -5.16
C PHE O 52 -42.07 -50.71 -4.29
N ASP O 53 -42.83 -51.75 -4.63
CA ASP O 53 -42.96 -52.97 -3.84
C ASP O 53 -41.81 -53.93 -4.15
N VAL O 54 -40.73 -53.85 -3.36
CA VAL O 54 -39.51 -54.57 -3.70
C VAL O 54 -39.68 -56.07 -3.53
N GLN O 55 -40.43 -56.49 -2.50
CA GLN O 55 -40.62 -57.92 -2.24
C GLN O 55 -41.37 -58.57 -3.41
N THR O 56 -42.44 -57.92 -3.88
CA THR O 56 -43.18 -58.45 -5.00
C THR O 56 -42.30 -58.54 -6.26
N ALA O 57 -41.43 -57.54 -6.46
CA ALA O 57 -40.50 -57.56 -7.58
C ALA O 57 -39.56 -58.76 -7.49
N LYS O 58 -38.89 -58.92 -6.34
CA LYS O 58 -37.99 -60.06 -6.14
C LYS O 58 -38.70 -61.38 -6.44
N SER O 59 -39.96 -61.48 -6.02
CA SER O 59 -40.74 -62.69 -6.15
C SER O 59 -41.04 -63.03 -7.61
N ALA O 60 -41.41 -62.01 -8.40
CA ALA O 60 -41.79 -62.25 -9.79
C ALA O 60 -40.54 -62.43 -10.68
N LEU O 61 -39.45 -61.72 -10.35
CA LEU O 61 -38.20 -61.88 -11.08
C LEU O 61 -37.67 -63.32 -10.93
N ALA O 62 -37.57 -63.79 -9.67
CA ALA O 62 -37.05 -65.12 -9.38
C ALA O 62 -37.94 -66.20 -10.00
N GLU O 63 -39.26 -66.03 -9.89
CA GLU O 63 -40.21 -66.96 -10.48
C GLU O 63 -39.98 -67.15 -11.98
N HIS O 64 -39.85 -66.04 -12.73
CA HIS O 64 -39.84 -66.09 -14.19
C HIS O 64 -38.42 -66.04 -14.76
N GLY O 65 -37.40 -66.14 -13.91
CA GLY O 65 -36.02 -66.13 -14.36
C GLY O 65 -35.73 -64.89 -15.20
N LEU O 66 -35.85 -63.72 -14.57
CA LEU O 66 -35.73 -62.47 -15.31
C LEU O 66 -34.80 -61.52 -14.58
N ALA O 67 -33.96 -60.83 -15.34
CA ALA O 67 -33.12 -59.78 -14.76
C ALA O 67 -33.94 -58.50 -14.69
N ALA O 68 -33.43 -57.50 -13.95
CA ALA O 68 -34.14 -56.25 -13.79
C ALA O 68 -33.20 -55.05 -13.82
N SER O 69 -33.73 -53.94 -14.34
CA SER O 69 -33.10 -52.64 -14.25
C SER O 69 -34.19 -51.60 -14.00
N ALA O 70 -33.78 -50.36 -13.73
CA ALA O 70 -34.76 -49.31 -13.52
C ALA O 70 -34.32 -48.03 -14.23
N SER O 71 -35.32 -47.30 -14.73
CA SER O 71 -35.12 -46.00 -15.34
C SER O 71 -36.08 -45.00 -14.72
N LEU O 72 -35.80 -43.72 -14.94
CA LEU O 72 -36.44 -42.67 -14.15
C LEU O 72 -36.19 -41.34 -14.85
N GLY O 73 -37.17 -40.45 -14.76
CA GLY O 73 -37.02 -39.08 -15.24
C GLY O 73 -37.45 -38.09 -14.17
N LEU O 74 -36.56 -37.16 -13.81
CA LEU O 74 -36.85 -36.19 -12.77
C LEU O 74 -37.95 -35.21 -13.22
N SER O 75 -38.43 -34.41 -12.26
CA SER O 75 -39.50 -33.43 -12.48
C SER O 75 -39.10 -32.08 -11.89
N ASP O 76 -40.01 -31.11 -12.01
CA ASP O 76 -39.75 -29.77 -11.49
C ASP O 76 -39.38 -29.84 -10.00
N ALA O 77 -40.12 -30.64 -9.23
CA ALA O 77 -39.91 -30.75 -7.79
C ALA O 77 -38.54 -31.33 -7.43
N THR O 78 -37.90 -32.06 -8.38
CA THR O 78 -36.74 -32.88 -8.08
C THR O 78 -35.57 -32.57 -9.04
N ASP O 79 -35.54 -31.37 -9.60
CA ASP O 79 -34.64 -31.05 -10.69
C ASP O 79 -33.24 -30.74 -10.15
N VAL O 80 -32.33 -31.71 -10.24
CA VAL O 80 -30.98 -31.51 -9.75
C VAL O 80 -30.22 -30.42 -10.51
N SER O 81 -30.80 -29.88 -11.59
CA SER O 81 -30.20 -28.80 -12.35
C SER O 81 -30.86 -27.46 -12.02
N SER O 82 -31.79 -27.45 -11.05
CA SER O 82 -32.26 -26.20 -10.47
C SER O 82 -31.12 -25.43 -9.81
N GLU O 83 -31.37 -24.15 -9.54
CA GLU O 83 -30.40 -23.33 -8.82
C GLU O 83 -30.71 -23.32 -7.33
N ASP O 84 -31.97 -23.65 -6.97
CA ASP O 84 -32.50 -23.77 -5.61
C ASP O 84 -32.03 -25.07 -4.98
N PRO O 85 -31.17 -25.01 -3.92
CA PRO O 85 -30.56 -26.23 -3.38
C PRO O 85 -31.50 -27.17 -2.63
N ALA O 86 -32.74 -26.71 -2.33
CA ALA O 86 -33.75 -27.61 -1.77
C ALA O 86 -34.32 -28.51 -2.87
N VAL O 87 -34.42 -28.00 -4.10
CA VAL O 87 -34.90 -28.81 -5.21
C VAL O 87 -33.82 -29.83 -5.59
N VAL O 88 -32.57 -29.39 -5.67
CA VAL O 88 -31.46 -30.30 -5.97
C VAL O 88 -31.45 -31.46 -4.98
N LYS O 89 -31.72 -31.19 -3.69
CA LYS O 89 -31.61 -32.23 -2.68
C LYS O 89 -32.80 -33.17 -2.78
N ALA O 90 -34.00 -32.66 -3.06
CA ALA O 90 -35.16 -33.52 -3.15
C ALA O 90 -35.02 -34.49 -4.33
N GLY O 91 -34.29 -34.06 -5.37
CA GLY O 91 -33.97 -34.92 -6.50
C GLY O 91 -32.84 -35.90 -6.19
N GLU O 92 -31.82 -35.45 -5.46
CA GLU O 92 -30.75 -36.32 -5.02
C GLU O 92 -31.29 -37.44 -4.11
N GLU O 93 -32.25 -37.12 -3.25
CA GLU O 93 -32.80 -38.08 -2.30
C GLU O 93 -33.81 -39.03 -2.97
N LEU O 94 -34.49 -38.56 -4.03
CA LEU O 94 -35.26 -39.43 -4.92
C LEU O 94 -34.34 -40.41 -5.63
N LEU O 95 -33.23 -39.91 -6.19
CA LEU O 95 -32.25 -40.73 -6.93
C LEU O 95 -31.66 -41.80 -6.02
N ASN O 96 -31.31 -41.41 -4.78
CA ASN O 96 -30.70 -42.30 -3.82
C ASN O 96 -31.62 -43.49 -3.50
N ARG O 97 -32.90 -43.22 -3.29
CA ARG O 97 -33.85 -44.28 -3.00
C ARG O 97 -33.98 -45.25 -4.18
N ALA O 98 -33.93 -44.74 -5.42
CA ALA O 98 -34.08 -45.61 -6.57
C ALA O 98 -32.83 -46.50 -6.70
N VAL O 99 -31.65 -45.95 -6.40
CA VAL O 99 -30.44 -46.77 -6.33
C VAL O 99 -30.60 -47.86 -5.28
N ASP O 100 -31.16 -47.50 -4.11
CA ASP O 100 -31.37 -48.46 -3.04
C ASP O 100 -32.28 -49.60 -3.49
N VAL O 101 -33.30 -49.28 -4.31
CA VAL O 101 -34.25 -50.30 -4.73
C VAL O 101 -33.56 -51.31 -5.64
N LEU O 102 -32.72 -50.85 -6.56
CA LEU O 102 -31.99 -51.76 -7.42
C LEU O 102 -31.05 -52.65 -6.61
N ALA O 103 -30.39 -52.10 -5.60
CA ALA O 103 -29.54 -52.91 -4.75
C ALA O 103 -30.35 -54.02 -4.09
N GLU O 104 -31.51 -53.68 -3.52
CA GLU O 104 -32.38 -54.70 -2.97
C GLU O 104 -32.78 -55.71 -4.06
N LEU O 105 -32.97 -55.27 -5.30
CA LEU O 105 -33.24 -56.22 -6.37
C LEU O 105 -32.00 -57.00 -6.81
N GLY O 106 -30.80 -56.60 -6.39
CA GLY O 106 -29.58 -57.18 -6.94
C GLY O 106 -29.40 -56.82 -8.42
N ALA O 107 -30.00 -55.72 -8.85
CA ALA O 107 -29.79 -55.22 -10.20
C ALA O 107 -28.43 -54.54 -10.28
N THR O 108 -28.03 -54.21 -11.51
CA THR O 108 -26.76 -53.57 -11.76
C THR O 108 -26.91 -52.25 -12.48
N ASP O 109 -28.10 -51.93 -12.98
CA ASP O 109 -28.26 -50.89 -13.98
C ASP O 109 -29.29 -49.85 -13.57
N PHE O 110 -28.84 -48.60 -13.41
CA PHE O 110 -29.69 -47.45 -13.20
C PHE O 110 -29.45 -46.44 -14.30
N CYS O 111 -30.52 -45.99 -14.95
CA CYS O 111 -30.35 -45.06 -16.04
C CYS O 111 -31.57 -44.15 -16.14
N GLY O 112 -31.47 -43.17 -17.04
CA GLY O 112 -32.58 -42.30 -17.35
C GLY O 112 -32.13 -40.85 -17.36
N VAL O 113 -33.12 -39.96 -17.30
CA VAL O 113 -32.87 -38.53 -17.27
C VAL O 113 -32.76 -38.11 -15.80
N ILE O 114 -31.51 -38.11 -15.32
CA ILE O 114 -31.19 -37.97 -13.90
C ILE O 114 -30.27 -36.79 -13.66
N TYR O 115 -30.05 -35.97 -14.70
CA TYR O 115 -29.15 -34.82 -14.65
C TYR O 115 -29.97 -33.52 -14.76
N SER O 116 -31.30 -33.64 -14.73
CA SER O 116 -32.21 -32.51 -14.85
C SER O 116 -33.62 -33.06 -14.82
N ALA O 117 -34.62 -32.17 -14.91
CA ALA O 117 -35.97 -32.68 -15.08
C ALA O 117 -36.15 -33.16 -16.52
N MET O 118 -37.08 -34.08 -16.69
CA MET O 118 -37.49 -34.52 -18.01
C MET O 118 -38.73 -33.70 -18.39
N LYS O 119 -38.49 -32.58 -19.08
CA LYS O 119 -39.57 -31.69 -19.47
C LYS O 119 -39.11 -30.81 -20.63
N LYS O 120 -40.04 -29.98 -21.11
CA LYS O 120 -39.72 -28.96 -22.07
C LYS O 120 -39.34 -27.69 -21.31
N TYR O 121 -38.03 -27.41 -21.27
CA TYR O 121 -37.51 -26.19 -20.68
C TYR O 121 -37.85 -25.00 -21.57
N MET O 122 -37.90 -23.82 -20.94
CA MET O 122 -38.18 -22.57 -21.63
C MET O 122 -36.97 -21.65 -21.63
N GLU O 123 -35.79 -22.15 -21.20
CA GLU O 123 -34.59 -21.34 -21.11
C GLU O 123 -33.40 -22.28 -21.27
N PRO O 124 -32.27 -21.81 -21.81
CA PRO O 124 -31.04 -22.58 -21.76
C PRO O 124 -30.66 -22.90 -20.32
N ALA O 125 -29.81 -23.92 -20.16
CA ALA O 125 -29.29 -24.27 -18.85
C ALA O 125 -28.36 -23.16 -18.38
N THR O 126 -28.37 -22.90 -17.08
CA THR O 126 -27.49 -21.90 -16.47
C THR O 126 -26.20 -22.56 -15.99
N ALA O 127 -25.13 -21.77 -15.89
CA ALA O 127 -23.88 -22.31 -15.37
C ALA O 127 -24.09 -22.92 -13.98
N ALA O 128 -24.87 -22.24 -13.13
CA ALA O 128 -25.05 -22.68 -11.75
C ALA O 128 -25.82 -23.99 -11.68
N GLY O 129 -26.84 -24.14 -12.53
CA GLY O 129 -27.63 -25.36 -12.58
C GLY O 129 -26.83 -26.58 -13.05
N LEU O 130 -25.94 -26.38 -14.02
CA LEU O 130 -25.08 -27.44 -14.50
C LEU O 130 -24.13 -27.91 -13.39
N ALA O 131 -23.53 -26.95 -12.68
CA ALA O 131 -22.65 -27.27 -11.55
C ALA O 131 -23.39 -28.16 -10.55
N ASN O 132 -24.58 -27.71 -10.12
CA ASN O 132 -25.43 -28.49 -9.22
C ASN O 132 -25.69 -29.89 -9.76
N SER O 133 -26.16 -29.98 -11.03
CA SER O 133 -26.43 -31.26 -11.66
C SER O 133 -25.22 -32.18 -11.58
N LYS O 134 -24.05 -31.68 -12.03
CA LYS O 134 -22.84 -32.47 -12.03
C LYS O 134 -22.52 -32.95 -10.62
N ALA O 135 -22.46 -32.02 -9.65
CA ALA O 135 -22.09 -32.36 -8.28
C ALA O 135 -23.01 -33.46 -7.74
N ALA O 136 -24.31 -33.27 -7.91
CA ALA O 136 -25.32 -34.19 -7.39
C ALA O 136 -25.18 -35.57 -8.04
N VAL O 137 -25.09 -35.63 -9.37
CA VAL O 137 -24.98 -36.90 -10.08
C VAL O 137 -23.72 -37.64 -9.63
N GLY O 138 -22.61 -36.91 -9.48
CA GLY O 138 -21.39 -37.45 -8.91
C GLY O 138 -21.61 -38.15 -7.57
N ARG O 139 -22.35 -37.51 -6.68
CA ARG O 139 -22.61 -38.12 -5.38
C ARG O 139 -23.48 -39.37 -5.51
N VAL O 140 -24.51 -39.31 -6.35
CA VAL O 140 -25.33 -40.48 -6.61
C VAL O 140 -24.47 -41.61 -7.17
N ALA O 141 -23.59 -41.26 -8.11
CA ALA O 141 -22.71 -42.25 -8.72
C ALA O 141 -21.82 -42.90 -7.67
N ASP O 142 -21.23 -42.11 -6.77
CA ASP O 142 -20.36 -42.64 -5.75
C ASP O 142 -21.12 -43.64 -4.87
N ARG O 143 -22.23 -43.19 -4.31
CA ARG O 143 -23.09 -44.01 -3.46
C ARG O 143 -23.50 -45.32 -4.15
N ALA O 144 -23.83 -45.26 -5.46
CA ALA O 144 -24.16 -46.47 -6.21
C ALA O 144 -22.93 -47.33 -6.49
N SER O 145 -21.78 -46.71 -6.73
CA SER O 145 -20.50 -47.39 -6.91
C SER O 145 -20.29 -48.46 -5.84
N ASP O 146 -20.45 -48.08 -4.57
CA ASP O 146 -20.21 -48.99 -3.45
C ASP O 146 -21.29 -50.06 -3.34
N LEU O 147 -22.37 -49.96 -4.13
CA LEU O 147 -23.47 -50.90 -4.02
C LEU O 147 -23.52 -51.83 -5.23
N GLY O 148 -22.51 -51.75 -6.12
CA GLY O 148 -22.46 -52.58 -7.32
C GLY O 148 -23.41 -52.13 -8.43
N ILE O 149 -23.63 -50.82 -8.53
CA ILE O 149 -24.63 -50.27 -9.45
C ILE O 149 -23.96 -49.30 -10.43
N ASN O 150 -24.12 -49.59 -11.73
CA ASN O 150 -23.76 -48.65 -12.78
C ASN O 150 -24.86 -47.61 -12.96
N VAL O 151 -24.44 -46.35 -13.10
CA VAL O 151 -25.33 -45.26 -13.40
C VAL O 151 -25.04 -44.81 -14.82
N SER O 152 -26.08 -44.73 -15.66
CA SER O 152 -25.92 -44.30 -17.04
C SER O 152 -26.87 -43.13 -17.37
N LEU O 153 -26.30 -42.04 -17.89
CA LEU O 153 -27.06 -40.84 -18.23
C LEU O 153 -27.66 -41.02 -19.63
N GLU O 154 -28.99 -40.93 -19.70
CA GLU O 154 -29.66 -41.07 -20.97
C GLU O 154 -29.67 -39.74 -21.70
N VAL O 155 -29.21 -39.76 -22.95
CA VAL O 155 -29.22 -38.59 -23.82
C VAL O 155 -30.58 -38.54 -24.52
N VAL O 156 -31.30 -37.43 -24.34
CA VAL O 156 -32.65 -37.30 -24.87
C VAL O 156 -32.76 -35.99 -25.64
N ASN O 157 -33.88 -35.82 -26.36
CA ASN O 157 -34.01 -34.74 -27.33
C ASN O 157 -34.23 -33.39 -26.64
N ARG O 158 -34.24 -32.32 -27.43
CA ARG O 158 -34.32 -30.96 -26.94
C ARG O 158 -35.61 -30.71 -26.16
N TYR O 159 -36.68 -31.46 -26.44
CA TYR O 159 -37.95 -31.21 -25.78
C TYR O 159 -38.04 -31.88 -24.41
N GLU O 160 -37.01 -32.64 -24.02
CA GLU O 160 -37.04 -33.38 -22.76
C GLU O 160 -35.88 -33.04 -21.82
N THR O 161 -34.92 -32.24 -22.29
CA THR O 161 -33.90 -31.67 -21.45
C THR O 161 -33.17 -30.60 -22.25
N ASN O 162 -32.48 -29.71 -21.54
CA ASN O 162 -31.64 -28.68 -22.14
C ASN O 162 -30.18 -28.87 -21.71
N VAL O 163 -29.83 -30.07 -21.25
CA VAL O 163 -28.49 -30.34 -20.73
C VAL O 163 -27.72 -31.28 -21.66
N LEU O 164 -28.25 -32.49 -21.91
CA LEU O 164 -27.55 -33.55 -22.62
C LEU O 164 -28.33 -34.00 -23.86
N ASN O 165 -28.11 -33.34 -25.01
CA ASN O 165 -28.88 -33.65 -26.20
C ASN O 165 -28.12 -34.51 -27.19
N THR O 166 -26.80 -34.62 -27.04
CA THR O 166 -25.96 -35.39 -27.95
C THR O 166 -24.98 -36.23 -27.15
N GLY O 167 -24.47 -37.28 -27.78
CA GLY O 167 -23.41 -38.09 -27.17
C GLY O 167 -22.20 -37.26 -26.78
N ARG O 168 -21.81 -36.30 -27.63
CA ARG O 168 -20.65 -35.48 -27.34
C ARG O 168 -20.85 -34.69 -26.05
N GLN O 169 -22.04 -34.12 -25.84
CA GLN O 169 -22.29 -33.36 -24.64
C GLN O 169 -22.18 -34.28 -23.42
N ALA O 170 -22.59 -35.55 -23.57
CA ALA O 170 -22.56 -36.51 -22.48
C ALA O 170 -21.13 -36.90 -22.16
N LEU O 171 -20.28 -37.03 -23.19
CA LEU O 171 -18.86 -37.27 -22.97
C LEU O 171 -18.24 -36.12 -22.16
N ALA O 172 -18.50 -34.87 -22.55
CA ALA O 172 -17.94 -33.73 -21.82
C ALA O 172 -18.41 -33.68 -20.37
N TYR O 173 -19.66 -34.10 -20.13
CA TYR O 173 -20.21 -34.20 -18.78
C TYR O 173 -19.49 -35.29 -17.99
N LEU O 174 -19.26 -36.45 -18.61
CA LEU O 174 -18.59 -37.56 -17.93
C LEU O 174 -17.13 -37.22 -17.61
N GLU O 175 -16.44 -36.55 -18.53
CA GLU O 175 -15.02 -36.23 -18.36
C GLU O 175 -14.80 -35.35 -17.12
N GLU O 176 -15.70 -34.42 -16.85
CA GLU O 176 -15.57 -33.56 -15.69
C GLU O 176 -15.90 -34.26 -14.37
N LEU O 177 -16.70 -35.34 -14.38
CA LEU O 177 -17.01 -36.07 -13.16
C LEU O 177 -16.00 -37.20 -12.90
N ASN O 178 -15.54 -37.86 -13.97
CA ASN O 178 -14.45 -38.83 -13.89
C ASN O 178 -14.78 -39.97 -12.91
N ARG O 179 -16.02 -40.48 -12.97
CA ARG O 179 -16.47 -41.56 -12.09
C ARG O 179 -16.45 -42.89 -12.85
N PRO O 180 -15.87 -43.97 -12.28
CA PRO O 180 -15.67 -45.18 -13.07
C PRO O 180 -16.96 -45.94 -13.37
N ASN O 181 -18.03 -45.68 -12.62
CA ASN O 181 -19.28 -46.41 -12.81
C ASN O 181 -20.32 -45.59 -13.57
N LEU O 182 -19.92 -44.40 -14.06
CA LEU O 182 -20.81 -43.50 -14.78
C LEU O 182 -20.67 -43.73 -16.28
N GLY O 183 -21.77 -44.11 -16.91
CA GLY O 183 -21.77 -44.41 -18.34
C GLY O 183 -22.75 -43.54 -19.12
N ILE O 184 -22.83 -43.80 -20.43
CA ILE O 184 -23.76 -43.13 -21.32
C ILE O 184 -24.82 -44.12 -21.78
N HIS O 185 -26.07 -43.63 -21.83
CA HIS O 185 -27.22 -44.36 -22.30
C HIS O 185 -27.75 -43.67 -23.57
N LEU O 186 -27.81 -44.41 -24.69
CA LEU O 186 -28.32 -43.86 -25.94
C LEU O 186 -29.66 -44.50 -26.27
N ASP O 187 -30.49 -43.76 -27.01
CA ASP O 187 -31.84 -44.17 -27.33
C ASP O 187 -32.07 -43.82 -28.79
N THR O 188 -32.42 -44.80 -29.63
CA THR O 188 -32.44 -44.54 -31.06
C THR O 188 -33.51 -43.50 -31.39
N TYR O 189 -34.57 -43.43 -30.58
CA TYR O 189 -35.63 -42.46 -30.78
C TYR O 189 -35.05 -41.05 -30.71
N HIS O 190 -34.30 -40.78 -29.66
CA HIS O 190 -33.74 -39.46 -29.45
C HIS O 190 -32.60 -39.17 -30.43
N MET O 191 -31.82 -40.20 -30.75
CA MET O 191 -30.73 -40.07 -31.71
C MET O 191 -31.30 -39.70 -33.07
N ASN O 192 -32.49 -40.23 -33.39
CA ASN O 192 -33.13 -39.95 -34.67
C ASN O 192 -33.41 -38.45 -34.81
N ILE O 193 -33.44 -37.72 -33.70
CA ILE O 193 -33.67 -36.29 -33.79
C ILE O 193 -32.34 -35.55 -33.77
N GLU O 194 -31.53 -35.75 -32.72
CA GLU O 194 -30.46 -34.80 -32.42
C GLU O 194 -29.09 -35.15 -33.03
N GLU O 195 -28.79 -36.43 -33.28
CA GLU O 195 -27.46 -36.83 -33.70
C GLU O 195 -27.27 -36.59 -35.20
N SER O 196 -26.01 -36.55 -35.61
CA SER O 196 -25.66 -36.32 -37.00
C SER O 196 -25.87 -37.56 -37.88
N ASP O 197 -25.91 -38.77 -37.28
CA ASP O 197 -26.13 -40.03 -37.98
C ASP O 197 -26.26 -41.12 -36.93
N MET O 198 -26.41 -42.39 -37.34
CA MET O 198 -26.65 -43.44 -36.36
C MET O 198 -25.36 -44.18 -36.00
N PHE O 199 -24.24 -43.95 -36.70
CA PHE O 199 -23.04 -44.69 -36.32
C PHE O 199 -22.03 -43.85 -35.54
N SER O 200 -21.86 -42.57 -35.90
CA SER O 200 -20.91 -41.68 -35.24
C SER O 200 -21.09 -41.66 -33.73
N PRO O 201 -22.32 -41.52 -33.16
CA PRO O 201 -22.48 -41.50 -31.71
C PRO O 201 -22.05 -42.79 -31.02
N ILE O 202 -22.20 -43.94 -31.69
CA ILE O 202 -21.70 -45.21 -31.13
C ILE O 202 -20.17 -45.20 -31.13
N LEU O 203 -19.55 -44.91 -32.26
CA LEU O 203 -18.09 -44.92 -32.34
C LEU O 203 -17.48 -43.92 -31.35
N ASP O 204 -18.00 -42.69 -31.29
CA ASP O 204 -17.48 -41.71 -30.37
C ASP O 204 -17.66 -42.15 -28.91
N THR O 205 -18.76 -42.83 -28.58
CA THR O 205 -19.05 -43.13 -27.19
C THR O 205 -18.39 -44.43 -26.69
N ALA O 206 -18.04 -45.33 -27.62
CA ALA O 206 -17.54 -46.68 -27.38
C ALA O 206 -17.31 -47.06 -25.91
N GLU O 207 -16.32 -46.42 -25.26
CA GLU O 207 -15.90 -46.80 -23.91
C GLU O 207 -17.06 -46.63 -22.92
N ALA O 208 -17.74 -45.49 -22.99
CA ALA O 208 -18.70 -45.12 -21.96
C ALA O 208 -20.12 -45.61 -22.28
N LEU O 209 -20.36 -46.24 -23.44
CA LEU O 209 -21.71 -46.68 -23.78
C LEU O 209 -22.08 -47.91 -22.96
N ARG O 210 -23.02 -47.77 -22.02
CA ARG O 210 -23.33 -48.89 -21.13
C ARG O 210 -24.81 -49.30 -21.17
N TYR O 211 -25.64 -48.61 -21.95
CA TYR O 211 -27.06 -48.93 -21.98
C TYR O 211 -27.67 -48.38 -23.27
N VAL O 212 -28.61 -49.13 -23.85
CA VAL O 212 -29.20 -48.79 -25.13
C VAL O 212 -30.71 -49.00 -25.08
N HIS O 213 -31.44 -48.06 -25.70
CA HIS O 213 -32.88 -48.18 -25.88
C HIS O 213 -33.19 -48.27 -27.37
N ILE O 214 -33.96 -49.30 -27.75
CA ILE O 214 -34.43 -49.49 -29.11
C ILE O 214 -35.86 -48.97 -29.18
N GLY O 215 -36.02 -47.80 -29.80
CA GLY O 215 -37.32 -47.18 -29.99
C GLY O 215 -37.50 -46.66 -31.42
N GLU O 216 -38.69 -46.89 -31.97
CA GLU O 216 -39.03 -46.37 -33.29
C GLU O 216 -39.15 -44.84 -33.22
N SER O 217 -39.14 -44.19 -34.40
CA SER O 217 -39.13 -42.74 -34.51
C SER O 217 -40.36 -42.11 -33.84
N HIS O 218 -41.50 -42.80 -33.92
CA HIS O 218 -42.75 -42.34 -33.32
C HIS O 218 -43.10 -43.10 -32.03
N ARG O 219 -42.23 -44.04 -31.64
CA ARG O 219 -42.29 -44.77 -30.39
C ARG O 219 -43.28 -45.94 -30.45
N GLY O 220 -43.64 -46.39 -31.66
CA GLY O 220 -44.54 -47.53 -31.82
C GLY O 220 -43.79 -48.80 -32.23
N TYR O 221 -44.41 -49.58 -33.13
CA TYR O 221 -43.84 -50.82 -33.64
C TYR O 221 -42.51 -50.55 -34.31
N LEU O 222 -41.54 -51.46 -34.10
CA LEU O 222 -40.23 -51.32 -34.71
C LEU O 222 -40.31 -51.64 -36.20
N GLY O 223 -39.62 -50.84 -36.99
CA GLY O 223 -39.60 -50.99 -38.44
C GLY O 223 -40.81 -50.40 -39.13
N THR O 224 -41.50 -49.47 -38.46
CA THR O 224 -42.66 -48.81 -39.05
C THR O 224 -42.49 -47.30 -38.92
N GLY O 225 -41.25 -46.84 -38.85
CA GLY O 225 -40.96 -45.43 -38.71
C GLY O 225 -39.74 -45.03 -39.53
N SER O 226 -39.00 -44.03 -39.03
CA SER O 226 -37.90 -43.42 -39.77
C SER O 226 -36.55 -43.67 -39.10
N VAL O 227 -36.47 -44.59 -38.13
CA VAL O 227 -35.20 -44.79 -37.45
C VAL O 227 -34.35 -45.73 -38.30
N ASP O 228 -33.05 -45.44 -38.39
CA ASP O 228 -32.13 -46.20 -39.23
C ASP O 228 -31.47 -47.24 -38.34
N PHE O 229 -32.16 -48.36 -38.14
CA PHE O 229 -31.75 -49.38 -37.18
C PHE O 229 -30.53 -50.14 -37.67
N ASP O 230 -30.49 -50.42 -38.97
CA ASP O 230 -29.39 -51.16 -39.56
C ASP O 230 -28.04 -50.52 -39.23
N THR O 231 -27.90 -49.24 -39.57
CA THR O 231 -26.67 -48.53 -39.26
C THR O 231 -26.39 -48.59 -37.75
N PHE O 232 -27.45 -48.45 -36.95
CA PHE O 232 -27.29 -48.44 -35.50
C PHE O 232 -26.77 -49.79 -35.00
N PHE O 233 -27.36 -50.88 -35.49
CA PHE O 233 -26.94 -52.20 -35.03
C PHE O 233 -25.58 -52.60 -35.61
N LYS O 234 -25.28 -52.19 -36.85
CA LYS O 234 -23.94 -52.43 -37.38
C LYS O 234 -22.88 -51.64 -36.62
N ALA O 235 -23.21 -50.44 -36.12
CA ALA O 235 -22.30 -49.67 -35.29
C ALA O 235 -22.08 -50.36 -33.93
N LEU O 236 -23.17 -50.75 -33.25
CA LEU O 236 -23.07 -51.53 -32.01
C LEU O 236 -22.14 -52.72 -32.24
N GLY O 237 -22.37 -53.44 -33.34
CA GLY O 237 -21.55 -54.59 -33.69
C GLY O 237 -20.08 -54.22 -33.81
N ARG O 238 -19.79 -53.11 -34.50
CA ARG O 238 -18.41 -52.74 -34.79
C ARG O 238 -17.60 -52.45 -33.52
N ILE O 239 -18.22 -51.83 -32.50
CA ILE O 239 -17.51 -51.49 -31.28
C ILE O 239 -17.56 -52.66 -30.30
N GLY O 240 -18.13 -53.79 -30.72
CA GLY O 240 -18.26 -54.96 -29.86
C GLY O 240 -19.14 -54.74 -28.62
N TYR O 241 -20.18 -53.89 -28.75
CA TYR O 241 -21.07 -53.61 -27.62
C TYR O 241 -21.75 -54.89 -27.13
N ASP O 242 -21.87 -55.01 -25.79
CA ASP O 242 -22.56 -56.14 -25.17
C ASP O 242 -23.16 -55.74 -23.82
N GLY O 243 -23.64 -54.51 -23.68
CA GLY O 243 -24.51 -54.12 -22.58
C GLY O 243 -25.96 -54.46 -22.88
N PRO O 244 -26.90 -53.96 -22.05
CA PRO O 244 -28.33 -54.21 -22.28
C PRO O 244 -28.88 -53.53 -23.52
N VAL O 245 -29.77 -54.23 -24.23
CA VAL O 245 -30.50 -53.70 -25.37
C VAL O 245 -32.00 -53.82 -25.10
N VAL O 246 -32.66 -52.67 -24.90
CA VAL O 246 -33.99 -52.63 -24.27
C VAL O 246 -35.02 -51.95 -25.17
N PHE O 247 -36.07 -52.70 -25.54
CA PHE O 247 -37.23 -52.15 -26.24
C PHE O 247 -37.98 -51.14 -25.38
N GLU O 248 -38.55 -50.12 -26.06
CA GLU O 248 -39.29 -49.04 -25.42
C GLU O 248 -40.35 -48.52 -26.39
N SER O 249 -41.60 -48.53 -25.97
CA SER O 249 -42.71 -48.16 -26.85
C SER O 249 -43.83 -47.57 -26.01
N PHE O 250 -44.48 -46.53 -26.53
CA PHE O 250 -45.57 -45.91 -25.80
C PHE O 250 -46.78 -45.72 -26.69
N SER O 251 -47.95 -45.99 -26.10
CA SER O 251 -49.24 -45.89 -26.76
C SER O 251 -50.28 -45.41 -25.75
N SER O 252 -51.24 -44.61 -26.21
CA SER O 252 -52.35 -44.19 -25.37
C SER O 252 -53.20 -45.36 -24.87
N SER O 253 -53.07 -46.57 -25.44
CA SER O 253 -53.71 -47.75 -24.89
C SER O 253 -53.20 -48.13 -23.51
N VAL O 254 -51.97 -47.71 -23.15
CA VAL O 254 -51.42 -48.01 -21.84
C VAL O 254 -50.88 -46.71 -21.26
N VAL O 255 -51.61 -46.15 -20.29
CA VAL O 255 -51.33 -44.83 -19.77
C VAL O 255 -50.72 -44.94 -18.37
N ALA O 256 -49.61 -44.23 -18.17
CA ALA O 256 -49.07 -43.96 -16.85
C ALA O 256 -49.44 -42.54 -16.45
N PRO O 257 -49.91 -42.32 -15.22
CA PRO O 257 -50.44 -41.01 -14.82
C PRO O 257 -49.54 -39.82 -15.15
N ASP O 258 -48.27 -39.89 -14.73
CA ASP O 258 -47.32 -38.80 -14.98
C ASP O 258 -46.58 -39.00 -16.30
N LEU O 259 -46.05 -40.22 -16.51
CA LEU O 259 -45.07 -40.44 -17.56
C LEU O 259 -45.68 -40.25 -18.95
N SER O 260 -46.89 -40.80 -19.18
CA SER O 260 -47.51 -40.71 -20.49
C SER O 260 -47.76 -39.26 -20.92
N ARG O 261 -48.05 -38.39 -19.96
CA ARG O 261 -48.25 -36.98 -20.24
C ARG O 261 -46.90 -36.32 -20.48
N MET O 262 -45.91 -36.62 -19.63
CA MET O 262 -44.59 -36.01 -19.75
C MET O 262 -43.99 -36.32 -21.13
N LEU O 263 -44.38 -37.45 -21.73
CA LEU O 263 -43.72 -37.93 -22.94
C LEU O 263 -44.50 -37.57 -24.20
N GLY O 264 -45.66 -36.93 -24.04
CA GLY O 264 -46.48 -36.51 -25.17
C GLY O 264 -47.10 -37.70 -25.92
N ILE O 265 -47.61 -38.67 -25.18
CA ILE O 265 -48.17 -39.85 -25.79
C ILE O 265 -49.64 -39.57 -26.09
N TRP O 266 -49.84 -38.78 -27.15
CA TRP O 266 -51.16 -38.35 -27.53
C TRP O 266 -51.88 -39.39 -28.39
N ARG O 267 -51.13 -40.27 -29.06
CA ARG O 267 -51.70 -41.08 -30.12
C ARG O 267 -51.73 -42.56 -29.71
N ASN O 268 -52.65 -43.29 -30.35
CA ASN O 268 -52.78 -44.72 -30.18
C ASN O 268 -51.97 -45.42 -31.27
N LEU O 269 -50.85 -46.03 -30.86
CA LEU O 269 -49.92 -46.60 -31.84
C LEU O 269 -50.01 -48.12 -31.88
N TRP O 270 -50.57 -48.72 -30.84
CA TRP O 270 -50.78 -50.16 -30.78
C TRP O 270 -51.78 -50.49 -29.69
N ALA O 271 -52.45 -51.64 -29.85
CA ALA O 271 -53.45 -52.10 -28.89
C ALA O 271 -53.01 -53.42 -28.25
N ASP O 272 -52.59 -54.37 -29.09
CA ASP O 272 -52.21 -55.71 -28.66
C ASP O 272 -50.73 -55.74 -28.26
N ASN O 273 -50.45 -55.53 -26.98
CA ASN O 273 -49.06 -55.44 -26.57
C ASN O 273 -48.40 -56.81 -26.44
N GLU O 274 -49.16 -57.91 -26.37
CA GLU O 274 -48.53 -59.22 -26.45
C GLU O 274 -47.85 -59.39 -27.81
N GLU O 275 -48.55 -59.02 -28.89
CA GLU O 275 -47.96 -59.09 -30.23
C GLU O 275 -46.81 -58.08 -30.38
N LEU O 276 -46.95 -56.89 -29.76
CA LEU O 276 -45.94 -55.86 -29.91
C LEU O 276 -44.62 -56.31 -29.28
N GLY O 277 -44.66 -56.80 -28.04
CA GLY O 277 -43.46 -57.19 -27.35
C GLY O 277 -42.77 -58.38 -28.05
N ALA O 278 -43.57 -59.34 -28.50
CA ALA O 278 -43.03 -60.50 -29.18
C ALA O 278 -42.33 -60.08 -30.47
N HIS O 279 -42.97 -59.16 -31.22
CA HIS O 279 -42.40 -58.67 -32.46
C HIS O 279 -41.10 -57.89 -32.21
N ALA O 280 -41.06 -57.12 -31.11
CA ALA O 280 -39.88 -56.33 -30.78
C ALA O 280 -38.75 -57.24 -30.32
N ASN O 281 -39.07 -58.26 -29.50
CA ASN O 281 -38.08 -59.22 -29.05
C ASN O 281 -37.40 -59.88 -30.22
N ALA O 282 -38.19 -60.31 -31.22
CA ALA O 282 -37.65 -61.00 -32.37
C ALA O 282 -36.88 -60.02 -33.27
N PHE O 283 -37.38 -58.79 -33.37
CA PHE O 283 -36.70 -57.75 -34.13
C PHE O 283 -35.26 -57.59 -33.64
N ILE O 284 -35.09 -57.41 -32.33
CA ILE O 284 -33.79 -57.11 -31.75
C ILE O 284 -32.86 -58.33 -31.83
N ARG O 285 -33.32 -59.49 -31.38
CA ARG O 285 -32.47 -60.67 -31.39
C ARG O 285 -32.05 -61.03 -32.81
N ASP O 286 -32.97 -60.87 -33.77
CA ASP O 286 -32.68 -61.22 -35.15
C ASP O 286 -31.71 -60.20 -35.78
N LYS O 287 -31.83 -58.93 -35.37
CA LYS O 287 -30.88 -57.93 -35.84
C LYS O 287 -29.48 -58.29 -35.35
N LEU O 288 -29.36 -58.67 -34.07
CA LEU O 288 -28.06 -58.97 -33.50
C LEU O 288 -27.46 -60.22 -34.13
N THR O 289 -28.28 -61.24 -34.36
CA THR O 289 -27.79 -62.44 -35.02
C THR O 289 -27.18 -62.08 -36.38
N ALA O 290 -27.94 -61.36 -37.22
CA ALA O 290 -27.46 -61.04 -38.56
C ALA O 290 -26.22 -60.14 -38.53
N ILE O 291 -26.18 -59.16 -37.62
CA ILE O 291 -25.04 -58.26 -37.52
C ILE O 291 -23.78 -59.05 -37.15
N LYS O 292 -23.93 -60.14 -36.37
CA LYS O 292 -22.80 -60.99 -36.04
C LYS O 292 -22.18 -61.65 -37.27
N THR O 293 -22.95 -61.83 -38.34
CA THR O 293 -22.39 -62.46 -39.54
C THR O 293 -21.46 -61.52 -40.30
N ILE O 294 -21.60 -60.21 -40.09
CA ILE O 294 -20.90 -59.23 -40.91
C ILE O 294 -19.39 -59.31 -40.72
N GLU O 295 -18.91 -59.54 -39.50
CA GLU O 295 -17.47 -59.61 -39.29
C GLU O 295 -16.86 -60.79 -40.04
N LEU O 296 -17.64 -61.88 -40.23
CA LEU O 296 -17.12 -63.13 -40.77
C LEU O 296 -16.99 -63.11 -42.30
N HIS O 297 -17.69 -62.21 -42.99
CA HIS O 297 -17.72 -62.16 -44.45
C HIS O 297 -17.08 -60.87 -45.01
N MET P 9 -43.86 -22.66 -58.11
CA MET P 9 -43.06 -23.29 -57.02
C MET P 9 -41.91 -22.38 -56.60
N LYS P 10 -42.10 -21.65 -55.50
CA LYS P 10 -41.06 -20.75 -55.02
C LYS P 10 -40.21 -21.44 -53.97
N ILE P 11 -38.89 -21.20 -54.05
CA ILE P 11 -37.93 -21.78 -53.12
C ILE P 11 -37.54 -20.71 -52.12
N GLY P 12 -37.82 -21.00 -50.84
CA GLY P 12 -37.88 -19.97 -49.84
C GLY P 12 -37.01 -20.29 -48.62
N CYS P 13 -36.83 -19.24 -47.81
CA CYS P 13 -36.00 -19.32 -46.63
C CYS P 13 -36.74 -18.72 -45.44
N HIS P 14 -36.71 -19.43 -44.31
CA HIS P 14 -37.33 -18.95 -43.09
C HIS P 14 -36.49 -17.81 -42.51
N GLY P 15 -37.17 -16.77 -42.01
CA GLY P 15 -36.47 -15.57 -41.56
C GLY P 15 -35.45 -15.79 -40.44
N LEU P 16 -35.61 -16.85 -39.63
CA LEU P 16 -34.72 -17.06 -38.49
C LEU P 16 -33.37 -17.63 -38.88
N VAL P 17 -33.13 -17.86 -40.17
CA VAL P 17 -31.79 -18.10 -40.65
C VAL P 17 -30.97 -16.82 -40.46
N TRP P 18 -31.67 -15.67 -40.52
CA TRP P 18 -31.03 -14.36 -40.65
C TRP P 18 -31.11 -13.52 -39.38
N THR P 19 -32.31 -13.37 -38.82
CA THR P 19 -32.48 -12.64 -37.59
C THR P 19 -33.63 -13.22 -36.80
N GLY P 20 -33.69 -12.80 -35.53
CA GLY P 20 -34.80 -13.12 -34.64
C GLY P 20 -35.68 -11.92 -34.34
N HIS P 21 -35.32 -10.74 -34.87
CA HIS P 21 -36.06 -9.51 -34.61
C HIS P 21 -36.53 -8.89 -35.91
N PHE P 22 -37.84 -8.82 -36.09
CA PHE P 22 -38.39 -8.32 -37.34
C PHE P 22 -38.92 -6.90 -37.16
N ASP P 23 -38.05 -6.04 -36.63
CA ASP P 23 -38.12 -4.60 -36.77
C ASP P 23 -37.69 -4.22 -38.19
N ALA P 24 -37.58 -2.91 -38.46
CA ALA P 24 -37.30 -2.43 -39.80
C ALA P 24 -35.92 -2.87 -40.29
N GLU P 25 -34.91 -2.87 -39.41
CA GLU P 25 -33.61 -3.35 -39.84
C GLU P 25 -33.67 -4.86 -40.14
N GLY P 26 -34.34 -5.62 -39.26
CA GLY P 26 -34.37 -7.06 -39.37
C GLY P 26 -35.08 -7.56 -40.63
N ILE P 27 -36.24 -6.96 -40.94
CA ILE P 27 -36.95 -7.17 -42.19
C ILE P 27 -36.04 -6.87 -43.37
N ARG P 28 -35.32 -5.76 -43.32
CA ARG P 28 -34.43 -5.43 -44.42
C ARG P 28 -33.32 -6.45 -44.51
N TYR P 29 -32.73 -6.82 -43.38
CA TYR P 29 -31.55 -7.68 -43.38
C TYR P 29 -31.90 -9.08 -43.92
N SER P 30 -33.04 -9.61 -43.48
CA SER P 30 -33.46 -10.96 -43.85
C SER P 30 -33.84 -11.01 -45.34
N VAL P 31 -34.51 -9.97 -45.84
CA VAL P 31 -34.88 -9.95 -47.24
C VAL P 31 -33.62 -9.86 -48.12
N GLN P 32 -32.64 -9.05 -47.70
CA GLN P 32 -31.41 -8.92 -48.47
C GLN P 32 -30.62 -10.24 -48.46
N LYS P 33 -30.49 -10.86 -47.28
CA LYS P 33 -29.63 -12.04 -47.16
C LYS P 33 -30.24 -13.24 -47.89
N THR P 34 -31.57 -13.34 -47.84
CA THR P 34 -32.31 -14.38 -48.54
C THR P 34 -32.02 -14.36 -50.04
N ARG P 35 -32.12 -13.20 -50.69
CA ARG P 35 -31.87 -13.10 -52.13
C ARG P 35 -30.39 -13.32 -52.42
N GLU P 36 -29.49 -12.82 -51.58
CA GLU P 36 -28.07 -13.09 -51.79
C GLU P 36 -27.81 -14.60 -51.79
N ALA P 37 -28.59 -15.36 -51.01
CA ALA P 37 -28.37 -16.79 -50.92
C ALA P 37 -29.05 -17.53 -52.07
N GLY P 38 -29.78 -16.80 -52.93
CA GLY P 38 -30.35 -17.39 -54.14
C GLY P 38 -31.81 -17.82 -54.04
N PHE P 39 -32.51 -17.59 -52.92
CA PHE P 39 -33.90 -17.99 -52.81
C PHE P 39 -34.83 -17.11 -53.65
N ASP P 40 -36.10 -17.54 -53.81
CA ASP P 40 -37.14 -16.74 -54.45
C ASP P 40 -38.06 -16.04 -53.44
N LEU P 41 -38.01 -16.46 -52.16
CA LEU P 41 -39.07 -16.12 -51.22
C LEU P 41 -38.52 -16.11 -49.80
N VAL P 42 -39.08 -15.23 -48.97
CA VAL P 42 -38.75 -15.24 -47.55
C VAL P 42 -40.05 -15.47 -46.77
N GLU P 43 -39.96 -16.32 -45.76
CA GLU P 43 -41.09 -16.60 -44.91
C GLU P 43 -40.88 -15.83 -43.61
N PHE P 44 -41.71 -14.79 -43.38
CA PHE P 44 -41.60 -14.00 -42.16
C PHE P 44 -42.25 -14.76 -41.02
N PRO P 45 -41.56 -14.91 -39.89
CA PRO P 45 -42.25 -15.36 -38.70
C PRO P 45 -43.01 -14.19 -38.07
N LEU P 46 -44.32 -14.13 -38.33
CA LEU P 46 -45.20 -13.13 -37.76
C LEU P 46 -45.62 -13.54 -36.35
N MET P 47 -44.66 -13.62 -35.43
CA MET P 47 -45.03 -13.92 -34.05
C MET P 47 -45.87 -12.77 -33.46
N ASP P 48 -45.49 -11.50 -33.74
CA ASP P 48 -46.30 -10.34 -33.41
C ASP P 48 -46.70 -9.61 -34.70
N PRO P 49 -47.85 -9.95 -35.30
CA PRO P 49 -48.26 -9.27 -36.53
C PRO P 49 -48.69 -7.82 -36.31
N PHE P 50 -49.08 -7.47 -35.08
CA PHE P 50 -49.59 -6.12 -34.83
C PHE P 50 -48.49 -5.10 -35.09
N SER P 51 -47.28 -5.36 -34.57
CA SER P 51 -46.17 -4.41 -34.64
C SER P 51 -45.21 -4.69 -35.79
N PHE P 52 -45.66 -5.42 -36.82
CA PHE P 52 -44.80 -5.76 -37.95
C PHE P 52 -44.85 -4.64 -38.99
N ASP P 53 -43.68 -4.05 -39.29
CA ASP P 53 -43.63 -2.91 -40.21
C ASP P 53 -43.89 -3.36 -41.65
N VAL P 54 -45.16 -3.26 -42.07
CA VAL P 54 -45.54 -3.69 -43.41
C VAL P 54 -44.86 -2.84 -44.47
N GLN P 55 -44.83 -1.52 -44.29
CA GLN P 55 -44.31 -0.66 -45.35
C GLN P 55 -42.84 -1.01 -45.65
N THR P 56 -42.04 -1.24 -44.59
CA THR P 56 -40.63 -1.56 -44.76
C THR P 56 -40.47 -2.85 -45.56
N ALA P 57 -41.30 -3.85 -45.20
CA ALA P 57 -41.23 -5.15 -45.85
C ALA P 57 -41.53 -5.03 -47.35
N LYS P 58 -42.70 -4.45 -47.68
CA LYS P 58 -43.10 -4.25 -49.06
C LYS P 58 -42.00 -3.52 -49.82
N SER P 59 -41.42 -2.51 -49.19
CA SER P 59 -40.31 -1.77 -49.76
C SER P 59 -39.08 -2.68 -49.97
N ALA P 60 -38.78 -3.53 -48.99
CA ALA P 60 -37.61 -4.41 -49.10
C ALA P 60 -37.88 -5.56 -50.06
N LEU P 61 -39.12 -6.06 -50.11
CA LEU P 61 -39.45 -7.12 -51.04
C LEU P 61 -39.30 -6.62 -52.48
N ALA P 62 -39.78 -5.41 -52.76
CA ALA P 62 -39.69 -4.87 -54.12
C ALA P 62 -38.24 -4.56 -54.50
N GLU P 63 -37.47 -3.93 -53.59
CA GLU P 63 -36.09 -3.59 -53.89
C GLU P 63 -35.33 -4.83 -54.35
N HIS P 64 -35.58 -6.00 -53.74
CA HIS P 64 -34.83 -7.21 -54.07
C HIS P 64 -35.60 -8.19 -54.95
N GLY P 65 -36.80 -7.82 -55.43
CA GLY P 65 -37.58 -8.66 -56.33
C GLY P 65 -37.86 -10.04 -55.75
N LEU P 66 -38.46 -10.06 -54.56
CA LEU P 66 -38.61 -11.29 -53.79
C LEU P 66 -40.06 -11.42 -53.34
N ALA P 67 -40.56 -12.65 -53.31
CA ALA P 67 -41.89 -12.93 -52.77
C ALA P 67 -41.83 -13.16 -51.26
N ALA P 68 -43.02 -13.24 -50.64
CA ALA P 68 -43.12 -13.41 -49.20
C ALA P 68 -44.28 -14.30 -48.81
N SER P 69 -44.10 -15.01 -47.70
CA SER P 69 -45.18 -15.69 -47.01
C SER P 69 -45.00 -15.45 -45.53
N ALA P 70 -45.94 -15.96 -44.72
CA ALA P 70 -45.86 -15.75 -43.29
C ALA P 70 -46.21 -17.03 -42.55
N SER P 71 -45.51 -17.28 -41.46
CA SER P 71 -45.85 -18.39 -40.59
C SER P 71 -45.81 -17.89 -39.15
N LEU P 72 -46.28 -18.74 -38.24
CA LEU P 72 -46.69 -18.28 -36.93
C LEU P 72 -47.04 -19.48 -36.08
N GLY P 73 -46.76 -19.36 -34.79
CA GLY P 73 -47.24 -20.34 -33.84
C GLY P 73 -47.90 -19.65 -32.67
N LEU P 74 -49.10 -20.11 -32.27
CA LEU P 74 -49.80 -19.51 -31.14
C LEU P 74 -49.08 -19.87 -29.85
N SER P 75 -49.54 -19.24 -28.74
CA SER P 75 -49.00 -19.45 -27.41
C SER P 75 -50.13 -19.63 -26.42
N ASP P 76 -49.79 -19.81 -25.13
CA ASP P 76 -50.78 -19.99 -24.08
C ASP P 76 -51.89 -18.95 -24.19
N ALA P 77 -51.51 -17.69 -24.35
CA ALA P 77 -52.43 -16.58 -24.34
C ALA P 77 -53.34 -16.56 -25.56
N THR P 78 -52.99 -17.28 -26.63
CA THR P 78 -53.70 -17.17 -27.90
C THR P 78 -54.10 -18.53 -28.45
N ASP P 79 -54.39 -19.47 -27.54
CA ASP P 79 -54.61 -20.87 -27.88
C ASP P 79 -56.06 -21.07 -28.33
N VAL P 80 -56.29 -21.13 -29.65
CA VAL P 80 -57.63 -21.32 -30.19
C VAL P 80 -58.16 -22.71 -29.88
N SER P 81 -57.32 -23.60 -29.32
CA SER P 81 -57.78 -24.91 -28.87
C SER P 81 -58.06 -24.92 -27.37
N SER P 82 -58.05 -23.75 -26.72
CA SER P 82 -58.43 -23.60 -25.32
C SER P 82 -59.94 -23.81 -25.11
N GLU P 83 -60.32 -24.16 -23.89
CA GLU P 83 -61.73 -24.14 -23.54
C GLU P 83 -62.12 -22.78 -22.97
N ASP P 84 -61.15 -21.86 -22.85
CA ASP P 84 -61.40 -20.51 -22.41
C ASP P 84 -61.68 -19.62 -23.63
N PRO P 85 -62.95 -19.24 -23.88
CA PRO P 85 -63.28 -18.53 -25.10
C PRO P 85 -62.57 -17.19 -25.23
N ALA P 86 -62.11 -16.63 -24.09
CA ALA P 86 -61.34 -15.39 -24.09
C ALA P 86 -59.97 -15.61 -24.74
N VAL P 87 -59.32 -16.72 -24.35
CA VAL P 87 -58.05 -17.08 -24.96
C VAL P 87 -58.27 -17.41 -26.43
N VAL P 88 -59.34 -18.15 -26.73
CA VAL P 88 -59.64 -18.52 -28.11
C VAL P 88 -59.80 -17.26 -28.96
N LYS P 89 -60.42 -16.22 -28.39
CA LYS P 89 -60.66 -14.98 -29.12
C LYS P 89 -59.35 -14.25 -29.37
N ALA P 90 -58.52 -14.12 -28.33
CA ALA P 90 -57.20 -13.51 -28.50
C ALA P 90 -56.44 -14.15 -29.68
N GLY P 91 -56.45 -15.49 -29.79
CA GLY P 91 -55.79 -16.17 -30.89
C GLY P 91 -56.41 -15.84 -32.24
N GLU P 92 -57.74 -15.94 -32.33
CA GLU P 92 -58.47 -15.60 -33.55
C GLU P 92 -58.10 -14.21 -34.06
N GLU P 93 -57.94 -13.24 -33.17
CA GLU P 93 -57.66 -11.88 -33.59
C GLU P 93 -56.21 -11.72 -33.99
N LEU P 94 -55.33 -12.53 -33.42
CA LEU P 94 -53.93 -12.55 -33.85
C LEU P 94 -53.84 -13.15 -35.26
N LEU P 95 -54.50 -14.30 -35.46
CA LEU P 95 -54.48 -14.93 -36.79
C LEU P 95 -55.06 -13.99 -37.84
N ASN P 96 -56.17 -13.29 -37.49
CA ASN P 96 -56.81 -12.35 -38.39
C ASN P 96 -55.87 -11.23 -38.82
N ARG P 97 -55.10 -10.68 -37.88
CA ARG P 97 -54.16 -9.61 -38.22
C ARG P 97 -53.01 -10.14 -39.08
N ALA P 98 -52.55 -11.36 -38.79
CA ALA P 98 -51.52 -12.00 -39.60
C ALA P 98 -52.00 -12.16 -41.05
N VAL P 99 -53.27 -12.53 -41.24
CA VAL P 99 -53.82 -12.64 -42.57
C VAL P 99 -53.87 -11.25 -43.24
N ASP P 100 -54.24 -10.23 -42.46
CA ASP P 100 -54.31 -8.88 -42.95
C ASP P 100 -52.94 -8.40 -43.44
N VAL P 101 -51.90 -8.74 -42.67
CA VAL P 101 -50.53 -8.37 -43.03
C VAL P 101 -50.16 -8.98 -44.37
N LEU P 102 -50.62 -10.21 -44.62
CA LEU P 102 -50.29 -10.83 -45.89
C LEU P 102 -51.07 -10.20 -47.05
N ALA P 103 -52.26 -9.65 -46.78
CA ALA P 103 -53.00 -9.00 -47.84
C ALA P 103 -52.25 -7.75 -48.30
N GLU P 104 -51.76 -6.95 -47.35
CA GLU P 104 -51.03 -5.72 -47.67
C GLU P 104 -49.74 -6.03 -48.41
N LEU P 105 -49.02 -7.05 -47.95
CA LEU P 105 -47.81 -7.47 -48.62
C LEU P 105 -48.08 -7.91 -50.06
N GLY P 106 -49.33 -8.25 -50.40
CA GLY P 106 -49.63 -8.88 -51.67
C GLY P 106 -49.22 -10.35 -51.72
N ALA P 107 -48.99 -10.97 -50.56
CA ALA P 107 -48.64 -12.38 -50.46
C ALA P 107 -49.90 -13.23 -50.55
N THR P 108 -49.70 -14.54 -50.69
CA THR P 108 -50.81 -15.47 -50.90
C THR P 108 -50.82 -16.63 -49.92
N ASP P 109 -49.72 -16.87 -49.18
CA ASP P 109 -49.61 -18.08 -48.37
C ASP P 109 -49.40 -17.75 -46.89
N PHE P 110 -50.34 -18.24 -46.05
CA PHE P 110 -50.23 -18.19 -44.60
C PHE P 110 -50.23 -19.61 -44.04
N CYS P 111 -49.34 -19.88 -43.09
CA CYS P 111 -49.18 -21.23 -42.61
C CYS P 111 -48.67 -21.22 -41.17
N GLY P 112 -48.75 -22.37 -40.51
CA GLY P 112 -48.11 -22.53 -39.21
C GLY P 112 -48.94 -23.35 -38.24
N VAL P 113 -48.56 -23.28 -36.97
CA VAL P 113 -49.32 -23.93 -35.92
C VAL P 113 -50.36 -22.93 -35.46
N ILE P 114 -51.50 -22.92 -36.17
CA ILE P 114 -52.54 -21.93 -35.94
C ILE P 114 -53.83 -22.58 -35.43
N TYR P 115 -53.78 -23.88 -35.12
CA TYR P 115 -54.94 -24.64 -34.67
C TYR P 115 -54.84 -24.95 -33.17
N SER P 116 -53.73 -24.54 -32.55
CA SER P 116 -53.48 -24.77 -31.13
C SER P 116 -52.32 -23.86 -30.74
N ALA P 117 -52.03 -23.81 -29.44
CA ALA P 117 -50.75 -23.25 -29.01
C ALA P 117 -49.63 -24.14 -29.54
N MET P 118 -48.50 -23.51 -29.84
CA MET P 118 -47.29 -24.24 -30.20
C MET P 118 -46.44 -24.39 -28.93
N LYS P 119 -46.61 -25.53 -28.26
CA LYS P 119 -45.97 -25.74 -26.98
C LYS P 119 -46.08 -27.21 -26.60
N LYS P 120 -45.49 -27.55 -25.45
CA LYS P 120 -45.54 -28.90 -24.92
C LYS P 120 -46.75 -29.00 -23.99
N TYR P 121 -47.82 -29.59 -24.49
CA TYR P 121 -48.98 -29.79 -23.65
C TYR P 121 -48.69 -30.86 -22.60
N MET P 122 -49.32 -30.72 -21.44
CA MET P 122 -49.21 -31.70 -20.37
C MET P 122 -50.50 -32.53 -20.27
N GLU P 123 -51.47 -32.29 -21.16
CA GLU P 123 -52.72 -33.03 -21.18
C GLU P 123 -53.09 -33.28 -22.64
N PRO P 124 -53.83 -34.36 -22.94
CA PRO P 124 -54.39 -34.53 -24.27
C PRO P 124 -55.45 -33.49 -24.60
N ALA P 125 -55.74 -33.35 -25.89
CA ALA P 125 -56.73 -32.38 -26.34
C ALA P 125 -58.12 -32.79 -25.86
N THR P 126 -58.94 -31.78 -25.56
CA THR P 126 -60.32 -31.95 -25.14
C THR P 126 -61.26 -31.77 -26.34
N ALA P 127 -62.43 -32.42 -26.26
CA ALA P 127 -63.43 -32.35 -27.33
C ALA P 127 -63.91 -30.91 -27.55
N ALA P 128 -64.12 -30.18 -26.46
CA ALA P 128 -64.53 -28.78 -26.55
C ALA P 128 -63.42 -27.93 -27.17
N GLY P 129 -62.17 -28.13 -26.73
CA GLY P 129 -61.04 -27.41 -27.30
C GLY P 129 -60.88 -27.67 -28.79
N LEU P 130 -61.06 -28.93 -29.21
CA LEU P 130 -60.92 -29.23 -30.62
C LEU P 130 -62.03 -28.54 -31.43
N ALA P 131 -63.26 -28.52 -30.91
CA ALA P 131 -64.34 -27.77 -31.56
C ALA P 131 -64.00 -26.28 -31.69
N ASN P 132 -63.55 -25.65 -30.60
CA ASN P 132 -63.16 -24.25 -30.64
C ASN P 132 -62.09 -24.01 -31.73
N SER P 133 -61.07 -24.88 -31.77
CA SER P 133 -60.02 -24.80 -32.77
C SER P 133 -60.59 -24.80 -34.18
N LYS P 134 -61.39 -25.81 -34.50
CA LYS P 134 -61.90 -26.00 -35.85
C LYS P 134 -62.73 -24.79 -36.32
N ALA P 135 -63.52 -24.23 -35.42
CA ALA P 135 -64.36 -23.09 -35.75
C ALA P 135 -63.55 -21.83 -35.99
N ALA P 136 -62.62 -21.53 -35.06
CA ALA P 136 -61.75 -20.36 -35.21
C ALA P 136 -60.96 -20.45 -36.52
N VAL P 137 -60.38 -21.62 -36.78
CA VAL P 137 -59.62 -21.82 -38.01
C VAL P 137 -60.53 -21.58 -39.22
N GLY P 138 -61.78 -22.06 -39.13
CA GLY P 138 -62.73 -21.90 -40.23
C GLY P 138 -63.02 -20.44 -40.54
N ARG P 139 -63.24 -19.65 -39.48
CA ARG P 139 -63.46 -18.22 -39.61
C ARG P 139 -62.25 -17.54 -40.25
N VAL P 140 -61.05 -17.81 -39.72
CA VAL P 140 -59.81 -17.26 -40.28
C VAL P 140 -59.71 -17.60 -41.76
N ALA P 141 -59.99 -18.86 -42.11
CA ALA P 141 -59.91 -19.31 -43.49
C ALA P 141 -60.96 -18.61 -44.36
N ASP P 142 -62.17 -18.39 -43.82
CA ASP P 142 -63.20 -17.65 -44.54
C ASP P 142 -62.72 -16.24 -44.86
N ARG P 143 -62.14 -15.56 -43.87
CA ARG P 143 -61.61 -14.22 -44.06
C ARG P 143 -60.46 -14.19 -45.06
N ALA P 144 -59.60 -15.21 -45.01
CA ALA P 144 -58.47 -15.30 -45.92
C ALA P 144 -58.95 -15.58 -47.35
N SER P 145 -60.07 -16.28 -47.50
CA SER P 145 -60.60 -16.58 -48.83
C SER P 145 -61.01 -15.32 -49.58
N ASP P 146 -61.51 -14.31 -48.87
CA ASP P 146 -61.90 -13.06 -49.50
C ASP P 146 -60.68 -12.22 -49.89
N LEU P 147 -59.53 -12.47 -49.25
CA LEU P 147 -58.31 -11.74 -49.54
C LEU P 147 -57.37 -12.52 -50.45
N GLY P 148 -57.83 -13.65 -51.01
CA GLY P 148 -57.02 -14.47 -51.89
C GLY P 148 -55.78 -15.06 -51.20
N ILE P 149 -55.96 -15.57 -49.98
CA ILE P 149 -54.86 -16.06 -49.16
C ILE P 149 -55.17 -17.51 -48.78
N ASN P 150 -54.26 -18.40 -49.16
CA ASN P 150 -54.29 -19.78 -48.70
C ASN P 150 -53.86 -19.87 -47.24
N VAL P 151 -54.50 -20.78 -46.50
CA VAL P 151 -54.15 -21.05 -45.12
C VAL P 151 -53.85 -22.54 -44.98
N SER P 152 -52.66 -22.83 -44.47
CA SER P 152 -52.15 -24.21 -44.44
C SER P 152 -51.80 -24.60 -43.01
N LEU P 153 -52.46 -25.63 -42.49
CA LEU P 153 -52.19 -26.12 -41.16
C LEU P 153 -50.91 -26.94 -41.16
N GLU P 154 -49.98 -26.59 -40.27
CA GLU P 154 -48.70 -27.29 -40.18
C GLU P 154 -48.79 -28.44 -39.17
N VAL P 155 -48.61 -29.65 -39.68
CA VAL P 155 -48.48 -30.83 -38.85
C VAL P 155 -47.13 -30.77 -38.14
N VAL P 156 -47.16 -30.79 -36.80
CA VAL P 156 -45.91 -30.76 -36.04
C VAL P 156 -45.92 -31.93 -35.05
N ASN P 157 -44.83 -32.04 -34.29
CA ASN P 157 -44.63 -33.24 -33.49
C ASN P 157 -45.31 -33.10 -32.12
N ARG P 158 -45.28 -34.21 -31.38
CA ARG P 158 -45.99 -34.37 -30.11
C ARG P 158 -45.60 -33.31 -29.09
N TYR P 159 -44.36 -32.80 -29.16
CA TYR P 159 -43.88 -31.83 -28.19
C TYR P 159 -44.29 -30.40 -28.51
N GLU P 160 -44.88 -30.17 -29.71
CA GLU P 160 -45.23 -28.83 -30.14
C GLU P 160 -46.74 -28.67 -30.36
N THR P 161 -47.51 -29.78 -30.42
CA THR P 161 -48.96 -29.74 -30.38
C THR P 161 -49.47 -31.11 -29.93
N ASN P 162 -50.69 -31.13 -29.39
CA ASN P 162 -51.39 -32.37 -29.11
C ASN P 162 -52.62 -32.54 -30.01
N VAL P 163 -52.70 -31.78 -31.11
CA VAL P 163 -53.85 -31.80 -32.00
C VAL P 163 -53.52 -32.52 -33.31
N LEU P 164 -52.60 -31.96 -34.11
CA LEU P 164 -52.32 -32.49 -35.44
C LEU P 164 -50.86 -32.91 -35.49
N ASN P 165 -50.60 -34.20 -35.24
CA ASN P 165 -49.24 -34.74 -35.24
C ASN P 165 -48.91 -35.51 -36.52
N THR P 166 -49.91 -35.92 -37.30
CA THR P 166 -49.69 -36.63 -38.55
C THR P 166 -50.53 -36.02 -39.68
N GLY P 167 -50.07 -36.22 -40.91
CA GLY P 167 -50.83 -35.81 -42.07
C GLY P 167 -52.27 -36.33 -42.05
N ARG P 168 -52.47 -37.57 -41.61
CA ARG P 168 -53.80 -38.16 -41.61
C ARG P 168 -54.75 -37.43 -40.66
N GLN P 169 -54.25 -37.04 -39.49
CA GLN P 169 -55.06 -36.21 -38.60
C GLN P 169 -55.44 -34.89 -39.28
N ALA P 170 -54.50 -34.25 -39.99
CA ALA P 170 -54.78 -32.98 -40.65
C ALA P 170 -55.81 -33.18 -41.77
N LEU P 171 -55.74 -34.30 -42.49
CA LEU P 171 -56.76 -34.61 -43.47
C LEU P 171 -58.14 -34.68 -42.84
N ALA P 172 -58.26 -35.36 -41.69
CA ALA P 172 -59.53 -35.48 -40.98
C ALA P 172 -60.04 -34.10 -40.60
N TYR P 173 -59.12 -33.25 -40.14
CA TYR P 173 -59.45 -31.91 -39.67
C TYR P 173 -60.01 -31.07 -40.82
N LEU P 174 -59.27 -31.01 -41.94
CA LEU P 174 -59.76 -30.34 -43.14
C LEU P 174 -61.12 -30.88 -43.56
N GLU P 175 -61.33 -32.21 -43.46
CA GLU P 175 -62.54 -32.82 -43.98
C GLU P 175 -63.77 -32.27 -43.25
N GLU P 176 -63.67 -32.05 -41.94
CA GLU P 176 -64.78 -31.49 -41.19
C GLU P 176 -65.04 -30.03 -41.57
N LEU P 177 -63.99 -29.28 -41.92
CA LEU P 177 -64.14 -27.84 -42.17
C LEU P 177 -64.58 -27.54 -43.60
N ASN P 178 -64.14 -28.39 -44.55
CA ASN P 178 -64.54 -28.30 -45.95
C ASN P 178 -64.47 -26.87 -46.45
N ARG P 179 -63.32 -26.23 -46.26
CA ARG P 179 -63.10 -24.92 -46.84
C ARG P 179 -62.15 -25.06 -48.02
N PRO P 180 -62.39 -24.33 -49.13
CA PRO P 180 -61.62 -24.56 -50.35
C PRO P 180 -60.21 -23.97 -50.37
N ASN P 181 -59.84 -23.10 -49.41
CA ASN P 181 -58.51 -22.52 -49.40
C ASN P 181 -57.68 -23.02 -48.20
N LEU P 182 -58.14 -24.08 -47.51
CA LEU P 182 -57.43 -24.63 -46.37
C LEU P 182 -56.61 -25.83 -46.83
N GLY P 183 -55.31 -25.80 -46.58
CA GLY P 183 -54.47 -26.91 -47.02
C GLY P 183 -53.68 -27.54 -45.88
N ILE P 184 -52.77 -28.45 -46.21
CA ILE P 184 -51.88 -29.04 -45.23
C ILE P 184 -50.46 -28.57 -45.52
N HIS P 185 -49.69 -28.43 -44.42
CA HIS P 185 -48.30 -28.01 -44.45
C HIS P 185 -47.47 -29.10 -43.76
N LEU P 186 -46.56 -29.73 -44.52
CA LEU P 186 -45.70 -30.79 -44.03
C LEU P 186 -44.26 -30.29 -43.85
N ASP P 187 -43.62 -30.77 -42.78
CA ASP P 187 -42.26 -30.36 -42.43
C ASP P 187 -41.42 -31.62 -42.22
N THR P 188 -40.35 -31.79 -43.01
CA THR P 188 -39.57 -33.01 -42.96
C THR P 188 -38.98 -33.26 -41.56
N TYR P 189 -38.67 -32.18 -40.83
CA TYR P 189 -38.24 -32.32 -39.45
C TYR P 189 -39.31 -33.02 -38.59
N HIS P 190 -40.57 -32.64 -38.77
CA HIS P 190 -41.63 -33.22 -37.95
C HIS P 190 -42.08 -34.58 -38.49
N MET P 191 -42.02 -34.78 -39.80
CA MET P 191 -42.42 -36.06 -40.35
C MET P 191 -41.46 -37.14 -39.87
N ASN P 192 -40.17 -36.78 -39.81
CA ASN P 192 -39.11 -37.66 -39.37
C ASN P 192 -39.34 -38.18 -37.94
N ILE P 193 -40.15 -37.48 -37.14
CA ILE P 193 -40.52 -38.00 -35.83
C ILE P 193 -41.81 -38.82 -35.93
N GLU P 194 -42.88 -38.25 -36.45
CA GLU P 194 -44.20 -38.81 -36.19
C GLU P 194 -44.70 -39.76 -37.29
N GLU P 195 -44.16 -39.70 -38.53
CA GLU P 195 -44.79 -40.41 -39.62
C GLU P 195 -44.17 -41.79 -39.79
N SER P 196 -44.95 -42.70 -40.42
CA SER P 196 -44.47 -44.04 -40.71
C SER P 196 -43.34 -44.02 -41.73
N ASP P 197 -43.37 -43.06 -42.66
CA ASP P 197 -42.38 -42.98 -43.73
C ASP P 197 -42.47 -41.59 -44.34
N MET P 198 -41.62 -41.31 -45.34
CA MET P 198 -41.59 -39.97 -45.91
C MET P 198 -42.36 -39.89 -47.23
N PHE P 199 -42.91 -40.99 -47.76
CA PHE P 199 -43.64 -40.88 -49.01
C PHE P 199 -45.15 -40.99 -48.79
N SER P 200 -45.60 -41.80 -47.82
CA SER P 200 -47.01 -42.06 -47.66
C SER P 200 -47.80 -40.82 -47.21
N PRO P 201 -47.33 -39.97 -46.27
CA PRO P 201 -48.03 -38.70 -46.00
C PRO P 201 -48.21 -37.82 -47.23
N ILE P 202 -47.21 -37.78 -48.11
CA ILE P 202 -47.29 -36.96 -49.31
C ILE P 202 -48.34 -37.51 -50.27
N LEU P 203 -48.41 -38.84 -50.41
CA LEU P 203 -49.37 -39.46 -51.30
C LEU P 203 -50.79 -39.40 -50.71
N ASP P 204 -50.91 -39.54 -49.39
CA ASP P 204 -52.21 -39.45 -48.75
C ASP P 204 -52.76 -38.03 -48.82
N THR P 205 -51.90 -37.00 -48.74
CA THR P 205 -52.35 -35.62 -48.65
C THR P 205 -52.31 -34.88 -49.99
N ALA P 206 -52.00 -35.56 -51.09
CA ALA P 206 -51.50 -34.92 -52.30
C ALA P 206 -52.41 -33.79 -52.79
N GLU P 207 -53.72 -33.97 -52.67
CA GLU P 207 -54.65 -32.95 -53.10
C GLU P 207 -54.51 -31.69 -52.24
N ALA P 208 -54.42 -31.88 -50.91
CA ALA P 208 -54.50 -30.78 -49.95
C ALA P 208 -53.13 -30.22 -49.57
N LEU P 209 -52.01 -30.78 -50.07
CA LEU P 209 -50.67 -30.36 -49.66
C LEU P 209 -50.30 -29.07 -50.38
N ARG P 210 -50.19 -27.97 -49.62
CA ARG P 210 -50.04 -26.64 -50.21
C ARG P 210 -48.76 -25.92 -49.78
N TYR P 211 -47.97 -26.54 -48.89
CA TYR P 211 -46.79 -25.88 -48.37
C TYR P 211 -45.88 -26.90 -47.70
N VAL P 212 -44.56 -26.77 -47.95
CA VAL P 212 -43.59 -27.73 -47.49
C VAL P 212 -42.41 -27.02 -46.81
N HIS P 213 -41.99 -27.55 -45.65
CA HIS P 213 -40.79 -27.12 -44.97
C HIS P 213 -39.70 -28.19 -45.10
N ILE P 214 -38.50 -27.75 -45.48
CA ILE P 214 -37.33 -28.59 -45.61
C ILE P 214 -36.40 -28.35 -44.44
N GLY P 215 -36.45 -29.22 -43.43
CA GLY P 215 -35.59 -29.09 -42.26
C GLY P 215 -34.89 -30.41 -41.94
N GLU P 216 -33.61 -30.33 -41.54
CA GLU P 216 -32.88 -31.52 -41.09
C GLU P 216 -33.39 -32.01 -39.73
N SER P 217 -33.05 -33.25 -39.38
CA SER P 217 -33.55 -33.89 -38.16
C SER P 217 -33.24 -33.08 -36.90
N HIS P 218 -32.09 -32.40 -36.89
CA HIS P 218 -31.69 -31.54 -35.79
C HIS P 218 -31.87 -30.05 -36.11
N ARG P 219 -32.31 -29.73 -37.32
CA ARG P 219 -32.69 -28.38 -37.76
C ARG P 219 -31.47 -27.53 -38.08
N GLY P 220 -30.34 -28.17 -38.39
CA GLY P 220 -29.16 -27.45 -38.87
C GLY P 220 -28.91 -27.69 -40.36
N TYR P 221 -27.64 -27.87 -40.75
CA TYR P 221 -27.28 -28.06 -42.15
C TYR P 221 -28.04 -29.21 -42.80
N LEU P 222 -28.58 -28.99 -44.01
CA LEU P 222 -29.27 -30.05 -44.72
C LEU P 222 -28.27 -31.15 -45.12
N GLY P 223 -28.67 -32.41 -44.91
CA GLY P 223 -27.83 -33.57 -45.21
C GLY P 223 -26.79 -33.90 -44.13
N THR P 224 -26.95 -33.38 -42.90
CA THR P 224 -26.03 -33.67 -41.81
C THR P 224 -26.78 -34.29 -40.63
N GLY P 225 -27.98 -34.84 -40.89
CA GLY P 225 -28.82 -35.47 -39.87
C GLY P 225 -29.45 -36.76 -40.40
N SER P 226 -30.67 -37.06 -39.93
CA SER P 226 -31.30 -38.37 -40.10
C SER P 226 -32.57 -38.31 -40.95
N VAL P 227 -32.77 -37.24 -41.73
CA VAL P 227 -33.96 -37.08 -42.55
C VAL P 227 -33.77 -37.75 -43.91
N ASP P 228 -34.78 -38.49 -44.37
CA ASP P 228 -34.78 -39.15 -45.68
C ASP P 228 -35.34 -38.18 -46.72
N PHE P 229 -34.48 -37.22 -47.11
CA PHE P 229 -34.87 -36.26 -48.11
C PHE P 229 -35.14 -36.95 -49.45
N ASP P 230 -34.39 -38.03 -49.71
CA ASP P 230 -34.45 -38.65 -51.03
C ASP P 230 -35.86 -39.15 -51.32
N THR P 231 -36.36 -39.98 -50.42
CA THR P 231 -37.71 -40.50 -50.54
C THR P 231 -38.70 -39.34 -50.61
N PHE P 232 -38.45 -38.31 -49.81
CA PHE P 232 -39.39 -37.20 -49.68
C PHE P 232 -39.54 -36.47 -51.01
N PHE P 233 -38.42 -36.02 -51.58
CA PHE P 233 -38.44 -35.32 -52.86
C PHE P 233 -39.00 -36.20 -53.98
N LYS P 234 -38.81 -37.52 -53.86
CA LYS P 234 -39.34 -38.41 -54.89
C LYS P 234 -40.86 -38.47 -54.78
N ALA P 235 -41.39 -38.46 -53.57
CA ALA P 235 -42.84 -38.45 -53.42
C ALA P 235 -43.41 -37.15 -53.97
N LEU P 236 -42.83 -36.00 -53.61
CA LEU P 236 -43.30 -34.72 -54.12
C LEU P 236 -43.31 -34.73 -55.65
N GLY P 237 -42.25 -35.30 -56.25
CA GLY P 237 -42.17 -35.43 -57.68
C GLY P 237 -43.34 -36.24 -58.23
N ARG P 238 -43.73 -37.28 -57.50
CA ARG P 238 -44.75 -38.20 -57.97
C ARG P 238 -46.11 -37.52 -58.04
N ILE P 239 -46.49 -36.77 -57.01
CA ILE P 239 -47.80 -36.12 -57.01
C ILE P 239 -47.79 -34.81 -57.80
N GLY P 240 -46.65 -34.42 -58.37
CA GLY P 240 -46.56 -33.16 -59.09
C GLY P 240 -46.75 -31.95 -58.19
N TYR P 241 -46.30 -32.03 -56.93
CA TYR P 241 -46.36 -30.89 -56.04
C TYR P 241 -45.71 -29.69 -56.72
N ASP P 242 -46.33 -28.51 -56.57
CA ASP P 242 -45.83 -27.32 -57.24
C ASP P 242 -45.96 -26.10 -56.35
N GLY P 243 -46.08 -26.33 -55.04
CA GLY P 243 -46.24 -25.25 -54.09
C GLY P 243 -44.89 -24.82 -53.55
N PRO P 244 -44.88 -23.98 -52.50
CA PRO P 244 -43.63 -23.46 -51.95
C PRO P 244 -42.84 -24.53 -51.21
N VAL P 245 -41.50 -24.46 -51.36
CA VAL P 245 -40.56 -25.34 -50.70
C VAL P 245 -39.58 -24.45 -49.95
N VAL P 246 -39.63 -24.45 -48.61
CA VAL P 246 -38.95 -23.43 -47.84
C VAL P 246 -37.97 -24.05 -46.85
N PHE P 247 -36.73 -23.56 -46.88
CA PHE P 247 -35.68 -24.00 -45.98
C PHE P 247 -35.97 -23.48 -44.59
N GLU P 248 -35.68 -24.29 -43.57
CA GLU P 248 -35.93 -23.91 -42.18
C GLU P 248 -34.84 -24.48 -41.28
N SER P 249 -34.21 -23.62 -40.48
CA SER P 249 -33.08 -24.00 -39.64
C SER P 249 -32.94 -23.06 -38.46
N PHE P 250 -32.49 -23.59 -37.32
CA PHE P 250 -32.36 -22.79 -36.11
C PHE P 250 -31.07 -23.11 -35.37
N SER P 251 -30.51 -22.08 -34.74
CA SER P 251 -29.21 -22.16 -34.10
C SER P 251 -29.07 -21.12 -32.98
N SER P 252 -28.31 -21.48 -31.94
CA SER P 252 -27.86 -20.60 -30.86
C SER P 252 -27.46 -19.21 -31.36
N SER P 253 -26.97 -19.13 -32.61
CA SER P 253 -26.36 -17.91 -33.12
C SER P 253 -27.39 -16.90 -33.62
N VAL P 254 -28.66 -17.29 -33.73
CA VAL P 254 -29.73 -16.39 -34.11
C VAL P 254 -30.90 -16.70 -33.20
N VAL P 255 -31.19 -15.76 -32.28
CA VAL P 255 -32.13 -15.97 -31.20
C VAL P 255 -33.35 -15.10 -31.42
N ALA P 256 -34.52 -15.72 -31.53
CA ALA P 256 -35.77 -14.99 -31.38
C ALA P 256 -36.22 -15.07 -29.93
N PRO P 257 -36.66 -13.96 -29.31
CA PRO P 257 -37.02 -14.01 -27.89
C PRO P 257 -38.14 -15.00 -27.59
N ASP P 258 -39.15 -15.04 -28.47
CA ASP P 258 -40.23 -16.01 -28.32
C ASP P 258 -39.78 -17.37 -28.89
N LEU P 259 -39.53 -17.38 -30.21
CA LEU P 259 -39.51 -18.62 -30.98
C LEU P 259 -38.41 -19.56 -30.51
N SER P 260 -37.18 -19.05 -30.35
CA SER P 260 -36.03 -19.89 -30.02
C SER P 260 -36.23 -20.63 -28.70
N ARG P 261 -37.01 -20.08 -27.78
CA ARG P 261 -37.31 -20.77 -26.54
C ARG P 261 -38.41 -21.80 -26.76
N MET P 262 -39.48 -21.41 -27.46
CA MET P 262 -40.60 -22.31 -27.68
C MET P 262 -40.13 -23.57 -28.42
N LEU P 263 -39.10 -23.43 -29.27
CA LEU P 263 -38.65 -24.55 -30.09
C LEU P 263 -37.46 -25.29 -29.46
N GLY P 264 -36.98 -24.85 -28.31
CA GLY P 264 -35.87 -25.53 -27.65
C GLY P 264 -34.57 -25.48 -28.45
N ILE P 265 -34.21 -24.31 -28.96
CA ILE P 265 -32.97 -24.17 -29.69
C ILE P 265 -31.85 -23.89 -28.70
N TRP P 266 -31.33 -24.95 -28.09
CA TRP P 266 -30.29 -24.86 -27.08
C TRP P 266 -28.89 -24.86 -27.68
N ARG P 267 -28.69 -25.37 -28.90
CA ARG P 267 -27.35 -25.68 -29.38
C ARG P 267 -26.93 -24.80 -30.54
N ASN P 268 -25.62 -24.63 -30.66
CA ASN P 268 -24.98 -24.12 -31.87
C ASN P 268 -24.96 -25.21 -32.93
N LEU P 269 -25.72 -25.02 -34.01
CA LEU P 269 -25.68 -25.92 -35.16
C LEU P 269 -25.09 -25.24 -36.41
N TRP P 270 -24.87 -23.93 -36.35
CA TRP P 270 -24.18 -23.17 -37.38
C TRP P 270 -23.97 -21.76 -36.83
N ALA P 271 -22.86 -21.15 -37.24
CA ALA P 271 -22.52 -19.78 -36.85
C ALA P 271 -22.50 -18.84 -38.05
N ASP P 272 -22.17 -19.36 -39.24
CA ASP P 272 -22.11 -18.61 -40.48
C ASP P 272 -23.37 -18.91 -41.29
N ASN P 273 -24.41 -18.09 -41.12
CA ASN P 273 -25.66 -18.33 -41.81
C ASN P 273 -25.56 -18.04 -43.31
N GLU P 274 -24.62 -17.20 -43.77
CA GLU P 274 -24.53 -16.95 -45.20
C GLU P 274 -24.17 -18.23 -45.94
N GLU P 275 -23.23 -19.02 -45.39
CA GLU P 275 -22.87 -20.30 -45.98
C GLU P 275 -24.02 -21.32 -45.81
N LEU P 276 -24.71 -21.29 -44.68
CA LEU P 276 -25.82 -22.19 -44.47
C LEU P 276 -26.89 -21.95 -45.53
N GLY P 277 -27.23 -20.68 -45.78
CA GLY P 277 -28.35 -20.36 -46.66
C GLY P 277 -28.04 -20.68 -48.11
N ALA P 278 -26.79 -20.45 -48.52
CA ALA P 278 -26.41 -20.77 -49.89
C ALA P 278 -26.38 -22.29 -50.09
N HIS P 279 -25.86 -23.01 -49.09
CA HIS P 279 -25.80 -24.45 -49.16
C HIS P 279 -27.21 -25.05 -49.29
N ALA P 280 -28.17 -24.49 -48.54
CA ALA P 280 -29.53 -25.02 -48.49
C ALA P 280 -30.30 -24.70 -49.77
N ASN P 281 -30.15 -23.49 -50.31
CA ASN P 281 -30.68 -23.16 -51.62
C ASN P 281 -30.22 -24.18 -52.66
N ALA P 282 -28.90 -24.39 -52.74
CA ALA P 282 -28.32 -25.31 -53.73
C ALA P 282 -28.82 -26.73 -53.51
N PHE P 283 -28.80 -27.18 -52.26
CA PHE P 283 -29.32 -28.48 -51.92
C PHE P 283 -30.76 -28.64 -52.44
N ILE P 284 -31.62 -27.64 -52.23
CA ILE P 284 -33.03 -27.83 -52.54
C ILE P 284 -33.25 -27.80 -54.06
N ARG P 285 -32.60 -26.85 -54.73
CA ARG P 285 -32.78 -26.72 -56.17
C ARG P 285 -32.23 -27.94 -56.89
N ASP P 286 -31.24 -28.60 -56.28
CA ASP P 286 -30.55 -29.73 -56.88
C ASP P 286 -31.39 -31.00 -56.74
N LYS P 287 -31.89 -31.29 -55.53
CA LYS P 287 -32.92 -32.30 -55.32
C LYS P 287 -33.99 -32.21 -56.43
N LEU P 288 -34.62 -31.05 -56.58
CA LEU P 288 -35.72 -30.86 -57.50
C LEU P 288 -35.29 -31.05 -58.95
N THR P 289 -34.09 -30.61 -59.31
CA THR P 289 -33.58 -30.84 -60.65
C THR P 289 -33.53 -32.34 -60.93
N ALA P 290 -32.85 -33.07 -60.04
CA ALA P 290 -32.62 -34.49 -60.24
C ALA P 290 -33.95 -35.25 -60.28
N ILE P 291 -34.85 -34.93 -59.35
CA ILE P 291 -36.12 -35.64 -59.28
C ILE P 291 -36.93 -35.39 -60.55
N LYS P 292 -36.75 -34.23 -61.18
CA LYS P 292 -37.40 -34.00 -62.46
C LYS P 292 -36.98 -35.06 -63.47
N THR P 293 -35.71 -35.51 -63.44
CA THR P 293 -35.22 -36.42 -64.46
C THR P 293 -35.76 -37.85 -64.27
N ILE P 294 -36.37 -38.14 -63.12
CA ILE P 294 -36.96 -39.45 -62.90
C ILE P 294 -38.20 -39.63 -63.79
N GLU P 295 -39.09 -38.63 -63.82
CA GLU P 295 -40.34 -38.68 -64.56
C GLU P 295 -40.20 -39.35 -65.93
N LEU P 296 -39.47 -38.71 -66.85
CA LEU P 296 -39.35 -39.21 -68.21
C LEU P 296 -37.90 -39.54 -68.53
N HIS P 297 -37.71 -40.65 -69.27
CA HIS P 297 -36.42 -41.28 -69.56
C HIS P 297 -35.40 -41.11 -68.43
#